data_7K8U
#
_entry.id   7K8U
#
_cell.length_a   1.00
_cell.length_b   1.00
_cell.length_c   1.00
_cell.angle_alpha   90.00
_cell.angle_beta   90.00
_cell.angle_gamma   90.00
#
_symmetry.space_group_name_H-M   'P 1'
#
loop_
_entity.id
_entity.type
_entity.pdbx_description
1 polymer 'Spike glycoprotein'
2 polymer 'C104 Fab Heavy Chain'
3 polymer 'C104 Fab Light Chain'
4 branched 2-acetamido-2-deoxy-beta-D-glucopyranose-(1-4)-2-acetamido-2-deoxy-beta-D-glucopyranose
5 non-polymer 2-acetamido-2-deoxy-beta-D-glucopyranose
#
loop_
_entity_poly.entity_id
_entity_poly.type
_entity_poly.pdbx_seq_one_letter_code
_entity_poly.pdbx_strand_id
1 'polypeptide(L)'
;MFVFLVLLPLVSSQCVNLTTRTQLPPAYTNSFTRGVYYPDKVFRSSVLHSTQDLFLPFFSNVTWFHAIHVSGTNGTKRFD
NPVLPFNDGVYFASTEKSNIIRGWIFGTTLDSKTQSLLIVNNATNVVIKVCEFQFCNDPFLGVYYHKNNKSWMESEFRVY
SSANNCTFEYVSQPFLMDLEGKQGNFKNLREFVFKNIDGYFKIYSKHTPINLVRDLPQGFSALEPLVDLPIGINITRFQT
LLALHRSYLTPGDSSSGWTAGAAAYYVGYLQPRTFLLKYNENGTITDAVDCALDPLSETKCTLKSFTVEKGIYQTSNFRV
QPTESIVRFPNITNLCPFGEVFNATRFASVYAWNRKRISNCVADYSVLYNSASFSTFKCYGVSPTKLNDLCFTNVYADSF
VIRGDEVRQIAPGQTGKIADYNYKLPDDFTGCVIAWNSNNLDSKVGGNYNYLYRLFRKSNLKPFERDISTEIYQAGSTPC
NGVEGFNCYFPLQSYGFQPTNGVGYQPYRVVVLSFELLHAPATVCGPKKSTNLVKNKCVNFNFNGLTGTGVLTESNKKFL
PFQQFGRDIADTTDAVRDPQTLEILDITPCSFGGVSVITPGTNTSNEVAVLYQDVNCTEVPVAIHADQLTPTWRVYSTGS
NVFQTRAGCLIGAEHVNNSYECDIPIGAGICASYQTQTNSPRRARSVASQSIIAYTMSLGAENSVAYSNNSIAIPTNFTI
SVTTEILPVSMTKTSVDCTMYICGDSTECSNLLLQYGSFCTQLNRALTGIAVEQDKNTQEVFAQVKQIYKTPPIKDFGGF
NFSQILPDPSKPSKRSFIEDLLFNKVTLADAGFIKQYGDCLGDIAARDLICAQKFNGLTVLPPLLTDEMIAQYTSALLAG
TITSGWTFGAGAALQIPFAMQMAYRFNGIGVTQNVLYENQKLIANQFNSAIGKIQDSLSSTASALGKLQDVVNQNAQALN
TLVKQLSSNFGAISSVLNDILSRLDPPEAEVQIDRLITGRLQSLQTYVTQQLIRAAEIRASANLAATKMSECVLGQSKRV
DFCGKGYHLMSFPQSAPHGVVFLHVTYVPAQEKNFTTAPAICHDGKAHFPREGVFVSNGTHWFVTQRNFYEPQIITTDNT
FVSGNCDVVIGIVNNTVYDPLQPELDSFKEELDKYFKNHTSPDVDLGDISGINASVVNIQKEIDRLNEVAKNLNESLIDL
QELGKYEQYIKWPSGRLVPRGSPGSGYIPEAPRDGQAYVRKDGEWVLLSTFLGHHHHHH
;
A,B,C
2 'polypeptide(L)'
;QVQLQQWGAGLLKPSETLSLSCAVYGGSLSGYYWSWIRQPPGKGLEWIGEINHFGSTGYNPSLKSRVTISVDTSKSQFSV
KLSSVTAADTAVYYCARKPLLYSNLSPGAFDIWGQGTMVTVSSASTKGPSVFPLAPSSKSTSGGTAALGCLVKDYFPEPV
TVSWNSGALTSGVHTFPAVLQSSGLYSLSSVVTVPSSSLGTQTYICNVNHKPSNTKVDKRVEPKSCDKTHHHHHH
;
H
3 'polypeptide(L)'
;EIVLTQSPGTVSLSPGERATLSCWASQSVSASYLAWYQQKPGQAPRLLIYGASSRATGIPDRFSGSGSGTDFTLTISRLE
PEDFAVYYCQQYGTTPRTFGGGTKVEIKRTVAAPSVFIFPPSDEQLKSGTASVVCLLNNFYPREAKVQWKVDNALQSGNS
QESVTEQDSKDSTYSLSSTLTLSKADYEKHKVYACEVTHQGLSSPVTKSFNRGEC
;
L
#
# COMPACT_ATOMS: atom_id res chain seq x y z
N ALA A 27 14.55 -58.64 0.17
CA ALA A 27 15.64 -58.32 1.08
C ALA A 27 15.65 -56.84 1.41
N TYR A 28 16.36 -56.45 2.47
CA TYR A 28 16.40 -55.06 2.88
C TYR A 28 17.74 -54.75 3.54
N THR A 29 18.14 -53.49 3.42
CA THR A 29 19.28 -52.96 4.16
C THR A 29 19.12 -51.46 4.25
N ASN A 30 19.78 -50.86 5.23
CA ASN A 30 19.49 -49.50 5.64
C ASN A 30 20.37 -48.51 4.89
N SER A 31 19.73 -47.63 4.12
CA SER A 31 20.43 -46.61 3.35
C SER A 31 20.77 -45.45 4.29
N PHE A 32 21.95 -45.52 4.88
CA PHE A 32 22.27 -44.62 5.99
C PHE A 32 22.30 -43.16 5.60
N THR A 33 23.30 -42.76 4.82
CA THR A 33 23.49 -41.33 4.58
C THR A 33 23.90 -41.03 3.15
N ARG A 34 23.67 -41.93 2.21
CA ARG A 34 24.05 -41.68 0.83
C ARG A 34 22.85 -41.25 0.00
N GLY A 35 23.12 -40.57 -1.10
CA GLY A 35 22.05 -40.10 -1.94
C GLY A 35 22.19 -38.65 -2.32
N VAL A 36 23.17 -37.96 -1.75
CA VAL A 36 23.37 -36.55 -2.07
C VAL A 36 24.00 -36.41 -3.45
N TYR A 37 23.60 -35.36 -4.15
CA TYR A 37 24.10 -35.11 -5.49
C TYR A 37 23.84 -33.66 -5.86
N TYR A 38 24.85 -33.01 -6.38
CA TYR A 38 24.82 -31.59 -6.67
C TYR A 38 23.64 -31.27 -7.56
N PRO A 39 22.64 -30.54 -7.07
CA PRO A 39 21.44 -30.28 -7.87
C PRO A 39 21.71 -29.46 -9.12
N ASP A 40 22.86 -28.80 -9.20
CA ASP A 40 23.23 -28.03 -10.39
C ASP A 40 24.74 -27.82 -10.37
N LYS A 41 25.24 -26.98 -11.27
CA LYS A 41 26.67 -26.80 -11.41
C LYS A 41 27.19 -25.62 -10.61
N VAL A 42 26.37 -25.03 -9.75
CA VAL A 42 26.81 -23.89 -8.97
C VAL A 42 27.99 -24.29 -8.09
N PHE A 43 28.91 -23.36 -7.92
CA PHE A 43 29.92 -23.47 -6.88
C PHE A 43 29.52 -22.53 -5.76
N ARG A 44 29.76 -22.98 -4.54
CA ARG A 44 29.61 -22.15 -3.35
C ARG A 44 30.79 -22.47 -2.46
N SER A 45 30.85 -21.85 -1.29
CA SER A 45 31.96 -22.18 -0.39
C SER A 45 31.54 -21.96 1.04
N SER A 46 31.78 -22.97 1.88
CA SER A 46 31.59 -22.88 3.32
C SER A 46 30.24 -22.26 3.67
N VAL A 47 29.23 -22.56 2.88
CA VAL A 47 27.90 -22.03 3.09
C VAL A 47 26.93 -23.18 3.18
N LEU A 48 25.97 -23.07 4.09
CA LEU A 48 24.93 -24.09 4.23
C LEU A 48 23.78 -23.65 3.35
N HIS A 49 23.63 -24.30 2.22
CA HIS A 49 22.63 -23.91 1.22
C HIS A 49 21.46 -24.88 1.27
N SER A 50 20.32 -24.40 1.73
CA SER A 50 19.11 -25.20 1.71
C SER A 50 18.60 -25.34 0.28
N THR A 51 17.72 -26.31 0.08
CA THR A 51 17.11 -26.54 -1.22
C THR A 51 16.04 -27.60 -1.09
N GLN A 52 15.34 -27.84 -2.19
CA GLN A 52 14.41 -28.95 -2.33
C GLN A 52 14.65 -29.61 -3.67
N ASP A 53 14.77 -30.92 -3.68
CA ASP A 53 14.79 -31.68 -4.92
C ASP A 53 14.41 -33.12 -4.60
N LEU A 54 14.67 -34.00 -5.55
CA LEU A 54 14.43 -35.42 -5.36
C LEU A 54 15.67 -36.05 -4.76
N PHE A 55 15.48 -36.84 -3.71
CA PHE A 55 16.60 -37.47 -3.03
C PHE A 55 16.15 -38.80 -2.46
N LEU A 56 17.11 -39.51 -1.87
CA LEU A 56 16.78 -40.69 -1.10
C LEU A 56 16.79 -40.29 0.37
N PRO A 57 15.66 -40.27 1.04
CA PRO A 57 15.64 -39.85 2.44
C PRO A 57 16.53 -40.74 3.29
N PHE A 58 17.19 -40.11 4.25
CA PHE A 58 18.18 -40.79 5.08
C PHE A 58 17.55 -41.97 5.82
N PHE A 59 18.36 -43.01 6.02
CA PHE A 59 17.94 -44.19 6.75
C PHE A 59 16.67 -44.80 6.14
N SER A 60 16.62 -44.82 4.81
CA SER A 60 15.51 -45.49 4.17
C SER A 60 15.81 -46.98 4.07
N ASN A 61 14.90 -47.72 3.44
CA ASN A 61 14.93 -49.17 3.44
C ASN A 61 15.09 -49.64 2.00
N VAL A 62 16.32 -49.95 1.60
CA VAL A 62 16.62 -50.35 0.25
C VAL A 62 16.87 -51.84 0.19
N THR A 63 17.00 -52.38 -1.03
CA THR A 63 16.98 -53.82 -1.27
C THR A 63 18.38 -54.34 -1.56
N TRP A 64 18.72 -55.46 -0.91
CA TRP A 64 20.01 -56.13 -1.09
C TRP A 64 19.90 -57.15 -2.22
N PHE A 65 19.78 -56.66 -3.45
CA PHE A 65 19.63 -57.56 -4.58
C PHE A 65 20.91 -58.35 -4.86
N HIS A 66 20.76 -59.66 -4.89
CA HIS A 66 21.80 -60.61 -5.26
C HIS A 66 21.24 -61.52 -6.35
N ALA A 67 22.09 -61.98 -7.26
CA ALA A 67 21.61 -62.66 -8.46
C ALA A 67 22.47 -63.87 -8.79
N ILE A 68 22.76 -64.71 -7.80
CA ILE A 68 23.47 -65.96 -8.06
C ILE A 68 22.62 -67.12 -7.57
N HIS A 69 22.82 -68.27 -8.20
CA HIS A 69 22.10 -69.51 -7.89
C HIS A 69 20.59 -69.32 -7.78
N PRO A 82 15.98 -59.60 -12.52
CA PRO A 82 14.98 -58.98 -11.63
C PRO A 82 14.57 -57.59 -12.11
N VAL A 83 13.51 -57.52 -12.91
CA VAL A 83 13.05 -56.26 -13.48
C VAL A 83 12.28 -55.47 -12.42
N LEU A 84 12.54 -54.17 -12.35
CA LEU A 84 12.05 -53.33 -11.27
C LEU A 84 11.31 -52.12 -11.82
N PRO A 85 10.35 -51.61 -11.07
CA PRO A 85 9.68 -50.36 -11.47
C PRO A 85 10.61 -49.17 -11.34
N PHE A 86 10.11 -48.02 -11.78
CA PHE A 86 10.86 -46.77 -11.80
C PHE A 86 9.99 -45.63 -11.27
N ASN A 87 9.49 -45.79 -10.04
CA ASN A 87 8.47 -44.91 -9.50
C ASN A 87 8.72 -43.43 -9.80
N ASP A 88 9.84 -42.89 -9.33
CA ASP A 88 10.11 -41.48 -9.57
C ASP A 88 11.58 -41.13 -9.69
N GLY A 89 12.44 -42.08 -10.00
CA GLY A 89 13.86 -41.82 -9.94
C GLY A 89 14.51 -42.80 -8.99
N VAL A 90 15.76 -43.15 -9.25
CA VAL A 90 16.39 -44.28 -8.57
C VAL A 90 17.73 -43.86 -7.99
N TYR A 91 18.02 -44.39 -6.81
CA TYR A 91 19.38 -44.42 -6.30
C TYR A 91 19.96 -45.79 -6.59
N PHE A 92 21.03 -45.84 -7.35
CA PHE A 92 21.65 -47.10 -7.70
C PHE A 92 23.12 -47.13 -7.32
N ALA A 93 23.59 -48.30 -6.96
CA ALA A 93 25.00 -48.53 -6.69
C ALA A 93 25.22 -50.02 -6.66
N SER A 94 26.49 -50.42 -6.58
CA SER A 94 26.85 -51.81 -6.36
C SER A 94 28.31 -51.89 -5.99
N THR A 95 28.62 -52.76 -5.04
CA THR A 95 30.00 -53.08 -4.72
C THR A 95 30.48 -54.15 -5.70
N GLU A 96 31.66 -53.93 -6.27
CA GLU A 96 32.14 -54.78 -7.33
C GLU A 96 33.59 -55.21 -7.10
N LYS A 97 33.94 -56.29 -7.77
CA LYS A 97 35.29 -56.84 -7.77
C LYS A 97 35.73 -57.05 -9.21
N SER A 98 34.77 -57.30 -10.10
CA SER A 98 35.08 -57.65 -11.48
C SER A 98 34.09 -57.02 -12.47
N ASN A 99 33.46 -55.92 -12.10
CA ASN A 99 32.52 -55.22 -12.97
C ASN A 99 31.46 -56.19 -13.48
N ILE A 100 30.88 -56.95 -12.56
CA ILE A 100 30.02 -58.06 -12.93
C ILE A 100 28.82 -57.57 -13.73
N ILE A 101 28.12 -56.58 -13.22
CA ILE A 101 27.10 -55.90 -14.00
C ILE A 101 27.77 -54.82 -14.84
N ARG A 102 27.28 -54.64 -16.05
CA ARG A 102 27.83 -53.61 -16.91
C ARG A 102 26.76 -52.89 -17.70
N GLY A 103 25.49 -53.16 -17.47
CA GLY A 103 24.46 -52.66 -18.36
C GLY A 103 23.21 -52.21 -17.65
N TRP A 104 22.46 -51.36 -18.34
CA TRP A 104 21.21 -50.80 -17.86
C TRP A 104 20.24 -50.72 -19.01
N ILE A 105 18.96 -50.91 -18.70
CA ILE A 105 17.88 -50.91 -19.69
C ILE A 105 16.72 -50.12 -19.11
N PHE A 106 16.21 -49.15 -19.86
CA PHE A 106 15.12 -48.33 -19.36
C PHE A 106 14.07 -48.10 -20.43
N GLY A 107 12.82 -48.05 -19.99
CA GLY A 107 11.70 -47.76 -20.88
C GLY A 107 10.39 -48.18 -20.24
N THR A 108 9.43 -48.55 -21.09
CA THR A 108 8.14 -49.07 -20.67
C THR A 108 7.94 -50.52 -21.10
N THR A 109 8.18 -50.82 -22.38
CA THR A 109 8.01 -52.17 -22.89
C THR A 109 9.32 -52.89 -23.16
N LEU A 110 10.33 -52.18 -23.67
CA LEU A 110 11.71 -52.67 -23.79
C LEU A 110 11.85 -53.86 -24.71
N ASP A 111 10.87 -54.16 -25.55
CA ASP A 111 10.95 -55.29 -26.47
C ASP A 111 10.64 -54.75 -27.86
N SER A 112 11.66 -54.18 -28.51
CA SER A 112 11.54 -53.66 -29.87
C SER A 112 10.30 -52.80 -30.04
N LYS A 113 9.98 -52.01 -29.02
CA LYS A 113 8.83 -51.14 -29.08
C LYS A 113 8.96 -50.00 -28.08
N SER A 116 13.20 -46.21 -24.54
CA SER A 116 13.83 -47.22 -25.37
C SER A 116 15.34 -47.20 -25.19
N LEU A 117 15.78 -46.84 -23.99
CA LEU A 117 17.19 -46.59 -23.74
C LEU A 117 17.93 -47.87 -23.37
N LEU A 118 19.20 -47.93 -23.77
CA LEU A 118 20.05 -49.07 -23.45
C LEU A 118 21.45 -48.57 -23.14
N ILE A 119 22.07 -49.14 -22.10
CA ILE A 119 23.39 -48.76 -21.65
C ILE A 119 24.24 -50.01 -21.51
N VAL A 120 25.48 -49.95 -21.99
CA VAL A 120 26.36 -51.12 -22.00
C VAL A 120 27.81 -50.64 -22.14
N ASN A 121 28.73 -51.48 -21.67
CA ASN A 121 30.16 -51.27 -21.86
C ASN A 121 30.76 -52.50 -22.53
N ASN A 122 31.39 -52.31 -23.68
CA ASN A 122 32.03 -53.42 -24.39
C ASN A 122 33.50 -53.55 -24.02
N ALA A 123 33.77 -53.56 -22.71
CA ALA A 123 35.08 -53.86 -22.13
C ALA A 123 36.15 -52.82 -22.47
N THR A 124 35.84 -51.90 -23.37
CA THR A 124 36.75 -50.79 -23.64
C THR A 124 36.06 -49.45 -23.80
N ASN A 125 34.77 -49.41 -24.12
CA ASN A 125 34.07 -48.16 -24.42
C ASN A 125 32.67 -48.23 -23.86
N VAL A 126 32.28 -47.21 -23.10
CA VAL A 126 30.91 -47.14 -22.64
C VAL A 126 30.00 -46.85 -23.83
N VAL A 127 28.99 -47.69 -24.01
CA VAL A 127 28.19 -47.69 -25.24
C VAL A 127 26.75 -47.42 -24.89
N ILE A 128 26.15 -46.43 -25.55
CA ILE A 128 24.77 -46.03 -25.28
C ILE A 128 24.05 -45.81 -26.59
N LYS A 129 22.86 -46.41 -26.71
CA LYS A 129 21.92 -46.12 -27.78
C LYS A 129 20.55 -45.93 -27.17
N VAL A 130 19.61 -45.44 -27.98
CA VAL A 130 18.31 -45.07 -27.42
C VAL A 130 17.17 -45.77 -28.15
N CYS A 131 17.43 -46.96 -28.68
CA CYS A 131 16.53 -47.49 -29.69
C CYS A 131 15.68 -48.62 -29.10
N GLU A 132 14.54 -48.86 -29.73
CA GLU A 132 13.70 -49.98 -29.32
C GLU A 132 14.36 -51.28 -29.74
N PHE A 133 15.44 -51.68 -29.07
CA PHE A 133 16.02 -52.98 -29.34
C PHE A 133 15.12 -54.09 -28.84
N GLN A 134 15.26 -55.26 -29.44
CA GLN A 134 14.56 -56.44 -28.96
C GLN A 134 15.45 -57.12 -27.93
N PHE A 135 15.37 -56.60 -26.71
CA PHE A 135 16.02 -57.26 -25.58
C PHE A 135 15.31 -58.58 -25.28
N CYS A 136 16.10 -59.56 -24.85
CA CYS A 136 15.54 -60.86 -24.51
C CYS A 136 14.59 -60.75 -23.32
N ASN A 137 13.95 -61.88 -22.98
CA ASN A 137 13.16 -61.93 -21.76
C ASN A 137 14.07 -61.79 -20.54
N ASP A 138 15.25 -62.43 -20.58
CA ASP A 138 16.25 -62.31 -19.53
C ASP A 138 17.61 -62.06 -20.17
N PRO A 139 17.80 -60.90 -20.79
CA PRO A 139 19.05 -60.64 -21.53
C PRO A 139 20.23 -60.52 -20.58
N PHE A 140 21.40 -60.74 -21.13
CA PHE A 140 22.66 -60.61 -20.40
C PHE A 140 23.79 -60.59 -21.42
N LEU A 141 25.02 -60.72 -20.93
CA LEU A 141 26.21 -60.63 -21.77
C LEU A 141 26.94 -61.96 -21.85
N GLY A 142 27.35 -62.34 -23.06
CA GLY A 142 28.22 -63.47 -23.21
C GLY A 142 29.67 -63.10 -22.95
N VAL A 143 30.38 -64.00 -22.27
CA VAL A 143 31.75 -63.74 -21.85
C VAL A 143 32.67 -63.63 -23.06
N CYS A 166 17.25 -44.97 -31.13
CA CYS A 166 18.20 -45.00 -32.21
C CYS A 166 18.00 -43.76 -33.04
N THR A 167 17.51 -42.73 -32.35
CA THR A 167 17.70 -41.34 -32.72
C THR A 167 19.03 -40.78 -32.23
N PHE A 168 19.78 -41.55 -31.43
CA PHE A 168 21.08 -41.13 -30.95
C PHE A 168 21.85 -42.34 -30.44
N GLU A 169 23.17 -42.27 -30.59
CA GLU A 169 24.07 -43.26 -30.01
C GLU A 169 25.34 -42.56 -29.57
N TYR A 170 25.96 -43.06 -28.51
CA TYR A 170 27.23 -42.54 -28.03
C TYR A 170 28.19 -43.69 -27.77
N VAL A 171 29.48 -43.44 -27.99
CA VAL A 171 30.54 -44.36 -27.62
C VAL A 171 31.59 -43.59 -26.84
N SER A 172 32.05 -44.17 -25.73
CA SER A 172 33.12 -43.56 -24.96
C SER A 172 34.46 -44.18 -25.34
N PHE A 186 35.16 -56.14 -0.02
CA PHE A 186 35.37 -55.82 -1.44
C PHE A 186 36.47 -54.81 -1.65
N LYS A 187 36.55 -54.31 -2.88
CA LYS A 187 37.54 -53.32 -3.23
C LYS A 187 36.93 -52.13 -3.97
N ASN A 188 35.86 -52.37 -4.72
CA ASN A 188 35.32 -51.36 -5.62
C ASN A 188 33.84 -51.11 -5.31
N LEU A 189 33.47 -49.84 -5.35
CA LEU A 189 32.09 -49.41 -5.19
C LEU A 189 31.81 -48.23 -6.12
N ARG A 190 30.73 -48.33 -6.88
CA ARG A 190 30.27 -47.26 -7.75
C ARG A 190 28.83 -46.94 -7.42
N GLU A 191 28.50 -45.66 -7.36
CA GLU A 191 27.16 -45.20 -7.02
C GLU A 191 26.57 -44.44 -8.18
N PHE A 192 25.24 -44.49 -8.31
CA PHE A 192 24.57 -43.79 -9.40
C PHE A 192 23.20 -43.31 -8.94
N VAL A 193 22.71 -42.29 -9.63
CA VAL A 193 21.33 -41.83 -9.48
C VAL A 193 20.83 -41.41 -10.83
N PHE A 194 19.65 -41.90 -11.21
CA PHE A 194 19.09 -41.66 -12.53
C PHE A 194 17.77 -40.90 -12.39
N LYS A 195 17.49 -40.03 -13.35
CA LYS A 195 16.16 -39.45 -13.45
C LYS A 195 15.97 -38.90 -14.86
N ASN A 196 14.94 -39.38 -15.54
CA ASN A 196 14.62 -38.97 -16.90
C ASN A 196 13.50 -37.95 -16.80
N ILE A 197 13.89 -36.69 -16.65
CA ILE A 197 12.95 -35.63 -16.30
C ILE A 197 13.12 -34.46 -17.26
N ASP A 198 11.99 -33.87 -17.65
CA ASP A 198 11.98 -32.67 -18.48
C ASP A 198 12.71 -32.90 -19.79
N GLY A 199 12.41 -34.03 -20.41
CA GLY A 199 13.09 -34.40 -21.63
C GLY A 199 14.53 -34.77 -21.46
N TYR A 200 15.02 -34.84 -20.23
CA TYR A 200 16.42 -35.12 -19.99
C TYR A 200 16.56 -36.22 -18.95
N PHE A 201 17.57 -37.06 -19.13
CA PHE A 201 17.85 -38.16 -18.23
C PHE A 201 19.24 -37.87 -17.65
N LYS A 202 19.27 -37.19 -16.53
CA LYS A 202 20.54 -36.86 -15.91
C LYS A 202 21.10 -38.06 -15.16
N ILE A 203 22.42 -38.07 -15.00
CA ILE A 203 23.10 -39.09 -14.22
C ILE A 203 24.06 -38.43 -13.26
N TYR A 204 24.30 -39.09 -12.13
CA TYR A 204 25.32 -38.65 -11.19
C TYR A 204 25.99 -39.89 -10.63
N SER A 205 27.28 -39.77 -10.35
CA SER A 205 27.98 -40.97 -9.92
C SER A 205 29.20 -40.60 -9.10
N LYS A 206 29.70 -41.61 -8.38
CA LYS A 206 30.94 -41.46 -7.62
C LYS A 206 31.45 -42.85 -7.30
N HIS A 207 32.66 -43.15 -7.76
CA HIS A 207 33.33 -44.37 -7.38
C HIS A 207 33.92 -44.21 -5.99
N THR A 208 34.19 -45.35 -5.34
CA THR A 208 34.95 -45.25 -4.10
C THR A 208 35.63 -46.58 -3.81
N PRO A 209 36.91 -46.56 -3.46
CA PRO A 209 37.56 -47.78 -3.00
C PRO A 209 37.02 -48.18 -1.64
N ILE A 210 36.96 -49.48 -1.40
CA ILE A 210 36.36 -50.02 -0.20
C ILE A 210 37.13 -51.25 0.25
N ASN A 211 36.91 -51.64 1.50
CA ASN A 211 37.27 -52.98 1.99
C ASN A 211 36.14 -53.41 2.92
N LEU A 212 35.13 -54.07 2.34
CA LEU A 212 33.93 -54.43 3.08
C LEU A 212 33.15 -55.42 2.23
N VAL A 213 32.37 -56.28 2.89
CA VAL A 213 31.71 -57.36 2.19
C VAL A 213 30.20 -57.26 2.34
N ARG A 214 29.74 -56.70 3.46
CA ARG A 214 28.34 -56.92 3.83
C ARG A 214 27.39 -56.01 3.07
N ASP A 215 27.48 -54.69 3.28
CA ASP A 215 26.39 -53.85 2.81
C ASP A 215 26.91 -52.42 2.65
N LEU A 216 25.98 -51.46 2.59
CA LEU A 216 26.33 -50.07 2.39
C LEU A 216 27.30 -49.61 3.47
N PRO A 217 28.37 -48.92 3.11
CA PRO A 217 29.32 -48.44 4.12
C PRO A 217 28.81 -47.16 4.74
N GLN A 218 28.75 -47.16 6.08
CA GLN A 218 28.38 -45.95 6.78
C GLN A 218 29.45 -44.89 6.56
N GLY A 219 29.08 -43.80 5.90
CA GLY A 219 30.04 -42.75 5.59
C GLY A 219 29.44 -41.77 4.62
N PHE A 220 30.09 -40.64 4.40
CA PHE A 220 29.53 -39.59 3.57
C PHE A 220 30.30 -39.42 2.28
N SER A 221 29.57 -39.17 1.19
CA SER A 221 30.14 -38.94 -0.12
C SER A 221 29.04 -38.44 -1.04
N ALA A 222 29.39 -37.51 -1.92
CA ALA A 222 28.44 -36.90 -2.81
C ALA A 222 28.42 -37.59 -4.16
N LEU A 223 27.43 -37.26 -4.97
CA LEU A 223 27.40 -37.65 -6.37
C LEU A 223 27.60 -36.41 -7.23
N GLU A 224 28.54 -36.50 -8.15
CA GLU A 224 28.84 -35.47 -9.13
C GLU A 224 28.10 -35.77 -10.43
N PRO A 225 27.50 -34.77 -11.04
CA PRO A 225 26.88 -34.98 -12.34
C PRO A 225 27.92 -35.36 -13.37
N LEU A 226 27.53 -36.27 -14.27
CA LEU A 226 28.42 -36.68 -15.34
C LEU A 226 27.86 -36.38 -16.72
N VAL A 227 26.65 -36.81 -17.01
CA VAL A 227 26.12 -36.72 -18.36
C VAL A 227 24.64 -36.39 -18.30
N ASP A 228 24.21 -35.55 -19.25
CA ASP A 228 22.80 -35.31 -19.51
C ASP A 228 22.42 -35.94 -20.84
N LEU A 229 21.16 -36.35 -20.94
CA LEU A 229 20.68 -37.03 -22.15
C LEU A 229 19.30 -36.55 -22.54
N PRO A 230 19.18 -35.83 -23.65
CA PRO A 230 17.86 -35.33 -24.07
C PRO A 230 17.09 -36.33 -24.90
N ILE A 231 16.35 -37.24 -24.25
CA ILE A 231 15.55 -38.22 -24.97
C ILE A 231 14.05 -38.01 -24.77
N GLY A 232 13.64 -37.60 -23.57
CA GLY A 232 12.23 -37.39 -23.29
C GLY A 232 11.39 -38.64 -23.45
N ILE A 233 11.88 -39.76 -22.92
CA ILE A 233 11.21 -41.04 -23.03
C ILE A 233 10.59 -41.38 -21.68
N ASN A 234 9.30 -41.66 -21.68
CA ASN A 234 8.66 -42.21 -20.49
C ASN A 234 9.29 -43.53 -20.13
N ILE A 235 9.79 -43.65 -18.91
CA ILE A 235 10.36 -44.88 -18.39
C ILE A 235 9.56 -45.30 -17.17
N THR A 236 9.17 -46.56 -17.11
CA THR A 236 8.51 -47.10 -15.94
C THR A 236 9.19 -48.33 -15.36
N ARG A 237 10.07 -48.98 -16.11
CA ARG A 237 10.77 -50.16 -15.60
C ARG A 237 12.20 -50.12 -16.05
N PHE A 238 13.00 -50.99 -15.44
CA PHE A 238 14.41 -51.06 -15.79
C PHE A 238 14.97 -52.39 -15.29
N GLN A 239 16.20 -52.67 -15.73
CA GLN A 239 16.86 -53.93 -15.41
C GLN A 239 18.34 -53.75 -15.62
N THR A 240 19.13 -53.94 -14.56
CA THR A 240 20.56 -53.97 -14.72
C THR A 240 20.98 -55.24 -15.45
N LEU A 241 22.17 -55.20 -16.02
CA LEU A 241 22.68 -56.29 -16.86
C LEU A 241 24.00 -56.78 -16.29
N LEU A 242 24.04 -58.03 -15.88
CA LEU A 242 25.25 -58.63 -15.36
C LEU A 242 26.23 -58.91 -16.48
N ALA A 263 29.20 -57.26 -5.30
CA ALA A 263 28.54 -58.36 -5.99
C ALA A 263 27.04 -58.20 -5.87
N ALA A 264 26.62 -57.37 -4.93
CA ALA A 264 25.23 -56.99 -4.79
C ALA A 264 25.05 -55.52 -5.15
N TYR A 265 23.81 -55.15 -5.42
CA TYR A 265 23.48 -53.78 -5.78
C TYR A 265 22.19 -53.40 -5.08
N TYR A 266 22.00 -52.11 -4.87
CA TYR A 266 20.90 -51.59 -4.06
C TYR A 266 20.07 -50.63 -4.88
N VAL A 267 18.75 -50.75 -4.78
CA VAL A 267 17.83 -49.82 -5.42
C VAL A 267 17.06 -49.07 -4.34
N GLY A 268 16.94 -47.78 -4.51
CA GLY A 268 16.07 -46.97 -3.66
C GLY A 268 15.38 -45.92 -4.50
N TYR A 269 14.08 -45.81 -4.32
CA TYR A 269 13.29 -44.86 -5.10
C TYR A 269 13.36 -43.50 -4.44
N LEU A 270 13.78 -42.50 -5.22
CA LEU A 270 13.98 -41.16 -4.69
C LEU A 270 12.66 -40.52 -4.31
N GLN A 271 12.73 -39.52 -3.45
CA GLN A 271 11.54 -38.84 -2.97
C GLN A 271 11.82 -37.36 -2.86
N PRO A 272 10.80 -36.52 -2.94
CA PRO A 272 11.02 -35.08 -2.90
C PRO A 272 11.10 -34.52 -1.49
N ARG A 273 12.30 -34.48 -0.92
CA ARG A 273 12.50 -33.89 0.40
C ARG A 273 13.19 -32.53 0.26
N THR A 274 13.35 -31.86 1.39
CA THR A 274 14.10 -30.63 1.48
C THR A 274 15.36 -30.90 2.27
N PHE A 275 16.51 -30.56 1.71
CA PHE A 275 17.75 -30.86 2.39
C PHE A 275 18.49 -29.57 2.70
N LEU A 276 19.55 -29.72 3.48
CA LEU A 276 20.45 -28.62 3.79
C LEU A 276 21.84 -29.07 3.43
N LEU A 277 22.48 -28.37 2.50
CA LEU A 277 23.76 -28.79 1.94
C LEU A 277 24.87 -27.88 2.43
N LYS A 278 25.94 -28.48 2.93
CA LYS A 278 27.09 -27.75 3.44
C LYS A 278 28.27 -27.96 2.51
N TYR A 279 28.65 -26.92 1.77
CA TYR A 279 29.87 -26.99 1.01
C TYR A 279 31.05 -26.72 1.92
N ASN A 280 32.21 -27.25 1.55
CA ASN A 280 33.43 -27.00 2.28
C ASN A 280 34.03 -25.69 1.79
N GLU A 281 35.24 -25.38 2.24
CA GLU A 281 35.97 -24.28 1.63
C GLU A 281 36.29 -24.60 0.18
N ASN A 282 36.68 -25.83 -0.10
CA ASN A 282 37.09 -26.22 -1.44
C ASN A 282 35.90 -26.36 -2.38
N GLY A 283 34.72 -25.92 -1.97
CA GLY A 283 33.57 -26.01 -2.84
C GLY A 283 33.02 -27.41 -2.98
N THR A 284 33.24 -28.28 -2.02
CA THR A 284 32.78 -29.66 -2.06
C THR A 284 31.71 -29.88 -1.01
N ILE A 285 30.63 -30.53 -1.39
CA ILE A 285 29.60 -30.92 -0.44
C ILE A 285 30.19 -31.88 0.57
N THR A 286 30.32 -31.43 1.81
CA THR A 286 30.90 -32.27 2.84
C THR A 286 29.88 -32.82 3.82
N ASP A 287 28.67 -32.27 3.84
CA ASP A 287 27.63 -32.84 4.70
C ASP A 287 26.28 -32.31 4.27
N ALA A 288 25.25 -33.03 4.68
CA ALA A 288 23.89 -32.69 4.32
C ALA A 288 22.97 -33.06 5.48
N VAL A 289 21.80 -32.45 5.50
CA VAL A 289 20.82 -32.68 6.54
C VAL A 289 19.46 -32.89 5.90
N ASP A 290 18.74 -33.90 6.37
CA ASP A 290 17.38 -34.16 5.94
C ASP A 290 16.44 -33.33 6.81
N CYS A 291 15.88 -32.27 6.24
CA CYS A 291 15.02 -31.40 7.03
C CYS A 291 13.83 -32.13 7.62
N ALA A 292 13.42 -33.26 7.04
CA ALA A 292 12.20 -33.93 7.48
C ALA A 292 12.46 -35.27 8.15
N LEU A 293 13.71 -35.62 8.43
CA LEU A 293 14.00 -36.92 9.01
C LEU A 293 13.39 -37.05 10.40
N ASP A 294 13.65 -36.07 11.26
CA ASP A 294 13.19 -36.14 12.65
C ASP A 294 13.11 -34.73 13.18
N PRO A 295 12.37 -34.51 14.27
CA PRO A 295 12.24 -33.14 14.78
C PRO A 295 13.56 -32.45 15.05
N LEU A 296 14.55 -33.16 15.59
CA LEU A 296 15.85 -32.53 15.76
C LEU A 296 16.40 -32.06 14.42
N SER A 297 16.45 -32.97 13.45
CA SER A 297 16.89 -32.59 12.13
C SER A 297 16.09 -31.41 11.62
N GLU A 298 14.79 -31.44 11.86
CA GLU A 298 13.94 -30.37 11.37
C GLU A 298 14.35 -29.05 11.97
N THR A 299 14.92 -29.06 13.17
CA THR A 299 15.40 -27.81 13.75
C THR A 299 16.57 -27.26 12.95
N LYS A 300 17.58 -28.10 12.69
CA LYS A 300 18.77 -27.66 11.99
C LYS A 300 18.39 -27.00 10.69
N CYS A 301 17.37 -27.51 10.02
CA CYS A 301 16.94 -26.92 8.78
C CYS A 301 16.43 -25.52 8.98
N THR A 302 15.63 -25.31 10.03
CA THR A 302 15.05 -23.98 10.25
C THR A 302 16.13 -22.95 10.52
N LEU A 303 17.08 -23.30 11.38
CA LEU A 303 18.11 -22.35 11.76
C LEU A 303 19.20 -22.21 10.72
N LYS A 304 19.17 -23.01 9.65
CA LYS A 304 20.22 -23.00 8.64
C LYS A 304 21.58 -23.15 9.29
N SER A 305 21.67 -24.08 10.23
CA SER A 305 22.92 -24.25 10.96
C SER A 305 23.01 -25.66 11.52
N PHE A 306 24.21 -26.01 11.96
CA PHE A 306 24.45 -27.29 12.60
C PHE A 306 24.56 -27.18 14.11
N THR A 307 25.03 -26.05 14.62
CA THR A 307 25.19 -25.84 16.04
C THR A 307 23.88 -25.23 16.55
N VAL A 308 23.30 -25.87 17.55
CA VAL A 308 22.06 -25.41 18.15
C VAL A 308 22.30 -25.20 19.64
N GLU A 309 22.21 -23.96 20.08
CA GLU A 309 22.25 -23.65 21.50
C GLU A 309 20.94 -24.06 22.14
N LYS A 310 20.97 -24.21 23.46
CA LYS A 310 19.78 -24.59 24.22
C LYS A 310 18.64 -23.64 23.92
N GLY A 311 17.47 -24.20 23.61
CA GLY A 311 16.31 -23.33 23.43
C GLY A 311 15.15 -23.90 22.65
N ILE A 312 13.94 -23.64 23.17
CA ILE A 312 12.74 -23.95 22.42
C ILE A 312 12.77 -23.26 21.07
N TYR A 313 12.40 -23.99 20.03
CA TYR A 313 12.40 -23.49 18.66
C TYR A 313 11.07 -23.84 18.03
N GLN A 314 10.31 -22.84 17.65
CA GLN A 314 9.05 -23.08 16.98
C GLN A 314 9.33 -23.26 15.50
N THR A 315 8.95 -24.40 14.94
CA THR A 315 9.34 -24.71 13.58
C THR A 315 8.15 -24.97 12.65
N SER A 316 7.31 -25.94 12.96
CA SER A 316 6.26 -26.36 12.04
C SER A 316 4.93 -26.36 12.75
N ASN A 317 3.89 -26.73 12.02
CA ASN A 317 2.54 -26.79 12.55
C ASN A 317 1.99 -28.19 12.37
N PHE A 318 1.55 -28.78 13.46
CA PHE A 318 0.88 -30.06 13.37
C PHE A 318 -0.53 -29.86 12.88
N ARG A 319 -0.98 -30.72 11.98
CA ARG A 319 -2.30 -30.59 11.37
C ARG A 319 -2.83 -31.97 11.05
N VAL A 320 -3.91 -32.36 11.74
CA VAL A 320 -4.45 -33.69 11.54
C VAL A 320 -4.86 -33.87 10.09
N GLN A 321 -4.50 -34.93 9.54
CA GLN A 321 -4.99 -35.12 8.19
C GLN A 321 -6.42 -35.65 8.21
N PRO A 322 -7.22 -35.34 7.20
CA PRO A 322 -8.56 -35.91 7.14
C PRO A 322 -8.49 -37.42 6.99
N THR A 323 -9.44 -38.11 7.61
CA THR A 323 -9.46 -39.56 7.53
C THR A 323 -10.19 -40.04 6.29
N GLU A 324 -11.45 -39.66 6.15
CA GLU A 324 -12.30 -40.08 5.05
C GLU A 324 -12.94 -38.85 4.45
N SER A 325 -13.37 -38.94 3.20
CA SER A 325 -13.90 -37.78 2.49
C SER A 325 -15.38 -37.99 2.25
N ILE A 326 -16.20 -37.52 3.20
CA ILE A 326 -17.65 -37.65 3.07
C ILE A 326 -18.16 -36.77 1.94
N VAL A 327 -19.01 -37.35 1.10
CA VAL A 327 -19.73 -36.63 0.07
C VAL A 327 -21.22 -36.76 0.35
N ARG A 328 -21.93 -35.63 0.30
CA ARG A 328 -23.35 -35.62 0.62
C ARG A 328 -24.11 -34.83 -0.43
N PHE A 329 -25.27 -35.39 -0.82
CA PHE A 329 -26.17 -34.79 -1.84
C PHE A 329 -27.61 -35.25 -1.58
N PRO A 330 -28.64 -34.38 -1.72
CA PRO A 330 -30.03 -34.76 -1.48
C PRO A 330 -30.56 -35.85 -2.43
N ASN A 331 -31.58 -36.60 -1.99
CA ASN A 331 -32.19 -37.70 -2.79
C ASN A 331 -33.11 -37.11 -3.87
N ILE A 332 -32.59 -36.96 -5.09
CA ILE A 332 -33.30 -36.43 -6.29
C ILE A 332 -32.79 -37.23 -7.50
N THR A 333 -33.70 -37.81 -8.30
CA THR A 333 -33.25 -38.63 -9.46
C THR A 333 -33.88 -38.17 -10.78
N ASN A 334 -34.97 -37.38 -10.76
CA ASN A 334 -35.57 -37.03 -12.04
C ASN A 334 -34.61 -36.21 -12.89
N LEU A 335 -34.33 -36.69 -14.10
CA LEU A 335 -33.71 -35.84 -15.11
C LEU A 335 -34.78 -35.01 -15.81
N CYS A 336 -34.45 -33.76 -16.14
CA CYS A 336 -35.48 -32.83 -16.69
C CYS A 336 -35.31 -32.55 -18.20
N PRO A 337 -36.06 -31.57 -18.75
CA PRO A 337 -36.09 -31.26 -20.20
C PRO A 337 -34.82 -30.86 -20.98
N PHE A 338 -33.62 -31.06 -20.40
CA PHE A 338 -32.38 -30.77 -21.10
C PHE A 338 -32.34 -31.39 -22.49
N GLY A 339 -32.56 -32.70 -22.58
CA GLY A 339 -32.63 -33.33 -23.88
C GLY A 339 -33.70 -32.72 -24.76
N GLU A 340 -34.86 -32.41 -24.18
CA GLU A 340 -35.92 -31.80 -24.95
C GLU A 340 -35.55 -30.39 -25.38
N VAL A 341 -35.09 -29.57 -24.44
CA VAL A 341 -34.84 -28.17 -24.74
C VAL A 341 -33.73 -28.04 -25.78
N PHE A 342 -32.80 -29.00 -25.82
CA PHE A 342 -31.77 -28.96 -26.84
C PHE A 342 -32.28 -29.54 -28.16
N ASN A 343 -32.94 -30.69 -28.10
CA ASN A 343 -33.55 -31.29 -29.28
C ASN A 343 -34.89 -30.66 -29.62
N ALA A 344 -35.19 -29.49 -29.06
CA ALA A 344 -36.43 -28.81 -29.36
C ALA A 344 -36.49 -28.45 -30.84
N THR A 345 -37.64 -28.73 -31.45
CA THR A 345 -37.79 -28.50 -32.89
C THR A 345 -37.80 -27.03 -33.23
N ARG A 346 -38.02 -26.15 -32.27
CA ARG A 346 -38.29 -24.75 -32.59
C ARG A 346 -37.60 -23.84 -31.57
N PHE A 347 -37.24 -22.65 -32.04
CA PHE A 347 -36.69 -21.59 -31.22
C PHE A 347 -37.41 -20.30 -31.53
N ALA A 348 -37.40 -19.39 -30.57
CA ALA A 348 -38.00 -18.08 -30.75
C ALA A 348 -36.92 -17.07 -31.08
N SER A 349 -37.34 -15.82 -31.27
CA SER A 349 -36.42 -14.79 -31.69
C SER A 349 -35.48 -14.40 -30.55
N VAL A 350 -34.45 -13.65 -30.89
CA VAL A 350 -33.51 -13.20 -29.88
C VAL A 350 -34.17 -12.17 -28.96
N TYR A 351 -34.88 -11.21 -29.52
CA TYR A 351 -35.59 -10.25 -28.66
C TYR A 351 -36.69 -10.96 -27.90
N ALA A 352 -37.39 -11.89 -28.54
CA ALA A 352 -38.39 -12.71 -27.88
C ALA A 352 -37.75 -14.03 -27.47
N TRP A 353 -36.78 -13.92 -26.57
CA TRP A 353 -35.99 -15.07 -26.16
C TRP A 353 -36.68 -15.81 -25.02
N ASN A 354 -36.80 -17.12 -25.16
CA ASN A 354 -37.39 -17.92 -24.10
C ASN A 354 -36.54 -17.84 -22.84
N ARG A 355 -37.20 -17.88 -21.69
CA ARG A 355 -36.54 -18.02 -20.41
C ARG A 355 -37.19 -19.18 -19.69
N LYS A 356 -36.67 -20.38 -19.93
CA LYS A 356 -37.19 -21.58 -19.31
C LYS A 356 -36.53 -21.74 -17.95
N ARG A 357 -37.33 -21.82 -16.90
CA ARG A 357 -36.80 -22.06 -15.57
C ARG A 357 -36.64 -23.56 -15.35
N ILE A 358 -35.59 -23.93 -14.64
CA ILE A 358 -35.25 -25.33 -14.43
C ILE A 358 -35.14 -25.58 -12.94
N SER A 359 -35.75 -26.67 -12.48
CA SER A 359 -35.68 -27.01 -11.08
C SER A 359 -35.95 -28.50 -10.90
N ASN A 360 -35.48 -29.03 -9.78
CA ASN A 360 -35.76 -30.41 -9.36
C ASN A 360 -35.27 -31.40 -10.41
N CYS A 361 -33.97 -31.41 -10.61
CA CYS A 361 -33.36 -32.23 -11.64
C CYS A 361 -32.20 -33.02 -11.07
N VAL A 362 -31.67 -33.89 -11.91
CA VAL A 362 -30.36 -34.52 -11.70
C VAL A 362 -29.56 -34.27 -12.99
N ALA A 363 -28.79 -33.20 -13.01
CA ALA A 363 -28.10 -32.80 -14.22
C ALA A 363 -26.71 -33.43 -14.27
N ASP A 364 -26.39 -34.02 -15.41
CA ASP A 364 -25.08 -34.62 -15.63
C ASP A 364 -24.15 -33.74 -16.42
N TYR A 365 -24.68 -33.07 -17.45
CA TYR A 365 -23.90 -32.27 -18.39
C TYR A 365 -22.93 -33.14 -19.18
N SER A 366 -22.88 -34.44 -18.86
CA SER A 366 -21.91 -35.32 -19.50
C SER A 366 -22.15 -35.39 -21.00
N VAL A 367 -23.42 -35.46 -21.41
CA VAL A 367 -23.76 -35.36 -22.81
C VAL A 367 -23.37 -34.02 -23.39
N LEU A 368 -23.14 -33.02 -22.54
CA LEU A 368 -22.78 -31.68 -22.99
C LEU A 368 -21.28 -31.48 -23.02
N TYR A 369 -20.50 -32.55 -22.87
CA TYR A 369 -19.06 -32.51 -23.04
C TYR A 369 -18.64 -33.25 -24.30
N ASN A 370 -19.03 -34.52 -24.40
CA ASN A 370 -18.69 -35.34 -25.56
C ASN A 370 -19.30 -34.78 -26.84
N SER A 371 -20.56 -34.36 -26.77
CA SER A 371 -21.26 -33.94 -27.98
C SER A 371 -20.66 -32.64 -28.50
N ALA A 372 -19.76 -32.77 -29.46
CA ALA A 372 -19.18 -31.61 -30.10
C ALA A 372 -20.14 -30.93 -31.03
N SER A 373 -21.39 -31.36 -31.03
CA SER A 373 -22.41 -30.74 -31.87
C SER A 373 -22.59 -29.26 -31.55
N PHE A 374 -22.21 -28.84 -30.35
CA PHE A 374 -22.25 -27.43 -29.98
C PHE A 374 -20.95 -26.80 -30.42
N SER A 375 -20.99 -26.04 -31.51
CA SER A 375 -19.80 -25.35 -31.97
C SER A 375 -19.35 -24.27 -31.00
N THR A 376 -20.19 -23.90 -30.04
CA THR A 376 -19.88 -22.84 -29.10
C THR A 376 -20.23 -23.31 -27.69
N PHE A 377 -19.23 -23.35 -26.82
CA PHE A 377 -19.41 -23.87 -25.46
C PHE A 377 -18.40 -23.18 -24.55
N LYS A 378 -18.81 -22.08 -23.94
CA LYS A 378 -17.88 -21.18 -23.24
C LYS A 378 -18.40 -20.87 -21.84
N CYS A 379 -18.03 -21.72 -20.88
CA CYS A 379 -18.38 -21.49 -19.49
C CYS A 379 -17.57 -20.32 -18.94
N TYR A 380 -18.25 -19.45 -18.19
CA TYR A 380 -17.60 -18.25 -17.66
C TYR A 380 -17.58 -18.22 -16.15
N GLY A 381 -18.71 -18.50 -15.49
CA GLY A 381 -18.71 -18.53 -14.05
C GLY A 381 -17.81 -19.61 -13.50
N VAL A 382 -17.85 -20.79 -14.10
CA VAL A 382 -17.20 -21.97 -13.55
C VAL A 382 -16.43 -22.69 -14.64
N SER A 383 -15.61 -23.63 -14.21
CA SER A 383 -14.89 -24.49 -15.13
C SER A 383 -15.88 -25.41 -15.81
N PRO A 384 -15.92 -25.46 -17.15
CA PRO A 384 -16.91 -26.31 -17.82
C PRO A 384 -16.85 -27.75 -17.40
N THR A 385 -15.65 -28.30 -17.18
CA THR A 385 -15.53 -29.68 -16.75
C THR A 385 -16.24 -29.93 -15.43
N LYS A 386 -16.10 -29.01 -14.48
CA LYS A 386 -16.60 -29.23 -13.13
C LYS A 386 -18.00 -28.63 -13.01
N LEU A 387 -18.99 -29.40 -13.45
CA LEU A 387 -20.38 -29.01 -13.21
C LEU A 387 -21.12 -30.03 -12.35
N ASN A 388 -21.24 -31.28 -12.81
CA ASN A 388 -22.06 -32.25 -12.12
C ASN A 388 -21.43 -32.67 -10.81
N ASP A 389 -20.27 -32.12 -10.51
CA ASP A 389 -19.71 -32.15 -9.17
C ASP A 389 -20.16 -30.98 -8.32
N LEU A 390 -20.79 -29.98 -8.91
CA LEU A 390 -21.33 -28.84 -8.20
C LEU A 390 -22.83 -28.77 -8.43
N CYS A 391 -23.49 -27.82 -7.77
CA CYS A 391 -24.93 -27.68 -8.02
C CYS A 391 -25.43 -26.35 -7.46
N PHE A 392 -26.63 -25.98 -7.91
CA PHE A 392 -27.10 -24.62 -7.72
C PHE A 392 -28.56 -24.58 -7.31
N THR A 393 -28.91 -23.45 -6.70
CA THR A 393 -30.28 -23.21 -6.25
C THR A 393 -31.26 -23.23 -7.41
N ASN A 394 -30.90 -22.58 -8.50
CA ASN A 394 -31.79 -22.46 -9.64
C ASN A 394 -30.97 -22.16 -10.88
N VAL A 395 -31.48 -22.60 -12.03
CA VAL A 395 -30.78 -22.42 -13.29
C VAL A 395 -31.80 -22.05 -14.37
N TYR A 396 -31.38 -21.17 -15.28
CA TYR A 396 -32.23 -20.65 -16.33
C TYR A 396 -31.71 -21.09 -17.69
N ALA A 397 -32.62 -21.50 -18.56
CA ALA A 397 -32.29 -21.88 -19.93
C ALA A 397 -32.93 -20.84 -20.84
N ASP A 398 -32.14 -19.86 -21.25
CA ASP A 398 -32.58 -18.90 -22.23
C ASP A 398 -32.23 -19.39 -23.63
N SER A 399 -33.21 -19.35 -24.53
CA SER A 399 -33.05 -19.96 -25.84
C SER A 399 -33.51 -18.98 -26.91
N PHE A 400 -32.77 -18.94 -28.00
CA PHE A 400 -33.14 -18.19 -29.20
C PHE A 400 -32.20 -18.62 -30.31
N VAL A 401 -32.41 -18.07 -31.50
CA VAL A 401 -31.53 -18.31 -32.63
C VAL A 401 -31.13 -16.98 -33.22
N ILE A 402 -29.86 -16.84 -33.56
CA ILE A 402 -29.30 -15.59 -34.03
C ILE A 402 -28.37 -15.85 -35.21
N ARG A 403 -27.87 -14.76 -35.78
CA ARG A 403 -26.88 -14.82 -36.82
C ARG A 403 -25.58 -15.43 -36.29
N GLY A 404 -24.86 -16.09 -37.20
CA GLY A 404 -23.68 -16.83 -36.77
C GLY A 404 -22.64 -15.96 -36.09
N ASP A 405 -22.35 -14.79 -36.67
CA ASP A 405 -21.31 -13.95 -36.10
C ASP A 405 -21.71 -13.42 -34.74
N GLU A 406 -23.01 -13.18 -34.54
CA GLU A 406 -23.47 -12.57 -33.30
C GLU A 406 -23.16 -13.40 -32.07
N VAL A 407 -22.67 -14.63 -32.23
CA VAL A 407 -22.30 -15.42 -31.06
C VAL A 407 -21.26 -14.70 -30.24
N ARG A 408 -20.49 -13.82 -30.86
CA ARG A 408 -19.58 -12.98 -30.10
C ARG A 408 -20.34 -11.99 -29.22
N GLN A 409 -21.48 -11.48 -29.69
CA GLN A 409 -22.18 -10.45 -28.94
C GLN A 409 -22.64 -10.95 -27.57
N ILE A 410 -22.95 -12.23 -27.45
CA ILE A 410 -23.40 -12.75 -26.17
C ILE A 410 -22.19 -13.17 -25.34
N ALA A 411 -21.58 -12.20 -24.69
CA ALA A 411 -20.44 -12.42 -23.81
C ALA A 411 -20.59 -11.49 -22.62
N PRO A 412 -19.98 -11.82 -21.48
CA PRO A 412 -20.11 -10.94 -20.31
C PRO A 412 -19.60 -9.55 -20.63
N GLY A 413 -20.51 -8.57 -20.53
CA GLY A 413 -20.17 -7.20 -20.83
C GLY A 413 -19.89 -6.92 -22.29
N GLN A 414 -20.21 -7.84 -23.18
CA GLN A 414 -20.01 -7.61 -24.61
C GLN A 414 -20.96 -6.51 -25.11
N THR A 415 -20.52 -5.85 -26.17
CA THR A 415 -21.26 -4.73 -26.74
C THR A 415 -21.68 -5.06 -28.17
N GLY A 416 -22.82 -4.54 -28.57
CA GLY A 416 -23.35 -4.75 -29.90
C GLY A 416 -24.86 -4.68 -29.89
N LYS A 417 -25.42 -4.53 -31.10
CA LYS A 417 -26.85 -4.26 -31.24
C LYS A 417 -27.70 -5.32 -30.57
N ILE A 418 -27.42 -6.60 -30.86
CA ILE A 418 -28.16 -7.67 -30.21
C ILE A 418 -28.01 -7.56 -28.71
N ALA A 419 -26.77 -7.33 -28.25
CA ALA A 419 -26.53 -7.18 -26.83
C ALA A 419 -27.20 -5.93 -26.28
N ASP A 420 -27.22 -4.85 -27.05
CA ASP A 420 -27.80 -3.60 -26.57
C ASP A 420 -29.31 -3.55 -26.74
N TYR A 421 -29.84 -4.20 -27.75
CA TYR A 421 -31.26 -4.09 -28.06
C TYR A 421 -32.04 -5.38 -27.98
N ASN A 422 -31.39 -6.52 -27.81
CA ASN A 422 -32.14 -7.76 -27.89
C ASN A 422 -31.95 -8.67 -26.68
N TYR A 423 -30.75 -8.79 -26.15
CA TYR A 423 -30.51 -9.65 -25.00
C TYR A 423 -29.15 -9.32 -24.41
N LYS A 424 -29.12 -9.01 -23.13
CA LYS A 424 -27.89 -8.57 -22.47
C LYS A 424 -27.51 -9.55 -21.38
N LEU A 425 -26.26 -9.84 -21.29
CA LEU A 425 -25.82 -10.77 -20.27
C LEU A 425 -25.52 -10.03 -18.97
N PRO A 426 -25.66 -10.71 -17.85
CA PRO A 426 -25.22 -10.13 -16.58
C PRO A 426 -23.71 -9.98 -16.57
N ASP A 427 -23.25 -8.91 -15.92
CA ASP A 427 -21.81 -8.70 -15.81
C ASP A 427 -21.16 -9.84 -15.04
N ASP A 428 -21.77 -10.23 -13.93
CA ASP A 428 -21.35 -11.45 -13.24
C ASP A 428 -22.13 -12.64 -13.78
N PHE A 429 -21.84 -12.97 -15.03
CA PHE A 429 -22.49 -14.12 -15.63
C PHE A 429 -22.03 -15.38 -14.94
N THR A 430 -22.99 -16.21 -14.52
CA THR A 430 -22.70 -17.43 -13.77
C THR A 430 -23.21 -18.59 -14.59
N GLY A 431 -22.38 -19.06 -15.52
CA GLY A 431 -22.83 -20.21 -16.29
C GLY A 431 -22.02 -20.38 -17.56
N CYS A 432 -22.70 -20.90 -18.57
CA CYS A 432 -22.07 -21.23 -19.83
C CYS A 432 -22.97 -20.78 -20.95
N VAL A 433 -22.42 -20.74 -22.16
CA VAL A 433 -23.16 -20.42 -23.37
C VAL A 433 -23.01 -21.57 -24.34
N ILE A 434 -24.14 -22.06 -24.85
CA ILE A 434 -24.17 -23.15 -25.81
C ILE A 434 -24.79 -22.62 -27.09
N ALA A 435 -24.05 -22.73 -28.19
CA ALA A 435 -24.52 -22.29 -29.49
C ALA A 435 -24.00 -23.24 -30.56
N TRP A 436 -24.83 -23.50 -31.56
CA TRP A 436 -24.41 -24.35 -32.67
C TRP A 436 -25.16 -23.91 -33.92
N ASN A 437 -24.57 -24.24 -35.08
CA ASN A 437 -25.17 -23.88 -36.34
C ASN A 437 -26.51 -24.58 -36.53
N SER A 438 -27.47 -23.84 -37.10
CA SER A 438 -28.80 -24.38 -37.38
C SER A 438 -29.19 -24.22 -38.84
N ASN A 439 -28.21 -24.05 -39.72
CA ASN A 439 -28.51 -24.00 -41.15
C ASN A 439 -29.22 -25.25 -41.61
N ASN A 440 -28.81 -26.40 -41.07
CA ASN A 440 -29.43 -27.66 -41.43
C ASN A 440 -30.89 -27.73 -41.00
N LEU A 441 -31.30 -26.87 -40.06
CA LEU A 441 -32.69 -26.82 -39.64
C LEU A 441 -33.30 -25.45 -39.91
N ASP A 442 -32.71 -24.38 -39.40
CA ASP A 442 -33.27 -23.04 -39.56
C ASP A 442 -32.84 -22.47 -40.91
N SER A 443 -33.44 -23.02 -41.96
CA SER A 443 -33.24 -22.47 -43.29
C SER A 443 -34.39 -22.90 -44.19
N LYS A 444 -35.27 -21.96 -44.51
CA LYS A 444 -36.16 -22.17 -45.64
C LYS A 444 -35.34 -22.20 -46.92
N VAL A 445 -35.81 -22.99 -47.89
CA VAL A 445 -35.12 -23.05 -49.18
C VAL A 445 -35.15 -21.68 -49.83
N GLY A 446 -36.25 -20.94 -49.68
CA GLY A 446 -36.32 -19.55 -50.05
C GLY A 446 -35.86 -18.60 -48.97
N GLY A 447 -35.46 -19.12 -47.82
CA GLY A 447 -34.96 -18.28 -46.75
C GLY A 447 -35.95 -18.05 -45.64
N ASN A 448 -35.52 -18.24 -44.41
CA ASN A 448 -36.39 -17.97 -43.27
C ASN A 448 -36.54 -16.47 -43.08
N TYR A 449 -37.79 -16.03 -42.94
CA TYR A 449 -38.09 -14.72 -42.39
C TYR A 449 -38.51 -14.83 -40.93
N ASN A 450 -38.55 -16.05 -40.39
CA ASN A 450 -39.24 -16.32 -39.14
C ASN A 450 -38.56 -15.68 -37.94
N TYR A 451 -37.27 -15.39 -38.04
CA TYR A 451 -36.51 -14.89 -36.90
C TYR A 451 -36.21 -13.41 -37.11
N LEU A 452 -36.58 -12.61 -36.12
CA LEU A 452 -36.38 -11.16 -36.14
C LEU A 452 -35.37 -10.74 -35.09
N TYR A 453 -35.09 -9.44 -35.08
CA TYR A 453 -34.29 -8.83 -34.03
C TYR A 453 -34.67 -7.37 -33.95
N ARG A 454 -34.74 -6.85 -32.72
CA ARG A 454 -35.07 -5.45 -32.51
C ARG A 454 -33.79 -4.64 -32.67
N LEU A 455 -33.70 -3.86 -33.74
CA LEU A 455 -32.52 -3.04 -33.98
C LEU A 455 -32.70 -1.59 -33.55
N PHE A 456 -33.83 -1.26 -32.94
CA PHE A 456 -34.09 0.09 -32.46
C PHE A 456 -34.51 0.04 -31.01
N ARG A 457 -33.92 0.91 -30.20
CA ARG A 457 -34.36 1.10 -28.82
C ARG A 457 -33.66 2.33 -28.28
N LYS A 458 -34.42 3.18 -27.60
CA LYS A 458 -33.83 4.38 -27.02
C LYS A 458 -33.08 4.11 -25.73
N SER A 459 -33.17 2.90 -25.19
CA SER A 459 -32.49 2.57 -23.94
C SER A 459 -32.12 1.10 -23.96
N ASN A 460 -30.82 0.80 -23.89
CA ASN A 460 -30.37 -0.58 -23.93
C ASN A 460 -30.93 -1.37 -22.76
N LEU A 461 -31.24 -2.63 -23.02
CA LEU A 461 -31.84 -3.48 -22.00
C LEU A 461 -30.86 -3.77 -20.88
N LYS A 462 -31.41 -3.99 -19.70
CA LYS A 462 -30.66 -4.54 -18.60
C LYS A 462 -30.37 -6.01 -18.87
N PRO A 463 -29.41 -6.60 -18.17
CA PRO A 463 -29.19 -8.04 -18.33
C PRO A 463 -30.46 -8.81 -18.02
N PHE A 464 -30.72 -9.83 -18.83
CA PHE A 464 -31.91 -10.67 -18.73
C PHE A 464 -33.20 -9.91 -18.98
N GLU A 465 -33.12 -8.63 -19.34
CA GLU A 465 -34.32 -7.92 -19.72
C GLU A 465 -34.85 -8.47 -21.03
N ARG A 466 -36.15 -8.34 -21.23
CA ARG A 466 -36.80 -8.89 -22.41
C ARG A 466 -37.91 -7.94 -22.83
N ASP A 467 -37.68 -7.22 -23.92
CA ASP A 467 -38.61 -6.20 -24.41
C ASP A 467 -39.26 -6.71 -25.71
N ILE A 468 -40.46 -7.24 -25.59
CA ILE A 468 -41.19 -7.78 -26.74
C ILE A 468 -42.05 -6.68 -27.34
N SER A 469 -41.78 -5.43 -26.97
CA SER A 469 -42.56 -4.30 -27.45
C SER A 469 -42.63 -4.30 -28.97
N THR A 470 -43.84 -4.09 -29.49
CA THR A 470 -44.11 -4.21 -30.92
C THR A 470 -44.34 -2.86 -31.59
N GLU A 471 -44.54 -1.80 -30.81
CA GLU A 471 -44.94 -0.52 -31.37
C GLU A 471 -43.85 0.05 -32.28
N ILE A 472 -44.28 0.75 -33.33
CA ILE A 472 -43.34 1.35 -34.27
C ILE A 472 -42.37 2.26 -33.54
N TYR A 473 -41.11 2.24 -33.98
CA TYR A 473 -40.09 3.05 -33.35
C TYR A 473 -40.03 4.40 -34.05
N GLN A 474 -40.04 5.48 -33.27
CA GLN A 474 -39.92 6.82 -33.80
C GLN A 474 -38.45 7.07 -34.13
N ALA A 475 -38.12 7.07 -35.41
CA ALA A 475 -36.73 7.28 -35.82
C ALA A 475 -36.33 8.75 -35.71
N GLY A 476 -37.11 9.62 -36.31
CA GLY A 476 -36.87 11.05 -36.23
C GLY A 476 -37.41 11.61 -34.92
N SER A 477 -37.63 12.92 -34.92
CA SER A 477 -38.19 13.60 -33.77
C SER A 477 -39.68 13.90 -33.93
N THR A 478 -40.27 13.53 -35.07
CA THR A 478 -41.69 13.78 -35.29
C THR A 478 -42.51 12.95 -34.30
N PRO A 479 -43.70 13.43 -33.91
CA PRO A 479 -44.60 12.57 -33.15
C PRO A 479 -45.04 11.43 -34.03
N CYS A 480 -44.49 10.24 -33.76
CA CYS A 480 -44.73 9.11 -34.65
C CYS A 480 -46.10 8.56 -34.32
N ASN A 481 -47.11 9.06 -35.02
CA ASN A 481 -48.51 8.83 -34.66
C ASN A 481 -49.12 7.71 -35.52
N GLY A 482 -48.71 6.48 -35.25
CA GLY A 482 -49.27 5.33 -35.91
C GLY A 482 -48.84 5.15 -37.35
N VAL A 483 -48.27 6.17 -37.98
CA VAL A 483 -47.77 6.07 -39.34
C VAL A 483 -46.38 5.46 -39.29
N GLU A 484 -46.21 4.33 -39.95
CA GLU A 484 -44.90 3.69 -40.05
C GLU A 484 -44.19 4.15 -41.32
N GLY A 485 -42.91 4.49 -41.17
CA GLY A 485 -42.14 4.92 -42.33
C GLY A 485 -41.04 5.93 -42.06
N PHE A 486 -41.07 7.05 -42.79
CA PHE A 486 -40.04 8.07 -42.64
C PHE A 486 -40.07 8.64 -41.23
N ASN A 487 -38.90 8.65 -40.57
CA ASN A 487 -38.77 8.98 -39.16
C ASN A 487 -39.57 8.05 -38.25
N CYS A 488 -40.19 7.00 -38.81
CA CYS A 488 -40.93 6.01 -38.05
C CYS A 488 -40.47 4.65 -38.54
N TYR A 489 -39.35 4.15 -38.03
CA TYR A 489 -38.84 2.88 -38.50
C TYR A 489 -39.28 1.75 -37.58
N PHE A 490 -39.47 0.58 -38.18
CA PHE A 490 -39.88 -0.59 -37.42
C PHE A 490 -38.67 -1.14 -36.67
N PRO A 491 -38.68 -1.16 -35.35
CA PRO A 491 -37.51 -1.68 -34.62
C PRO A 491 -37.25 -3.15 -34.88
N LEU A 492 -38.28 -3.90 -35.26
CA LEU A 492 -38.20 -5.35 -35.38
C LEU A 492 -37.84 -5.70 -36.82
N GLN A 493 -36.64 -6.23 -37.01
CA GLN A 493 -36.15 -6.61 -38.32
C GLN A 493 -35.86 -8.10 -38.32
N SER A 494 -36.25 -8.78 -39.40
CA SER A 494 -36.13 -10.23 -39.50
C SER A 494 -34.82 -10.64 -40.15
N TYR A 495 -34.26 -11.73 -39.64
CA TYR A 495 -33.19 -12.43 -40.32
C TYR A 495 -33.71 -13.09 -41.60
N GLY A 496 -32.95 -12.99 -42.67
CA GLY A 496 -33.23 -13.77 -43.85
C GLY A 496 -32.35 -15.01 -43.88
N PHE A 497 -32.89 -16.15 -43.45
CA PHE A 497 -32.11 -17.38 -43.31
C PHE A 497 -32.40 -18.33 -44.46
N GLN A 498 -31.63 -18.16 -45.54
CA GLN A 498 -31.49 -19.01 -46.72
C GLN A 498 -30.35 -20.00 -46.50
N PRO A 499 -30.44 -21.19 -47.07
CA PRO A 499 -29.35 -22.16 -46.89
C PRO A 499 -28.07 -21.70 -47.55
N THR A 500 -28.17 -20.77 -48.49
CA THR A 500 -27.05 -20.34 -49.31
C THR A 500 -26.28 -19.18 -48.70
N ASN A 501 -26.70 -18.69 -47.55
CA ASN A 501 -26.01 -17.58 -46.93
C ASN A 501 -24.64 -18.05 -46.43
N GLY A 502 -23.78 -17.08 -46.12
CA GLY A 502 -22.47 -17.41 -45.57
C GLY A 502 -22.55 -17.85 -44.12
N VAL A 503 -21.52 -18.57 -43.69
CA VAL A 503 -21.48 -19.03 -42.31
C VAL A 503 -21.48 -17.85 -41.36
N GLY A 504 -20.74 -16.80 -41.70
CA GLY A 504 -20.80 -15.58 -40.91
C GLY A 504 -22.20 -15.00 -40.84
N TYR A 505 -23.03 -15.31 -41.83
CA TYR A 505 -24.45 -15.01 -41.78
C TYR A 505 -25.30 -16.25 -41.55
N GLN A 506 -24.68 -17.40 -41.29
CA GLN A 506 -25.52 -18.57 -41.16
C GLN A 506 -26.28 -18.60 -39.84
N PRO A 507 -27.47 -19.19 -39.83
CA PRO A 507 -28.25 -19.28 -38.59
C PRO A 507 -27.57 -20.20 -37.59
N TYR A 508 -27.52 -19.77 -36.34
CA TYR A 508 -26.96 -20.56 -35.25
C TYR A 508 -27.99 -20.72 -34.14
N ARG A 509 -28.21 -21.97 -33.72
CA ARG A 509 -29.02 -22.24 -32.55
C ARG A 509 -28.19 -22.05 -31.30
N VAL A 510 -28.68 -21.23 -30.37
CA VAL A 510 -27.97 -20.88 -29.16
C VAL A 510 -28.87 -21.02 -27.95
N VAL A 511 -28.33 -21.61 -26.89
CA VAL A 511 -28.97 -21.66 -25.58
C VAL A 511 -27.94 -21.30 -24.54
N VAL A 512 -28.28 -20.36 -23.67
CA VAL A 512 -27.40 -19.93 -22.60
C VAL A 512 -27.99 -20.38 -21.27
N LEU A 513 -27.14 -20.92 -20.40
CA LEU A 513 -27.53 -21.31 -19.06
C LEU A 513 -26.94 -20.33 -18.06
N SER A 514 -27.79 -19.84 -17.16
CA SER A 514 -27.36 -18.99 -16.07
C SER A 514 -27.67 -19.67 -14.76
N PHE A 515 -26.72 -19.63 -13.83
CA PHE A 515 -26.87 -20.30 -12.56
C PHE A 515 -26.92 -19.27 -11.45
N GLU A 516 -27.39 -19.70 -10.28
CA GLU A 516 -27.34 -18.88 -9.09
C GLU A 516 -27.08 -19.77 -7.90
N LEU A 517 -25.91 -19.60 -7.29
CA LEU A 517 -25.48 -20.41 -6.15
C LEU A 517 -25.77 -19.62 -4.88
N LEU A 518 -26.99 -19.76 -4.39
CA LEU A 518 -27.53 -18.95 -3.31
C LEU A 518 -27.75 -19.76 -2.04
N HIS A 519 -28.43 -19.13 -1.09
CA HIS A 519 -28.60 -19.66 0.25
C HIS A 519 -29.67 -20.75 0.30
N ALA A 520 -30.72 -20.61 -0.50
CA ALA A 520 -31.81 -21.56 -0.47
C ALA A 520 -31.30 -22.92 -0.90
N PRO A 521 -32.00 -23.99 -0.53
CA PRO A 521 -31.57 -25.32 -0.96
C PRO A 521 -31.55 -25.41 -2.48
N ALA A 522 -30.54 -26.11 -2.99
CA ALA A 522 -30.43 -26.31 -4.43
C ALA A 522 -31.58 -27.16 -4.93
N THR A 523 -31.97 -26.92 -6.17
CA THR A 523 -33.02 -27.72 -6.77
C THR A 523 -32.46 -28.87 -7.61
N VAL A 524 -31.23 -28.74 -8.09
CA VAL A 524 -30.58 -29.76 -8.88
C VAL A 524 -29.19 -29.97 -8.32
N CYS A 525 -28.74 -31.23 -8.28
CA CYS A 525 -27.35 -31.52 -7.97
C CYS A 525 -26.89 -32.70 -8.80
N GLY A 526 -25.62 -32.68 -9.15
CA GLY A 526 -25.06 -33.65 -10.05
C GLY A 526 -24.97 -35.02 -9.41
N PRO A 527 -24.73 -36.02 -10.23
CA PRO A 527 -24.71 -37.42 -9.77
C PRO A 527 -23.46 -37.78 -8.99
N LYS A 528 -23.53 -37.56 -7.68
CA LYS A 528 -22.50 -38.04 -6.75
C LYS A 528 -23.21 -38.59 -5.54
N LYS A 529 -23.29 -39.92 -5.44
CA LYS A 529 -24.07 -40.52 -4.38
C LYS A 529 -23.50 -40.16 -3.01
N SER A 530 -24.39 -39.85 -2.08
CA SER A 530 -23.96 -39.42 -0.77
C SER A 530 -23.49 -40.62 0.05
N THR A 531 -23.07 -40.36 1.28
CA THR A 531 -22.75 -41.43 2.21
C THR A 531 -23.37 -41.18 3.57
N ASN A 532 -23.00 -41.99 4.55
CA ASN A 532 -23.59 -41.86 5.86
C ASN A 532 -22.93 -40.73 6.64
N LEU A 533 -23.59 -40.33 7.71
CA LEU A 533 -22.99 -39.42 8.67
C LEU A 533 -21.79 -40.08 9.35
N VAL A 534 -20.83 -39.26 9.72
CA VAL A 534 -19.68 -39.68 10.51
C VAL A 534 -19.48 -38.64 11.60
N LYS A 535 -19.10 -39.10 12.79
CA LYS A 535 -18.92 -38.20 13.91
C LYS A 535 -17.46 -38.19 14.34
N ASN A 536 -17.02 -37.03 14.82
CA ASN A 536 -15.86 -36.91 15.68
C ASN A 536 -14.56 -37.23 14.95
N LYS A 537 -14.52 -37.06 13.64
CA LYS A 537 -13.32 -37.37 12.88
C LYS A 537 -13.01 -36.25 11.91
N CYS A 538 -11.74 -35.85 11.86
CA CYS A 538 -11.33 -34.86 10.88
C CYS A 538 -11.50 -35.51 9.52
N VAL A 539 -12.54 -35.05 8.80
CA VAL A 539 -12.93 -35.65 7.53
C VAL A 539 -13.18 -34.52 6.54
N ASN A 540 -13.23 -34.89 5.27
CA ASN A 540 -13.62 -33.98 4.21
C ASN A 540 -15.10 -34.15 3.93
N PHE A 541 -15.84 -33.06 3.93
CA PHE A 541 -17.27 -33.12 3.75
C PHE A 541 -17.71 -32.23 2.61
N ASN A 542 -18.92 -32.49 2.12
CA ASN A 542 -19.53 -31.64 1.11
C ASN A 542 -21.04 -31.82 1.21
N PHE A 543 -21.73 -30.81 1.73
CA PHE A 543 -23.14 -30.91 2.05
C PHE A 543 -23.95 -30.07 1.06
N ASN A 544 -24.85 -30.72 0.34
CA ASN A 544 -25.73 -30.05 -0.61
C ASN A 544 -24.97 -29.06 -1.47
N GLY A 545 -23.73 -29.39 -1.78
CA GLY A 545 -22.86 -28.52 -2.52
C GLY A 545 -21.89 -27.72 -1.68
N LEU A 546 -22.23 -27.45 -0.41
CA LEU A 546 -21.32 -26.70 0.45
C LEU A 546 -20.13 -27.58 0.83
N THR A 547 -18.93 -27.04 0.63
CA THR A 547 -17.71 -27.82 0.74
C THR A 547 -16.84 -27.32 1.88
N GLY A 548 -16.15 -28.25 2.54
CA GLY A 548 -15.26 -27.92 3.62
C GLY A 548 -14.78 -29.17 4.32
N THR A 549 -13.87 -28.97 5.28
CA THR A 549 -13.26 -30.07 6.01
C THR A 549 -13.25 -29.77 7.49
N GLY A 550 -13.34 -30.83 8.29
CA GLY A 550 -13.35 -30.66 9.74
C GLY A 550 -13.86 -31.92 10.42
N VAL A 551 -14.41 -31.73 11.61
CA VAL A 551 -15.02 -32.80 12.39
C VAL A 551 -16.51 -32.52 12.49
N LEU A 552 -17.31 -33.55 12.28
CA LEU A 552 -18.75 -33.43 12.35
C LEU A 552 -19.23 -33.86 13.71
N THR A 553 -19.99 -32.99 14.37
CA THR A 553 -20.58 -33.30 15.66
C THR A 553 -22.03 -32.91 15.65
N GLU A 554 -22.84 -33.70 16.34
CA GLU A 554 -24.16 -33.24 16.69
C GLU A 554 -24.04 -32.02 17.59
N SER A 555 -25.01 -31.13 17.49
CA SER A 555 -25.03 -29.96 18.36
C SER A 555 -26.37 -29.87 19.05
N ASN A 556 -26.38 -29.10 20.14
CA ASN A 556 -27.60 -28.78 20.85
C ASN A 556 -28.21 -27.49 20.32
N LYS A 557 -27.76 -27.03 19.15
CA LYS A 557 -28.21 -25.76 18.62
C LYS A 557 -29.70 -25.79 18.33
N LYS A 558 -30.43 -24.85 18.93
CA LYS A 558 -31.87 -24.68 18.68
C LYS A 558 -32.04 -23.86 17.41
N PHE A 559 -31.89 -24.51 16.26
CA PHE A 559 -32.32 -23.82 15.07
C PHE A 559 -33.81 -23.53 15.11
N LEU A 560 -34.22 -22.74 14.24
CA LEU A 560 -35.64 -22.60 14.08
C LEU A 560 -36.11 -23.44 12.90
N PRO A 561 -37.37 -23.89 12.90
CA PRO A 561 -37.77 -24.97 11.98
C PRO A 561 -37.49 -24.67 10.53
N PHE A 562 -37.38 -23.40 10.19
CA PHE A 562 -37.03 -23.04 8.83
C PHE A 562 -35.53 -22.93 8.63
N GLN A 563 -34.80 -22.56 9.67
CA GLN A 563 -33.40 -22.17 9.53
C GLN A 563 -32.59 -23.28 8.89
N GLN A 564 -32.04 -23.00 7.71
CA GLN A 564 -31.26 -24.00 7.00
C GLN A 564 -29.96 -24.34 7.72
N PHE A 565 -29.19 -23.32 8.10
CA PHE A 565 -27.94 -23.56 8.81
C PHE A 565 -27.40 -22.26 9.38
N GLY A 566 -26.34 -22.37 10.17
CA GLY A 566 -25.73 -21.23 10.80
C GLY A 566 -24.36 -20.89 10.26
N ARG A 567 -23.79 -19.82 10.80
CA ARG A 567 -22.45 -19.35 10.45
C ARG A 567 -21.78 -18.85 11.73
N ASP A 568 -20.55 -18.39 11.59
CA ASP A 568 -19.78 -17.91 12.72
C ASP A 568 -19.54 -16.41 12.59
N ILE A 569 -19.10 -15.81 13.69
CA ILE A 569 -18.83 -14.38 13.71
C ILE A 569 -17.75 -13.99 12.72
N ALA A 570 -16.97 -14.96 12.26
CA ALA A 570 -16.05 -14.74 11.17
C ALA A 570 -16.72 -14.88 9.82
N ASP A 571 -18.05 -14.86 9.78
CA ASP A 571 -18.83 -15.11 8.58
C ASP A 571 -18.48 -16.45 7.95
N THR A 572 -17.98 -17.38 8.77
CA THR A 572 -17.63 -18.71 8.32
C THR A 572 -18.62 -19.72 8.88
N THR A 573 -18.68 -20.87 8.22
CA THR A 573 -19.70 -21.86 8.55
C THR A 573 -19.52 -22.35 9.98
N ASP A 574 -20.63 -22.44 10.70
CA ASP A 574 -20.67 -22.95 12.06
C ASP A 574 -21.37 -24.30 12.15
N ALA A 575 -22.51 -24.45 11.49
CA ALA A 575 -23.26 -25.67 11.57
C ALA A 575 -24.04 -25.85 10.28
N VAL A 576 -24.25 -27.10 9.91
CA VAL A 576 -25.00 -27.44 8.72
C VAL A 576 -26.02 -28.49 9.11
N ARG A 577 -27.18 -28.47 8.44
CA ARG A 577 -28.18 -29.50 8.63
C ARG A 577 -28.10 -30.50 7.49
N ASP A 578 -28.12 -31.77 7.85
CA ASP A 578 -28.25 -32.82 6.86
C ASP A 578 -29.51 -32.57 6.05
N PRO A 579 -29.43 -32.56 4.73
CA PRO A 579 -30.68 -32.63 3.95
C PRO A 579 -31.50 -33.84 4.33
N GLN A 580 -30.85 -34.97 4.56
CA GLN A 580 -31.56 -36.21 4.78
C GLN A 580 -31.98 -36.40 6.22
N THR A 581 -31.67 -35.44 7.10
CA THR A 581 -32.03 -35.55 8.50
C THR A 581 -32.02 -34.15 9.10
N LEU A 582 -33.07 -33.81 9.84
CA LEU A 582 -33.09 -32.53 10.51
C LEU A 582 -32.09 -32.54 11.66
N GLU A 583 -30.81 -32.68 11.33
CA GLU A 583 -29.75 -32.82 12.31
C GLU A 583 -28.85 -31.61 12.25
N ILE A 584 -28.50 -31.08 13.40
CA ILE A 584 -27.71 -29.86 13.48
C ILE A 584 -26.27 -30.27 13.71
N LEU A 585 -25.47 -30.19 12.66
CA LEU A 585 -24.10 -30.66 12.69
C LEU A 585 -23.19 -29.47 12.92
N ASP A 586 -22.77 -29.28 14.17
CA ASP A 586 -21.78 -28.25 14.45
C ASP A 586 -20.47 -28.66 13.81
N ILE A 587 -19.86 -27.74 13.08
CA ILE A 587 -18.62 -28.00 12.37
C ILE A 587 -17.49 -27.33 13.12
N THR A 588 -16.38 -28.05 13.27
CA THR A 588 -15.21 -27.54 13.96
C THR A 588 -13.98 -27.91 13.15
N PRO A 589 -13.07 -26.97 12.90
CA PRO A 589 -11.83 -27.33 12.22
C PRO A 589 -11.14 -28.41 13.03
N CYS A 590 -10.68 -29.44 12.34
CA CYS A 590 -10.03 -30.53 13.05
C CYS A 590 -8.71 -30.06 13.60
N SER A 591 -8.41 -30.49 14.83
CA SER A 591 -7.45 -29.80 15.64
C SER A 591 -6.10 -29.71 14.95
N PHE A 592 -5.44 -28.58 15.16
CA PHE A 592 -4.09 -28.37 14.66
C PHE A 592 -3.31 -27.60 15.70
N GLY A 593 -2.02 -27.85 15.76
CA GLY A 593 -1.19 -27.24 16.78
C GLY A 593 0.16 -26.82 16.22
N GLY A 594 0.72 -25.81 16.85
CA GLY A 594 2.08 -25.43 16.53
C GLY A 594 3.05 -26.44 17.12
N VAL A 595 4.11 -26.70 16.37
CA VAL A 595 5.14 -27.65 16.77
C VAL A 595 6.37 -26.87 17.18
N SER A 596 6.88 -27.15 18.37
CA SER A 596 8.05 -26.47 18.88
C SER A 596 9.01 -27.49 19.46
N VAL A 597 10.29 -27.32 19.19
CA VAL A 597 11.30 -28.28 19.60
C VAL A 597 12.00 -27.76 20.84
N ILE A 598 12.02 -28.55 21.87
CA ILE A 598 12.87 -28.31 23.01
C ILE A 598 14.19 -28.98 22.77
N THR A 599 15.30 -28.29 23.02
CA THR A 599 16.56 -28.99 22.97
C THR A 599 17.60 -28.33 23.85
N PRO A 600 18.43 -29.13 24.51
CA PRO A 600 19.70 -28.61 25.01
C PRO A 600 20.61 -28.37 23.82
N GLY A 601 21.79 -27.84 24.11
CA GLY A 601 22.71 -27.52 23.03
C GLY A 601 23.10 -28.76 22.25
N THR A 602 23.22 -28.60 20.92
CA THR A 602 23.77 -29.68 20.12
C THR A 602 25.13 -30.12 20.64
N ASN A 603 25.89 -29.19 21.18
CA ASN A 603 27.15 -29.54 21.82
C ASN A 603 26.96 -30.56 22.92
N THR A 604 25.78 -30.59 23.54
CA THR A 604 25.54 -31.53 24.63
C THR A 604 25.08 -32.88 24.12
N SER A 605 23.99 -32.91 23.37
CA SER A 605 23.40 -34.17 22.96
C SER A 605 22.52 -33.96 21.74
N ASN A 606 21.91 -35.04 21.29
CA ASN A 606 20.90 -35.00 20.25
C ASN A 606 19.55 -35.40 20.77
N GLU A 607 19.46 -35.87 22.00
CA GLU A 607 18.17 -36.24 22.54
C GLU A 607 17.35 -34.98 22.77
N VAL A 608 16.14 -34.95 22.24
CA VAL A 608 15.30 -33.77 22.28
C VAL A 608 13.91 -34.15 22.75
N ALA A 609 13.04 -33.16 22.83
CA ALA A 609 11.67 -33.39 23.25
C ALA A 609 10.80 -32.36 22.54
N VAL A 610 9.66 -32.81 22.07
CA VAL A 610 8.80 -32.03 21.18
C VAL A 610 7.61 -31.52 21.95
N LEU A 611 7.20 -30.29 21.66
CA LEU A 611 5.98 -29.72 22.20
C LEU A 611 4.99 -29.49 21.08
N TYR A 612 3.79 -30.03 21.23
CA TYR A 612 2.68 -29.69 20.37
C TYR A 612 1.84 -28.66 21.10
N GLN A 613 1.71 -27.48 20.51
CA GLN A 613 1.05 -26.38 21.20
C GLN A 613 -0.44 -26.61 21.27
N ASP A 614 -0.99 -26.49 22.47
CA ASP A 614 -2.44 -26.41 22.68
C ASP A 614 -3.17 -27.60 22.05
N VAL A 615 -2.86 -28.80 22.56
CA VAL A 615 -3.52 -30.01 22.11
C VAL A 615 -3.72 -30.94 23.29
N ASN A 616 -4.94 -31.45 23.45
CA ASN A 616 -5.17 -32.50 24.42
C ASN A 616 -4.26 -33.67 24.11
N CYS A 617 -3.66 -34.26 25.13
CA CYS A 617 -2.64 -35.27 24.87
C CYS A 617 -3.27 -36.60 24.49
N THR A 618 -4.18 -36.57 23.53
CA THR A 618 -4.78 -37.77 22.99
C THR A 618 -4.84 -37.66 21.49
N GLU A 619 -4.84 -36.44 21.01
CA GLU A 619 -4.96 -36.16 19.59
C GLU A 619 -3.71 -36.43 18.82
N VAL A 620 -2.69 -37.09 19.35
CA VAL A 620 -1.49 -37.34 18.57
C VAL A 620 -1.45 -38.79 18.10
N ASN A 641 6.85 -40.17 30.18
CA ASN A 641 7.17 -40.22 28.76
C ASN A 641 6.39 -39.16 28.00
N VAL A 642 5.09 -39.08 28.26
CA VAL A 642 4.20 -38.12 27.62
C VAL A 642 3.57 -37.30 28.73
N PHE A 643 3.91 -36.02 28.79
CA PHE A 643 3.42 -35.14 29.83
C PHE A 643 2.44 -34.14 29.27
N GLN A 644 1.46 -33.77 30.06
CA GLN A 644 0.42 -32.85 29.64
C GLN A 644 0.52 -31.57 30.46
N THR A 645 0.59 -30.44 29.78
CA THR A 645 0.67 -29.14 30.44
C THR A 645 -0.53 -28.28 30.09
N ARG A 646 -0.70 -27.21 30.86
CA ARG A 646 -1.58 -26.14 30.41
C ARG A 646 -1.05 -25.51 29.13
N ALA A 647 0.25 -25.59 28.92
CA ALA A 647 0.84 -25.01 27.73
C ALA A 647 0.61 -25.88 26.51
N GLY A 648 0.56 -27.20 26.68
CA GLY A 648 0.34 -28.08 25.56
C GLY A 648 0.75 -29.49 25.89
N CYS A 649 0.85 -30.30 24.84
CA CYS A 649 1.20 -31.70 24.96
C CYS A 649 2.68 -31.86 24.72
N LEU A 650 3.40 -32.36 25.72
CA LEU A 650 4.84 -32.45 25.67
C LEU A 650 5.26 -33.90 25.53
N ILE A 651 6.18 -34.15 24.62
CA ILE A 651 6.67 -35.50 24.36
C ILE A 651 8.18 -35.50 24.49
N GLY A 652 8.70 -36.43 25.28
CA GLY A 652 10.13 -36.61 25.39
C GLY A 652 10.76 -36.18 26.70
N ALA A 653 9.97 -35.87 27.72
CA ALA A 653 10.56 -35.48 28.99
C ALA A 653 9.81 -36.15 30.12
N GLU A 654 10.50 -36.38 31.22
CA GLU A 654 9.90 -36.95 32.42
C GLU A 654 9.53 -35.84 33.38
N HIS A 655 8.32 -35.88 33.88
CA HIS A 655 7.94 -34.89 34.88
C HIS A 655 8.64 -35.18 36.20
N VAL A 656 8.96 -34.12 36.91
CA VAL A 656 9.69 -34.22 38.16
C VAL A 656 8.95 -33.43 39.23
N ASN A 657 8.76 -34.05 40.39
CA ASN A 657 8.16 -33.33 41.49
C ASN A 657 9.07 -32.23 42.02
N ASN A 658 10.38 -32.44 41.94
CA ASN A 658 11.32 -31.47 42.48
C ASN A 658 11.26 -30.17 41.68
N SER A 659 11.79 -29.11 42.28
CA SER A 659 11.81 -27.81 41.67
C SER A 659 13.25 -27.35 41.48
N TYR A 660 13.46 -26.55 40.44
CA TYR A 660 14.78 -26.03 40.13
C TYR A 660 14.61 -24.66 39.49
N GLU A 661 15.72 -24.01 39.16
CA GLU A 661 15.66 -22.78 38.40
C GLU A 661 15.24 -23.09 36.96
N CYS A 662 14.89 -22.05 36.23
CA CYS A 662 14.46 -22.21 34.85
C CYS A 662 15.65 -22.20 33.91
N ASP A 663 15.66 -23.13 32.96
CA ASP A 663 16.63 -23.14 31.89
C ASP A 663 15.99 -22.81 30.55
N ILE A 664 15.03 -23.61 30.12
CA ILE A 664 14.36 -23.41 28.85
C ILE A 664 12.88 -23.17 29.11
N PRO A 665 12.40 -21.95 28.92
CA PRO A 665 10.98 -21.69 29.18
C PRO A 665 10.10 -22.46 28.22
N ILE A 666 8.97 -22.91 28.72
CA ILE A 666 7.95 -23.50 27.87
C ILE A 666 6.69 -22.69 28.03
N GLY A 667 6.17 -22.64 29.24
CA GLY A 667 4.99 -21.86 29.51
C GLY A 667 4.38 -22.28 30.82
N ALA A 668 3.44 -21.45 31.28
CA ALA A 668 2.67 -21.74 32.48
C ALA A 668 3.57 -22.18 33.62
N GLY A 669 4.76 -21.62 33.69
CA GLY A 669 5.66 -21.96 34.76
C GLY A 669 6.38 -23.27 34.60
N ILE A 670 6.44 -23.82 33.41
CA ILE A 670 7.10 -25.09 33.18
C ILE A 670 8.35 -24.83 32.37
N CYS A 671 9.51 -25.07 32.98
CA CYS A 671 10.78 -25.00 32.28
C CYS A 671 11.41 -26.38 32.31
N ALA A 672 11.89 -26.82 31.16
CA ALA A 672 12.52 -28.13 31.05
C ALA A 672 14.03 -27.97 30.87
N SER A 673 14.77 -28.99 31.32
CA SER A 673 16.21 -28.94 31.21
C SER A 673 16.76 -30.35 31.10
N TYR A 674 18.08 -30.42 30.90
CA TYR A 674 18.82 -31.66 30.70
C TYR A 674 19.57 -32.03 31.96
N GLN A 675 19.73 -33.31 32.18
CA GLN A 675 20.37 -33.83 33.38
C GLN A 675 20.60 -35.32 33.20
N THR A 676 20.90 -36.00 34.31
CA THR A 676 21.06 -37.45 34.33
C THR A 676 19.80 -38.14 34.82
N GLN A 690 20.97 -40.71 31.43
CA GLN A 690 20.53 -39.32 31.34
C GLN A 690 19.26 -39.17 30.53
N SER A 691 18.61 -38.02 30.67
CA SER A 691 17.38 -37.71 29.95
C SER A 691 17.08 -36.23 30.17
N ILE A 692 15.92 -35.80 29.69
CA ILE A 692 15.46 -34.43 29.83
C ILE A 692 14.26 -34.42 30.76
N ILE A 693 14.26 -33.49 31.69
CA ILE A 693 13.17 -33.40 32.66
C ILE A 693 12.49 -32.07 32.51
N ALA A 694 11.19 -32.05 32.79
CA ALA A 694 10.39 -30.84 32.78
C ALA A 694 9.70 -30.71 34.13
N TYR A 695 9.65 -29.49 34.64
CA TYR A 695 9.26 -29.29 36.03
C TYR A 695 8.56 -27.95 36.18
N THR A 696 8.01 -27.74 37.36
CA THR A 696 7.46 -26.44 37.74
C THR A 696 8.60 -25.59 38.27
N MET A 697 8.83 -24.45 37.64
CA MET A 697 10.00 -23.66 37.96
C MET A 697 9.94 -23.21 39.42
N SER A 698 11.11 -22.93 39.95
CA SER A 698 11.24 -22.36 41.29
C SER A 698 11.60 -20.89 41.17
N LEU A 699 11.01 -20.08 42.01
CA LEU A 699 11.18 -18.64 41.94
C LEU A 699 12.31 -18.13 42.81
N GLY A 700 13.03 -19.01 43.48
CA GLY A 700 14.09 -18.57 44.36
C GLY A 700 13.98 -19.28 45.69
N ALA A 701 15.06 -19.30 46.44
CA ALA A 701 15.09 -20.05 47.68
C ALA A 701 14.10 -19.45 48.67
N GLU A 702 13.41 -20.32 49.41
CA GLU A 702 12.70 -19.89 50.59
C GLU A 702 13.64 -19.22 51.58
N ASN A 703 13.15 -18.13 52.19
CA ASN A 703 13.93 -17.46 53.24
C ASN A 703 13.00 -16.63 54.14
N SER A 704 12.66 -17.20 55.29
CA SER A 704 11.97 -16.44 56.32
C SER A 704 12.92 -15.42 56.90
N VAL A 705 12.36 -14.30 57.38
CA VAL A 705 13.13 -13.23 57.98
C VAL A 705 12.80 -13.15 59.46
N ALA A 706 13.83 -13.13 60.30
CA ALA A 706 13.63 -13.12 61.74
C ALA A 706 13.24 -11.71 62.21
N TYR A 707 12.07 -11.27 61.78
CA TYR A 707 11.56 -10.00 62.24
C TYR A 707 11.02 -10.13 63.65
N SER A 708 11.06 -9.03 64.38
CA SER A 708 10.39 -8.93 65.65
C SER A 708 10.09 -7.46 65.90
N ASN A 709 9.69 -7.13 67.12
CA ASN A 709 9.37 -5.75 67.42
C ASN A 709 10.52 -5.03 68.12
N ASN A 710 11.62 -5.71 68.39
CA ASN A 710 12.72 -5.03 69.04
C ASN A 710 14.08 -5.51 68.58
N SER A 711 14.17 -6.12 67.39
CA SER A 711 15.37 -6.80 66.97
C SER A 711 15.88 -6.17 65.68
N ILE A 712 17.18 -5.93 65.62
CA ILE A 712 17.77 -5.26 64.47
C ILE A 712 19.01 -6.02 64.02
N ALA A 713 19.33 -5.86 62.75
CA ALA A 713 20.54 -6.41 62.17
C ALA A 713 21.39 -5.27 61.64
N ILE A 714 22.71 -5.44 61.71
CA ILE A 714 23.60 -4.37 61.30
C ILE A 714 24.85 -4.95 60.67
N PRO A 715 25.30 -4.44 59.53
CA PRO A 715 26.48 -4.99 58.88
C PRO A 715 27.73 -4.73 59.72
N THR A 716 28.76 -5.53 59.45
CA THR A 716 30.05 -5.31 60.08
C THR A 716 31.22 -5.32 59.12
N ASN A 717 31.18 -6.11 58.06
CA ASN A 717 32.21 -6.08 57.04
C ASN A 717 31.48 -5.73 55.77
N PHE A 718 32.22 -5.46 54.70
CA PHE A 718 31.58 -4.91 53.51
C PHE A 718 32.41 -5.24 52.30
N THR A 719 31.77 -5.65 51.22
CA THR A 719 32.47 -5.98 49.99
C THR A 719 32.23 -4.92 48.95
N ILE A 720 33.05 -4.95 47.92
CA ILE A 720 32.94 -4.02 46.81
C ILE A 720 32.72 -4.85 45.55
N SER A 721 31.47 -5.08 45.20
CA SER A 721 31.21 -5.78 43.96
C SER A 721 31.46 -4.85 42.78
N VAL A 722 31.70 -5.44 41.63
CA VAL A 722 31.85 -4.67 40.40
C VAL A 722 31.06 -5.38 39.31
N THR A 723 29.86 -4.90 39.04
CA THR A 723 29.04 -5.52 38.02
C THR A 723 29.19 -4.79 36.71
N THR A 724 28.62 -5.37 35.67
CA THR A 724 28.77 -4.88 34.32
C THR A 724 27.41 -4.74 33.68
N GLU A 725 27.17 -3.60 33.04
CA GLU A 725 25.93 -3.37 32.32
C GLU A 725 26.28 -2.96 30.90
N ILE A 726 25.66 -3.60 29.92
CA ILE A 726 25.96 -3.40 28.50
C ILE A 726 24.75 -2.80 27.83
N LEU A 727 24.96 -1.72 27.07
CA LEU A 727 23.86 -1.06 26.43
C LEU A 727 24.19 -0.78 24.96
N PRO A 728 23.30 -1.11 24.04
CA PRO A 728 23.54 -0.77 22.65
C PRO A 728 23.42 0.72 22.44
N VAL A 729 24.11 1.21 21.42
CA VAL A 729 24.09 2.65 21.16
C VAL A 729 23.73 2.97 19.72
N SER A 730 24.27 2.24 18.77
CA SER A 730 24.08 2.62 17.37
C SER A 730 23.83 1.41 16.49
N MET A 731 23.09 1.64 15.42
CA MET A 731 23.02 0.68 14.32
C MET A 731 24.21 0.85 13.41
N THR A 732 24.11 0.26 12.22
CA THR A 732 25.00 0.59 11.13
C THR A 732 24.28 1.56 10.22
N LYS A 733 24.95 2.64 9.85
CA LYS A 733 24.29 3.64 9.03
C LYS A 733 24.07 3.09 7.63
N THR A 734 23.21 2.10 7.50
CA THR A 734 22.94 1.55 6.19
C THR A 734 22.14 2.52 5.35
N SER A 735 22.21 2.34 4.04
CA SER A 735 21.45 3.18 3.14
C SER A 735 21.32 2.47 1.81
N VAL A 736 20.14 2.54 1.23
CA VAL A 736 19.86 1.88 -0.04
C VAL A 736 19.23 2.88 -0.98
N ASP A 737 19.44 2.66 -2.26
CA ASP A 737 18.80 3.46 -3.30
C ASP A 737 17.67 2.65 -3.90
N CYS A 738 16.45 3.18 -3.80
CA CYS A 738 15.31 2.58 -4.47
C CYS A 738 15.58 2.23 -5.91
N THR A 739 15.74 3.24 -6.75
CA THR A 739 15.86 3.00 -8.18
C THR A 739 16.97 2.02 -8.47
N MET A 740 18.07 2.12 -7.74
CA MET A 740 19.13 1.13 -7.87
C MET A 740 18.64 -0.25 -7.49
N TYR A 741 17.84 -0.33 -6.42
CA TYR A 741 17.42 -1.62 -5.90
C TYR A 741 16.36 -2.25 -6.78
N ILE A 742 15.23 -1.55 -6.95
CA ILE A 742 14.10 -2.14 -7.65
C ILE A 742 14.42 -2.32 -9.13
N CYS A 743 14.95 -1.28 -9.77
CA CYS A 743 15.10 -1.30 -11.21
C CYS A 743 16.57 -1.21 -11.59
N GLY A 744 17.40 -2.07 -11.02
CA GLY A 744 18.82 -1.99 -11.28
C GLY A 744 19.19 -2.02 -12.75
N ASP A 745 19.60 -0.88 -13.28
CA ASP A 745 20.17 -0.76 -14.61
C ASP A 745 19.21 -1.26 -15.68
N SER A 746 18.07 -0.57 -15.78
CA SER A 746 17.13 -0.83 -16.86
C SER A 746 16.22 0.38 -17.03
N THR A 747 16.41 1.11 -18.12
CA THR A 747 15.65 2.34 -18.32
C THR A 747 14.16 2.08 -18.34
N GLU A 748 13.74 1.02 -19.04
CA GLU A 748 12.32 0.73 -19.12
C GLU A 748 11.71 0.54 -17.74
N CYS A 749 12.46 -0.07 -16.81
CA CYS A 749 11.95 -0.21 -15.46
C CYS A 749 11.82 1.14 -14.78
N SER A 750 12.87 1.96 -14.85
CA SER A 750 12.85 3.24 -14.17
C SER A 750 11.68 4.10 -14.62
N ASN A 751 11.26 3.96 -15.87
CA ASN A 751 10.12 4.72 -16.35
C ASN A 751 8.90 4.43 -15.49
N LEU A 752 8.59 3.15 -15.32
CA LEU A 752 7.41 2.79 -14.54
C LEU A 752 7.55 3.22 -13.09
N LEU A 753 8.75 3.07 -12.53
CA LEU A 753 8.97 3.61 -11.20
C LEU A 753 8.74 5.10 -11.16
N LEU A 754 9.25 5.83 -12.15
CA LEU A 754 8.99 7.26 -12.24
C LEU A 754 7.51 7.51 -12.27
N GLN A 755 6.74 6.53 -12.72
CA GLN A 755 5.31 6.68 -12.82
C GLN A 755 4.62 6.52 -11.48
N TYR A 756 5.30 5.93 -10.49
CA TYR A 756 4.71 5.66 -9.18
C TYR A 756 4.89 6.79 -8.18
N GLY A 757 5.18 8.00 -8.64
CA GLY A 757 5.23 9.04 -7.64
C GLY A 757 6.43 8.95 -6.71
N SER A 758 6.24 9.46 -5.51
CA SER A 758 7.35 9.75 -4.61
C SER A 758 7.53 8.71 -3.52
N PHE A 759 7.12 7.46 -3.72
CA PHE A 759 7.44 6.45 -2.73
C PHE A 759 8.91 6.50 -2.38
N CYS A 760 9.77 6.18 -3.32
CA CYS A 760 11.18 6.06 -2.98
C CYS A 760 11.95 7.31 -3.31
N THR A 761 11.34 8.47 -3.10
CA THR A 761 12.12 9.63 -2.76
C THR A 761 12.24 9.76 -1.25
N GLN A 762 11.15 9.50 -0.54
CA GLN A 762 11.21 9.62 0.91
C GLN A 762 11.91 8.44 1.55
N LEU A 763 11.84 7.27 0.94
CA LEU A 763 12.54 6.12 1.52
C LEU A 763 14.01 6.40 1.64
N ASN A 764 14.61 6.94 0.60
CA ASN A 764 15.99 7.40 0.73
C ASN A 764 16.11 8.44 1.81
N ARG A 765 15.11 9.31 1.93
CA ARG A 765 15.14 10.30 3.00
C ARG A 765 14.92 9.64 4.35
N ALA A 766 13.89 8.80 4.46
CA ALA A 766 13.57 8.21 5.75
C ALA A 766 14.75 7.41 6.27
N LEU A 767 15.35 6.58 5.43
CA LEU A 767 16.53 5.86 5.86
C LEU A 767 17.64 6.82 6.24
N THR A 768 17.86 7.85 5.44
CA THR A 768 18.80 8.88 5.85
C THR A 768 18.36 9.49 7.17
N GLY A 769 17.06 9.76 7.30
CA GLY A 769 16.55 10.26 8.56
C GLY A 769 16.91 9.35 9.72
N ILE A 770 17.14 8.08 9.44
CA ILE A 770 17.69 7.19 10.45
C ILE A 770 19.18 7.47 10.55
N ALA A 771 19.91 7.12 9.50
CA ALA A 771 21.36 7.02 9.63
C ALA A 771 21.99 8.32 10.10
N VAL A 772 21.36 9.46 9.87
CA VAL A 772 21.89 10.69 10.45
C VAL A 772 21.81 10.64 11.95
N GLU A 773 20.76 10.00 12.49
CA GLU A 773 20.52 10.09 13.91
C GLU A 773 21.65 9.47 14.69
N GLN A 774 22.18 8.34 14.21
CA GLN A 774 23.17 7.62 14.99
C GLN A 774 24.29 8.53 15.43
N ASP A 775 24.74 9.40 14.54
CA ASP A 775 25.84 10.27 14.92
C ASP A 775 25.49 11.23 16.03
N LYS A 776 24.22 11.46 16.34
CA LYS A 776 24.03 12.17 17.59
C LYS A 776 23.87 11.21 18.73
N ASN A 777 23.36 10.00 18.47
CA ASN A 777 23.29 9.01 19.53
C ASN A 777 24.66 8.78 20.12
N THR A 778 25.64 8.49 19.28
CA THR A 778 27.00 8.39 19.78
C THR A 778 27.43 9.68 20.42
N GLN A 779 27.06 10.81 19.82
CA GLN A 779 27.44 12.09 20.39
C GLN A 779 26.86 12.26 21.78
N GLU A 780 25.61 11.85 21.97
CA GLU A 780 24.95 12.13 23.24
C GLU A 780 25.40 11.23 24.35
N VAL A 781 26.09 10.14 24.04
CA VAL A 781 26.57 9.29 25.11
C VAL A 781 27.96 9.72 25.55
N PHE A 782 28.87 9.89 24.60
CA PHE A 782 30.25 10.14 24.98
C PHE A 782 30.56 11.62 25.04
N ALA A 783 30.19 12.38 24.02
CA ALA A 783 30.59 13.78 24.00
C ALA A 783 29.83 14.58 25.05
N GLN A 784 30.06 14.25 26.32
CA GLN A 784 29.53 15.03 27.42
C GLN A 784 30.64 15.65 28.25
N VAL A 785 31.84 15.75 27.70
CA VAL A 785 32.95 16.38 28.40
C VAL A 785 33.45 17.54 27.56
N LYS A 786 33.62 18.68 28.21
CA LYS A 786 34.09 19.86 27.50
C LYS A 786 35.50 19.65 26.96
N GLN A 787 36.45 19.44 27.85
CA GLN A 787 37.82 19.29 27.45
C GLN A 787 38.16 17.82 27.32
N ILE A 788 39.45 17.53 27.15
CA ILE A 788 39.97 16.18 27.12
C ILE A 788 41.02 16.07 28.20
N TYR A 789 40.87 15.08 29.07
CA TYR A 789 41.78 14.96 30.19
C TYR A 789 42.78 13.85 29.98
N LYS A 790 43.81 13.86 30.81
CA LYS A 790 44.85 12.86 30.75
C LYS A 790 45.22 12.48 32.17
N THR A 791 45.32 11.19 32.43
CA THR A 791 45.78 10.76 33.72
C THR A 791 47.21 11.23 33.92
N PRO A 792 47.60 11.67 35.11
CA PRO A 792 48.97 12.03 35.34
C PRO A 792 49.87 10.80 35.20
N PRO A 793 51.13 11.01 34.84
CA PRO A 793 52.00 9.84 34.58
C PRO A 793 52.12 8.93 35.77
N ILE A 794 52.15 9.48 36.98
CA ILE A 794 52.36 8.68 38.19
C ILE A 794 51.02 8.09 38.59
N LYS A 795 50.82 6.81 38.32
CA LYS A 795 49.58 6.15 38.71
C LYS A 795 49.58 5.91 40.21
N ASP A 796 49.62 6.99 40.99
CA ASP A 796 49.66 6.91 42.44
C ASP A 796 48.26 7.16 43.02
N PHE A 797 47.38 6.19 42.79
CA PHE A 797 45.98 6.35 43.16
C PHE A 797 45.70 5.63 44.47
N GLY A 798 46.34 6.12 45.52
CA GLY A 798 46.07 5.68 46.87
C GLY A 798 46.01 4.18 47.08
N GLY A 799 46.54 3.43 46.12
CA GLY A 799 46.59 1.99 46.25
C GLY A 799 45.76 1.22 45.26
N PHE A 800 45.02 1.88 44.37
CA PHE A 800 44.24 1.12 43.41
C PHE A 800 45.06 0.91 42.14
N ASN A 801 44.70 -0.12 41.39
CA ASN A 801 45.44 -0.48 40.17
C ASN A 801 44.45 -0.45 39.02
N PHE A 802 44.34 0.69 38.36
CA PHE A 802 43.43 0.88 37.23
C PHE A 802 44.04 0.47 35.90
N SER A 803 45.21 -0.15 35.91
CA SER A 803 45.96 -0.32 34.68
C SER A 803 45.17 -1.09 33.64
N GLN A 804 44.17 -1.84 34.08
CA GLN A 804 43.41 -2.64 33.14
C GLN A 804 42.30 -1.87 32.45
N ILE A 805 42.00 -0.65 32.90
CA ILE A 805 41.00 0.15 32.23
C ILE A 805 41.53 1.46 31.71
N LEU A 806 42.68 1.89 32.13
CA LEU A 806 43.24 3.07 31.50
C LEU A 806 43.87 2.68 30.16
N PRO A 807 43.98 3.60 29.22
CA PRO A 807 44.49 3.24 27.91
C PRO A 807 45.92 2.76 27.98
N ASP A 808 46.26 1.88 27.03
CA ASP A 808 47.59 1.33 26.92
C ASP A 808 48.31 1.96 25.75
N PRO A 809 49.39 2.72 25.99
CA PRO A 809 50.09 3.36 24.87
C PRO A 809 50.68 2.40 23.87
N SER A 810 50.87 1.13 24.26
CA SER A 810 51.54 0.17 23.40
C SER A 810 50.72 -0.24 22.18
N LYS A 811 49.46 0.17 22.09
CA LYS A 811 48.61 -0.30 21.00
C LYS A 811 48.38 0.78 19.95
N SER A 813 45.74 0.31 18.48
CA SER A 813 45.02 1.56 18.66
C SER A 813 44.99 1.95 20.12
N LYS A 814 44.96 3.26 20.40
CA LYS A 814 45.11 3.72 21.76
C LYS A 814 43.88 3.34 22.57
N ARG A 815 43.66 2.04 22.75
CA ARG A 815 42.53 1.53 23.51
C ARG A 815 43.03 0.84 24.75
N SER A 816 42.21 0.84 25.79
CA SER A 816 42.60 0.23 27.04
C SER A 816 42.41 -1.27 26.99
N PHE A 817 42.83 -1.93 28.06
CA PHE A 817 42.93 -3.38 28.06
C PHE A 817 41.57 -4.02 27.87
N ILE A 818 40.66 -3.80 28.81
CA ILE A 818 39.37 -4.48 28.76
C ILE A 818 38.63 -4.15 27.48
N GLU A 819 38.86 -2.97 26.93
CA GLU A 819 38.25 -2.66 25.64
C GLU A 819 38.64 -3.69 24.60
N ASP A 820 39.90 -4.12 24.60
CA ASP A 820 40.34 -5.08 23.59
C ASP A 820 39.55 -6.36 23.65
N LEU A 821 39.35 -6.89 24.86
CA LEU A 821 38.53 -8.09 24.99
C LEU A 821 37.17 -7.86 24.36
N LEU A 822 36.60 -6.68 24.59
CA LEU A 822 35.29 -6.39 24.03
C LEU A 822 35.35 -6.38 22.51
N PHE A 823 36.38 -5.78 21.92
CA PHE A 823 36.43 -5.71 20.48
C PHE A 823 36.51 -7.08 19.85
N ASN A 824 37.33 -7.97 20.40
CA ASN A 824 37.42 -9.30 19.84
C ASN A 824 36.28 -10.20 20.26
N LYS A 825 35.46 -9.77 21.22
CA LYS A 825 34.30 -10.56 21.61
C LYS A 825 33.12 -10.41 20.66
N VAL A 826 33.19 -9.50 19.70
CA VAL A 826 32.08 -9.25 18.79
C VAL A 826 32.54 -9.52 17.36
N THR A 827 31.74 -10.27 16.62
CA THR A 827 32.06 -10.59 15.23
C THR A 827 31.47 -9.55 14.30
N PHE A 855 26.82 -3.98 -3.21
CA PHE A 855 26.36 -5.17 -3.92
C PHE A 855 25.23 -4.84 -4.89
N ASN A 856 24.15 -4.24 -4.38
CA ASN A 856 22.99 -3.93 -5.21
C ASN A 856 22.37 -2.60 -4.82
N GLY A 857 23.20 -1.59 -4.63
CA GLY A 857 22.70 -0.29 -4.22
C GLY A 857 22.55 -0.13 -2.73
N LEU A 858 22.80 -1.18 -1.96
CA LEU A 858 22.78 -1.08 -0.50
C LEU A 858 24.13 -0.55 -0.03
N THR A 859 24.19 0.77 0.10
CA THR A 859 25.40 1.38 0.62
C THR A 859 25.52 1.17 2.13
N VAL A 860 26.74 1.38 2.64
CA VAL A 860 26.99 1.28 4.07
C VAL A 860 27.83 2.48 4.49
N LEU A 861 27.20 3.47 5.07
CA LEU A 861 27.94 4.67 5.40
C LEU A 861 28.73 4.47 6.68
N PRO A 862 29.98 4.90 6.72
CA PRO A 862 30.78 4.73 7.92
C PRO A 862 30.27 5.65 9.02
N PRO A 863 30.40 5.25 10.28
CA PRO A 863 29.99 6.14 11.36
C PRO A 863 30.89 7.35 11.40
N LEU A 864 30.34 8.47 11.87
CA LEU A 864 31.12 9.69 11.88
C LEU A 864 32.32 9.55 12.80
N LEU A 865 32.12 9.01 13.98
CA LEU A 865 33.19 8.90 14.95
C LEU A 865 33.89 7.55 14.81
N THR A 866 35.21 7.59 14.84
CA THR A 866 36.00 6.38 14.75
C THR A 866 36.42 5.95 16.15
N ASP A 867 36.59 4.64 16.31
CA ASP A 867 36.86 4.11 17.64
C ASP A 867 38.07 4.77 18.26
N GLU A 868 39.13 4.92 17.48
CA GLU A 868 40.34 5.52 18.01
C GLU A 868 40.08 6.98 18.39
N MET A 869 38.87 7.48 18.14
CA MET A 869 38.42 8.68 18.83
C MET A 869 37.53 8.33 20.03
N ILE A 870 36.61 7.39 19.85
CA ILE A 870 35.75 7.02 20.96
C ILE A 870 36.59 6.55 22.13
N ALA A 871 37.63 5.80 21.85
CA ALA A 871 38.50 5.35 22.93
C ALA A 871 39.19 6.52 23.59
N GLN A 872 39.00 7.73 23.06
CA GLN A 872 39.53 8.88 23.78
C GLN A 872 38.50 9.46 24.73
N TYR A 873 37.29 9.73 24.25
CA TYR A 873 36.24 10.16 25.13
C TYR A 873 36.19 9.27 26.36
N THR A 874 35.99 7.98 26.13
CA THR A 874 35.99 7.06 27.25
C THR A 874 37.30 7.08 28.00
N SER A 875 38.40 7.39 27.34
CA SER A 875 39.61 7.61 28.12
C SER A 875 39.56 8.94 28.83
N ALA A 876 38.88 9.93 28.25
CA ALA A 876 38.79 11.22 28.90
C ALA A 876 37.97 11.13 30.18
N LEU A 877 36.70 10.71 30.04
CA LEU A 877 35.83 10.66 31.21
C LEU A 877 36.46 9.85 32.31
N LEU A 878 37.15 8.78 31.97
CA LEU A 878 37.81 7.99 32.98
C LEU A 878 38.84 8.81 33.71
N ALA A 879 39.61 9.61 32.99
CA ALA A 879 40.60 10.45 33.67
C ALA A 879 39.91 11.49 34.54
N GLY A 880 38.84 12.08 34.04
CA GLY A 880 38.12 13.05 34.85
C GLY A 880 37.53 12.42 36.10
N THR A 881 36.95 11.23 35.95
CA THR A 881 36.37 10.56 37.10
C THR A 881 37.42 10.24 38.14
N ILE A 882 38.63 9.89 37.71
CA ILE A 882 39.66 9.52 38.66
C ILE A 882 40.23 10.77 39.33
N THR A 883 40.80 11.66 38.54
CA THR A 883 41.48 12.80 39.14
C THR A 883 40.48 13.73 39.82
N SER A 884 39.42 14.11 39.11
CA SER A 884 38.64 15.28 39.48
C SER A 884 37.40 14.96 40.29
N GLY A 885 37.26 13.75 40.78
CA GLY A 885 36.03 13.41 41.48
C GLY A 885 34.86 13.49 40.53
N TRP A 886 33.77 14.09 40.99
CA TRP A 886 32.67 14.39 40.09
C TRP A 886 32.63 15.85 39.70
N THR A 887 33.46 16.69 40.30
CA THR A 887 33.33 18.12 40.09
C THR A 887 33.49 18.49 38.63
N PHE A 888 34.25 17.71 37.86
CA PHE A 888 34.39 18.04 36.46
C PHE A 888 33.08 17.88 35.71
N GLY A 889 32.09 17.23 36.30
CA GLY A 889 30.78 17.21 35.69
C GLY A 889 30.15 18.59 35.67
N ALA A 890 30.37 19.37 36.73
CA ALA A 890 29.70 20.67 36.85
C ALA A 890 30.44 21.74 36.07
N GLY A 891 31.65 22.08 36.50
CA GLY A 891 32.36 23.17 35.87
C GLY A 891 33.78 22.84 35.54
N ALA A 892 34.71 23.66 35.99
CA ALA A 892 36.11 23.38 35.76
C ALA A 892 36.51 22.16 36.56
N ALA A 893 37.31 21.30 35.94
CA ALA A 893 37.71 20.06 36.59
C ALA A 893 38.65 20.38 37.74
N LEU A 894 38.27 19.98 38.95
CA LEU A 894 39.05 20.24 40.14
C LEU A 894 39.62 18.94 40.65
N GLN A 895 40.94 18.89 40.83
CA GLN A 895 41.55 17.66 41.26
C GLN A 895 41.34 17.46 42.75
N ILE A 896 41.50 16.21 43.17
CA ILE A 896 41.36 15.80 44.56
C ILE A 896 41.97 14.42 44.71
N PRO A 897 42.77 14.18 45.75
CA PRO A 897 43.42 12.88 45.85
C PRO A 897 42.39 11.77 45.90
N PHE A 898 42.69 10.67 45.24
CA PHE A 898 41.68 9.64 45.06
C PHE A 898 41.16 9.10 46.36
N ALA A 899 41.99 9.03 47.38
CA ALA A 899 41.52 8.53 48.66
C ALA A 899 40.33 9.35 49.13
N MET A 900 40.48 10.67 49.15
CA MET A 900 39.40 11.51 49.64
C MET A 900 38.14 11.32 48.82
N GLN A 901 38.28 11.13 47.52
CA GLN A 901 37.09 11.06 46.69
C GLN A 901 36.20 9.90 47.12
N MET A 902 36.79 8.73 47.34
CA MET A 902 36.00 7.65 47.89
C MET A 902 35.41 8.05 49.23
N ALA A 903 36.19 8.74 50.04
CA ALA A 903 35.70 9.16 51.34
C ALA A 903 34.43 9.96 51.19
N TYR A 904 34.41 10.91 50.25
CA TYR A 904 33.19 11.66 50.02
C TYR A 904 32.09 10.72 49.61
N ARG A 905 32.40 9.78 48.73
CA ARG A 905 31.36 8.94 48.19
C ARG A 905 30.74 8.06 49.26
N PHE A 906 31.49 7.72 50.31
CA PHE A 906 30.83 7.08 51.44
C PHE A 906 29.87 8.03 52.14
N ASN A 907 30.24 9.31 52.26
CA ASN A 907 29.28 10.26 52.80
C ASN A 907 28.02 10.27 51.97
N GLY A 908 28.11 9.92 50.69
CA GLY A 908 26.89 9.84 49.93
C GLY A 908 26.01 8.68 50.29
N ILE A 909 26.54 7.65 50.92
CA ILE A 909 25.73 6.49 51.21
C ILE A 909 25.65 6.31 52.71
N GLY A 910 25.77 7.40 53.45
CA GLY A 910 25.56 7.35 54.87
C GLY A 910 26.52 6.47 55.62
N VAL A 911 27.80 6.59 55.32
CA VAL A 911 28.84 5.86 56.03
C VAL A 911 29.95 6.84 56.37
N THR A 912 30.32 6.88 57.64
CA THR A 912 31.33 7.82 58.10
C THR A 912 32.67 7.50 57.47
N GLN A 913 33.38 8.52 57.00
CA GLN A 913 34.57 8.21 56.25
C GLN A 913 35.68 7.65 57.11
N ASN A 914 35.53 7.63 58.43
CA ASN A 914 36.51 6.90 59.21
C ASN A 914 36.54 5.45 58.80
N VAL A 915 35.46 4.95 58.21
CA VAL A 915 35.48 3.60 57.67
C VAL A 915 36.49 3.49 56.55
N LEU A 916 36.43 4.41 55.59
CA LEU A 916 37.28 4.27 54.40
C LEU A 916 38.74 4.41 54.77
N TYR A 917 39.10 5.45 55.51
CA TYR A 917 40.50 5.63 55.84
C TYR A 917 41.02 4.45 56.64
N GLU A 918 40.23 3.97 57.60
CA GLU A 918 40.70 2.85 58.39
C GLU A 918 40.92 1.60 57.55
N ASN A 919 40.17 1.43 56.47
CA ASN A 919 40.30 0.21 55.69
C ASN A 919 40.88 0.46 54.32
N GLN A 920 41.57 1.59 54.13
CA GLN A 920 42.09 1.89 52.81
C GLN A 920 42.94 0.75 52.29
N LYS A 921 43.87 0.26 53.11
CA LYS A 921 44.69 -0.85 52.69
C LYS A 921 43.86 -2.06 52.32
N LEU A 922 42.66 -2.18 52.87
CA LEU A 922 41.82 -3.31 52.51
C LEU A 922 41.10 -3.06 51.20
N ILE A 923 40.33 -1.99 51.13
CA ILE A 923 39.40 -1.82 50.01
C ILE A 923 40.13 -1.88 48.70
N ALA A 924 41.36 -1.38 48.66
CA ALA A 924 42.16 -1.48 47.45
C ALA A 924 42.21 -2.90 46.95
N ASN A 925 42.51 -3.84 47.86
CA ASN A 925 42.60 -5.22 47.44
C ASN A 925 41.27 -5.70 46.89
N GLN A 926 40.17 -5.36 47.56
CA GLN A 926 38.88 -5.82 47.08
C GLN A 926 38.59 -5.25 45.71
N PHE A 927 38.80 -3.95 45.55
CA PHE A 927 38.59 -3.35 44.25
C PHE A 927 39.53 -3.93 43.21
N ASN A 928 40.83 -3.94 43.50
CA ASN A 928 41.77 -4.43 42.52
C ASN A 928 41.48 -5.88 42.16
N SER A 929 41.18 -6.71 43.14
CA SER A 929 40.76 -8.06 42.84
C SER A 929 39.45 -8.06 42.09
N ALA A 930 38.56 -7.12 42.41
CA ALA A 930 37.27 -7.10 41.74
C ALA A 930 37.43 -6.93 40.24
N ILE A 931 38.32 -6.02 39.83
CA ILE A 931 38.53 -5.82 38.40
C ILE A 931 38.97 -7.12 37.75
N GLY A 932 39.86 -7.86 38.41
CA GLY A 932 40.43 -9.03 37.79
C GLY A 932 39.38 -10.01 37.33
N LYS A 933 38.34 -10.20 38.12
CA LYS A 933 37.29 -11.13 37.74
C LYS A 933 36.62 -10.68 36.45
N ILE A 934 36.44 -9.37 36.29
CA ILE A 934 35.72 -8.88 35.12
C ILE A 934 36.43 -9.28 33.85
N GLN A 935 37.76 -9.21 33.84
CA GLN A 935 38.52 -9.67 32.69
C GLN A 935 38.13 -11.09 32.33
N ASP A 936 38.19 -11.98 33.31
CA ASP A 936 37.89 -13.38 33.06
C ASP A 936 36.39 -13.62 32.97
N SER A 937 35.59 -12.82 33.67
CA SER A 937 34.16 -12.84 33.40
C SER A 937 33.85 -12.37 32.00
N LEU A 938 34.80 -11.70 31.35
CA LEU A 938 34.63 -11.30 29.97
C LEU A 938 35.46 -12.14 29.00
N SER A 939 36.57 -12.70 29.46
CA SER A 939 37.50 -13.38 28.56
C SER A 939 36.85 -14.56 27.87
N SER A 940 36.09 -15.36 28.61
CA SER A 940 35.60 -16.64 28.11
C SER A 940 34.11 -16.67 27.83
N THR A 941 33.29 -16.06 28.68
CA THR A 941 31.84 -16.13 28.53
C THR A 941 31.44 -15.31 27.31
N ALA A 942 31.29 -15.98 26.16
CA ALA A 942 30.92 -15.30 24.94
C ALA A 942 29.48 -14.80 24.97
N SER A 943 28.68 -15.23 25.94
CA SER A 943 27.33 -14.74 26.10
C SER A 943 27.28 -13.42 26.85
N ALA A 944 28.42 -12.90 27.29
CA ALA A 944 28.43 -11.64 28.01
C ALA A 944 27.93 -10.50 27.13
N LEU A 945 28.38 -10.45 25.87
CA LEU A 945 27.98 -9.38 24.97
C LEU A 945 26.74 -9.76 24.20
N GLY A 946 25.71 -10.21 24.92
CA GLY A 946 24.52 -10.68 24.25
C GLY A 946 23.82 -9.59 23.48
N LYS A 947 23.64 -8.43 24.11
CA LYS A 947 22.83 -7.40 23.48
C LYS A 947 23.48 -6.89 22.21
N LEU A 948 24.75 -6.48 22.29
CA LEU A 948 25.38 -5.90 21.13
C LEU A 948 25.41 -6.88 19.97
N GLN A 949 25.84 -8.11 20.24
CA GLN A 949 25.90 -9.10 19.18
C GLN A 949 24.54 -9.32 18.55
N ASP A 950 23.48 -9.13 19.33
CA ASP A 950 22.14 -9.31 18.80
C ASP A 950 21.80 -8.24 17.78
N VAL A 951 22.07 -6.98 18.11
CA VAL A 951 21.68 -5.89 17.23
C VAL A 951 22.33 -6.06 15.86
N VAL A 952 23.63 -6.30 15.84
CA VAL A 952 24.30 -6.55 14.57
C VAL A 952 23.69 -7.77 13.89
N ASN A 953 23.37 -8.80 14.68
CA ASN A 953 22.76 -9.97 14.07
C ASN A 953 21.45 -9.62 13.40
N GLN A 954 20.60 -8.85 14.06
CA GLN A 954 19.30 -8.57 13.50
C GLN A 954 19.42 -7.82 12.19
N ASN A 955 20.23 -6.77 12.17
CA ASN A 955 20.36 -5.97 10.95
C ASN A 955 20.92 -6.82 9.82
N ALA A 956 21.93 -7.64 10.12
CA ALA A 956 22.50 -8.48 9.08
C ALA A 956 21.44 -9.38 8.49
N GLN A 957 20.56 -9.91 9.32
CA GLN A 957 19.52 -10.79 8.80
C GLN A 957 18.57 -10.03 7.88
N ALA A 958 18.13 -8.85 8.32
CA ALA A 958 17.16 -8.12 7.52
C ALA A 958 17.70 -7.88 6.12
N LEU A 959 18.97 -7.51 6.02
CA LEU A 959 19.54 -7.31 4.70
C LEU A 959 19.50 -8.58 3.89
N ASN A 960 19.85 -9.71 4.50
CA ASN A 960 19.72 -10.98 3.79
C ASN A 960 18.30 -11.15 3.29
N THR A 961 17.32 -10.99 4.19
CA THR A 961 15.94 -11.06 3.75
C THR A 961 15.65 -10.02 2.69
N LEU A 962 16.15 -8.81 2.88
CA LEU A 962 15.91 -7.79 1.87
C LEU A 962 16.55 -8.16 0.55
N VAL A 963 17.76 -8.70 0.58
CA VAL A 963 18.40 -9.12 -0.65
C VAL A 963 17.72 -10.35 -1.21
N LYS A 964 17.44 -11.33 -0.36
CA LYS A 964 16.89 -12.58 -0.86
C LYS A 964 15.55 -12.39 -1.53
N GLN A 965 14.83 -11.34 -1.17
CA GLN A 965 13.55 -11.09 -1.81
C GLN A 965 13.70 -10.86 -3.31
N LEU A 966 14.91 -10.48 -3.75
CA LEU A 966 15.10 -10.20 -5.17
C LEU A 966 14.74 -11.39 -6.02
N SER A 967 15.19 -12.55 -5.64
CA SER A 967 14.98 -13.70 -6.48
C SER A 967 13.58 -14.19 -6.50
N SER A 968 12.57 -13.45 -6.04
CA SER A 968 11.22 -13.97 -6.01
C SER A 968 10.38 -13.36 -7.12
N ASN A 969 9.62 -14.20 -7.81
CA ASN A 969 8.89 -13.76 -8.98
C ASN A 969 7.75 -12.83 -8.64
N PHE A 970 7.23 -12.92 -7.42
CA PHE A 970 6.00 -12.24 -7.06
C PHE A 970 4.86 -12.61 -7.99
N GLY A 971 4.97 -13.74 -8.66
CA GLY A 971 3.95 -14.20 -9.57
C GLY A 971 4.23 -13.90 -11.02
N ALA A 972 5.20 -13.04 -11.31
CA ALA A 972 5.54 -12.76 -12.68
C ALA A 972 6.26 -13.95 -13.29
N ILE A 973 6.69 -13.78 -14.55
CA ILE A 973 7.30 -14.88 -15.26
C ILE A 973 8.67 -15.25 -14.72
N SER A 974 9.47 -14.28 -14.29
CA SER A 974 10.79 -14.59 -13.80
C SER A 974 11.28 -13.50 -12.87
N SER A 975 12.28 -13.85 -12.07
CA SER A 975 12.86 -12.93 -11.12
C SER A 975 14.05 -12.19 -11.70
N VAL A 976 14.37 -12.39 -12.96
CA VAL A 976 15.44 -11.68 -13.62
C VAL A 976 14.78 -10.65 -14.54
N LEU A 977 14.87 -9.39 -14.13
CA LEU A 977 14.21 -8.33 -14.90
C LEU A 977 14.77 -8.24 -16.30
N ASN A 978 16.10 -8.20 -16.42
CA ASN A 978 16.72 -8.04 -17.73
C ASN A 978 16.32 -9.17 -18.66
N ASP A 979 16.16 -10.37 -18.11
CA ASP A 979 15.70 -11.50 -18.90
C ASP A 979 14.33 -11.23 -19.50
N ILE A 980 13.42 -10.69 -18.69
CA ILE A 980 12.05 -10.51 -19.14
C ILE A 980 12.02 -9.57 -20.34
N LEU A 981 12.82 -8.51 -20.32
CA LEU A 981 12.93 -7.67 -21.49
C LEU A 981 13.42 -8.48 -22.68
N SER A 982 14.42 -9.33 -22.47
CA SER A 982 15.01 -10.08 -23.55
C SER A 982 14.09 -11.17 -24.10
N ARG A 983 12.96 -11.42 -23.46
CA ARG A 983 12.04 -12.45 -23.95
C ARG A 983 10.70 -11.90 -24.43
N LEU A 984 10.23 -10.79 -23.86
CA LEU A 984 8.90 -10.30 -24.22
C LEU A 984 9.00 -8.85 -24.66
N ASP A 985 7.94 -8.43 -25.33
CA ASP A 985 7.72 -7.16 -26.01
C ASP A 985 7.09 -6.21 -25.01
N PRO A 986 7.44 -4.92 -25.03
CA PRO A 986 6.96 -4.01 -23.99
C PRO A 986 5.44 -4.01 -23.81
N PRO A 987 4.64 -4.04 -24.89
CA PRO A 987 3.18 -3.99 -24.69
C PRO A 987 2.64 -5.05 -23.74
N GLU A 988 3.21 -6.24 -23.72
CA GLU A 988 2.86 -7.19 -22.68
C GLU A 988 3.80 -7.14 -21.50
N ALA A 989 5.03 -6.66 -21.71
CA ALA A 989 6.00 -6.62 -20.63
C ALA A 989 5.53 -5.72 -19.51
N GLU A 990 4.95 -4.57 -19.86
CA GLU A 990 4.51 -3.62 -18.85
C GLU A 990 3.41 -4.18 -17.96
N VAL A 991 3.07 -5.44 -18.15
CA VAL A 991 2.31 -6.17 -17.15
C VAL A 991 3.22 -6.94 -16.22
N GLN A 992 4.11 -7.74 -16.78
CA GLN A 992 4.95 -8.58 -15.93
C GLN A 992 5.87 -7.73 -15.08
N ILE A 993 6.59 -6.79 -15.69
CA ILE A 993 7.50 -5.99 -14.90
C ILE A 993 6.73 -5.14 -13.92
N ASP A 994 5.46 -4.89 -14.17
CA ASP A 994 4.67 -4.15 -13.20
C ASP A 994 4.58 -4.91 -11.89
N ARG A 995 4.41 -6.22 -11.95
CA ARG A 995 4.36 -7.00 -10.72
C ARG A 995 5.66 -6.88 -9.95
N LEU A 996 6.79 -7.03 -10.64
CA LEU A 996 8.06 -6.93 -9.95
C LEU A 996 8.22 -5.59 -9.28
N ILE A 997 7.70 -4.53 -9.91
CA ILE A 997 7.70 -3.23 -9.24
C ILE A 997 6.90 -3.32 -7.95
N THR A 998 5.67 -3.82 -8.05
CA THR A 998 4.83 -3.89 -6.86
C THR A 998 5.48 -4.75 -5.81
N GLY A 999 5.97 -5.90 -6.20
CA GLY A 999 6.53 -6.82 -5.24
C GLY A 999 7.71 -6.22 -4.52
N ARG A 1000 8.77 -5.94 -5.27
CA ARG A 1000 9.99 -5.47 -4.65
C ARG A 1000 9.74 -4.21 -3.83
N LEU A 1001 8.97 -3.27 -4.38
CA LEU A 1001 8.73 -2.04 -3.64
C LEU A 1001 8.01 -2.35 -2.34
N GLN A 1002 7.03 -3.25 -2.38
CA GLN A 1002 6.40 -3.64 -1.15
C GLN A 1002 7.41 -4.23 -0.19
N SER A 1003 8.34 -5.01 -0.73
CA SER A 1003 9.38 -5.58 0.13
C SER A 1003 10.21 -4.50 0.78
N LEU A 1004 10.53 -3.45 0.02
CA LEU A 1004 11.33 -2.38 0.59
C LEU A 1004 10.66 -1.74 1.78
N GLN A 1005 9.36 -1.44 1.66
CA GLN A 1005 8.66 -0.81 2.76
C GLN A 1005 8.81 -1.61 4.03
N THR A 1006 8.67 -2.93 3.92
CA THR A 1006 8.86 -3.76 5.09
C THR A 1006 10.22 -3.53 5.71
N TYR A 1007 11.27 -3.49 4.88
CA TYR A 1007 12.60 -3.32 5.44
C TYR A 1007 12.73 -1.98 6.13
N VAL A 1008 12.24 -0.91 5.49
CA VAL A 1008 12.34 0.40 6.11
C VAL A 1008 11.55 0.45 7.39
N THR A 1009 10.29 0.02 7.33
CA THR A 1009 9.46 0.05 8.51
C THR A 1009 10.08 -0.76 9.64
N GLN A 1010 10.75 -1.85 9.32
CA GLN A 1010 11.54 -2.53 10.33
C GLN A 1010 12.53 -1.57 10.97
N GLN A 1011 13.33 -0.90 10.15
CA GLN A 1011 14.40 -0.10 10.71
C GLN A 1011 13.86 0.99 11.59
N LEU A 1012 12.88 1.74 11.09
CA LEU A 1012 12.32 2.82 11.89
C LEU A 1012 11.93 2.33 13.27
N ILE A 1013 11.21 1.22 13.33
CA ILE A 1013 10.83 0.70 14.63
C ILE A 1013 12.06 0.33 15.43
N ARG A 1014 12.96 -0.42 14.81
CA ARG A 1014 14.17 -0.79 15.54
C ARG A 1014 14.99 0.45 15.85
N ALA A 1015 14.97 1.45 14.97
CA ALA A 1015 15.72 2.66 15.23
C ALA A 1015 15.24 3.33 16.49
N ALA A 1016 13.92 3.42 16.67
CA ALA A 1016 13.41 3.98 17.91
C ALA A 1016 13.88 3.19 19.09
N GLU A 1017 13.92 1.87 18.94
CA GLU A 1017 14.29 1.04 20.07
C GLU A 1017 15.70 1.37 20.54
N ILE A 1018 16.63 1.48 19.61
CA ILE A 1018 18.00 1.79 20.00
C ILE A 1018 18.05 3.13 20.71
N ARG A 1019 17.38 4.13 20.15
CA ARG A 1019 17.46 5.45 20.77
C ARG A 1019 16.97 5.41 22.20
N ALA A 1020 15.97 4.58 22.50
CA ALA A 1020 15.54 4.46 23.87
C ALA A 1020 16.68 4.01 24.76
N SER A 1021 17.46 3.03 24.29
CA SER A 1021 18.65 2.67 25.03
C SER A 1021 19.66 3.80 25.00
N ALA A 1022 19.77 4.50 23.88
CA ALA A 1022 20.75 5.57 23.77
C ALA A 1022 20.57 6.56 24.89
N ASN A 1023 19.43 7.24 24.91
CA ASN A 1023 19.19 8.21 25.97
C ASN A 1023 19.35 7.57 27.34
N LEU A 1024 18.84 6.36 27.50
CA LEU A 1024 19.02 5.67 28.76
C LEU A 1024 20.50 5.52 29.08
N ALA A 1025 21.30 5.17 28.08
CA ALA A 1025 22.74 5.17 28.29
C ALA A 1025 23.21 6.57 28.63
N ALA A 1026 22.71 7.57 27.91
CA ALA A 1026 23.18 8.92 28.14
C ALA A 1026 22.98 9.31 29.59
N THR A 1027 21.79 9.04 30.12
CA THR A 1027 21.56 9.35 31.52
C THR A 1027 22.54 8.59 32.39
N LYS A 1028 22.67 7.28 32.14
CA LYS A 1028 23.62 6.51 32.94
C LYS A 1028 25.02 7.07 32.79
N MET A 1029 25.36 7.56 31.62
CA MET A 1029 26.62 8.27 31.49
C MET A 1029 26.65 9.48 32.41
N SER A 1030 25.59 10.26 32.41
CA SER A 1030 25.64 11.53 33.13
C SER A 1030 25.41 11.32 34.62
N GLU A 1031 24.26 10.75 34.97
CA GLU A 1031 23.97 10.56 36.39
C GLU A 1031 24.96 9.61 37.03
N CYS A 1032 25.25 8.52 36.38
CA CYS A 1032 25.85 7.43 37.12
C CYS A 1032 27.37 7.43 37.05
N VAL A 1033 27.95 8.23 36.16
CA VAL A 1033 29.40 8.39 36.13
C VAL A 1033 29.81 9.76 36.62
N LEU A 1034 29.40 10.80 35.91
CA LEU A 1034 29.78 12.16 36.25
C LEU A 1034 29.34 12.54 37.64
N GLY A 1035 28.59 11.67 38.29
CA GLY A 1035 28.18 11.90 39.65
C GLY A 1035 27.92 10.62 40.39
N GLN A 1036 27.20 10.71 41.49
CA GLN A 1036 26.81 9.57 42.29
C GLN A 1036 25.31 9.61 42.46
N SER A 1037 24.64 8.50 42.16
CA SER A 1037 23.20 8.47 42.28
C SER A 1037 22.77 7.79 43.56
N LYS A 1038 21.59 8.15 44.01
CA LYS A 1038 20.93 7.41 45.08
C LYS A 1038 19.66 6.75 44.57
N ARG A 1039 19.50 6.67 43.26
CA ARG A 1039 18.41 5.90 42.69
C ARG A 1039 18.77 4.44 42.81
N VAL A 1040 18.16 3.75 43.77
CA VAL A 1040 18.56 2.38 44.05
C VAL A 1040 18.39 1.53 42.81
N ASP A 1041 19.30 0.59 42.62
CA ASP A 1041 19.24 -0.36 41.52
C ASP A 1041 19.24 0.36 40.18
N PHE A 1042 19.65 1.62 40.13
CA PHE A 1042 19.83 2.26 38.85
C PHE A 1042 21.26 2.22 38.39
N CYS A 1043 22.19 1.87 39.25
CA CYS A 1043 23.58 1.76 38.87
C CYS A 1043 24.12 0.41 39.28
N GLY A 1044 23.31 -0.62 39.16
CA GLY A 1044 23.78 -1.91 39.65
C GLY A 1044 23.39 -2.15 41.08
N LYS A 1045 23.23 -3.42 41.44
CA LYS A 1045 22.70 -3.76 42.74
C LYS A 1045 23.61 -3.23 43.84
N GLY A 1046 22.99 -2.81 44.94
CA GLY A 1046 23.71 -2.26 46.07
C GLY A 1046 23.87 -0.76 45.97
N TYR A 1047 24.28 -0.16 47.10
CA TYR A 1047 24.57 1.26 47.09
C TYR A 1047 25.65 1.55 46.08
N HIS A 1048 25.47 2.61 45.31
CA HIS A 1048 26.38 2.91 44.21
C HIS A 1048 27.47 3.87 44.66
N LEU A 1049 28.69 3.59 44.23
CA LEU A 1049 29.86 4.36 44.63
C LEU A 1049 30.41 5.22 43.51
N MET A 1050 30.64 4.63 42.34
CA MET A 1050 31.23 5.34 41.21
C MET A 1050 31.22 4.36 40.05
N SER A 1051 31.45 4.87 38.85
CA SER A 1051 31.22 4.05 37.68
C SER A 1051 32.23 4.40 36.61
N PHE A 1052 32.61 3.40 35.82
CA PHE A 1052 33.53 3.69 34.75
C PHE A 1052 32.93 3.27 33.42
N PRO A 1053 33.11 4.06 32.38
CA PRO A 1053 32.65 3.66 31.06
C PRO A 1053 33.75 2.98 30.27
N GLN A 1054 33.33 2.17 29.32
CA GLN A 1054 34.25 1.53 28.39
C GLN A 1054 33.58 1.45 27.03
N SER A 1055 34.38 1.61 26.00
CA SER A 1055 33.85 1.54 24.65
C SER A 1055 33.47 0.12 24.30
N ALA A 1056 32.71 -0.02 23.23
CA ALA A 1056 32.29 -1.31 22.73
C ALA A 1056 31.72 -1.12 21.34
N PRO A 1057 31.78 -2.12 20.49
CA PRO A 1057 31.30 -1.92 19.11
C PRO A 1057 29.83 -1.57 19.09
N HIS A 1058 29.51 -0.36 18.67
CA HIS A 1058 28.13 0.10 18.60
C HIS A 1058 27.44 -0.04 19.95
N GLY A 1059 28.15 0.35 20.99
CA GLY A 1059 27.55 0.30 22.31
C GLY A 1059 28.55 0.68 23.36
N VAL A 1060 28.04 0.92 24.55
CA VAL A 1060 28.88 1.30 25.67
C VAL A 1060 28.69 0.27 26.78
N VAL A 1061 29.73 0.11 27.57
CA VAL A 1061 29.73 -0.83 28.68
C VAL A 1061 30.22 -0.10 29.91
N PHE A 1062 29.50 -0.25 31.01
CA PHE A 1062 29.86 0.39 32.26
C PHE A 1062 30.50 -0.62 33.19
N LEU A 1063 31.23 -0.10 34.16
CA LEU A 1063 31.75 -0.89 35.27
C LEU A 1063 31.24 -0.23 36.53
N HIS A 1064 30.06 -0.63 36.99
CA HIS A 1064 29.54 -0.07 38.22
C HIS A 1064 30.30 -0.62 39.41
N VAL A 1065 30.54 0.24 40.40
CA VAL A 1065 31.26 -0.13 41.60
C VAL A 1065 30.34 0.16 42.76
N THR A 1066 29.79 -0.87 43.38
CA THR A 1066 28.72 -0.72 44.34
C THR A 1066 29.12 -1.27 45.69
N TYR A 1067 29.08 -0.43 46.71
CA TYR A 1067 29.24 -0.88 48.08
C TYR A 1067 28.12 -1.84 48.44
N VAL A 1068 28.45 -2.88 49.20
CA VAL A 1068 27.47 -3.89 49.60
C VAL A 1068 27.78 -4.41 50.98
N PRO A 1069 26.84 -4.33 51.92
CA PRO A 1069 27.09 -4.84 53.27
C PRO A 1069 27.27 -6.34 53.26
N ALA A 1070 28.10 -6.83 54.17
CA ALA A 1070 28.53 -8.23 54.10
C ALA A 1070 28.07 -9.06 55.29
N GLN A 1071 28.52 -8.76 56.49
CA GLN A 1071 28.29 -9.64 57.63
C GLN A 1071 27.58 -8.86 58.71
N GLU A 1072 26.53 -9.45 59.26
CA GLU A 1072 25.70 -8.79 60.24
C GLU A 1072 25.62 -9.62 61.51
N LYS A 1073 25.22 -8.97 62.58
CA LYS A 1073 24.95 -9.65 63.83
C LYS A 1073 23.61 -9.20 64.35
N ASN A 1074 22.90 -10.09 65.02
CA ASN A 1074 21.65 -9.70 65.65
C ASN A 1074 21.93 -8.68 66.74
N PHE A 1075 20.96 -7.81 66.98
CA PHE A 1075 21.09 -6.87 68.07
C PHE A 1075 19.72 -6.51 68.60
N THR A 1076 19.64 -6.35 69.91
CA THR A 1076 18.42 -5.89 70.53
C THR A 1076 18.46 -4.37 70.54
N THR A 1077 17.43 -3.76 69.98
CA THR A 1077 17.38 -2.32 69.80
C THR A 1077 16.22 -1.71 70.57
N ALA A 1078 16.06 -0.43 70.38
CA ALA A 1078 14.99 0.34 70.98
C ALA A 1078 15.02 1.73 70.38
N PRO A 1079 13.87 2.35 70.13
CA PRO A 1079 13.86 3.62 69.40
C PRO A 1079 14.15 4.82 70.25
N ALA A 1080 14.23 4.69 71.56
CA ALA A 1080 14.44 5.85 72.40
C ALA A 1080 14.91 5.38 73.76
N ILE A 1081 15.50 6.30 74.52
CA ILE A 1081 16.00 5.96 75.85
C ILE A 1081 15.68 7.09 76.81
N CYS A 1082 15.11 6.75 77.96
CA CYS A 1082 14.85 7.72 79.01
C CYS A 1082 16.10 7.86 79.87
N HIS A 1083 16.49 9.08 80.18
CA HIS A 1083 17.54 9.30 81.15
C HIS A 1083 17.06 10.04 82.37
N ASP A 1084 16.44 11.20 82.20
CA ASP A 1084 15.89 11.98 83.29
C ASP A 1084 14.44 12.30 83.01
N GLY A 1085 13.69 11.28 82.57
CA GLY A 1085 12.34 11.51 82.13
C GLY A 1085 12.31 12.02 80.71
N LYS A 1086 13.39 12.68 80.31
CA LYS A 1086 13.50 13.24 78.98
C LYS A 1086 13.95 12.17 78.01
N ALA A 1087 13.28 12.07 76.88
CA ALA A 1087 13.58 11.04 75.90
C ALA A 1087 14.75 11.47 75.03
N HIS A 1088 15.70 10.57 74.84
CA HIS A 1088 16.84 10.85 73.97
C HIS A 1088 16.70 10.06 72.68
N PHE A 1089 16.95 10.73 71.57
CA PHE A 1089 16.88 10.13 70.25
C PHE A 1089 18.24 10.21 69.59
N PRO A 1090 18.58 9.26 68.72
CA PRO A 1090 19.89 9.31 68.08
C PRO A 1090 19.98 10.49 67.13
N ARG A 1091 21.09 11.23 67.20
CA ARG A 1091 21.28 12.34 66.28
C ARG A 1091 21.38 11.83 64.85
N GLU A 1092 22.17 10.80 64.63
CA GLU A 1092 22.23 10.16 63.32
C GLU A 1092 22.75 8.75 63.54
N GLY A 1093 21.88 7.77 63.44
CA GLY A 1093 22.23 6.41 63.75
C GLY A 1093 21.09 5.73 64.46
N VAL A 1094 21.37 4.57 65.04
CA VAL A 1094 20.35 3.73 65.63
C VAL A 1094 20.86 3.16 66.94
N PHE A 1095 19.99 3.11 67.93
CA PHE A 1095 20.32 2.55 69.23
C PHE A 1095 20.41 1.03 69.15
N VAL A 1096 21.50 0.48 69.67
CA VAL A 1096 21.67 -0.96 69.78
C VAL A 1096 22.32 -1.26 71.11
N SER A 1097 22.33 -2.54 71.46
CA SER A 1097 22.95 -2.97 72.70
C SER A 1097 23.39 -4.42 72.57
N ASN A 1098 24.60 -4.72 72.99
CA ASN A 1098 25.11 -6.07 72.91
C ASN A 1098 24.44 -6.94 73.95
N GLY A 1099 23.40 -6.40 74.59
CA GLY A 1099 22.76 -7.04 75.70
C GLY A 1099 23.29 -6.61 77.05
N THR A 1100 24.48 -6.01 77.09
CA THR A 1100 25.06 -5.53 78.34
C THR A 1100 24.83 -4.04 78.51
N HIS A 1101 25.40 -3.24 77.62
CA HIS A 1101 25.26 -1.80 77.65
C HIS A 1101 24.68 -1.36 76.32
N TRP A 1102 24.23 -0.11 76.26
CA TRP A 1102 23.58 0.41 75.08
C TRP A 1102 24.52 1.32 74.31
N PHE A 1103 24.38 1.30 72.99
CA PHE A 1103 25.28 1.99 72.12
C PHE A 1103 24.49 2.63 70.98
N VAL A 1104 25.00 3.73 70.47
CA VAL A 1104 24.50 4.32 69.23
C VAL A 1104 25.52 4.07 68.14
N THR A 1105 25.05 3.59 67.00
CA THR A 1105 25.95 3.27 65.91
C THR A 1105 25.32 3.70 64.61
N GLN A 1106 26.16 3.94 63.62
CA GLN A 1106 25.66 4.44 62.35
C GLN A 1106 24.93 3.34 61.61
N ARG A 1107 24.05 3.77 60.70
CA ARG A 1107 22.99 2.90 60.21
C ARG A 1107 23.49 1.77 59.34
N ASN A 1108 24.73 1.81 58.87
CA ASN A 1108 25.14 0.83 57.86
C ASN A 1108 26.51 0.23 58.10
N PHE A 1109 27.11 0.43 59.25
CA PHE A 1109 28.40 -0.20 59.53
C PHE A 1109 28.59 -0.19 61.04
N TYR A 1110 28.59 -1.37 61.65
CA TYR A 1110 28.68 -1.44 63.09
C TYR A 1110 29.91 -0.70 63.59
N GLU A 1111 29.69 0.22 64.50
CA GLU A 1111 30.77 0.92 65.16
C GLU A 1111 30.22 1.59 66.41
N PRO A 1112 30.05 0.86 67.49
CA PRO A 1112 29.35 1.41 68.65
C PRO A 1112 30.13 2.54 69.28
N GLN A 1113 29.38 3.48 69.84
CA GLN A 1113 29.96 4.60 70.58
C GLN A 1113 29.12 4.84 71.81
N ILE A 1114 29.76 5.42 72.83
CA ILE A 1114 29.05 5.64 74.08
C ILE A 1114 28.01 6.73 73.89
N ILE A 1115 26.83 6.50 74.45
CA ILE A 1115 25.69 7.38 74.20
C ILE A 1115 25.87 8.66 75.00
N THR A 1116 25.87 9.79 74.31
CA THR A 1116 26.13 11.05 74.98
C THR A 1116 25.33 12.15 74.31
N THR A 1117 25.18 13.26 75.03
CA THR A 1117 24.34 14.34 74.54
C THR A 1117 24.83 14.87 73.21
N ASP A 1118 26.10 14.67 72.87
CA ASP A 1118 26.55 15.05 71.54
C ASP A 1118 26.02 14.12 70.47
N ASN A 1119 25.39 13.00 70.84
CA ASN A 1119 24.81 12.09 69.88
C ASN A 1119 23.30 12.08 69.91
N THR A 1120 22.69 12.90 70.75
CA THR A 1120 21.25 12.84 70.94
C THR A 1120 20.69 14.24 71.05
N PHE A 1121 19.38 14.34 70.93
CA PHE A 1121 18.69 15.59 71.16
C PHE A 1121 17.41 15.31 71.91
N VAL A 1122 17.31 15.89 73.11
CA VAL A 1122 16.16 15.65 73.96
C VAL A 1122 14.89 16.14 73.30
N SER A 1123 13.79 15.43 73.55
CA SER A 1123 12.50 15.86 73.04
C SER A 1123 11.40 15.21 73.87
N GLY A 1124 10.58 16.02 74.51
CA GLY A 1124 9.45 15.48 75.24
C GLY A 1124 9.86 14.75 76.50
N ASN A 1125 9.03 13.81 76.91
CA ASN A 1125 9.27 13.02 78.11
C ASN A 1125 8.94 11.57 77.83
N CYS A 1126 9.12 10.74 78.84
CA CYS A 1126 9.05 9.29 78.65
C CYS A 1126 7.66 8.84 78.20
N ASP A 1127 6.62 9.48 78.69
CA ASP A 1127 5.33 8.82 78.77
C ASP A 1127 4.61 8.71 77.44
N VAL A 1128 5.25 8.98 76.31
CA VAL A 1128 4.56 9.06 75.03
C VAL A 1128 5.10 8.04 74.03
N VAL A 1129 6.41 7.92 73.94
CA VAL A 1129 7.00 7.04 72.93
C VAL A 1129 6.81 5.58 73.35
N ILE A 1130 6.67 4.72 72.37
CA ILE A 1130 6.51 3.29 72.63
C ILE A 1130 7.89 2.64 72.64
N GLY A 1131 8.10 1.73 73.58
CA GLY A 1131 9.29 0.92 73.57
C GLY A 1131 10.52 1.58 74.13
N ILE A 1132 10.42 2.80 74.65
CA ILE A 1132 11.58 3.43 75.22
C ILE A 1132 12.11 2.56 76.35
N VAL A 1133 13.41 2.67 76.61
CA VAL A 1133 14.06 1.81 77.59
C VAL A 1133 14.86 2.67 78.56
N ASN A 1134 14.68 2.41 79.84
CA ASN A 1134 15.43 3.15 80.86
C ASN A 1134 16.91 2.87 80.68
N ASN A 1135 17.72 3.92 80.77
CA ASN A 1135 19.17 3.80 80.71
C ASN A 1135 19.78 5.12 81.14
N THR A 1136 21.08 5.27 80.94
CA THR A 1136 21.79 6.50 81.24
C THR A 1136 22.33 7.11 79.96
N VAL A 1137 22.69 8.39 80.07
CA VAL A 1137 23.42 9.07 79.00
C VAL A 1137 24.62 9.74 79.63
N TYR A 1138 25.76 9.64 78.97
CA TYR A 1138 26.96 10.26 79.48
C TYR A 1138 27.04 11.71 79.03
N ASP A 1139 27.66 12.53 79.87
CA ASP A 1139 27.88 13.94 79.57
C ASP A 1139 29.37 14.23 79.54
N PRO A 1140 29.92 14.72 78.44
CA PRO A 1140 31.34 15.02 78.41
C PRO A 1140 31.75 16.09 79.39
N LEU A 1141 30.84 16.96 79.78
CA LEU A 1141 31.24 18.17 80.49
C LEU A 1141 31.60 17.90 81.94
N GLN A 1142 30.95 16.95 82.59
CA GLN A 1142 31.13 16.78 84.03
C GLN A 1142 32.58 16.49 84.43
N PRO A 1143 33.31 15.59 83.77
CA PRO A 1143 34.73 15.47 84.09
C PRO A 1143 35.48 16.77 83.91
N GLU A 1144 35.16 17.52 82.87
CA GLU A 1144 35.71 18.87 82.75
C GLU A 1144 35.16 19.79 83.82
N LEU A 1145 33.90 19.60 84.20
CA LEU A 1145 33.34 20.35 85.31
C LEU A 1145 34.06 20.03 86.61
N ASP A 1146 34.23 18.74 86.91
CA ASP A 1146 34.83 18.36 88.18
C ASP A 1146 36.30 18.75 88.24
N SER A 1147 37.05 18.49 87.18
CA SER A 1147 38.48 18.79 87.16
C SER A 1147 38.73 20.29 87.12
N ALA B 27 -55.74 8.49 6.78
CA ALA B 27 -55.24 8.54 8.16
C ALA B 27 -53.74 8.26 8.21
N TYR B 28 -53.19 8.28 9.41
CA TYR B 28 -51.77 8.05 9.60
C TYR B 28 -51.54 7.44 10.97
N THR B 29 -50.37 6.81 11.13
CA THR B 29 -49.98 6.27 12.42
C THR B 29 -48.47 6.14 12.43
N ASN B 30 -47.90 6.10 13.63
CA ASN B 30 -46.47 6.11 13.82
C ASN B 30 -45.96 4.67 13.91
N SER B 31 -45.09 4.29 12.98
CA SER B 31 -44.57 2.93 12.92
C SER B 31 -43.43 2.80 13.93
N PHE B 32 -43.78 2.38 15.15
CA PHE B 32 -42.83 2.47 16.25
C PHE B 32 -41.52 1.76 15.96
N THR B 33 -41.55 0.43 15.95
CA THR B 33 -40.34 -0.34 15.69
C THR B 33 -40.57 -1.58 14.86
N ARG B 34 -41.78 -1.85 14.39
CA ARG B 34 -41.96 -3.07 13.66
C ARG B 34 -41.45 -2.92 12.24
N GLY B 35 -41.23 -4.06 11.59
CA GLY B 35 -40.73 -4.03 10.23
C GLY B 35 -39.37 -4.66 10.08
N VAL B 36 -39.10 -5.72 10.85
CA VAL B 36 -37.82 -6.39 10.80
C VAL B 36 -38.05 -7.84 10.41
N TYR B 37 -37.01 -8.45 9.83
CA TYR B 37 -37.11 -9.80 9.31
C TYR B 37 -35.75 -10.34 8.95
N TYR B 38 -35.50 -11.60 9.26
CA TYR B 38 -34.29 -12.29 8.89
C TYR B 38 -33.99 -12.08 7.40
N PRO B 39 -32.92 -11.36 7.07
CA PRO B 39 -32.60 -11.16 5.66
C PRO B 39 -32.27 -12.44 4.93
N ASP B 40 -31.93 -13.51 5.63
CA ASP B 40 -31.73 -14.81 5.01
C ASP B 40 -32.13 -15.87 6.01
N LYS B 41 -31.70 -17.11 5.78
CA LYS B 41 -31.95 -18.21 6.69
C LYS B 41 -30.75 -18.52 7.58
N VAL B 42 -29.68 -17.75 7.48
CA VAL B 42 -28.47 -18.08 8.21
C VAL B 42 -28.73 -17.94 9.70
N PHE B 43 -28.37 -18.97 10.45
CA PHE B 43 -28.55 -18.91 11.89
C PHE B 43 -27.34 -18.24 12.52
N ARG B 44 -27.61 -17.42 13.52
CA ARG B 44 -26.57 -16.74 14.27
C ARG B 44 -26.92 -16.87 15.75
N SER B 45 -26.08 -16.31 16.60
CA SER B 45 -26.35 -16.39 18.03
C SER B 45 -25.58 -15.30 18.76
N SER B 46 -26.31 -14.50 19.53
CA SER B 46 -25.72 -13.52 20.45
C SER B 46 -24.60 -12.75 19.76
N VAL B 47 -24.98 -12.05 18.70
CA VAL B 47 -24.01 -11.31 17.91
C VAL B 47 -24.73 -10.17 17.22
N LEU B 48 -24.16 -8.98 17.31
CA LEU B 48 -24.73 -7.81 16.67
C LEU B 48 -24.21 -7.78 15.24
N HIS B 49 -25.09 -8.03 14.29
CA HIS B 49 -24.72 -8.12 12.89
C HIS B 49 -25.23 -6.89 12.15
N SER B 50 -24.37 -6.31 11.32
CA SER B 50 -24.72 -5.16 10.51
C SER B 50 -24.96 -5.61 9.08
N THR B 51 -26.08 -5.18 8.51
CA THR B 51 -26.42 -5.56 7.16
C THR B 51 -27.11 -4.39 6.47
N GLN B 52 -27.67 -4.67 5.29
CA GLN B 52 -28.32 -3.64 4.50
C GLN B 52 -29.32 -4.29 3.57
N ASP B 53 -30.57 -3.87 3.64
CA ASP B 53 -31.60 -4.38 2.76
C ASP B 53 -32.78 -3.42 2.83
N LEU B 54 -33.92 -3.85 2.34
CA LEU B 54 -35.13 -3.05 2.44
C LEU B 54 -35.83 -3.32 3.76
N PHE B 55 -36.28 -2.26 4.41
CA PHE B 55 -36.95 -2.38 5.69
C PHE B 55 -37.89 -1.20 5.85
N LEU B 56 -38.77 -1.29 6.84
CA LEU B 56 -39.64 -0.18 7.15
C LEU B 56 -38.88 0.75 8.08
N PRO B 57 -38.52 1.94 7.65
CA PRO B 57 -37.79 2.85 8.54
C PRO B 57 -38.62 3.14 9.78
N PHE B 58 -37.93 3.20 10.91
CA PHE B 58 -38.62 3.37 12.18
C PHE B 58 -39.41 4.68 12.20
N PHE B 59 -40.58 4.63 12.81
CA PHE B 59 -41.38 5.84 13.04
C PHE B 59 -41.77 6.53 11.76
N SER B 60 -42.20 5.75 10.77
CA SER B 60 -42.73 6.37 9.57
C SER B 60 -44.25 6.43 9.65
N ASN B 61 -44.83 7.21 8.72
CA ASN B 61 -46.27 7.39 8.66
C ASN B 61 -46.87 6.20 7.91
N VAL B 62 -47.59 5.36 8.62
CA VAL B 62 -48.29 4.23 8.02
C VAL B 62 -49.74 4.60 7.83
N THR B 63 -50.30 4.22 6.68
CA THR B 63 -51.67 4.57 6.37
C THR B 63 -52.62 3.65 7.14
N TRP B 64 -53.65 4.23 7.73
CA TRP B 64 -54.64 3.49 8.49
C TRP B 64 -55.94 3.43 7.70
N PHE B 65 -56.54 2.24 7.65
CA PHE B 65 -57.64 2.00 6.74
C PHE B 65 -58.87 1.44 7.45
N HIS B 66 -59.92 1.27 6.65
CA HIS B 66 -61.21 0.71 7.06
C HIS B 66 -61.82 -0.02 5.87
N ASN B 81 -60.08 -1.43 1.21
CA ASN B 81 -60.85 -1.31 -0.03
C ASN B 81 -60.03 -0.83 -1.23
N PRO B 82 -59.36 0.33 -1.13
CA PRO B 82 -58.76 0.92 -2.33
C PRO B 82 -57.56 0.16 -2.87
N VAL B 83 -56.89 0.75 -3.84
CA VAL B 83 -55.72 0.18 -4.47
C VAL B 83 -54.55 1.13 -4.28
N LEU B 84 -53.39 0.60 -3.91
CA LEU B 84 -52.22 1.40 -3.59
C LEU B 84 -50.99 0.89 -4.34
N PRO B 85 -50.01 1.74 -4.56
CA PRO B 85 -48.84 1.33 -5.34
C PRO B 85 -47.97 0.35 -4.60
N PHE B 86 -46.92 -0.14 -5.24
CA PHE B 86 -46.00 -1.05 -4.57
C PHE B 86 -44.55 -0.71 -4.92
N ASN B 87 -44.27 0.56 -5.19
CA ASN B 87 -43.00 1.02 -5.76
C ASN B 87 -41.78 0.22 -5.33
N ASP B 88 -41.65 -0.08 -4.03
CA ASP B 88 -40.63 -1.03 -3.60
C ASP B 88 -41.22 -2.22 -2.85
N GLY B 89 -41.96 -1.99 -1.79
CA GLY B 89 -42.38 -3.07 -0.94
C GLY B 89 -43.13 -2.57 0.27
N VAL B 90 -44.18 -3.28 0.66
CA VAL B 90 -45.11 -2.81 1.66
C VAL B 90 -44.90 -3.58 2.94
N TYR B 91 -44.90 -2.86 4.05
CA TYR B 91 -45.06 -3.49 5.35
C TYR B 91 -46.55 -3.57 5.58
N PHE B 92 -47.14 -4.72 5.31
CA PHE B 92 -48.56 -4.93 5.52
C PHE B 92 -48.80 -5.56 6.88
N ALA B 93 -49.71 -5.00 7.64
CA ALA B 93 -50.04 -5.55 8.94
C ALA B 93 -51.51 -5.30 9.21
N SER B 94 -52.23 -6.36 9.56
CA SER B 94 -53.63 -6.25 9.90
C SER B 94 -53.89 -6.82 11.28
N THR B 95 -54.67 -6.09 12.06
CA THR B 95 -55.32 -6.67 13.21
C THR B 95 -56.49 -7.50 12.70
N GLU B 96 -56.63 -8.72 13.21
CA GLU B 96 -57.65 -9.63 12.75
C GLU B 96 -58.52 -10.07 13.92
N LYS B 97 -59.82 -9.81 13.82
CA LYS B 97 -60.80 -10.28 14.78
C LYS B 97 -61.84 -11.18 14.15
N SER B 98 -62.25 -10.90 12.92
CA SER B 98 -63.26 -11.69 12.22
C SER B 98 -62.69 -12.39 11.00
N ASN B 99 -61.37 -12.39 10.81
CA ASN B 99 -60.71 -13.09 9.71
C ASN B 99 -61.16 -12.57 8.34
N ILE B 100 -61.63 -11.33 8.28
CA ILE B 100 -62.17 -10.83 7.02
C ILE B 100 -61.07 -10.70 5.97
N ILE B 101 -59.86 -10.35 6.39
CA ILE B 101 -58.73 -10.30 5.47
C ILE B 101 -58.55 -11.67 4.83
N ARG B 102 -58.48 -11.70 3.50
CA ARG B 102 -58.39 -12.95 2.77
C ARG B 102 -57.26 -13.03 1.76
N GLY B 103 -56.71 -11.91 1.30
CA GLY B 103 -55.60 -11.99 0.36
C GLY B 103 -55.27 -10.63 -0.21
N TRP B 104 -54.49 -10.66 -1.28
CA TRP B 104 -54.02 -9.45 -1.94
C TRP B 104 -53.82 -9.77 -3.42
N ILE B 105 -53.78 -8.71 -4.23
CA ILE B 105 -53.50 -8.85 -5.66
C ILE B 105 -52.50 -7.78 -6.06
N PHE B 106 -51.47 -8.18 -6.80
CA PHE B 106 -50.36 -7.31 -7.13
C PHE B 106 -50.12 -7.31 -8.63
N GLY B 107 -49.74 -6.16 -9.16
CA GLY B 107 -49.43 -6.08 -10.58
C GLY B 107 -49.27 -4.65 -11.05
N THR B 108 -49.47 -4.46 -12.35
CA THR B 108 -49.41 -3.15 -12.99
C THR B 108 -50.75 -2.68 -13.51
N THR B 109 -51.46 -3.51 -14.27
CA THR B 109 -52.74 -3.14 -14.83
C THR B 109 -53.91 -3.63 -14.00
N LEU B 110 -53.75 -4.75 -13.30
CA LEU B 110 -54.73 -5.25 -12.34
C LEU B 110 -56.03 -5.67 -13.04
N ASP B 111 -55.86 -6.35 -14.18
CA ASP B 111 -56.93 -6.91 -15.01
C ASP B 111 -56.33 -7.87 -16.02
N SER B 112 -57.08 -8.17 -17.06
CA SER B 112 -56.46 -8.75 -18.24
C SER B 112 -55.48 -7.77 -18.84
N LYS B 113 -54.85 -8.16 -19.96
CA LYS B 113 -53.77 -7.48 -20.68
C LYS B 113 -52.40 -7.81 -20.09
N THR B 114 -52.34 -8.54 -18.97
CA THR B 114 -51.11 -9.09 -18.43
C THR B 114 -51.49 -9.96 -17.25
N GLN B 115 -50.48 -10.58 -16.64
CA GLN B 115 -50.71 -11.39 -15.45
C GLN B 115 -50.56 -10.55 -14.19
N SER B 116 -51.07 -11.10 -13.09
CA SER B 116 -50.93 -10.50 -11.79
C SER B 116 -51.03 -11.60 -10.75
N LEU B 117 -50.46 -11.34 -9.57
CA LEU B 117 -50.42 -12.38 -8.56
C LEU B 117 -51.63 -12.27 -7.65
N LEU B 118 -52.09 -13.43 -7.18
CA LEU B 118 -53.28 -13.53 -6.36
C LEU B 118 -52.99 -14.37 -5.13
N ILE B 119 -53.47 -13.91 -3.98
CA ILE B 119 -53.47 -14.70 -2.75
C ILE B 119 -54.90 -14.85 -2.28
N VAL B 120 -55.31 -16.08 -2.01
CA VAL B 120 -56.63 -16.35 -1.44
C VAL B 120 -56.49 -17.45 -0.40
N ASN B 121 -57.23 -17.30 0.70
CA ASN B 121 -57.37 -18.34 1.71
C ASN B 121 -58.85 -18.60 1.90
N ASN B 122 -59.33 -19.78 1.54
CA ASN B 122 -60.74 -20.13 1.67
C ASN B 122 -60.88 -21.36 2.56
N ALA B 123 -60.76 -21.14 3.88
CA ALA B 123 -61.27 -22.06 4.89
C ALA B 123 -60.65 -23.45 4.82
N THR B 124 -59.84 -23.72 3.82
CA THR B 124 -59.30 -25.06 3.63
C THR B 124 -57.80 -25.04 3.41
N ASN B 125 -57.28 -24.06 2.68
CA ASN B 125 -55.85 -23.94 2.43
C ASN B 125 -55.63 -22.60 1.76
N VAL B 126 -54.36 -22.21 1.69
CA VAL B 126 -53.94 -20.97 1.05
C VAL B 126 -53.69 -21.26 -0.42
N VAL B 127 -54.33 -20.51 -1.30
CA VAL B 127 -54.26 -20.76 -2.73
C VAL B 127 -53.66 -19.55 -3.43
N ILE B 128 -52.67 -19.80 -4.28
CA ILE B 128 -51.89 -18.77 -4.95
C ILE B 128 -51.81 -19.10 -6.43
N LYS B 129 -51.94 -18.10 -7.29
CA LYS B 129 -51.75 -18.30 -8.71
C LYS B 129 -51.48 -16.95 -9.36
N VAL B 130 -51.12 -17.01 -10.64
CA VAL B 130 -50.57 -15.85 -11.35
C VAL B 130 -51.35 -15.57 -12.63
N CYS B 131 -52.63 -15.92 -12.66
CA CYS B 131 -53.37 -15.81 -13.91
C CYS B 131 -53.89 -14.40 -14.14
N GLU B 132 -54.34 -14.17 -15.36
CA GLU B 132 -54.99 -12.91 -15.75
C GLU B 132 -56.50 -13.14 -15.65
N PHE B 133 -57.06 -12.81 -14.50
CA PHE B 133 -58.48 -13.01 -14.25
C PHE B 133 -59.29 -11.80 -14.65
N GLN B 134 -60.57 -12.04 -14.90
CA GLN B 134 -61.53 -10.96 -15.10
C GLN B 134 -61.75 -10.33 -13.74
N PHE B 135 -60.88 -9.39 -13.38
CA PHE B 135 -60.95 -8.77 -12.07
C PHE B 135 -62.19 -7.90 -11.94
N CYS B 136 -62.90 -8.08 -10.83
CA CYS B 136 -63.97 -7.16 -10.50
C CYS B 136 -63.39 -5.91 -9.84
N ASN B 137 -64.26 -4.96 -9.49
CA ASN B 137 -63.78 -3.78 -8.79
C ASN B 137 -63.20 -4.14 -7.42
N ASP B 138 -63.90 -5.00 -6.68
CA ASP B 138 -63.44 -5.42 -5.36
C ASP B 138 -64.16 -6.69 -4.94
N PRO B 139 -63.96 -7.80 -5.65
CA PRO B 139 -64.73 -9.00 -5.34
C PRO B 139 -64.36 -9.59 -3.99
N PHE B 140 -65.33 -10.28 -3.40
CA PHE B 140 -65.09 -11.07 -2.20
C PHE B 140 -66.24 -12.05 -2.00
N ASN B 164 -57.32 -15.99 -17.58
CA ASN B 164 -56.50 -17.19 -17.72
C ASN B 164 -55.11 -16.85 -18.22
N ASN B 165 -54.57 -17.70 -19.10
CA ASN B 165 -53.27 -17.47 -19.72
C ASN B 165 -52.15 -17.39 -18.68
N CYS B 166 -52.04 -18.41 -17.83
CA CYS B 166 -51.13 -18.36 -16.70
C CYS B 166 -50.25 -19.59 -16.61
N THR B 167 -49.12 -19.42 -15.92
CA THR B 167 -48.08 -20.43 -15.87
C THR B 167 -47.87 -21.04 -14.50
N PHE B 168 -48.10 -20.31 -13.41
CA PHE B 168 -47.73 -20.80 -12.09
C PHE B 168 -48.92 -20.74 -11.14
N GLU B 169 -48.92 -21.66 -10.19
CA GLU B 169 -49.92 -21.69 -9.14
C GLU B 169 -49.37 -22.49 -7.98
N TYR B 170 -49.63 -22.02 -6.77
CA TYR B 170 -49.30 -22.75 -5.56
C TYR B 170 -50.53 -22.85 -4.67
N VAL B 171 -50.75 -24.01 -4.08
CA VAL B 171 -51.81 -24.22 -3.12
C VAL B 171 -51.20 -25.01 -1.96
N SER B 172 -51.34 -24.49 -0.75
CA SER B 172 -50.87 -25.21 0.43
C SER B 172 -51.89 -26.25 0.85
N PHE B 186 -59.33 -8.29 17.85
CA PHE B 186 -58.37 -8.17 16.76
C PHE B 186 -56.99 -8.62 17.19
N LYS B 187 -56.96 -9.54 18.16
CA LYS B 187 -55.70 -9.99 18.75
C LYS B 187 -54.79 -10.68 17.75
N ASN B 188 -55.31 -11.09 16.61
CA ASN B 188 -54.53 -11.82 15.62
C ASN B 188 -53.83 -10.81 14.73
N LEU B 189 -52.57 -10.50 15.07
CA LEU B 189 -51.78 -9.56 14.28
C LEU B 189 -51.08 -10.32 13.15
N ARG B 190 -51.84 -10.56 12.08
CA ARG B 190 -51.27 -11.18 10.89
C ARG B 190 -50.43 -10.16 10.14
N GLU B 191 -49.14 -10.08 10.45
CA GLU B 191 -48.25 -9.13 9.81
C GLU B 191 -47.59 -9.77 8.60
N PHE B 192 -47.25 -8.94 7.62
CA PHE B 192 -46.72 -9.46 6.36
C PHE B 192 -45.80 -8.43 5.72
N VAL B 193 -44.78 -8.92 5.01
CA VAL B 193 -43.86 -8.07 4.26
C VAL B 193 -43.61 -8.70 2.90
N PHE B 194 -43.79 -7.92 1.85
CA PHE B 194 -43.66 -8.42 0.49
C PHE B 194 -42.57 -7.63 -0.22
N LYS B 195 -41.60 -8.34 -0.81
CA LYS B 195 -40.47 -7.68 -1.43
C LYS B 195 -40.11 -8.35 -2.74
N ASN B 196 -39.44 -7.58 -3.60
CA ASN B 196 -39.06 -8.04 -4.92
C ASN B 196 -37.65 -7.61 -5.33
N TYR B 200 -36.22 -11.10 -6.72
CA TYR B 200 -37.62 -11.27 -7.09
C TYR B 200 -38.48 -11.48 -5.83
N PHE B 201 -39.55 -12.26 -5.93
CA PHE B 201 -40.65 -12.15 -4.98
C PHE B 201 -40.43 -13.01 -3.73
N LYS B 202 -40.75 -12.43 -2.57
CA LYS B 202 -40.57 -13.05 -1.26
C LYS B 202 -41.81 -12.84 -0.41
N ILE B 203 -41.87 -13.56 0.71
CA ILE B 203 -42.99 -13.43 1.63
C ILE B 203 -42.52 -13.57 3.07
N TYR B 204 -42.72 -12.54 3.88
CA TYR B 204 -42.28 -12.50 5.27
C TYR B 204 -43.47 -12.11 6.15
N SER B 205 -43.59 -12.75 7.31
CA SER B 205 -44.80 -12.57 8.10
C SER B 205 -44.50 -12.77 9.57
N LYS B 206 -45.53 -12.60 10.38
CA LYS B 206 -45.53 -12.91 11.80
C LYS B 206 -46.95 -12.81 12.31
N HIS B 207 -47.27 -13.66 13.29
CA HIS B 207 -48.61 -13.80 13.83
C HIS B 207 -48.53 -13.74 15.34
N THR B 208 -49.07 -12.68 15.93
CA THR B 208 -48.92 -12.45 17.35
C THR B 208 -50.27 -12.16 18.00
N PRO B 209 -50.41 -12.48 19.28
CA PRO B 209 -51.58 -12.01 20.03
C PRO B 209 -51.40 -10.56 20.44
N ILE B 210 -52.43 -9.75 20.22
CA ILE B 210 -52.38 -8.33 20.55
C ILE B 210 -53.67 -7.92 21.22
N ASN B 211 -53.87 -6.61 21.37
CA ASN B 211 -55.09 -6.09 21.98
C ASN B 211 -55.33 -4.63 21.60
N ASP B 215 -55.16 0.29 18.27
CA ASP B 215 -54.29 0.63 17.15
C ASP B 215 -53.02 -0.22 17.15
N LEU B 216 -52.02 0.20 16.37
CA LEU B 216 -50.78 -0.56 16.24
C LEU B 216 -49.97 -0.49 17.52
N PRO B 217 -49.59 -1.61 18.11
CA PRO B 217 -48.89 -1.60 19.39
C PRO B 217 -47.39 -1.39 19.22
N GLN B 218 -46.81 -0.63 20.14
CA GLN B 218 -45.37 -0.60 20.25
C GLN B 218 -44.85 -1.93 20.79
N GLY B 219 -43.58 -2.15 20.63
CA GLY B 219 -42.97 -3.38 21.09
C GLY B 219 -41.89 -3.83 20.12
N PHE B 220 -41.70 -5.14 20.03
CA PHE B 220 -40.77 -5.67 19.05
C PHE B 220 -41.16 -7.09 18.68
N SER B 221 -40.93 -7.43 17.42
CA SER B 221 -41.21 -8.77 16.92
C SER B 221 -40.49 -8.97 15.61
N ALA B 222 -39.85 -10.11 15.44
CA ALA B 222 -39.15 -10.42 14.21
C ALA B 222 -40.04 -11.23 13.28
N LEU B 223 -40.08 -10.82 12.01
CA LEU B 223 -40.86 -11.55 11.02
C LEU B 223 -40.02 -12.68 10.43
N GLU B 224 -40.53 -13.85 10.51
CA GLU B 224 -39.89 -15.01 9.92
C GLU B 224 -40.24 -15.09 8.44
N PRO B 225 -39.37 -15.66 7.62
CA PRO B 225 -39.74 -15.92 6.24
C PRO B 225 -40.75 -17.03 6.16
N LEU B 226 -41.65 -16.93 5.18
CA LEU B 226 -42.55 -18.03 4.89
C LEU B 226 -42.28 -18.64 3.52
N VAL B 227 -42.36 -17.84 2.47
CA VAL B 227 -42.45 -18.37 1.13
C VAL B 227 -41.59 -17.54 0.19
N ASP B 228 -40.96 -18.22 -0.76
CA ASP B 228 -40.39 -17.58 -1.92
C ASP B 228 -41.19 -18.05 -3.14
N LEU B 229 -41.53 -17.11 -4.01
CA LEU B 229 -42.30 -17.41 -5.21
C LEU B 229 -41.57 -16.95 -6.46
N PRO B 230 -41.33 -17.84 -7.40
CA PRO B 230 -40.48 -17.52 -8.55
C PRO B 230 -41.24 -17.06 -9.78
N ILE B 231 -41.74 -15.82 -9.81
CA ILE B 231 -42.49 -15.35 -10.95
C ILE B 231 -41.77 -14.23 -11.70
N GLY B 232 -41.14 -13.30 -10.98
CA GLY B 232 -40.47 -12.21 -11.65
C GLY B 232 -41.39 -11.34 -12.48
N ILE B 233 -42.56 -11.06 -11.97
CA ILE B 233 -43.55 -10.27 -12.68
C ILE B 233 -43.38 -8.79 -12.35
N ASN B 234 -43.44 -7.95 -13.39
CA ASN B 234 -43.46 -6.51 -13.18
C ASN B 234 -44.69 -6.14 -12.36
N ILE B 235 -44.48 -5.73 -11.11
CA ILE B 235 -45.55 -5.34 -10.22
C ILE B 235 -45.27 -3.95 -9.69
N THR B 236 -46.26 -3.06 -9.78
CA THR B 236 -46.13 -1.72 -9.26
C THR B 236 -47.24 -1.31 -8.32
N ARG B 237 -48.31 -2.09 -8.22
CA ARG B 237 -49.53 -1.63 -7.59
C ARG B 237 -50.24 -2.82 -6.95
N PHE B 238 -51.00 -2.56 -5.89
CA PHE B 238 -51.82 -3.63 -5.34
C PHE B 238 -53.04 -3.06 -4.65
N GLN B 239 -54.03 -3.92 -4.48
CA GLN B 239 -55.18 -3.64 -3.65
C GLN B 239 -55.42 -4.86 -2.78
N THR B 240 -55.86 -4.63 -1.55
CA THR B 240 -56.08 -5.73 -0.64
C THR B 240 -57.30 -6.54 -1.03
N LEU B 241 -57.40 -7.73 -0.46
CA LEU B 241 -58.57 -8.58 -0.62
C LEU B 241 -59.11 -8.90 0.76
N LEU B 242 -60.14 -8.17 1.15
CA LEU B 242 -60.87 -8.46 2.36
C LEU B 242 -61.88 -9.56 2.11
N ALA B 263 -62.55 -3.86 11.41
CA ALA B 263 -61.87 -4.31 10.20
C ALA B 263 -60.85 -3.29 9.76
N ALA B 264 -59.60 -3.49 10.13
CA ALA B 264 -58.57 -2.47 9.91
C ALA B 264 -57.23 -3.14 9.67
N TYR B 265 -56.30 -2.33 9.15
CA TYR B 265 -54.96 -2.78 8.77
C TYR B 265 -54.17 -1.55 8.38
N TYR B 266 -52.84 -1.69 8.37
CA TYR B 266 -51.94 -0.59 8.08
C TYR B 266 -51.02 -0.94 6.92
N VAL B 267 -50.44 0.09 6.33
CA VAL B 267 -49.56 -0.04 5.17
C VAL B 267 -48.28 0.73 5.43
N GLY B 268 -47.14 0.06 5.22
CA GLY B 268 -45.84 0.68 5.29
C GLY B 268 -45.15 0.73 3.94
N TYR B 269 -43.88 1.12 3.97
CA TYR B 269 -43.11 1.21 2.75
C TYR B 269 -41.64 1.00 3.05
N LEU B 270 -41.01 0.09 2.34
CA LEU B 270 -39.64 -0.30 2.60
C LEU B 270 -38.65 0.64 1.89
N GLN B 271 -37.49 0.80 2.50
CA GLN B 271 -36.44 1.65 1.96
C GLN B 271 -35.11 0.96 2.17
N PRO B 272 -34.12 1.28 1.36
CA PRO B 272 -32.79 0.68 1.54
C PRO B 272 -31.97 1.35 2.63
N ARG B 273 -32.20 0.96 3.86
CA ARG B 273 -31.37 1.39 4.97
C ARG B 273 -30.45 0.28 5.39
N THR B 274 -29.64 0.55 6.41
CA THR B 274 -28.74 -0.43 6.99
C THR B 274 -29.10 -0.59 8.46
N PHE B 275 -29.25 -1.82 8.89
CA PHE B 275 -29.65 -2.10 10.26
C PHE B 275 -28.57 -2.82 11.02
N LEU B 276 -28.73 -2.82 12.33
CA LEU B 276 -27.93 -3.60 13.25
C LEU B 276 -28.87 -4.54 13.97
N LEU B 277 -28.68 -5.84 13.81
CA LEU B 277 -29.59 -6.82 14.35
C LEU B 277 -28.90 -7.62 15.45
N LYS B 278 -29.61 -7.82 16.55
CA LYS B 278 -29.08 -8.55 17.69
C LYS B 278 -29.74 -9.93 17.74
N TYR B 279 -29.08 -10.92 17.19
CA TYR B 279 -29.52 -12.29 17.39
C TYR B 279 -29.37 -12.66 18.85
N ASN B 280 -30.32 -13.41 19.37
CA ASN B 280 -30.28 -13.76 20.78
C ASN B 280 -29.47 -15.03 20.98
N GLU B 281 -29.45 -15.52 22.22
CA GLU B 281 -28.81 -16.80 22.49
C GLU B 281 -29.55 -17.94 21.81
N ASN B 282 -30.88 -17.92 21.87
CA ASN B 282 -31.63 -18.94 21.18
C ASN B 282 -31.53 -18.82 19.67
N GLY B 283 -30.98 -17.72 19.17
CA GLY B 283 -30.86 -17.55 17.74
C GLY B 283 -31.97 -16.74 17.11
N THR B 284 -32.41 -15.68 17.76
CA THR B 284 -33.56 -14.91 17.33
C THR B 284 -33.23 -13.42 17.33
N ILE B 285 -33.76 -12.69 16.36
CA ILE B 285 -33.67 -11.24 16.43
C ILE B 285 -34.49 -10.76 17.61
N THR B 286 -33.83 -10.14 18.58
CA THR B 286 -34.52 -9.61 19.72
C THR B 286 -34.50 -8.11 19.81
N ASP B 287 -33.59 -7.43 19.11
CA ASP B 287 -33.61 -5.98 19.03
C ASP B 287 -32.72 -5.53 17.89
N ALA B 288 -33.10 -4.42 17.29
CA ALA B 288 -32.37 -3.88 16.17
C ALA B 288 -32.38 -2.36 16.26
N VAL B 289 -31.44 -1.73 15.56
CA VAL B 289 -31.29 -0.29 15.61
C VAL B 289 -31.06 0.25 14.22
N ASP B 290 -31.82 1.27 13.85
CA ASP B 290 -31.61 1.93 12.57
C ASP B 290 -30.29 2.68 12.58
N CYS B 291 -29.61 2.71 11.44
CA CYS B 291 -28.35 3.42 11.36
C CYS B 291 -28.54 4.90 11.01
N ALA B 292 -29.57 5.24 10.26
CA ALA B 292 -29.72 6.61 9.77
C ALA B 292 -30.84 7.36 10.46
N LEU B 293 -31.42 6.82 11.53
CA LEU B 293 -32.55 7.49 12.15
C LEU B 293 -32.16 8.82 12.76
N ASP B 294 -31.12 8.84 13.57
CA ASP B 294 -30.74 10.02 14.33
C ASP B 294 -29.28 9.92 14.69
N PRO B 295 -28.65 11.03 15.05
CA PRO B 295 -27.23 10.97 15.38
C PRO B 295 -26.91 9.96 16.46
N LEU B 296 -27.74 9.84 17.49
CA LEU B 296 -27.50 8.83 18.50
C LEU B 296 -27.52 7.45 17.87
N SER B 297 -28.50 7.19 17.01
CA SER B 297 -28.51 5.94 16.28
C SER B 297 -27.31 5.84 15.35
N GLU B 298 -26.98 6.93 14.65
CA GLU B 298 -25.82 6.90 13.76
C GLU B 298 -24.58 6.48 14.51
N THR B 299 -24.49 6.86 15.78
CA THR B 299 -23.33 6.49 16.58
C THR B 299 -23.32 5.00 16.87
N LYS B 300 -24.46 4.47 17.28
CA LYS B 300 -24.52 3.07 17.69
C LYS B 300 -23.99 2.16 16.61
N CYS B 301 -24.37 2.44 15.36
CA CYS B 301 -23.87 1.63 14.25
C CYS B 301 -22.36 1.75 14.15
N THR B 302 -21.83 2.95 14.33
CA THR B 302 -20.39 3.14 14.21
C THR B 302 -19.65 2.30 15.23
N LEU B 303 -20.12 2.30 16.47
CA LEU B 303 -19.48 1.45 17.46
C LEU B 303 -19.99 0.03 17.45
N LYS B 304 -21.02 -0.28 16.66
CA LYS B 304 -21.57 -1.62 16.61
C LYS B 304 -21.99 -2.09 18.01
N SER B 305 -22.78 -1.26 18.67
CA SER B 305 -23.16 -1.57 20.04
C SER B 305 -24.49 -0.91 20.37
N PHE B 306 -25.07 -1.36 21.47
CA PHE B 306 -26.32 -0.82 21.97
C PHE B 306 -26.12 0.08 23.17
N THR B 307 -24.88 0.23 23.64
CA THR B 307 -24.56 1.08 24.77
C THR B 307 -23.38 1.95 24.38
N VAL B 308 -23.39 3.20 24.80
CA VAL B 308 -22.35 4.14 24.41
C VAL B 308 -21.81 4.81 25.67
N GLU B 309 -20.53 4.60 25.96
CA GLU B 309 -19.90 5.32 27.04
C GLU B 309 -19.87 6.79 26.71
N LYS B 310 -20.08 7.61 27.75
CA LYS B 310 -20.06 9.05 27.58
C LYS B 310 -18.78 9.49 26.89
N GLY B 311 -18.92 10.22 25.78
CA GLY B 311 -17.75 10.62 25.02
C GLY B 311 -18.14 11.24 23.69
N ILE B 312 -17.18 11.25 22.77
CA ILE B 312 -17.36 11.81 21.43
C ILE B 312 -17.12 10.73 20.42
N TYR B 313 -17.86 10.79 19.32
CA TYR B 313 -17.74 9.77 18.29
C TYR B 313 -17.93 10.43 16.95
N GLN B 314 -17.04 10.15 16.02
CA GLN B 314 -17.14 10.67 14.67
C GLN B 314 -17.73 9.57 13.81
N THR B 315 -18.86 9.85 13.17
CA THR B 315 -19.60 8.82 12.44
C THR B 315 -19.65 9.06 10.95
N SER B 316 -20.06 10.25 10.53
CA SER B 316 -20.24 10.49 9.11
C SER B 316 -19.43 11.69 8.65
N ASN B 317 -19.69 12.16 7.44
CA ASN B 317 -18.98 13.29 6.89
C ASN B 317 -19.98 14.28 6.34
N PHE B 318 -19.97 15.50 6.85
CA PHE B 318 -20.75 16.54 6.24
C PHE B 318 -20.13 16.95 4.92
N ARG B 319 -20.98 17.21 3.93
CA ARG B 319 -20.49 17.75 2.67
C ARG B 319 -21.60 18.58 2.05
N VAL B 320 -21.30 19.85 1.77
CA VAL B 320 -22.25 20.65 1.01
C VAL B 320 -22.45 20.01 -0.34
N GLN B 321 -23.64 19.62 -0.60
CA GLN B 321 -23.77 19.17 -1.98
C GLN B 321 -23.88 20.38 -2.90
N PRO B 322 -23.33 20.30 -4.10
CA PRO B 322 -23.50 21.41 -5.05
C PRO B 322 -24.97 21.56 -5.38
N THR B 323 -25.47 22.79 -5.24
CA THR B 323 -26.87 23.01 -5.51
C THR B 323 -27.24 22.75 -6.96
N GLU B 324 -26.27 22.88 -7.87
CA GLU B 324 -26.51 22.62 -9.28
C GLU B 324 -25.20 22.53 -10.03
N SER B 325 -25.28 22.20 -11.32
CA SER B 325 -24.13 22.22 -12.21
C SER B 325 -24.33 23.35 -13.20
N ILE B 326 -23.32 24.21 -13.32
CA ILE B 326 -23.43 25.42 -14.11
C ILE B 326 -22.31 25.44 -15.14
N VAL B 327 -22.69 25.61 -16.39
CA VAL B 327 -21.79 25.44 -17.51
C VAL B 327 -21.34 26.80 -18.04
N ARG B 328 -20.07 26.89 -18.40
CA ARG B 328 -19.49 28.08 -18.98
C ARG B 328 -18.86 27.68 -20.30
N PHE B 329 -19.34 28.30 -21.39
CA PHE B 329 -18.82 28.07 -22.76
C PHE B 329 -17.83 29.20 -23.11
N PRO B 330 -16.72 28.91 -23.81
CA PRO B 330 -15.70 29.93 -24.16
C PRO B 330 -16.17 31.08 -25.08
N ASN B 331 -15.38 32.16 -25.12
CA ASN B 331 -15.69 33.36 -25.94
C ASN B 331 -15.63 32.99 -27.42
N ILE B 332 -16.73 33.18 -28.17
CA ILE B 332 -16.77 32.82 -29.61
C ILE B 332 -15.62 33.45 -30.41
N THR B 333 -15.16 32.73 -31.45
CA THR B 333 -14.04 33.13 -32.36
C THR B 333 -14.59 34.02 -33.49
N ASN B 334 -14.19 33.80 -34.76
CA ASN B 334 -14.82 34.67 -35.74
C ASN B 334 -15.45 33.84 -36.85
N LEU B 335 -16.43 34.43 -37.51
CA LEU B 335 -17.07 33.79 -38.66
C LEU B 335 -16.19 33.93 -39.89
N CYS B 336 -16.09 32.86 -40.67
CA CYS B 336 -15.27 32.81 -41.87
C CYS B 336 -16.19 32.50 -43.06
N PRO B 337 -15.68 32.32 -44.32
CA PRO B 337 -16.59 32.40 -45.47
C PRO B 337 -17.54 31.23 -45.67
N PHE B 338 -17.78 30.41 -44.65
CA PHE B 338 -18.79 29.36 -44.73
C PHE B 338 -20.05 29.79 -45.48
N GLY B 339 -20.61 30.95 -45.11
CA GLY B 339 -21.80 31.41 -45.80
C GLY B 339 -21.57 31.77 -47.25
N GLU B 340 -20.37 32.25 -47.58
CA GLU B 340 -20.13 32.81 -48.90
C GLU B 340 -20.23 31.74 -49.99
N VAL B 341 -19.75 30.53 -49.73
CA VAL B 341 -19.92 29.47 -50.72
C VAL B 341 -21.40 29.17 -50.93
N PHE B 342 -22.20 29.31 -49.89
CA PHE B 342 -23.65 29.21 -50.02
C PHE B 342 -24.25 30.50 -50.59
N ASN B 343 -23.64 31.64 -50.31
CA ASN B 343 -24.21 32.93 -50.68
C ASN B 343 -23.44 33.61 -51.81
N ALA B 344 -22.73 32.82 -52.62
CA ALA B 344 -21.96 33.38 -53.72
C ALA B 344 -22.86 33.93 -54.81
N THR B 345 -22.43 35.04 -55.41
CA THR B 345 -23.16 35.61 -56.54
C THR B 345 -23.12 34.67 -57.74
N ARG B 346 -21.95 34.10 -58.01
CA ARG B 346 -21.74 33.28 -59.19
C ARG B 346 -21.11 31.95 -58.79
N PHE B 347 -21.38 30.92 -59.58
CA PHE B 347 -20.97 29.56 -59.28
C PHE B 347 -20.17 28.99 -60.43
N ALA B 348 -19.30 28.03 -60.11
CA ALA B 348 -18.62 27.28 -61.14
C ALA B 348 -19.46 26.09 -61.59
N SER B 349 -19.05 25.46 -62.68
CA SER B 349 -19.73 24.26 -63.12
C SER B 349 -19.28 23.05 -62.31
N VAL B 350 -19.90 21.91 -62.59
CA VAL B 350 -19.59 20.69 -61.85
C VAL B 350 -18.20 20.15 -62.22
N TYR B 351 -17.82 20.26 -63.50
CA TYR B 351 -16.54 19.66 -63.90
C TYR B 351 -15.38 20.42 -63.29
N ALA B 352 -15.42 21.74 -63.38
CA ALA B 352 -14.46 22.65 -62.72
C ALA B 352 -14.99 23.07 -61.36
N TRP B 353 -15.45 22.08 -60.61
CA TRP B 353 -16.01 22.32 -59.29
C TRP B 353 -14.98 22.93 -58.36
N ASN B 354 -15.35 24.02 -57.71
CA ASN B 354 -14.43 24.71 -56.83
C ASN B 354 -14.25 23.94 -55.53
N ARG B 355 -13.08 24.09 -54.93
CA ARG B 355 -12.79 23.49 -53.63
C ARG B 355 -12.31 24.60 -52.71
N LYS B 356 -13.18 25.00 -51.77
CA LYS B 356 -12.86 26.05 -50.82
C LYS B 356 -12.37 25.42 -49.53
N ARG B 357 -11.08 25.57 -49.25
CA ARG B 357 -10.51 25.12 -48.00
C ARG B 357 -10.90 26.10 -46.89
N ILE B 358 -11.43 25.57 -45.80
CA ILE B 358 -11.88 26.36 -44.66
C ILE B 358 -11.34 25.75 -43.39
N SER B 359 -10.79 26.58 -42.51
CA SER B 359 -10.27 26.12 -41.22
C SER B 359 -10.09 27.34 -40.32
N ASN B 360 -9.72 27.06 -39.07
CA ASN B 360 -9.53 28.11 -38.06
C ASN B 360 -10.81 28.90 -37.84
N CYS B 361 -11.93 28.20 -37.80
CA CYS B 361 -13.24 28.83 -37.81
C CYS B 361 -14.09 28.35 -36.64
N VAL B 362 -15.10 29.16 -36.34
CA VAL B 362 -16.09 28.82 -35.33
C VAL B 362 -17.45 28.81 -36.01
N ALA B 363 -17.85 27.66 -36.52
CA ALA B 363 -19.12 27.50 -37.22
C ALA B 363 -20.05 26.64 -36.38
N ASP B 364 -21.23 27.18 -36.08
CA ASP B 364 -22.22 26.41 -35.34
C ASP B 364 -22.87 25.36 -36.23
N TYR B 365 -22.89 25.59 -37.54
CA TYR B 365 -23.48 24.74 -38.56
C TYR B 365 -25.00 24.70 -38.45
N SER B 366 -25.59 25.31 -37.42
CA SER B 366 -27.01 25.19 -37.18
C SER B 366 -27.83 26.02 -38.16
N VAL B 367 -27.26 27.08 -38.71
CA VAL B 367 -27.98 27.87 -39.69
C VAL B 367 -28.37 27.02 -40.89
N LEU B 368 -27.64 25.94 -41.16
CA LEU B 368 -28.02 25.06 -42.25
C LEU B 368 -29.35 24.37 -41.97
N TYR B 369 -29.63 24.10 -40.70
CA TYR B 369 -30.73 23.21 -40.34
C TYR B 369 -32.07 23.91 -40.46
N ASN B 370 -32.18 25.13 -39.92
CA ASN B 370 -33.44 25.85 -40.02
C ASN B 370 -33.67 26.43 -41.41
N SER B 371 -32.60 26.87 -42.08
CA SER B 371 -32.77 27.52 -43.38
C SER B 371 -33.38 26.54 -44.36
N ALA B 372 -34.63 26.78 -44.72
CA ALA B 372 -35.39 25.85 -45.56
C ALA B 372 -35.03 25.96 -47.03
N SER B 373 -34.22 26.96 -47.42
CA SER B 373 -33.88 27.11 -48.83
C SER B 373 -33.17 25.88 -49.35
N PHE B 374 -32.39 25.21 -48.51
CA PHE B 374 -31.57 24.08 -48.94
C PHE B 374 -32.47 22.93 -49.35
N SER B 375 -32.56 22.69 -50.67
CA SER B 375 -33.41 21.64 -51.17
C SER B 375 -32.86 20.25 -50.87
N THR B 376 -31.53 20.13 -50.76
CA THR B 376 -30.89 18.83 -50.57
C THR B 376 -30.02 18.89 -49.33
N PHE B 377 -30.23 17.96 -48.42
CA PHE B 377 -29.46 17.90 -47.17
C PHE B 377 -29.47 16.45 -46.68
N LYS B 378 -28.40 15.72 -47.00
CA LYS B 378 -28.28 14.31 -46.65
C LYS B 378 -26.86 14.07 -46.14
N CYS B 379 -26.70 14.03 -44.81
CA CYS B 379 -25.39 13.90 -44.20
C CYS B 379 -25.20 12.49 -43.66
N TYR B 380 -24.18 11.80 -44.19
CA TYR B 380 -23.96 10.37 -43.95
C TYR B 380 -23.00 10.11 -42.80
N GLY B 381 -21.81 10.71 -42.87
CA GLY B 381 -20.72 10.31 -41.98
C GLY B 381 -21.09 10.45 -40.51
N VAL B 382 -21.72 11.56 -40.14
CA VAL B 382 -22.11 11.79 -38.75
C VAL B 382 -23.56 12.28 -38.73
N SER B 383 -24.23 12.07 -37.59
CA SER B 383 -25.55 12.67 -37.40
C SER B 383 -25.39 14.19 -37.46
N PRO B 384 -26.19 14.89 -38.27
CA PRO B 384 -25.86 16.30 -38.57
C PRO B 384 -25.93 17.23 -37.38
N THR B 385 -26.80 16.99 -36.41
CA THR B 385 -27.01 18.00 -35.38
C THR B 385 -25.81 18.11 -34.45
N LYS B 386 -25.12 17.01 -34.18
CA LYS B 386 -23.92 17.03 -33.34
C LYS B 386 -22.69 17.42 -34.17
N LEU B 387 -22.71 18.64 -34.68
CA LEU B 387 -21.61 19.16 -35.47
C LEU B 387 -20.87 20.29 -34.76
N ASN B 388 -21.59 21.24 -34.16
CA ASN B 388 -20.91 22.31 -33.44
C ASN B 388 -20.20 21.81 -32.20
N ASP B 389 -20.78 20.85 -31.48
CA ASP B 389 -20.22 20.35 -30.22
C ASP B 389 -18.96 19.53 -30.43
N LEU B 390 -18.62 19.23 -31.68
CA LEU B 390 -17.37 18.59 -32.02
C LEU B 390 -16.72 19.38 -33.15
N CYS B 391 -15.55 18.92 -33.58
CA CYS B 391 -14.84 19.60 -34.65
C CYS B 391 -13.69 18.75 -35.13
N PHE B 392 -13.30 18.97 -36.39
CA PHE B 392 -12.26 18.23 -37.06
C PHE B 392 -11.10 19.15 -37.41
N THR B 393 -10.08 18.53 -38.00
CA THR B 393 -8.88 19.27 -38.37
C THR B 393 -9.19 20.35 -39.41
N ASN B 394 -9.94 20.00 -40.45
CA ASN B 394 -10.21 20.92 -41.53
C ASN B 394 -11.53 20.55 -42.19
N VAL B 395 -12.17 21.54 -42.78
CA VAL B 395 -13.44 21.37 -43.46
C VAL B 395 -13.30 21.88 -44.89
N TYR B 396 -13.85 21.13 -45.84
CA TYR B 396 -13.74 21.42 -47.25
C TYR B 396 -15.13 21.67 -47.82
N ALA B 397 -15.30 22.83 -48.45
CA ALA B 397 -16.60 23.25 -48.97
C ALA B 397 -16.48 23.43 -50.47
N ASP B 398 -17.22 22.62 -51.22
CA ASP B 398 -17.28 22.75 -52.67
C ASP B 398 -18.54 23.50 -53.09
N SER B 399 -18.57 23.94 -54.33
CA SER B 399 -19.71 24.69 -54.84
C SER B 399 -19.78 24.59 -56.34
N PHE B 400 -20.96 24.23 -56.85
CA PHE B 400 -21.25 24.23 -58.28
C PHE B 400 -22.75 24.09 -58.45
N VAL B 401 -23.19 24.09 -59.71
CA VAL B 401 -24.61 23.97 -60.06
C VAL B 401 -24.76 22.85 -61.08
N ILE B 402 -25.78 22.03 -60.88
CA ILE B 402 -26.08 20.91 -61.78
C ILE B 402 -27.54 20.99 -62.19
N ARG B 403 -27.92 20.11 -63.11
CA ARG B 403 -29.30 19.94 -63.48
C ARG B 403 -30.03 19.15 -62.39
N GLY B 404 -31.35 19.29 -62.36
CA GLY B 404 -32.13 18.66 -61.30
C GLY B 404 -32.02 17.15 -61.31
N ASP B 405 -31.92 16.55 -62.49
CA ASP B 405 -31.77 15.10 -62.58
C ASP B 405 -30.43 14.62 -62.05
N GLU B 406 -29.42 15.50 -62.01
CA GLU B 406 -28.10 15.10 -61.55
C GLU B 406 -27.95 15.15 -60.04
N VAL B 407 -28.96 15.65 -59.32
CA VAL B 407 -28.85 15.81 -57.88
C VAL B 407 -28.73 14.46 -57.18
N ARG B 408 -29.37 13.42 -57.73
CA ARG B 408 -29.22 12.09 -57.18
C ARG B 408 -27.80 11.59 -57.26
N GLN B 409 -27.02 12.06 -58.25
CA GLN B 409 -25.76 11.43 -58.62
C GLN B 409 -24.61 11.77 -57.67
N ILE B 410 -24.79 12.72 -56.77
CA ILE B 410 -23.76 13.05 -55.78
C ILE B 410 -24.15 12.33 -54.50
N ALA B 411 -23.64 11.12 -54.35
CA ALA B 411 -23.83 10.28 -53.19
C ALA B 411 -22.84 9.12 -53.28
N PRO B 412 -22.38 8.57 -52.16
CA PRO B 412 -21.40 7.48 -52.24
C PRO B 412 -21.96 6.30 -53.02
N GLY B 413 -21.17 5.81 -53.97
CA GLY B 413 -21.55 4.70 -54.80
C GLY B 413 -22.45 5.03 -55.97
N GLN B 414 -22.85 6.29 -56.12
CA GLN B 414 -23.68 6.67 -57.26
C GLN B 414 -22.91 6.54 -58.57
N THR B 415 -23.62 6.11 -59.62
CA THR B 415 -23.05 6.00 -60.95
C THR B 415 -23.81 6.93 -61.87
N GLY B 416 -23.09 7.77 -62.59
CA GLY B 416 -23.69 8.72 -63.50
C GLY B 416 -22.62 9.53 -64.19
N LYS B 417 -23.04 10.27 -65.22
CA LYS B 417 -22.09 11.08 -65.99
C LYS B 417 -21.45 12.12 -65.09
N ILE B 418 -22.23 12.76 -64.23
CA ILE B 418 -21.65 13.61 -63.20
C ILE B 418 -20.83 12.77 -62.23
N ALA B 419 -21.34 11.61 -61.82
CA ALA B 419 -20.66 10.79 -60.84
C ALA B 419 -19.36 10.22 -61.39
N ASP B 420 -19.27 10.02 -62.70
CA ASP B 420 -18.09 9.39 -63.29
C ASP B 420 -17.21 10.35 -64.08
N TYR B 421 -17.75 11.45 -64.60
CA TYR B 421 -16.98 12.37 -65.42
C TYR B 421 -16.80 13.75 -64.82
N ASN B 422 -17.55 14.09 -63.77
CA ASN B 422 -17.50 15.46 -63.26
C ASN B 422 -17.07 15.54 -61.80
N TYR B 423 -17.70 14.78 -60.91
CA TYR B 423 -17.37 14.86 -59.49
C TYR B 423 -17.82 13.58 -58.80
N LYS B 424 -16.86 12.84 -58.23
CA LYS B 424 -17.15 11.59 -57.56
C LYS B 424 -17.02 11.75 -56.04
N LEU B 425 -17.87 11.02 -55.33
CA LEU B 425 -17.85 10.98 -53.88
C LEU B 425 -17.37 9.60 -53.45
N PRO B 426 -16.30 9.51 -52.66
CA PRO B 426 -15.80 8.20 -52.24
C PRO B 426 -16.79 7.49 -51.33
N ASP B 427 -16.50 6.21 -51.08
CA ASP B 427 -17.42 5.37 -50.31
C ASP B 427 -17.59 5.91 -48.89
N ASP B 428 -16.52 5.87 -48.10
CA ASP B 428 -16.56 6.28 -46.69
C ASP B 428 -16.32 7.79 -46.56
N PHE B 429 -17.26 8.55 -47.11
CA PHE B 429 -17.13 10.01 -47.15
C PHE B 429 -17.71 10.61 -45.87
N THR B 430 -16.86 11.28 -45.09
CA THR B 430 -17.28 11.97 -43.88
C THR B 430 -17.63 13.40 -44.26
N GLY B 431 -18.92 13.64 -44.44
CA GLY B 431 -19.41 14.93 -44.88
C GLY B 431 -20.77 14.75 -45.54
N CYS B 432 -21.14 15.75 -46.32
CA CYS B 432 -22.41 15.71 -47.04
C CYS B 432 -22.47 16.84 -48.06
N VAL B 433 -23.59 16.87 -48.79
CA VAL B 433 -23.82 17.79 -49.88
C VAL B 433 -25.11 18.56 -49.62
N ILE B 434 -25.06 19.86 -49.89
CA ILE B 434 -26.24 20.73 -49.76
C ILE B 434 -26.54 21.33 -51.12
N ALA B 435 -27.80 21.18 -51.57
CA ALA B 435 -28.22 21.71 -52.85
C ALA B 435 -29.58 22.39 -52.70
N TRP B 436 -29.76 23.48 -53.43
CA TRP B 436 -31.03 24.21 -53.45
C TRP B 436 -31.30 24.71 -54.86
N ASN B 437 -32.58 24.90 -55.16
CA ASN B 437 -32.96 25.36 -56.49
C ASN B 437 -32.53 26.81 -56.69
N SER B 438 -32.05 27.11 -57.90
CA SER B 438 -31.51 28.43 -58.23
C SER B 438 -31.99 28.89 -59.59
N ASN B 439 -33.28 28.71 -59.87
CA ASN B 439 -33.82 29.10 -61.17
C ASN B 439 -33.70 30.60 -61.39
N ASN B 440 -33.88 31.40 -60.34
CA ASN B 440 -33.87 32.85 -60.46
C ASN B 440 -32.48 33.42 -60.75
N LEU B 441 -31.43 32.61 -60.65
CA LEU B 441 -30.07 33.07 -60.86
C LEU B 441 -29.43 32.44 -62.09
N ASP B 442 -29.27 31.12 -62.08
CA ASP B 442 -28.53 30.42 -63.14
C ASP B 442 -29.48 29.95 -64.24
N SER B 443 -30.16 30.91 -64.85
CA SER B 443 -31.06 30.64 -65.96
C SER B 443 -31.34 31.94 -66.69
N LYS B 444 -30.79 32.08 -67.90
CA LYS B 444 -31.13 33.24 -68.71
C LYS B 444 -32.54 33.10 -69.24
N VAL B 445 -33.06 34.21 -69.78
CA VAL B 445 -34.37 34.17 -70.41
C VAL B 445 -34.36 33.20 -71.59
N GLY B 446 -33.32 33.26 -72.42
CA GLY B 446 -33.12 32.33 -73.50
C GLY B 446 -32.26 31.14 -73.15
N GLY B 447 -31.92 30.96 -71.88
CA GLY B 447 -31.03 29.89 -71.47
C GLY B 447 -29.64 30.41 -71.13
N ASN B 448 -29.16 30.09 -69.93
CA ASN B 448 -27.80 30.47 -69.53
C ASN B 448 -26.90 29.29 -69.85
N TYR B 449 -26.20 29.36 -70.97
CA TYR B 449 -25.42 28.25 -71.49
C TYR B 449 -23.96 28.34 -71.07
N ASN B 450 -23.61 29.25 -70.16
CA ASN B 450 -22.24 29.35 -69.70
C ASN B 450 -21.82 28.14 -68.88
N TYR B 451 -22.79 27.37 -68.40
CA TYR B 451 -22.53 26.26 -67.50
C TYR B 451 -22.33 25.00 -68.33
N LEU B 452 -21.18 24.37 -68.17
CA LEU B 452 -20.74 23.29 -69.05
C LEU B 452 -20.53 22.02 -68.23
N TYR B 453 -20.47 20.86 -68.90
CA TYR B 453 -20.25 19.61 -68.17
C TYR B 453 -19.48 18.66 -69.08
N ARG B 454 -18.85 17.65 -68.48
CA ARG B 454 -18.14 16.65 -69.27
C ARG B 454 -19.04 15.42 -69.48
N LEU B 455 -19.11 14.94 -70.73
CA LEU B 455 -19.93 13.78 -71.04
C LEU B 455 -19.19 12.67 -71.76
N PHE B 456 -17.98 12.91 -72.28
CA PHE B 456 -17.08 11.86 -72.74
C PHE B 456 -15.77 11.89 -71.97
N ARG B 457 -15.27 10.71 -71.64
CA ARG B 457 -13.99 10.50 -70.99
C ARG B 457 -13.73 9.00 -70.98
N LYS B 458 -12.46 8.63 -71.09
CA LYS B 458 -12.06 7.23 -71.04
C LYS B 458 -11.73 6.77 -69.63
N SER B 459 -11.97 7.62 -68.63
CA SER B 459 -11.69 7.29 -67.23
C SER B 459 -12.83 7.80 -66.38
N ASN B 460 -13.53 6.88 -65.72
CA ASN B 460 -14.48 7.28 -64.68
C ASN B 460 -13.71 7.96 -63.56
N LEU B 461 -14.18 9.12 -63.13
CA LEU B 461 -13.38 9.96 -62.24
C LEU B 461 -13.12 9.25 -60.92
N LYS B 462 -11.90 9.43 -60.41
CA LYS B 462 -11.56 8.95 -59.09
C LYS B 462 -12.29 9.78 -58.04
N PRO B 463 -12.37 9.30 -56.81
CA PRO B 463 -13.03 10.09 -55.76
C PRO B 463 -12.36 11.45 -55.61
N PHE B 464 -13.18 12.50 -55.59
CA PHE B 464 -12.72 13.87 -55.40
C PHE B 464 -11.74 14.30 -56.50
N GLU B 465 -12.03 13.91 -57.73
CA GLU B 465 -11.20 14.27 -58.88
C GLU B 465 -11.83 15.42 -59.64
N ARG B 466 -11.00 16.39 -60.04
CA ARG B 466 -11.42 17.58 -60.77
C ARG B 466 -10.70 17.57 -62.11
N ASP B 467 -11.45 17.32 -63.18
CA ASP B 467 -10.88 17.16 -64.50
C ASP B 467 -11.19 18.40 -65.33
N ILE B 468 -10.14 19.08 -65.77
CA ILE B 468 -10.26 20.32 -66.53
C ILE B 468 -9.75 20.12 -67.96
N SER B 469 -9.70 18.87 -68.41
CA SER B 469 -9.12 18.56 -69.71
C SER B 469 -9.95 19.16 -70.83
N THR B 470 -9.28 19.83 -71.77
CA THR B 470 -9.91 20.42 -72.94
C THR B 470 -9.79 19.52 -74.17
N GLU B 471 -8.87 18.56 -74.15
CA GLU B 471 -8.58 17.75 -75.32
C GLU B 471 -9.80 17.01 -75.80
N ILE B 472 -10.02 17.01 -77.11
CA ILE B 472 -11.21 16.42 -77.70
C ILE B 472 -11.14 14.90 -77.56
N TYR B 473 -12.20 14.31 -77.01
CA TYR B 473 -12.25 12.87 -76.87
C TYR B 473 -12.33 12.22 -78.24
N GLN B 474 -11.62 11.10 -78.39
CA GLN B 474 -11.60 10.35 -79.65
C GLN B 474 -12.71 9.31 -79.60
N ALA B 475 -13.71 9.46 -80.47
CA ALA B 475 -14.86 8.57 -80.46
C ALA B 475 -14.65 7.33 -81.34
N GLY B 476 -14.08 7.50 -82.53
CA GLY B 476 -13.83 6.38 -83.40
C GLY B 476 -12.44 5.81 -83.22
N SER B 477 -12.25 4.59 -83.76
CA SER B 477 -10.94 3.97 -83.71
C SER B 477 -9.92 4.73 -84.56
N THR B 478 -10.39 5.54 -85.51
CA THR B 478 -9.50 6.41 -86.26
C THR B 478 -8.84 7.42 -85.33
N PRO B 479 -7.56 7.72 -85.54
CA PRO B 479 -6.88 8.69 -84.68
C PRO B 479 -7.51 10.07 -84.82
N CYS B 480 -7.58 10.78 -83.70
CA CYS B 480 -8.16 12.12 -83.66
C CYS B 480 -7.08 13.08 -83.15
N ASN B 481 -6.43 13.77 -84.08
CA ASN B 481 -5.36 14.72 -83.75
C ASN B 481 -5.92 16.14 -83.70
N GLY B 482 -6.69 16.40 -82.63
CA GLY B 482 -7.14 17.75 -82.35
C GLY B 482 -8.10 18.33 -83.36
N VAL B 483 -8.74 17.49 -84.16
CA VAL B 483 -9.71 17.95 -85.16
C VAL B 483 -11.05 17.30 -84.85
N GLU B 484 -12.07 18.12 -84.63
CA GLU B 484 -13.38 17.61 -84.27
C GLU B 484 -14.12 17.14 -85.52
N GLY B 485 -15.31 16.58 -85.31
CA GLY B 485 -16.14 16.18 -86.43
C GLY B 485 -16.72 14.78 -86.30
N PHE B 486 -16.67 14.01 -87.39
CA PHE B 486 -17.18 12.64 -87.38
C PHE B 486 -16.25 11.75 -86.56
N ASN B 487 -16.81 11.02 -85.60
CA ASN B 487 -16.05 10.20 -84.65
C ASN B 487 -14.96 10.99 -83.94
N CYS B 488 -15.16 12.31 -83.83
CA CYS B 488 -14.29 13.19 -83.05
C CYS B 488 -15.22 14.18 -82.34
N TYR B 489 -15.58 13.88 -81.09
CA TYR B 489 -16.59 14.62 -80.37
C TYR B 489 -15.97 15.33 -79.17
N PHE B 490 -16.37 16.58 -78.98
CA PHE B 490 -15.88 17.39 -77.88
C PHE B 490 -16.41 16.80 -76.57
N PRO B 491 -15.53 16.46 -75.62
CA PRO B 491 -16.00 15.82 -74.38
C PRO B 491 -16.73 16.76 -73.45
N LEU B 492 -16.90 18.01 -73.85
CA LEU B 492 -17.45 19.06 -73.00
C LEU B 492 -18.66 19.68 -73.68
N GLN B 493 -19.76 19.80 -72.92
CA GLN B 493 -20.99 20.35 -73.45
C GLN B 493 -21.67 21.17 -72.35
N SER B 494 -22.56 22.06 -72.75
CA SER B 494 -23.13 23.07 -71.87
C SER B 494 -24.50 22.70 -71.33
N TYR B 495 -24.81 23.20 -70.14
CA TYR B 495 -26.16 23.17 -69.59
C TYR B 495 -27.03 24.23 -70.27
N GLY B 496 -28.25 23.85 -70.62
CA GLY B 496 -29.25 24.79 -71.09
C GLY B 496 -30.26 25.12 -70.01
N PHE B 497 -30.18 26.30 -69.41
CA PHE B 497 -31.01 26.68 -68.28
C PHE B 497 -31.99 27.79 -68.65
N GLN B 498 -33.19 27.40 -69.00
CA GLN B 498 -34.31 28.32 -69.10
C GLN B 498 -35.20 28.19 -67.87
N PRO B 499 -35.91 29.24 -67.46
CA PRO B 499 -36.89 29.07 -66.37
C PRO B 499 -38.07 28.20 -66.76
N THR B 500 -38.22 27.90 -68.05
CA THR B 500 -39.29 27.06 -68.53
C THR B 500 -38.95 25.58 -68.49
N ASN B 501 -37.67 25.24 -68.29
CA ASN B 501 -37.26 23.85 -68.22
C ASN B 501 -37.90 23.15 -67.01
N GLY B 502 -38.07 21.84 -67.13
CA GLY B 502 -38.74 21.09 -66.10
C GLY B 502 -38.00 21.13 -64.77
N VAL B 503 -38.74 20.83 -63.70
CA VAL B 503 -38.18 20.99 -62.35
C VAL B 503 -37.01 20.04 -62.14
N GLY B 504 -37.05 18.86 -62.77
CA GLY B 504 -35.87 18.01 -62.81
C GLY B 504 -34.84 18.43 -63.82
N TYR B 505 -35.21 19.36 -64.72
CA TYR B 505 -34.29 19.95 -65.68
C TYR B 505 -33.91 21.37 -65.29
N GLN B 506 -33.81 21.65 -63.98
CA GLN B 506 -33.59 22.96 -63.41
C GLN B 506 -32.21 23.06 -62.78
N PRO B 507 -31.65 24.28 -62.72
CA PRO B 507 -30.37 24.47 -62.02
C PRO B 507 -30.55 24.30 -60.52
N TYR B 508 -29.58 23.66 -59.89
CA TYR B 508 -29.57 23.45 -58.44
C TYR B 508 -28.18 23.74 -57.94
N ARG B 509 -28.03 24.78 -57.11
CA ARG B 509 -26.73 25.12 -56.59
C ARG B 509 -26.28 24.10 -55.55
N VAL B 510 -25.15 23.46 -55.80
CA VAL B 510 -24.69 22.30 -55.05
C VAL B 510 -23.52 22.71 -54.17
N VAL B 511 -23.62 22.41 -52.87
CA VAL B 511 -22.54 22.65 -51.92
C VAL B 511 -22.14 21.31 -51.32
N VAL B 512 -20.88 20.92 -51.53
CA VAL B 512 -20.35 19.67 -51.01
C VAL B 512 -19.44 20.00 -49.84
N LEU B 513 -19.82 19.53 -48.65
CA LEU B 513 -19.05 19.74 -47.43
C LEU B 513 -18.26 18.47 -47.13
N SER B 514 -16.94 18.54 -47.23
CA SER B 514 -16.06 17.40 -47.01
C SER B 514 -15.21 17.67 -45.78
N PHE B 515 -15.17 16.71 -44.87
CA PHE B 515 -14.43 16.82 -43.62
C PHE B 515 -13.29 15.83 -43.58
N GLU B 516 -12.17 16.25 -43.00
CA GLU B 516 -11.07 15.35 -42.67
C GLU B 516 -10.77 15.46 -41.18
N LEU B 517 -10.43 14.31 -40.57
CA LEU B 517 -9.93 14.27 -39.21
C LEU B 517 -8.69 13.36 -39.21
N LEU B 518 -7.56 13.95 -39.54
CA LEU B 518 -6.30 13.23 -39.52
C LEU B 518 -5.60 13.47 -38.18
N HIS B 519 -4.34 13.08 -38.11
CA HIS B 519 -3.61 13.16 -36.85
C HIS B 519 -3.35 14.61 -36.43
N ALA B 520 -3.52 15.58 -37.32
CA ALA B 520 -3.32 16.97 -36.95
C ALA B 520 -4.42 17.42 -36.00
N PRO B 521 -4.15 18.42 -35.16
CA PRO B 521 -5.18 18.89 -34.22
C PRO B 521 -6.33 19.56 -34.95
N ALA B 522 -7.52 19.45 -34.36
CA ALA B 522 -8.69 20.14 -34.91
C ALA B 522 -8.49 21.65 -34.84
N THR B 523 -9.02 22.35 -35.85
CA THR B 523 -8.85 23.79 -35.95
C THR B 523 -10.15 24.57 -36.18
N VAL B 524 -11.25 23.90 -36.48
CA VAL B 524 -12.49 24.54 -36.92
C VAL B 524 -13.66 23.97 -36.13
N CYS B 525 -14.07 24.70 -35.09
CA CYS B 525 -14.96 24.13 -34.09
C CYS B 525 -16.26 24.92 -33.99
N GLY B 526 -17.09 24.56 -33.01
CA GLY B 526 -18.41 25.14 -32.86
C GLY B 526 -18.59 25.97 -31.61
N PRO B 527 -19.24 27.12 -31.76
CA PRO B 527 -19.28 28.15 -30.72
C PRO B 527 -20.32 27.88 -29.64
N LYS B 528 -20.02 26.94 -28.76
CA LYS B 528 -20.88 26.63 -27.61
C LYS B 528 -21.15 27.88 -26.78
N LYS B 529 -22.40 28.06 -26.36
CA LYS B 529 -22.84 29.25 -25.63
C LYS B 529 -23.06 28.97 -24.14
N SER B 530 -22.57 29.88 -23.32
CA SER B 530 -22.46 29.68 -21.88
C SER B 530 -23.76 30.00 -21.15
N THR B 531 -23.71 29.79 -19.83
CA THR B 531 -24.69 30.30 -18.89
C THR B 531 -24.05 31.41 -18.06
N ASN B 532 -24.81 31.95 -17.13
CA ASN B 532 -24.30 33.00 -16.27
C ASN B 532 -23.31 32.39 -15.26
N LEU B 533 -22.63 33.26 -14.51
CA LEU B 533 -21.71 32.84 -13.46
C LEU B 533 -22.36 33.04 -12.10
N VAL B 534 -21.99 32.19 -11.15
CA VAL B 534 -22.58 32.21 -9.82
C VAL B 534 -21.48 32.36 -8.78
N LYS B 535 -21.68 33.25 -7.84
CA LYS B 535 -20.78 33.46 -6.71
C LYS B 535 -21.44 33.01 -5.42
N ASN B 536 -20.62 32.84 -4.40
CA ASN B 536 -21.02 32.55 -3.03
C ASN B 536 -21.69 31.19 -2.90
N LYS B 537 -21.89 30.47 -4.00
CA LYS B 537 -22.52 29.16 -3.96
C LYS B 537 -21.64 28.20 -4.74
N CYS B 538 -21.35 27.04 -4.15
CA CYS B 538 -20.43 26.13 -4.81
C CYS B 538 -21.21 25.32 -5.84
N VAL B 539 -20.68 25.26 -7.05
CA VAL B 539 -21.30 24.56 -8.16
C VAL B 539 -20.23 23.75 -8.85
N ASN B 540 -20.66 22.85 -9.72
CA ASN B 540 -19.74 22.10 -10.55
C ASN B 540 -19.41 22.97 -11.76
N PHE B 541 -18.33 23.73 -11.65
CA PHE B 541 -18.00 24.66 -12.71
C PHE B 541 -17.43 23.94 -13.92
N ASN B 542 -17.64 24.55 -15.08
CA ASN B 542 -17.09 24.07 -16.33
C ASN B 542 -16.72 25.30 -17.14
N PHE B 543 -15.48 25.75 -16.98
CA PHE B 543 -15.03 26.85 -17.79
C PHE B 543 -14.71 26.36 -19.20
N ASN B 544 -14.12 27.25 -20.00
CA ASN B 544 -13.86 26.99 -21.41
C ASN B 544 -13.27 25.61 -21.64
N GLY B 545 -12.15 25.32 -20.98
CA GLY B 545 -11.48 24.06 -21.19
C GLY B 545 -11.34 23.21 -19.94
N LEU B 546 -11.64 23.78 -18.78
CA LEU B 546 -11.43 23.07 -17.52
C LEU B 546 -12.73 23.02 -16.73
N THR B 547 -12.86 21.96 -15.93
CA THR B 547 -14.07 21.62 -15.20
C THR B 547 -13.73 21.31 -13.76
N GLY B 548 -14.74 21.33 -12.91
CA GLY B 548 -14.55 20.98 -11.51
C GLY B 548 -15.67 21.57 -10.67
N THR B 549 -15.57 21.33 -9.36
CA THR B 549 -16.58 21.75 -8.41
C THR B 549 -15.97 22.75 -7.43
N GLY B 550 -16.83 23.58 -6.87
CA GLY B 550 -16.40 24.54 -5.88
C GLY B 550 -17.19 25.82 -6.01
N VAL B 551 -16.87 26.76 -5.13
CA VAL B 551 -17.49 28.07 -5.14
C VAL B 551 -16.56 29.04 -5.85
N LEU B 552 -17.15 30.01 -6.54
CA LEU B 552 -16.40 30.94 -7.39
C LEU B 552 -16.65 32.35 -6.91
N THR B 553 -15.59 33.10 -6.62
CA THR B 553 -15.71 34.44 -6.08
C THR B 553 -14.76 35.39 -6.81
N GLU B 554 -15.10 36.67 -6.77
CA GLU B 554 -14.21 37.70 -7.30
C GLU B 554 -12.97 37.81 -6.43
N SER B 555 -11.81 37.82 -7.07
CA SER B 555 -10.53 37.76 -6.36
C SER B 555 -9.85 39.12 -6.36
N ASN B 556 -8.60 39.13 -5.90
CA ASN B 556 -7.75 40.31 -5.96
C ASN B 556 -6.44 40.03 -6.68
N LYS B 557 -6.34 38.89 -7.34
CA LYS B 557 -5.10 38.54 -8.02
C LYS B 557 -4.92 39.39 -9.29
N LYS B 558 -3.67 39.47 -9.73
CA LYS B 558 -3.28 40.15 -10.96
C LYS B 558 -2.66 39.12 -11.89
N PHE B 559 -3.48 38.57 -12.77
CA PHE B 559 -2.96 37.64 -13.76
C PHE B 559 -2.08 38.36 -14.77
N LEU B 560 -1.44 37.63 -15.58
CA LEU B 560 -0.81 38.33 -16.67
C LEU B 560 -1.71 38.32 -17.89
N PRO B 561 -1.59 39.34 -18.72
CA PRO B 561 -2.51 39.49 -19.86
C PRO B 561 -2.71 38.23 -20.70
N PHE B 562 -1.82 37.26 -20.55
CA PHE B 562 -2.03 35.96 -21.16
C PHE B 562 -2.33 34.86 -20.16
N GLN B 563 -2.01 35.08 -18.89
CA GLN B 563 -2.23 34.04 -17.87
C GLN B 563 -3.70 33.72 -17.74
N GLN B 564 -4.01 32.43 -17.53
CA GLN B 564 -5.39 32.01 -17.47
C GLN B 564 -5.78 31.36 -16.16
N PHE B 565 -5.04 30.36 -15.69
CA PHE B 565 -5.48 29.58 -14.54
C PHE B 565 -4.87 30.11 -13.26
N GLY B 566 -5.23 29.46 -12.16
CA GLY B 566 -4.61 29.70 -10.87
C GLY B 566 -4.27 28.37 -10.21
N ARG B 567 -3.06 28.28 -9.68
CA ARG B 567 -2.58 27.06 -9.07
C ARG B 567 -1.98 27.37 -7.71
N ASP B 568 -2.16 26.46 -6.78
CA ASP B 568 -1.62 26.60 -5.43
C ASP B 568 -0.19 26.12 -5.41
N ILE B 569 0.38 25.98 -4.21
CA ILE B 569 1.67 25.31 -4.08
C ILE B 569 1.53 23.85 -4.46
N ALA B 570 0.47 23.20 -4.01
CA ALA B 570 0.31 21.77 -4.28
C ALA B 570 -0.44 21.54 -5.59
N ASP B 571 -0.02 22.26 -6.63
CA ASP B 571 -0.42 22.03 -8.00
C ASP B 571 -1.90 21.71 -8.12
N THR B 572 -2.76 22.65 -7.74
CA THR B 572 -4.19 22.38 -7.77
C THR B 572 -4.91 23.66 -8.18
N THR B 573 -6.03 23.49 -8.87
CA THR B 573 -6.79 24.61 -9.42
C THR B 573 -7.15 25.60 -8.34
N ASP B 574 -6.83 26.87 -8.57
CA ASP B 574 -7.08 27.88 -7.55
C ASP B 574 -7.85 29.08 -8.07
N ALA B 575 -7.60 29.47 -9.31
CA ALA B 575 -8.16 30.71 -9.83
C ALA B 575 -8.39 30.56 -11.32
N VAL B 576 -9.51 31.08 -11.80
CA VAL B 576 -9.83 31.02 -13.21
C VAL B 576 -10.24 32.41 -13.67
N ARG B 577 -9.68 32.85 -14.79
CA ARG B 577 -10.06 34.09 -15.44
C ARG B 577 -11.27 33.81 -16.33
N ASP B 578 -12.26 34.69 -16.27
CA ASP B 578 -13.42 34.48 -17.11
C ASP B 578 -13.07 34.73 -18.58
N PRO B 579 -13.54 33.88 -19.49
CA PRO B 579 -13.38 34.16 -20.92
C PRO B 579 -14.00 35.47 -21.33
N GLN B 580 -15.33 35.53 -21.23
CA GLN B 580 -16.14 36.70 -21.68
C GLN B 580 -15.62 37.98 -21.03
N THR B 581 -15.80 38.11 -19.71
CA THR B 581 -15.35 39.30 -19.02
C THR B 581 -13.98 39.07 -18.43
N LEU B 582 -13.21 40.15 -18.30
CA LEU B 582 -12.02 40.10 -17.48
C LEU B 582 -12.45 39.94 -16.03
N GLU B 583 -12.24 38.75 -15.49
CA GLU B 583 -12.61 38.49 -14.10
C GLU B 583 -11.74 37.36 -13.59
N ILE B 584 -11.01 37.62 -12.52
CA ILE B 584 -10.15 36.62 -11.89
C ILE B 584 -10.93 36.05 -10.72
N LEU B 585 -11.27 34.77 -10.80
CA LEU B 585 -12.20 34.15 -9.88
C LEU B 585 -11.48 33.16 -9.01
N ASP B 586 -11.50 33.38 -7.70
CA ASP B 586 -10.95 32.40 -6.79
C ASP B 586 -11.88 31.20 -6.71
N ILE B 587 -11.31 30.06 -6.35
CA ILE B 587 -12.03 28.80 -6.24
C ILE B 587 -11.79 28.26 -4.84
N THR B 588 -12.87 27.99 -4.12
CA THR B 588 -12.75 27.34 -2.82
C THR B 588 -13.60 26.08 -2.81
N PRO B 589 -13.03 24.92 -2.52
CA PRO B 589 -13.84 23.72 -2.36
C PRO B 589 -14.80 23.94 -1.21
N CYS B 590 -16.09 23.95 -1.51
CA CYS B 590 -17.03 24.47 -0.54
C CYS B 590 -17.09 23.57 0.69
N SER B 591 -17.63 24.13 1.76
CA SER B 591 -17.49 23.57 3.10
C SER B 591 -17.83 22.09 3.11
N PHE B 592 -17.09 21.35 3.93
CA PHE B 592 -17.34 19.95 4.19
C PHE B 592 -16.52 19.55 5.40
N GLY B 593 -17.11 18.73 6.27
CA GLY B 593 -16.40 18.38 7.49
C GLY B 593 -16.95 17.11 8.10
N GLY B 594 -16.18 16.60 9.06
CA GLY B 594 -16.64 15.48 9.83
C GLY B 594 -17.74 15.89 10.79
N VAL B 595 -18.52 14.91 11.22
CA VAL B 595 -19.61 15.13 12.15
C VAL B 595 -19.31 14.30 13.37
N SER B 596 -19.44 14.88 14.54
CA SER B 596 -19.24 14.14 15.76
C SER B 596 -20.45 14.29 16.65
N VAL B 597 -20.71 13.27 17.45
CA VAL B 597 -21.86 13.23 18.34
C VAL B 597 -21.36 13.41 19.75
N ILE B 598 -21.79 14.46 20.40
CA ILE B 598 -21.59 14.57 21.84
C ILE B 598 -22.50 13.55 22.48
N THR B 599 -22.05 12.94 23.57
CA THR B 599 -23.06 12.20 24.32
C THR B 599 -22.64 11.92 25.74
N PRO B 600 -23.56 12.02 26.68
CA PRO B 600 -23.40 11.32 27.95
C PRO B 600 -23.64 9.85 27.69
N GLY B 601 -23.31 9.04 28.69
CA GLY B 601 -23.48 7.60 28.53
C GLY B 601 -24.92 7.23 28.27
N THR B 602 -25.11 6.23 27.41
CA THR B 602 -26.46 5.76 27.16
C THR B 602 -27.15 5.30 28.42
N ASN B 603 -26.40 4.76 29.37
CA ASN B 603 -27.02 4.39 30.63
C ASN B 603 -27.50 5.58 31.42
N THR B 604 -27.37 6.80 30.88
CA THR B 604 -27.77 8.00 31.58
C THR B 604 -28.88 8.74 30.89
N SER B 605 -28.79 8.96 29.59
CA SER B 605 -29.82 9.71 28.88
C SER B 605 -29.79 9.29 27.42
N ASN B 606 -30.61 9.95 26.62
CA ASN B 606 -30.54 9.82 25.18
C ASN B 606 -30.35 11.14 24.46
N GLU B 607 -30.55 12.27 25.13
CA GLU B 607 -30.36 13.54 24.48
C GLU B 607 -28.89 13.69 24.11
N VAL B 608 -28.63 14.04 22.85
CA VAL B 608 -27.27 14.13 22.35
C VAL B 608 -27.12 15.41 21.56
N ALA B 609 -25.86 15.77 21.33
CA ALA B 609 -25.54 16.99 20.60
C ALA B 609 -24.57 16.65 19.50
N VAL B 610 -24.63 17.42 18.43
CA VAL B 610 -23.87 17.17 17.21
C VAL B 610 -22.88 18.28 16.99
N LEU B 611 -21.66 17.92 16.64
CA LEU B 611 -20.63 18.87 16.29
C LEU B 611 -20.40 18.83 14.79
N TYR B 612 -20.43 19.99 14.16
CA TYR B 612 -20.07 20.14 12.76
C TYR B 612 -18.74 20.86 12.72
N GLN B 613 -17.79 20.30 11.98
CA GLN B 613 -16.40 20.70 12.13
C GLN B 613 -16.07 21.86 11.18
N ASP B 614 -15.85 23.03 11.77
CA ASP B 614 -15.33 24.22 11.09
C ASP B 614 -16.22 24.61 9.91
N VAL B 615 -17.25 25.39 10.25
CA VAL B 615 -18.20 25.98 9.27
C VAL B 615 -18.84 27.21 9.92
N ASN B 616 -19.55 28.01 9.11
CA ASN B 616 -20.28 29.19 9.65
C ASN B 616 -21.55 28.63 10.32
N CYS B 617 -22.05 27.52 9.75
CA CYS B 617 -23.24 26.75 10.18
C CYS B 617 -24.55 27.52 9.96
N THR B 618 -24.50 28.43 8.99
CA THR B 618 -25.71 29.10 8.44
C THR B 618 -26.08 28.36 7.15
N GLU B 619 -25.33 27.29 6.82
CA GLU B 619 -25.47 26.41 5.63
C GLU B 619 -25.77 24.98 6.09
N VAL B 620 -25.95 24.74 7.40
CA VAL B 620 -26.39 23.44 7.87
C VAL B 620 -27.50 22.87 7.02
N ASN B 641 -29.89 28.23 20.70
CA ASN B 641 -29.89 26.77 20.66
C ASN B 641 -28.74 26.25 19.83
N VAL B 642 -28.02 27.16 19.19
CA VAL B 642 -26.89 26.81 18.35
C VAL B 642 -25.70 27.64 18.78
N PHE B 643 -24.60 26.98 19.08
CA PHE B 643 -23.40 27.62 19.56
C PHE B 643 -22.31 27.49 18.51
N GLN B 644 -21.39 28.45 18.51
CA GLN B 644 -20.33 28.53 17.52
C GLN B 644 -18.98 28.48 18.21
N THR B 645 -18.07 27.64 17.72
CA THR B 645 -16.76 27.51 18.33
C THR B 645 -15.66 27.86 17.35
N ARG B 646 -14.48 28.15 17.89
CA ARG B 646 -13.28 28.31 17.09
C ARG B 646 -12.86 26.94 16.59
N ALA B 647 -13.59 25.91 16.99
CA ALA B 647 -13.36 24.56 16.55
C ALA B 647 -14.44 24.01 15.64
N GLY B 648 -15.60 24.63 15.62
CA GLY B 648 -16.66 24.17 14.75
C GLY B 648 -18.01 24.66 15.24
N CYS B 649 -19.05 24.07 14.68
CA CYS B 649 -20.40 24.42 15.06
C CYS B 649 -20.99 23.34 15.94
N LEU B 650 -21.71 23.77 16.96
CA LEU B 650 -22.32 22.88 17.93
C LEU B 650 -23.82 23.05 17.85
N ILE B 651 -24.53 21.94 17.93
CA ILE B 651 -25.98 21.94 17.82
C ILE B 651 -26.56 21.12 18.95
N GLY B 652 -27.57 21.67 19.62
CA GLY B 652 -28.28 20.94 20.64
C GLY B 652 -27.74 21.11 22.04
N ALA B 653 -26.76 21.99 22.24
CA ALA B 653 -26.24 22.26 23.56
C ALA B 653 -26.30 23.74 23.83
N GLU B 654 -26.28 24.09 25.11
CA GLU B 654 -26.41 25.48 25.53
C GLU B 654 -25.05 26.00 25.98
N HIS B 655 -24.64 27.14 25.45
CA HIS B 655 -23.48 27.80 26.01
C HIS B 655 -23.80 28.32 27.39
N VAL B 656 -22.82 28.29 28.27
CA VAL B 656 -23.02 28.73 29.64
C VAL B 656 -21.87 29.65 30.03
N ASN B 657 -22.21 30.78 30.67
CA ASN B 657 -21.19 31.70 31.13
C ASN B 657 -20.33 31.12 32.23
N ASN B 658 -20.79 30.07 32.90
CA ASN B 658 -20.07 29.52 34.04
C ASN B 658 -18.82 28.81 33.55
N SER B 659 -18.14 28.12 34.46
CA SER B 659 -16.95 27.36 34.12
C SER B 659 -16.88 26.13 35.01
N TYR B 660 -16.39 25.02 34.45
CA TYR B 660 -16.31 23.76 35.17
C TYR B 660 -15.14 22.96 34.63
N GLU B 661 -14.86 21.83 35.27
CA GLU B 661 -13.88 20.91 34.74
C GLU B 661 -14.42 20.27 33.46
N CYS B 662 -13.51 19.77 32.64
CA CYS B 662 -13.89 19.27 31.33
C CYS B 662 -14.42 17.85 31.44
N ASP B 663 -15.72 17.68 31.26
CA ASP B 663 -16.29 16.34 31.24
C ASP B 663 -16.07 15.67 29.89
N ILE B 664 -16.33 16.38 28.80
CA ILE B 664 -16.10 15.88 27.46
C ILE B 664 -15.44 16.98 26.62
N PRO B 665 -14.26 16.73 26.07
CA PRO B 665 -13.57 17.79 25.32
C PRO B 665 -14.19 18.02 23.96
N ILE B 666 -14.09 19.25 23.50
CA ILE B 666 -14.58 19.62 22.18
C ILE B 666 -13.43 20.19 21.38
N GLY B 667 -12.87 21.28 21.86
CA GLY B 667 -11.80 21.97 21.17
C GLY B 667 -11.69 23.38 21.67
N ALA B 668 -10.50 23.94 21.48
CA ALA B 668 -10.22 25.33 21.84
C ALA B 668 -10.71 25.64 23.25
N GLY B 669 -10.68 24.66 24.12
CA GLY B 669 -11.05 24.92 25.50
C GLY B 669 -12.53 24.99 25.76
N ILE B 670 -13.34 24.39 24.91
CA ILE B 670 -14.76 24.25 25.19
C ILE B 670 -15.03 22.80 25.50
N CYS B 671 -15.76 22.55 26.56
CA CYS B 671 -16.09 21.18 26.95
C CYS B 671 -17.55 21.07 27.26
N ALA B 672 -18.12 19.92 26.92
CA ALA B 672 -19.55 19.69 27.04
C ALA B 672 -19.83 18.67 28.12
N SER B 673 -20.98 18.83 28.77
CA SER B 673 -21.38 17.92 29.83
C SER B 673 -22.89 17.92 29.94
N TYR B 674 -23.40 16.91 30.64
CA TYR B 674 -24.83 16.72 30.85
C TYR B 674 -25.17 17.13 32.27
N GLN B 675 -26.11 18.06 32.41
CA GLN B 675 -26.37 18.64 33.72
C GLN B 675 -27.68 19.41 33.67
N THR B 676 -28.23 19.66 34.86
CA THR B 676 -29.40 20.51 35.01
C THR B 676 -29.20 21.89 34.39
N SER B 689 -35.67 18.93 33.31
CA SER B 689 -34.94 19.91 34.11
C SER B 689 -33.46 19.94 33.71
N GLN B 690 -33.01 18.87 33.07
CA GLN B 690 -31.60 18.71 32.73
C GLN B 690 -31.43 18.71 31.21
N SER B 691 -30.21 19.00 30.78
CA SER B 691 -29.88 19.05 29.37
C SER B 691 -28.37 18.93 29.23
N ILE B 692 -27.87 19.26 28.06
CA ILE B 692 -26.43 19.23 27.77
C ILE B 692 -25.94 20.66 27.70
N ILE B 693 -24.91 20.96 28.48
CA ILE B 693 -24.32 22.29 28.49
C ILE B 693 -22.90 22.18 27.97
N ALA B 694 -22.44 23.24 27.34
CA ALA B 694 -21.08 23.35 26.87
C ALA B 694 -20.53 24.71 27.28
N TYR B 695 -19.23 24.76 27.56
CA TYR B 695 -18.72 25.91 28.28
C TYR B 695 -17.21 25.97 28.14
N THR B 696 -16.66 27.10 28.56
CA THR B 696 -15.22 27.25 28.62
C THR B 696 -14.63 26.37 29.68
N MET B 697 -13.58 25.64 29.34
CA MET B 697 -12.90 24.81 30.31
C MET B 697 -12.46 25.66 31.49
N SER B 698 -12.61 25.12 32.69
CA SER B 698 -12.06 25.77 33.86
C SER B 698 -10.72 25.14 34.24
N LEU B 699 -9.89 25.91 34.92
CA LEU B 699 -8.59 25.38 35.29
C LEU B 699 -8.38 25.46 36.79
N GLY B 700 -9.39 25.12 37.57
CA GLY B 700 -9.26 25.13 39.00
C GLY B 700 -9.37 26.52 39.57
N ALA B 701 -9.57 26.57 40.89
CA ALA B 701 -9.79 27.84 41.55
C ALA B 701 -8.56 28.71 41.43
N GLU B 702 -8.77 29.98 41.09
CA GLU B 702 -7.67 30.93 41.16
C GLU B 702 -7.28 31.15 42.61
N ASN B 703 -5.99 31.05 42.89
CA ASN B 703 -5.49 31.17 44.24
C ASN B 703 -4.34 32.15 44.25
N SER B 704 -4.25 32.93 45.33
CA SER B 704 -3.16 33.86 45.53
C SER B 704 -2.48 33.56 46.84
N VAL B 705 -1.17 33.58 46.84
CA VAL B 705 -0.41 33.37 48.05
C VAL B 705 -0.03 34.71 48.61
N ALA B 706 -0.05 34.82 49.93
CA ALA B 706 0.22 36.08 50.60
C ALA B 706 1.73 36.23 50.80
N TYR B 707 2.42 36.42 49.69
CA TYR B 707 3.85 36.62 49.75
C TYR B 707 4.16 37.93 50.45
N SER B 708 5.32 37.98 51.10
CA SER B 708 5.83 39.21 51.67
C SER B 708 7.26 38.97 52.08
N ASN B 709 8.09 39.99 51.94
CA ASN B 709 9.52 39.82 52.14
C ASN B 709 9.85 39.27 53.53
N ASN B 710 8.88 39.16 54.41
CA ASN B 710 9.17 38.69 55.76
C ASN B 710 8.05 37.82 56.29
N SER B 711 7.51 36.94 55.45
CA SER B 711 6.38 36.14 55.90
C SER B 711 6.55 34.69 55.45
N ILE B 712 6.34 33.76 56.38
CA ILE B 712 6.46 32.34 56.06
C ILE B 712 5.29 31.59 56.65
N ALA B 713 4.99 30.44 56.04
CA ALA B 713 3.87 29.61 56.45
C ALA B 713 4.37 28.18 56.63
N ILE B 714 4.19 27.63 57.82
CA ILE B 714 4.79 26.37 58.22
C ILE B 714 3.68 25.41 58.59
N PRO B 715 3.69 24.18 58.10
CA PRO B 715 2.68 23.22 58.53
C PRO B 715 2.86 22.86 59.98
N THR B 716 1.76 22.48 60.62
CA THR B 716 1.81 22.02 62.00
C THR B 716 1.17 20.66 62.21
N ASN B 717 0.44 20.14 61.24
CA ASN B 717 -0.09 18.79 61.31
C ASN B 717 -0.07 18.25 59.90
N PHE B 718 -0.04 16.93 59.78
CA PHE B 718 0.25 16.31 58.50
C PHE B 718 -0.70 15.16 58.23
N THR B 719 -0.88 14.86 56.97
CA THR B 719 -1.73 13.76 56.55
C THR B 719 -0.92 12.76 55.73
N ILE B 720 -0.96 11.50 56.14
CA ILE B 720 -0.56 10.43 55.24
C ILE B 720 -1.64 10.24 54.20
N SER B 721 -1.25 9.77 53.03
CA SER B 721 -2.22 9.42 52.00
C SER B 721 -1.70 8.23 51.25
N VAL B 722 -2.61 7.56 50.56
CA VAL B 722 -2.26 6.42 49.73
C VAL B 722 -2.92 6.61 48.39
N THR B 723 -2.13 6.68 47.33
CA THR B 723 -2.65 6.95 46.01
C THR B 723 -2.29 5.80 45.09
N THR B 724 -3.26 5.35 44.31
CA THR B 724 -3.03 4.30 43.36
C THR B 724 -2.26 4.83 42.16
N GLU B 725 -1.58 3.92 41.47
CA GLU B 725 -0.97 4.25 40.18
C GLU B 725 -0.78 2.95 39.44
N ILE B 726 -1.26 2.88 38.21
CA ILE B 726 -1.40 1.62 37.49
C ILE B 726 -0.58 1.68 36.22
N LEU B 727 0.08 0.57 35.89
CA LEU B 727 0.90 0.51 34.72
C LEU B 727 0.69 -0.78 33.96
N PRO B 728 0.45 -0.73 32.66
CA PRO B 728 0.40 -1.95 31.87
C PRO B 728 1.80 -2.54 31.78
N VAL B 729 1.85 -3.85 31.62
CA VAL B 729 3.10 -4.58 31.57
C VAL B 729 3.25 -5.40 30.30
N SER B 730 2.22 -6.16 29.94
CA SER B 730 2.39 -7.04 28.80
C SER B 730 1.09 -7.20 28.04
N MET B 731 1.22 -7.39 26.73
CA MET B 731 0.08 -7.81 25.93
C MET B 731 -0.12 -9.29 26.08
N THR B 732 -0.96 -9.87 25.23
CA THR B 732 -1.13 -11.30 25.17
C THR B 732 -0.20 -11.85 24.12
N LYS B 733 0.54 -12.89 24.47
CA LYS B 733 1.52 -13.47 23.56
C LYS B 733 0.75 -14.10 22.41
N THR B 734 0.44 -13.29 21.41
CA THR B 734 -0.34 -13.75 20.27
C THR B 734 0.56 -14.24 19.16
N SER B 735 0.21 -15.39 18.60
CA SER B 735 0.93 -15.94 17.47
C SER B 735 -0.05 -16.30 16.36
N VAL B 736 0.42 -16.16 15.14
CA VAL B 736 -0.41 -16.40 13.96
C VAL B 736 0.40 -17.18 12.94
N ASP B 737 -0.15 -18.28 12.46
CA ASP B 737 0.45 -18.97 11.33
C ASP B 737 0.39 -18.07 10.11
N CYS B 738 1.52 -17.91 9.42
CA CYS B 738 1.50 -17.04 8.26
C CYS B 738 0.62 -17.61 7.18
N THR B 739 0.74 -18.91 6.94
CA THR B 739 0.15 -19.54 5.79
C THR B 739 -1.26 -20.00 6.06
N MET B 740 -1.47 -20.77 7.12
CA MET B 740 -2.80 -21.31 7.37
C MET B 740 -3.81 -20.19 7.47
N TYR B 741 -3.39 -19.01 7.90
CA TYR B 741 -4.27 -17.86 7.84
C TYR B 741 -4.64 -17.54 6.41
N ILE B 742 -3.68 -17.58 5.50
CA ILE B 742 -3.93 -17.18 4.13
C ILE B 742 -4.45 -18.36 3.34
N CYS B 743 -3.60 -19.34 3.11
CA CYS B 743 -3.95 -20.46 2.23
C CYS B 743 -4.51 -21.59 3.09
N GLY B 744 -5.69 -21.36 3.61
CA GLY B 744 -6.23 -22.32 4.54
C GLY B 744 -6.38 -23.67 3.88
N ASP B 745 -5.41 -24.54 4.14
CA ASP B 745 -5.42 -25.90 3.65
C ASP B 745 -5.71 -25.96 2.15
N SER B 746 -4.79 -25.39 1.39
CA SER B 746 -4.91 -25.44 -0.05
C SER B 746 -3.50 -25.40 -0.64
N THR B 747 -2.97 -26.57 -0.97
CA THR B 747 -1.68 -26.59 -1.65
C THR B 747 -1.74 -25.80 -2.95
N GLU B 748 -2.88 -25.82 -3.62
CA GLU B 748 -3.03 -24.99 -4.80
C GLU B 748 -2.90 -23.52 -4.44
N CYS B 749 -3.11 -23.17 -3.19
CA CYS B 749 -2.85 -21.82 -2.74
C CYS B 749 -1.42 -21.66 -2.24
N SER B 750 -1.00 -22.56 -1.36
CA SER B 750 0.30 -22.40 -0.72
C SER B 750 1.41 -22.25 -1.74
N ASN B 751 1.37 -23.05 -2.80
CA ASN B 751 2.44 -23.02 -3.78
C ASN B 751 2.63 -21.62 -4.34
N LEU B 752 1.54 -20.91 -4.59
CA LEU B 752 1.67 -19.54 -5.08
C LEU B 752 2.33 -18.66 -4.04
N LEU B 753 2.00 -18.87 -2.77
CA LEU B 753 2.58 -18.01 -1.73
C LEU B 753 4.10 -18.11 -1.75
N LEU B 754 4.63 -19.30 -2.02
CA LEU B 754 6.07 -19.45 -2.09
C LEU B 754 6.67 -18.50 -3.12
N GLN B 755 5.92 -18.15 -4.16
CA GLN B 755 6.43 -17.23 -5.16
C GLN B 755 6.42 -15.78 -4.70
N TYR B 756 5.86 -15.48 -3.53
CA TYR B 756 5.93 -14.14 -2.98
C TYR B 756 7.09 -13.93 -2.04
N GLY B 757 8.14 -14.71 -2.15
CA GLY B 757 9.22 -14.49 -1.25
C GLY B 757 8.88 -14.95 0.14
N SER B 758 9.76 -14.59 1.05
CA SER B 758 9.71 -15.09 2.41
C SER B 758 8.95 -14.17 3.35
N PHE B 759 7.96 -13.42 2.86
CA PHE B 759 7.21 -12.59 3.79
C PHE B 759 6.73 -13.35 5.00
N CYS B 760 5.93 -14.40 4.83
CA CYS B 760 5.18 -14.76 6.02
C CYS B 760 6.12 -15.34 7.04
N THR B 761 7.19 -16.00 6.59
CA THR B 761 8.24 -16.41 7.50
C THR B 761 8.85 -15.20 8.19
N GLN B 762 8.92 -14.06 7.50
CA GLN B 762 9.34 -12.86 8.21
C GLN B 762 8.37 -12.52 9.32
N LEU B 763 7.07 -12.69 9.09
CA LEU B 763 6.09 -12.33 10.09
C LEU B 763 6.28 -13.14 11.36
N ASN B 764 6.31 -14.47 11.23
CA ASN B 764 6.42 -15.29 12.42
C ASN B 764 7.61 -14.88 13.27
N ARG B 765 8.73 -14.50 12.64
CA ARG B 765 9.84 -13.99 13.42
C ARG B 765 9.42 -12.77 14.21
N ALA B 766 8.79 -11.80 13.56
CA ALA B 766 8.36 -10.61 14.26
C ALA B 766 7.36 -10.95 15.34
N LEU B 767 6.30 -11.66 14.97
CA LEU B 767 5.30 -12.00 15.96
C LEU B 767 5.79 -12.96 17.00
N THR B 768 6.95 -13.57 16.80
CA THR B 768 7.56 -14.26 17.92
C THR B 768 8.40 -13.31 18.75
N GLY B 769 9.14 -12.41 18.10
CA GLY B 769 9.96 -11.48 18.83
C GLY B 769 9.15 -10.68 19.84
N ILE B 770 7.96 -10.24 19.43
CA ILE B 770 7.06 -9.58 20.38
C ILE B 770 6.70 -10.54 21.50
N ALA B 771 6.36 -11.76 21.15
CA ALA B 771 5.88 -12.71 22.15
C ALA B 771 6.92 -12.94 23.22
N VAL B 772 8.16 -13.20 22.82
CA VAL B 772 9.21 -13.45 23.79
C VAL B 772 9.42 -12.23 24.67
N GLU B 773 9.47 -11.06 24.04
CA GLU B 773 9.81 -9.86 24.78
C GLU B 773 8.82 -9.60 25.90
N GLN B 774 7.59 -10.09 25.76
CA GLN B 774 6.61 -9.93 26.82
C GLN B 774 7.08 -10.59 28.10
N ASP B 775 7.41 -11.87 28.03
CA ASP B 775 7.88 -12.55 29.24
C ASP B 775 9.14 -11.95 29.77
N LYS B 776 9.97 -11.34 28.92
CA LYS B 776 11.11 -10.64 29.47
C LYS B 776 10.68 -9.42 30.24
N ASN B 777 9.65 -8.72 29.77
CA ASN B 777 9.16 -7.55 30.49
C ASN B 777 8.73 -7.94 31.89
N THR B 778 7.93 -8.99 32.00
CA THR B 778 7.51 -9.42 33.32
C THR B 778 8.70 -9.80 34.17
N GLN B 779 9.75 -10.35 33.55
CA GLN B 779 10.96 -10.63 34.31
C GLN B 779 11.52 -9.37 34.93
N GLU B 780 11.71 -8.33 34.13
CA GLU B 780 12.36 -7.13 34.63
C GLU B 780 11.51 -6.37 35.62
N VAL B 781 10.22 -6.63 35.68
CA VAL B 781 9.38 -5.87 36.59
C VAL B 781 9.02 -6.65 37.83
N PHE B 782 9.20 -7.97 37.83
CA PHE B 782 8.85 -8.70 39.03
C PHE B 782 10.00 -9.54 39.57
N ALA B 783 10.66 -10.31 38.72
CA ALA B 783 11.73 -11.13 39.21
C ALA B 783 12.93 -10.25 39.55
N GLN B 784 12.72 -9.34 40.48
CA GLN B 784 13.73 -8.36 40.81
C GLN B 784 14.31 -8.58 42.20
N VAL B 785 13.72 -9.46 42.98
CA VAL B 785 14.27 -9.85 44.28
C VAL B 785 14.87 -11.23 44.12
N LYS B 786 16.08 -11.40 44.64
CA LYS B 786 16.80 -12.66 44.44
C LYS B 786 16.17 -13.79 45.23
N GLN B 787 15.65 -13.51 46.41
CA GLN B 787 15.32 -14.53 47.37
C GLN B 787 13.94 -14.28 47.95
N ILE B 788 13.13 -15.34 48.01
CA ILE B 788 11.72 -15.19 48.38
C ILE B 788 11.57 -15.12 49.89
N TYR B 789 11.14 -13.97 50.39
CA TYR B 789 10.89 -13.79 51.81
C TYR B 789 9.43 -14.10 52.10
N LYS B 790 9.11 -14.31 53.37
CA LYS B 790 7.75 -14.11 53.84
C LYS B 790 7.72 -13.68 55.28
N THR B 791 6.72 -12.85 55.59
CA THR B 791 6.55 -12.25 56.89
C THR B 791 6.36 -13.32 57.97
N PRO B 792 6.83 -13.04 59.19
CA PRO B 792 6.55 -13.95 60.29
C PRO B 792 5.07 -13.95 60.63
N PRO B 793 4.55 -15.05 61.18
CA PRO B 793 3.12 -15.07 61.52
C PRO B 793 2.71 -13.99 62.51
N ILE B 794 3.58 -13.68 63.47
CA ILE B 794 3.29 -12.58 64.38
C ILE B 794 3.25 -11.29 63.58
N LYS B 795 2.28 -10.43 63.89
CA LYS B 795 2.03 -9.22 63.12
C LYS B 795 2.23 -7.95 63.95
N ASP B 796 3.22 -7.96 64.84
CA ASP B 796 3.47 -6.75 65.62
C ASP B 796 4.10 -5.68 64.74
N PHE B 797 3.26 -4.84 64.14
CA PHE B 797 3.76 -3.84 63.20
C PHE B 797 3.44 -2.45 63.69
N GLY B 798 3.77 -2.16 64.94
CA GLY B 798 3.62 -0.83 65.48
C GLY B 798 2.20 -0.33 65.45
N GLY B 799 1.28 -1.14 64.92
CA GLY B 799 -0.11 -0.76 64.83
C GLY B 799 -0.64 -0.69 63.42
N PHE B 800 0.17 -0.92 62.40
CA PHE B 800 -0.33 -0.82 61.04
C PHE B 800 -0.92 -2.14 60.58
N ASN B 801 -2.13 -2.09 60.04
CA ASN B 801 -2.87 -3.29 59.67
C ASN B 801 -2.66 -3.51 58.17
N PHE B 802 -2.06 -4.64 57.82
CA PHE B 802 -1.69 -4.91 56.45
C PHE B 802 -2.50 -6.01 55.78
N SER B 803 -3.40 -6.68 56.50
CA SER B 803 -4.06 -7.85 55.93
C SER B 803 -4.77 -7.55 54.63
N GLN B 804 -4.93 -6.30 54.27
CA GLN B 804 -5.56 -6.00 52.99
C GLN B 804 -4.63 -6.27 51.83
N ILE B 805 -3.32 -6.23 52.06
CA ILE B 805 -2.37 -6.41 50.97
C ILE B 805 -1.51 -7.65 51.11
N LEU B 806 -1.43 -8.24 52.29
CA LEU B 806 -0.69 -9.48 52.42
C LEU B 806 -1.48 -10.65 51.89
N PRO B 807 -0.82 -11.72 51.47
CA PRO B 807 -1.54 -12.87 50.93
C PRO B 807 -2.44 -13.50 51.97
N ASP B 808 -3.56 -14.01 51.49
CA ASP B 808 -4.50 -14.77 52.31
C ASP B 808 -4.47 -16.23 51.87
N PRO B 809 -4.06 -17.14 52.75
CA PRO B 809 -3.94 -18.55 52.33
C PRO B 809 -5.26 -19.17 51.92
N SER B 810 -6.39 -18.59 52.30
CA SER B 810 -7.68 -19.20 52.09
C SER B 810 -8.10 -19.26 50.64
N LYS B 811 -7.30 -18.92 49.64
CA LYS B 811 -7.73 -19.07 48.26
C LYS B 811 -6.68 -19.79 47.43
N SER B 813 -5.14 -19.98 44.78
CA SER B 813 -4.93 -18.58 44.46
C SER B 813 -4.47 -17.81 45.68
N LYS B 814 -3.20 -17.96 46.05
CA LYS B 814 -2.71 -17.25 47.21
C LYS B 814 -2.54 -15.78 46.90
N ARG B 815 -3.63 -15.12 46.53
CA ARG B 815 -3.61 -13.69 46.26
C ARG B 815 -4.11 -12.94 47.48
N SER B 816 -3.94 -11.63 47.45
CA SER B 816 -4.36 -10.80 48.56
C SER B 816 -5.69 -10.11 48.24
N PHE B 817 -6.27 -9.52 49.28
CA PHE B 817 -7.62 -9.00 49.16
C PHE B 817 -7.71 -7.96 48.06
N ILE B 818 -6.83 -6.98 48.07
CA ILE B 818 -6.89 -5.94 47.06
C ILE B 818 -6.59 -6.52 45.69
N GLU B 819 -5.69 -7.50 45.63
CA GLU B 819 -5.44 -8.14 44.35
C GLU B 819 -6.71 -8.76 43.80
N ASP B 820 -7.49 -9.39 44.67
CA ASP B 820 -8.70 -10.07 44.22
C ASP B 820 -9.65 -9.08 43.56
N LEU B 821 -9.80 -7.89 44.14
CA LEU B 821 -10.65 -6.89 43.51
C LEU B 821 -10.16 -6.58 42.11
N LEU B 822 -8.85 -6.44 41.96
CA LEU B 822 -8.31 -6.12 40.65
C LEU B 822 -8.65 -7.20 39.65
N PHE B 823 -8.45 -8.46 40.03
CA PHE B 823 -8.63 -9.52 39.05
C PHE B 823 -10.08 -9.76 38.72
N ASN B 824 -11.00 -9.09 39.38
CA ASN B 824 -12.40 -9.14 39.01
C ASN B 824 -12.87 -7.92 38.23
N LYS B 825 -12.12 -6.82 38.28
CA LYS B 825 -12.55 -5.61 37.61
C LYS B 825 -12.27 -5.61 36.12
N VAL B 826 -11.60 -6.63 35.58
CA VAL B 826 -11.28 -6.67 34.17
C VAL B 826 -12.12 -7.75 33.50
N THR B 827 -12.10 -7.76 32.18
CA THR B 827 -12.81 -8.78 31.41
C THR B 827 -11.84 -9.57 30.53
N LYS B 854 -12.65 -17.99 14.63
CA LYS B 854 -12.01 -17.91 15.93
C LYS B 854 -10.72 -18.70 15.92
N PHE B 855 -10.64 -19.66 15.00
CA PHE B 855 -9.57 -20.64 15.03
C PHE B 855 -9.00 -20.85 13.63
N ASN B 856 -8.63 -19.77 12.98
CA ASN B 856 -7.97 -19.85 11.68
C ASN B 856 -6.47 -19.78 11.80
N GLY B 857 -5.90 -20.45 12.79
CA GLY B 857 -4.47 -20.42 12.97
C GLY B 857 -3.99 -19.34 13.90
N LEU B 858 -4.85 -18.80 14.75
CA LEU B 858 -4.52 -17.70 15.64
C LEU B 858 -4.50 -18.24 17.06
N THR B 859 -3.35 -18.73 17.46
CA THR B 859 -3.18 -19.24 18.81
C THR B 859 -2.79 -18.12 19.77
N VAL B 860 -2.87 -18.42 21.05
CA VAL B 860 -2.46 -17.49 22.10
C VAL B 860 -1.53 -18.27 23.02
N LEU B 861 -0.24 -18.02 22.89
CA LEU B 861 0.71 -18.70 23.75
C LEU B 861 0.51 -18.22 25.18
N PRO B 862 0.49 -19.12 26.15
CA PRO B 862 0.29 -18.69 27.53
C PRO B 862 1.51 -17.94 28.02
N PRO B 863 1.35 -17.06 29.01
CA PRO B 863 2.49 -16.37 29.58
C PRO B 863 3.40 -17.36 30.29
N LEU B 864 4.68 -17.00 30.40
CA LEU B 864 5.60 -17.86 31.13
C LEU B 864 5.21 -17.96 32.59
N LEU B 865 4.95 -16.84 33.23
CA LEU B 865 4.65 -16.81 34.65
C LEU B 865 3.14 -16.90 34.85
N THR B 866 2.71 -17.89 35.60
CA THR B 866 1.29 -17.95 35.94
C THR B 866 0.97 -16.86 36.94
N ASP B 867 -0.30 -16.45 36.96
CA ASP B 867 -0.69 -15.42 37.91
C ASP B 867 -0.38 -15.84 39.32
N GLU B 868 -0.60 -17.12 39.64
CA GLU B 868 -0.36 -17.59 40.99
C GLU B 868 1.06 -17.25 41.44
N MET B 869 2.05 -17.56 40.61
CA MET B 869 3.41 -17.29 41.04
C MET B 869 3.71 -15.80 41.02
N ILE B 870 3.04 -15.05 40.14
CA ILE B 870 3.23 -13.61 40.15
C ILE B 870 2.95 -13.06 41.52
N ALA B 871 1.85 -13.50 42.13
CA ALA B 871 1.52 -13.00 43.45
C ALA B 871 2.63 -13.23 44.44
N GLN B 872 3.37 -14.32 44.31
CA GLN B 872 4.44 -14.57 45.27
C GLN B 872 5.49 -13.48 45.20
N TYR B 873 5.90 -13.11 43.99
CA TYR B 873 6.86 -12.02 43.89
C TYR B 873 6.33 -10.79 44.58
N THR B 874 5.11 -10.39 44.23
CA THR B 874 4.49 -9.30 44.95
C THR B 874 4.32 -9.62 46.41
N SER B 875 4.18 -10.88 46.78
CA SER B 875 4.18 -11.20 48.19
C SER B 875 5.58 -11.04 48.78
N ALA B 876 6.58 -11.48 48.04
CA ALA B 876 7.94 -11.33 48.54
C ALA B 876 8.27 -9.87 48.73
N LEU B 877 8.26 -9.11 47.64
CA LEU B 877 8.61 -7.70 47.71
C LEU B 877 7.81 -7.00 48.80
N LEU B 878 6.54 -7.32 48.90
CA LEU B 878 5.75 -6.73 49.96
C LEU B 878 6.29 -7.16 51.32
N ALA B 879 6.65 -8.43 51.46
CA ALA B 879 7.21 -8.87 52.72
C ALA B 879 8.62 -8.35 52.95
N GLY B 880 9.32 -8.01 51.90
CA GLY B 880 10.65 -7.48 52.08
C GLY B 880 10.59 -6.08 52.63
N THR B 881 9.86 -5.20 51.95
CA THR B 881 9.77 -3.82 52.40
C THR B 881 9.22 -3.74 53.80
N ILE B 882 8.31 -4.63 54.15
CA ILE B 882 7.70 -4.55 55.46
C ILE B 882 8.74 -4.81 56.55
N THR B 883 9.50 -5.88 56.41
CA THR B 883 10.41 -6.23 57.48
C THR B 883 11.79 -5.66 57.27
N SER B 884 12.34 -5.82 56.09
CA SER B 884 13.76 -5.59 55.88
C SER B 884 14.08 -4.14 55.58
N GLY B 885 13.10 -3.25 55.65
CA GLY B 885 13.43 -1.92 55.22
C GLY B 885 13.78 -1.94 53.74
N TRP B 886 14.62 -1.00 53.34
CA TRP B 886 15.05 -0.99 51.96
C TRP B 886 16.31 -1.81 51.74
N THR B 887 16.94 -2.30 52.80
CA THR B 887 18.24 -2.91 52.65
C THR B 887 18.19 -4.14 51.77
N PHE B 888 17.09 -4.88 51.81
CA PHE B 888 17.04 -6.14 51.09
C PHE B 888 17.25 -5.95 49.61
N GLY B 889 16.98 -4.76 49.09
CA GLY B 889 17.39 -4.48 47.73
C GLY B 889 18.89 -4.44 47.57
N ALA B 890 19.58 -3.83 48.53
CA ALA B 890 21.02 -3.72 48.43
C ALA B 890 21.70 -5.07 48.56
N GLY B 891 21.25 -5.88 49.51
CA GLY B 891 21.96 -7.11 49.79
C GLY B 891 21.20 -8.01 50.74
N ALA B 892 21.89 -8.54 51.74
CA ALA B 892 21.24 -9.42 52.69
C ALA B 892 20.15 -8.66 53.43
N ALA B 893 18.93 -9.21 53.44
CA ALA B 893 17.83 -8.55 54.11
C ALA B 893 18.13 -8.41 55.58
N LEU B 894 17.85 -7.24 56.13
CA LEU B 894 18.14 -6.94 57.52
C LEU B 894 16.85 -6.60 58.24
N GLN B 895 16.50 -7.41 59.23
CA GLN B 895 15.31 -7.14 60.00
C GLN B 895 15.46 -5.84 60.77
N ILE B 896 14.36 -5.14 60.93
CA ILE B 896 14.34 -3.87 61.65
C ILE B 896 12.89 -3.53 61.98
N PRO B 897 12.58 -3.19 63.22
CA PRO B 897 11.18 -3.02 63.59
C PRO B 897 10.52 -1.96 62.73
N PHE B 898 9.28 -2.22 62.34
CA PHE B 898 8.66 -1.37 61.33
C PHE B 898 8.56 0.07 61.78
N ALA B 899 8.18 0.28 63.04
CA ALA B 899 8.08 1.65 63.53
C ALA B 899 9.38 2.39 63.26
N MET B 900 10.50 1.74 63.50
CA MET B 900 11.78 2.40 63.26
C MET B 900 11.96 2.73 61.80
N GLN B 901 11.52 1.86 60.91
CA GLN B 901 11.73 2.13 59.50
C GLN B 901 11.04 3.41 59.08
N MET B 902 9.86 3.66 59.62
CA MET B 902 9.25 4.97 59.40
C MET B 902 10.19 6.06 59.86
N ALA B 903 10.70 5.94 61.09
CA ALA B 903 11.53 7.01 61.64
C ALA B 903 12.67 7.32 60.71
N TYR B 904 13.22 6.32 60.06
CA TYR B 904 14.15 6.59 58.98
C TYR B 904 13.49 7.45 57.93
N ARG B 905 12.34 7.01 57.45
CA ARG B 905 11.81 7.61 56.24
C ARG B 905 11.44 9.07 56.47
N PHE B 906 10.92 9.41 57.64
CA PHE B 906 10.78 10.82 57.93
C PHE B 906 12.14 11.50 57.89
N ASN B 907 13.12 10.89 58.53
CA ASN B 907 14.46 11.44 58.47
C ASN B 907 14.96 11.52 57.04
N GLY B 908 14.37 10.73 56.15
CA GLY B 908 14.70 10.87 54.75
C GLY B 908 14.04 12.07 54.09
N ILE B 909 12.99 12.60 54.69
CA ILE B 909 12.33 13.76 54.09
C ILE B 909 12.40 14.93 55.04
N GLY B 910 13.51 15.02 55.78
CA GLY B 910 13.79 16.23 56.51
C GLY B 910 12.88 16.52 57.65
N VAL B 911 12.23 15.50 58.21
CA VAL B 911 11.38 15.66 59.38
C VAL B 911 11.98 14.84 60.50
N THR B 912 12.29 15.49 61.61
CA THR B 912 13.07 14.81 62.62
C THR B 912 12.26 13.70 63.26
N GLN B 913 12.97 12.64 63.66
CA GLN B 913 12.31 11.39 63.97
C GLN B 913 11.29 11.53 65.06
N ASN B 914 11.49 12.48 65.98
CA ASN B 914 10.59 12.56 67.11
C ASN B 914 9.16 12.69 66.66
N VAL B 915 8.94 13.30 65.51
CA VAL B 915 7.58 13.49 65.01
C VAL B 915 6.88 12.16 64.89
N LEU B 916 7.57 11.16 64.35
CA LEU B 916 6.94 9.86 64.15
C LEU B 916 6.55 9.25 65.48
N TYR B 917 7.53 9.03 66.35
CA TYR B 917 7.25 8.35 67.60
C TYR B 917 6.20 9.11 68.38
N GLU B 918 6.34 10.42 68.46
CA GLU B 918 5.40 11.20 69.24
C GLU B 918 3.99 11.11 68.69
N ASN B 919 3.82 10.66 67.46
CA ASN B 919 2.50 10.57 66.85
C ASN B 919 2.24 9.19 66.28
N GLN B 920 2.87 8.15 66.82
CA GLN B 920 2.77 6.84 66.19
C GLN B 920 1.32 6.41 66.05
N LYS B 921 0.58 6.44 67.15
CA LYS B 921 -0.79 5.94 67.13
C LYS B 921 -1.61 6.66 66.07
N LEU B 922 -1.52 7.98 66.04
CA LEU B 922 -2.30 8.74 65.08
C LEU B 922 -1.95 8.34 63.66
N ILE B 923 -0.65 8.20 63.37
CA ILE B 923 -0.25 7.83 62.03
C ILE B 923 -0.83 6.48 61.66
N ALA B 924 -0.84 5.55 62.62
CA ALA B 924 -1.36 4.23 62.34
C ALA B 924 -2.77 4.31 61.79
N ASN B 925 -3.64 5.01 62.50
CA ASN B 925 -5.03 5.05 62.07
C ASN B 925 -5.14 5.67 60.69
N GLN B 926 -4.39 6.75 60.43
CA GLN B 926 -4.44 7.33 59.11
C GLN B 926 -4.03 6.32 58.06
N PHE B 927 -2.92 5.63 58.30
CA PHE B 927 -2.51 4.62 57.33
C PHE B 927 -3.57 3.55 57.18
N ASN B 928 -4.08 3.03 58.29
CA ASN B 928 -5.14 2.04 58.19
C ASN B 928 -6.35 2.62 57.49
N SER B 929 -6.76 3.83 57.89
CA SER B 929 -7.86 4.47 57.19
C SER B 929 -7.51 4.68 55.73
N ALA B 930 -6.25 5.02 55.45
CA ALA B 930 -5.88 5.28 54.08
C ALA B 930 -6.12 4.07 53.21
N ILE B 931 -5.70 2.90 53.67
CA ILE B 931 -5.88 1.71 52.86
C ILE B 931 -7.36 1.45 52.62
N GLY B 932 -8.17 1.61 53.66
CA GLY B 932 -9.57 1.24 53.55
C GLY B 932 -10.27 1.95 52.42
N LYS B 933 -10.00 3.24 52.24
CA LYS B 933 -10.65 3.97 51.18
C LYS B 933 -10.29 3.43 49.81
N ILE B 934 -9.12 2.80 49.68
CA ILE B 934 -8.76 2.24 48.39
C ILE B 934 -9.74 1.17 47.98
N GLN B 935 -10.09 0.28 48.91
CA GLN B 935 -11.04 -0.78 48.61
C GLN B 935 -12.30 -0.19 48.00
N ASP B 936 -12.87 0.83 48.64
CA ASP B 936 -14.02 1.50 48.07
C ASP B 936 -13.65 2.15 46.75
N SER B 937 -12.49 2.81 46.70
CA SER B 937 -12.10 3.46 45.47
C SER B 937 -11.94 2.49 44.33
N LEU B 938 -11.78 1.20 44.64
CA LEU B 938 -11.72 0.19 43.60
C LEU B 938 -12.99 -0.61 43.46
N SER B 939 -13.73 -0.80 44.55
CA SER B 939 -14.91 -1.68 44.49
C SER B 939 -15.97 -1.13 43.55
N SER B 940 -16.18 0.19 43.56
CA SER B 940 -17.33 0.76 42.87
C SER B 940 -16.98 1.23 41.46
N THR B 941 -16.05 2.17 41.33
CA THR B 941 -15.80 2.80 40.05
C THR B 941 -14.94 1.89 39.17
N ALA B 942 -15.27 1.89 37.88
CA ALA B 942 -14.49 1.10 36.92
C ALA B 942 -13.39 1.92 36.28
N SER B 943 -13.51 3.24 36.29
CA SER B 943 -12.58 4.10 35.56
C SER B 943 -11.16 4.00 36.06
N ALA B 944 -10.93 3.48 37.26
CA ALA B 944 -9.58 3.42 37.80
C ALA B 944 -8.69 2.54 36.93
N LEU B 945 -9.21 1.41 36.46
CA LEU B 945 -8.42 0.49 35.66
C LEU B 945 -8.52 0.78 34.18
N GLY B 946 -8.64 2.05 33.81
CA GLY B 946 -8.78 2.37 32.40
C GLY B 946 -7.62 1.84 31.58
N LYS B 947 -6.40 2.01 32.09
CA LYS B 947 -5.23 1.69 31.29
C LYS B 947 -5.17 0.22 30.94
N LEU B 948 -5.24 -0.66 31.94
CA LEU B 948 -5.21 -2.08 31.64
C LEU B 948 -6.41 -2.49 30.82
N GLN B 949 -7.60 -2.05 31.22
CA GLN B 949 -8.79 -2.38 30.47
C GLN B 949 -8.73 -1.82 29.07
N ASP B 950 -7.86 -0.84 28.84
CA ASP B 950 -7.71 -0.29 27.50
C ASP B 950 -6.93 -1.23 26.60
N VAL B 951 -5.70 -1.56 26.98
CA VAL B 951 -4.83 -2.31 26.09
C VAL B 951 -5.44 -3.64 25.72
N VAL B 952 -6.21 -4.24 26.62
CA VAL B 952 -6.91 -5.46 26.27
C VAL B 952 -7.92 -5.18 25.18
N ASN B 953 -8.64 -4.07 25.29
CA ASN B 953 -9.64 -3.74 24.28
C ASN B 953 -8.99 -3.57 22.92
N GLN B 954 -7.87 -2.86 22.86
CA GLN B 954 -7.25 -2.60 21.57
C GLN B 954 -6.95 -3.89 20.84
N ASN B 955 -6.27 -4.82 21.51
CA ASN B 955 -5.89 -6.05 20.84
C ASN B 955 -7.12 -6.79 20.33
N ALA B 956 -8.21 -6.73 21.07
CA ALA B 956 -9.44 -7.35 20.60
C ALA B 956 -9.82 -6.80 19.24
N GLN B 957 -9.85 -5.48 19.10
CA GLN B 957 -10.13 -4.91 17.79
C GLN B 957 -9.09 -5.36 16.79
N ALA B 958 -7.82 -5.31 17.17
CA ALA B 958 -6.77 -5.74 16.26
C ALA B 958 -7.06 -7.15 15.77
N LEU B 959 -7.39 -8.06 16.68
CA LEU B 959 -7.73 -9.40 16.24
C LEU B 959 -8.98 -9.39 15.40
N ASN B 960 -10.07 -8.79 15.89
CA ASN B 960 -11.32 -8.84 15.16
C ASN B 960 -11.14 -8.27 13.77
N THR B 961 -10.52 -7.10 13.67
CA THR B 961 -10.32 -6.51 12.36
C THR B 961 -9.52 -7.46 11.48
N LEU B 962 -8.51 -8.10 12.04
CA LEU B 962 -7.80 -9.11 11.28
C LEU B 962 -8.73 -10.24 10.88
N VAL B 963 -9.53 -10.73 11.80
CA VAL B 963 -10.40 -11.84 11.46
C VAL B 963 -11.44 -11.42 10.45
N LYS B 964 -12.03 -10.24 10.64
CA LYS B 964 -13.09 -9.81 9.73
C LYS B 964 -12.59 -9.69 8.31
N GLN B 965 -11.31 -9.39 8.11
CA GLN B 965 -10.80 -9.22 6.76
C GLN B 965 -11.02 -10.44 5.90
N LEU B 966 -11.03 -11.63 6.52
CA LEU B 966 -11.11 -12.85 5.75
C LEU B 966 -12.36 -12.89 4.89
N SER B 967 -13.38 -12.14 5.25
CA SER B 967 -14.60 -12.14 4.47
C SER B 967 -14.58 -11.13 3.34
N SER B 968 -13.52 -10.36 3.18
CA SER B 968 -13.46 -9.40 2.09
C SER B 968 -13.04 -10.08 0.81
N ASN B 969 -13.63 -9.65 -0.30
CA ASN B 969 -13.39 -10.30 -1.57
C ASN B 969 -12.19 -9.72 -2.31
N PHE B 970 -11.78 -8.52 -1.96
CA PHE B 970 -10.60 -7.91 -2.57
C PHE B 970 -10.68 -7.87 -4.08
N GLY B 971 -11.86 -8.12 -4.63
CA GLY B 971 -12.07 -8.10 -6.06
C GLY B 971 -12.21 -9.47 -6.68
N ALA B 972 -11.78 -10.52 -6.01
CA ALA B 972 -12.04 -11.84 -6.56
C ALA B 972 -13.53 -12.13 -6.49
N ILE B 973 -13.94 -13.22 -7.15
CA ILE B 973 -15.36 -13.47 -7.30
C ILE B 973 -15.97 -14.08 -6.05
N SER B 974 -15.18 -14.28 -5.00
CA SER B 974 -15.70 -14.88 -3.79
C SER B 974 -14.73 -14.60 -2.66
N SER B 975 -15.08 -15.07 -1.47
CA SER B 975 -14.21 -14.93 -0.33
C SER B 975 -13.74 -16.26 0.22
N VAL B 976 -14.35 -17.36 -0.21
CA VAL B 976 -13.99 -18.67 0.32
C VAL B 976 -12.97 -19.30 -0.60
N LEU B 977 -11.78 -19.57 -0.06
CA LEU B 977 -10.71 -20.11 -0.88
C LEU B 977 -11.05 -21.51 -1.35
N ASN B 978 -11.75 -22.29 -0.54
CA ASN B 978 -12.13 -23.62 -0.97
C ASN B 978 -13.22 -23.57 -2.03
N ASP B 979 -14.11 -22.57 -1.95
CA ASP B 979 -15.13 -22.42 -2.98
C ASP B 979 -14.51 -22.08 -4.32
N ILE B 980 -13.67 -21.05 -4.36
CA ILE B 980 -13.10 -20.61 -5.62
C ILE B 980 -12.36 -21.74 -6.30
N LEU B 981 -11.75 -22.65 -5.53
CA LEU B 981 -11.14 -23.81 -6.16
C LEU B 981 -12.20 -24.79 -6.65
N SER B 982 -13.21 -25.05 -5.82
CA SER B 982 -14.20 -26.05 -6.18
C SER B 982 -14.92 -25.68 -7.46
N ARG B 983 -14.98 -24.40 -7.79
CA ARG B 983 -15.71 -23.93 -8.96
C ARG B 983 -14.86 -23.68 -10.18
N LEU B 984 -13.55 -23.54 -10.05
CA LEU B 984 -12.70 -23.30 -11.21
C LEU B 984 -11.57 -24.30 -11.26
N ASP B 985 -11.20 -24.68 -12.48
CA ASP B 985 -9.95 -25.37 -12.72
C ASP B 985 -8.80 -24.37 -12.63
N PRO B 986 -7.60 -24.84 -12.35
CA PRO B 986 -6.51 -23.98 -11.87
C PRO B 986 -6.20 -22.79 -12.78
N PRO B 987 -6.10 -22.96 -14.10
CA PRO B 987 -5.36 -21.97 -14.89
C PRO B 987 -5.85 -20.54 -14.76
N GLU B 988 -7.13 -20.30 -14.56
CA GLU B 988 -7.62 -18.96 -14.27
C GLU B 988 -7.85 -18.75 -12.79
N ALA B 989 -7.80 -19.81 -12.01
CA ALA B 989 -7.91 -19.65 -10.57
C ALA B 989 -6.78 -18.78 -10.05
N GLU B 990 -5.58 -19.02 -10.57
CA GLU B 990 -4.44 -18.19 -10.19
C GLU B 990 -4.72 -16.72 -10.46
N VAL B 991 -5.55 -16.42 -11.45
CA VAL B 991 -5.97 -15.04 -11.63
C VAL B 991 -6.82 -14.60 -10.46
N GLN B 992 -7.72 -15.48 -10.00
CA GLN B 992 -8.57 -15.12 -8.88
C GLN B 992 -7.79 -15.18 -7.57
N ILE B 993 -7.13 -16.31 -7.31
CA ILE B 993 -6.53 -16.51 -6.00
C ILE B 993 -5.46 -15.48 -5.74
N ASP B 994 -4.69 -15.11 -6.77
CA ASP B 994 -3.68 -14.09 -6.57
C ASP B 994 -4.28 -12.80 -6.06
N ARG B 995 -5.51 -12.50 -6.46
CA ARG B 995 -6.15 -11.31 -5.94
C ARG B 995 -6.37 -11.41 -4.44
N LEU B 996 -6.77 -12.58 -3.96
CA LEU B 996 -6.88 -12.76 -2.52
C LEU B 996 -5.52 -12.66 -1.85
N ILE B 997 -4.54 -13.37 -2.39
CA ILE B 997 -3.25 -13.45 -1.70
C ILE B 997 -2.70 -12.07 -1.45
N THR B 998 -2.61 -11.27 -2.51
CA THR B 998 -2.10 -9.92 -2.33
C THR B 998 -3.02 -9.09 -1.46
N GLY B 999 -4.25 -9.51 -1.28
CA GLY B 999 -5.12 -8.79 -0.39
C GLY B 999 -4.82 -9.10 1.04
N ARG B 1000 -5.02 -10.36 1.42
CA ARG B 1000 -4.81 -10.74 2.81
C ARG B 1000 -3.39 -10.49 3.23
N LEU B 1001 -2.43 -10.84 2.38
CA LEU B 1001 -1.03 -10.66 2.74
C LEU B 1001 -0.76 -9.23 3.15
N GLN B 1002 -1.41 -8.28 2.49
CA GLN B 1002 -1.30 -6.92 2.97
C GLN B 1002 -1.95 -6.78 4.33
N SER B 1003 -3.06 -7.47 4.56
CA SER B 1003 -3.81 -7.24 5.78
C SER B 1003 -3.00 -7.66 7.01
N LEU B 1004 -2.24 -8.75 6.90
CA LEU B 1004 -1.39 -9.11 8.02
C LEU B 1004 -0.43 -8.00 8.35
N GLN B 1005 0.48 -7.69 7.43
CA GLN B 1005 1.60 -6.84 7.79
C GLN B 1005 1.13 -5.51 8.32
N THR B 1006 -0.06 -5.08 7.95
CA THR B 1006 -0.65 -3.96 8.66
C THR B 1006 -0.90 -4.32 10.11
N TYR B 1007 -1.51 -5.48 10.35
CA TYR B 1007 -1.76 -5.87 11.73
C TYR B 1007 -0.47 -6.06 12.49
N VAL B 1008 0.52 -6.70 11.87
CA VAL B 1008 1.79 -6.92 12.54
C VAL B 1008 2.44 -5.59 12.89
N THR B 1009 2.52 -4.69 11.91
CA THR B 1009 3.14 -3.40 12.19
C THR B 1009 2.43 -2.69 13.31
N GLN B 1010 1.10 -2.75 13.32
CA GLN B 1010 0.38 -2.21 14.47
C GLN B 1010 0.88 -2.84 15.75
N GLN B 1011 0.93 -4.17 15.79
CA GLN B 1011 1.39 -4.82 17.01
C GLN B 1011 2.79 -4.41 17.35
N LEU B 1012 3.68 -4.36 16.36
CA LEU B 1012 5.04 -3.91 16.63
C LEU B 1012 5.02 -2.53 17.24
N ILE B 1013 4.29 -1.59 16.63
CA ILE B 1013 4.26 -0.24 17.16
C ILE B 1013 3.75 -0.25 18.59
N ARG B 1014 2.62 -0.91 18.81
CA ARG B 1014 2.11 -0.98 20.17
C ARG B 1014 3.06 -1.74 21.07
N ALA B 1015 3.82 -2.67 20.51
CA ALA B 1015 4.76 -3.41 21.34
C ALA B 1015 5.74 -2.48 22.01
N ALA B 1016 6.30 -1.54 21.26
CA ALA B 1016 7.27 -0.65 21.84
C ALA B 1016 6.66 0.16 22.97
N GLU B 1017 5.44 0.64 22.79
CA GLU B 1017 4.83 1.47 23.82
C GLU B 1017 4.75 0.72 25.13
N ILE B 1018 4.31 -0.54 25.09
CA ILE B 1018 4.17 -1.30 26.31
C ILE B 1018 5.50 -1.42 27.01
N ARG B 1019 6.56 -1.74 26.26
CA ARG B 1019 7.85 -1.88 26.89
C ARG B 1019 8.27 -0.57 27.53
N ALA B 1020 8.05 0.54 26.84
CA ALA B 1020 8.34 1.83 27.45
C ALA B 1020 7.61 1.96 28.77
N SER B 1021 6.37 1.49 28.83
CA SER B 1021 5.70 1.43 30.11
C SER B 1021 6.37 0.43 31.03
N ALA B 1022 6.81 -0.69 30.48
CA ALA B 1022 7.41 -1.72 31.33
C ALA B 1022 8.65 -1.20 32.01
N ASN B 1023 9.59 -0.66 31.24
CA ASN B 1023 10.82 -0.15 31.83
C ASN B 1023 10.51 0.93 32.83
N LEU B 1024 9.56 1.79 32.51
CA LEU B 1024 9.12 2.76 33.50
C LEU B 1024 8.61 2.07 34.73
N ALA B 1025 7.82 1.01 34.56
CA ALA B 1025 7.35 0.28 35.72
C ALA B 1025 8.50 -0.28 36.53
N ALA B 1026 9.42 -0.98 35.87
CA ALA B 1026 10.52 -1.58 36.60
C ALA B 1026 11.25 -0.54 37.42
N THR B 1027 11.66 0.55 36.76
CA THR B 1027 12.30 1.62 37.50
C THR B 1027 11.39 2.14 38.58
N LYS B 1028 10.13 2.35 38.25
CA LYS B 1028 9.20 2.80 39.27
C LYS B 1028 9.00 1.74 40.32
N MET B 1029 9.39 0.50 40.06
CA MET B 1029 9.44 -0.46 41.16
C MET B 1029 10.74 -0.35 41.91
N SER B 1030 11.85 -0.30 41.19
CA SER B 1030 13.14 -0.22 41.85
C SER B 1030 13.23 1.02 42.71
N GLU B 1031 13.17 2.19 42.09
CA GLU B 1031 13.43 3.42 42.83
C GLU B 1031 12.33 3.74 43.83
N CYS B 1032 11.16 3.13 43.71
CA CYS B 1032 10.06 3.52 44.57
C CYS B 1032 9.65 2.45 45.57
N VAL B 1033 10.05 1.20 45.39
CA VAL B 1033 9.69 0.17 46.35
C VAL B 1033 10.90 -0.23 47.16
N LEU B 1034 11.94 -0.68 46.48
CA LEU B 1034 13.12 -1.12 47.22
C LEU B 1034 13.88 0.03 47.82
N GLY B 1035 13.42 1.26 47.65
CA GLY B 1035 14.13 2.39 48.20
C GLY B 1035 13.20 3.50 48.62
N GLN B 1036 13.69 4.72 48.60
CA GLN B 1036 12.86 5.89 48.86
C GLN B 1036 13.38 7.01 47.99
N SER B 1037 12.57 7.46 47.04
CA SER B 1037 13.02 8.49 46.12
C SER B 1037 12.73 9.87 46.64
N LYS B 1038 13.45 10.84 46.10
CA LYS B 1038 13.15 12.24 46.34
C LYS B 1038 12.73 12.94 45.06
N ARG B 1039 12.67 12.22 43.94
CA ARG B 1039 12.20 12.81 42.70
C ARG B 1039 10.73 13.10 42.83
N VAL B 1040 10.40 14.37 43.06
CA VAL B 1040 9.01 14.72 43.37
C VAL B 1040 8.10 14.25 42.27
N ASP B 1041 6.92 13.78 42.67
CA ASP B 1041 5.90 13.31 41.74
C ASP B 1041 6.40 12.15 40.89
N PHE B 1042 7.43 11.47 41.34
CA PHE B 1042 7.76 10.17 40.78
C PHE B 1042 7.24 9.03 41.62
N CYS B 1043 6.59 9.33 42.74
CA CYS B 1043 6.00 8.30 43.56
C CYS B 1043 4.69 8.79 44.14
N GLY B 1044 3.87 9.43 43.32
CA GLY B 1044 2.64 10.03 43.79
C GLY B 1044 2.86 11.44 44.30
N LYS B 1045 1.76 12.18 44.41
CA LYS B 1045 1.86 13.56 44.86
C LYS B 1045 2.41 13.61 46.27
N GLY B 1046 3.21 14.61 46.55
CA GLY B 1046 3.76 14.81 47.87
C GLY B 1046 5.06 14.06 48.07
N TYR B 1047 5.68 14.32 49.22
CA TYR B 1047 6.89 13.60 49.57
C TYR B 1047 6.60 12.12 49.65
N HIS B 1048 7.56 11.31 49.23
CA HIS B 1048 7.35 9.88 49.15
C HIS B 1048 7.95 9.18 50.36
N LEU B 1049 7.21 8.23 50.89
CA LEU B 1049 7.63 7.50 52.09
C LEU B 1049 8.00 6.06 51.80
N MET B 1050 7.12 5.32 51.14
CA MET B 1050 7.40 3.95 50.73
C MET B 1050 6.31 3.60 49.73
N SER B 1051 6.30 2.36 49.28
CA SER B 1051 5.31 2.01 48.27
C SER B 1051 5.14 0.51 48.22
N PHE B 1052 3.93 0.06 48.02
CA PHE B 1052 3.71 -1.36 47.94
C PHE B 1052 3.15 -1.71 46.58
N PRO B 1053 3.64 -2.78 45.97
CA PRO B 1053 3.10 -3.21 44.68
C PRO B 1053 2.00 -4.24 44.88
N GLN B 1054 1.25 -4.46 43.81
CA GLN B 1054 0.25 -5.51 43.78
C GLN B 1054 0.19 -6.09 42.38
N SER B 1055 -0.19 -7.35 42.29
CA SER B 1055 -0.38 -7.96 41.00
C SER B 1055 -1.59 -7.37 40.30
N ALA B 1056 -1.66 -7.59 39.00
CA ALA B 1056 -2.81 -7.14 38.23
C ALA B 1056 -2.76 -7.82 36.87
N PRO B 1057 -3.91 -8.09 36.27
CA PRO B 1057 -3.91 -8.77 34.97
C PRO B 1057 -3.12 -7.95 33.96
N HIS B 1058 -2.05 -8.55 33.45
CA HIS B 1058 -1.20 -7.93 32.44
C HIS B 1058 -0.55 -6.65 32.93
N GLY B 1059 -0.53 -6.42 34.23
CA GLY B 1059 0.02 -5.16 34.68
C GLY B 1059 0.35 -5.21 36.15
N VAL B 1060 0.83 -4.08 36.66
CA VAL B 1060 1.15 -3.95 38.07
C VAL B 1060 0.46 -2.71 38.58
N VAL B 1061 0.12 -2.73 39.86
CA VAL B 1061 -0.52 -1.60 40.51
C VAL B 1061 0.28 -1.25 41.73
N PHE B 1062 0.72 -0.01 41.83
CA PHE B 1062 1.48 0.41 42.99
C PHE B 1062 0.55 1.01 44.03
N LEU B 1063 1.07 1.15 45.24
CA LEU B 1063 0.40 1.90 46.29
C LEU B 1063 1.46 2.81 46.90
N HIS B 1064 1.58 4.01 46.36
CA HIS B 1064 2.47 4.96 46.97
C HIS B 1064 1.90 5.41 48.31
N VAL B 1065 2.75 5.48 49.32
CA VAL B 1065 2.38 5.99 50.62
C VAL B 1065 3.16 7.27 50.82
N THR B 1066 2.48 8.40 50.86
CA THR B 1066 3.12 9.69 50.79
C THR B 1066 2.76 10.54 51.97
N TYR B 1067 3.73 11.29 52.47
CA TYR B 1067 3.53 12.26 53.53
C TYR B 1067 3.12 13.59 52.93
N VAL B 1068 2.14 14.24 53.55
CA VAL B 1068 1.64 15.51 53.02
C VAL B 1068 1.36 16.49 54.15
N PRO B 1069 2.01 17.65 54.16
CA PRO B 1069 1.73 18.64 55.20
C PRO B 1069 0.30 19.12 55.11
N ALA B 1070 -0.32 19.36 56.27
CA ALA B 1070 -1.75 19.62 56.27
C ALA B 1070 -2.12 20.98 56.83
N GLN B 1071 -1.83 21.23 58.09
CA GLN B 1071 -2.34 22.42 58.76
C GLN B 1071 -1.22 23.43 58.90
N GLU B 1072 -1.47 24.65 58.44
CA GLU B 1072 -0.44 25.62 58.24
C GLU B 1072 -0.76 26.88 59.02
N LYS B 1073 0.24 27.74 59.17
CA LYS B 1073 0.05 28.93 59.98
C LYS B 1073 0.97 30.03 59.47
N ASN B 1074 0.47 31.26 59.48
CA ASN B 1074 1.32 32.39 59.12
C ASN B 1074 2.35 32.63 60.21
N PHE B 1075 3.54 33.04 59.81
CA PHE B 1075 4.53 33.45 60.79
C PHE B 1075 5.40 34.55 60.22
N THR B 1076 5.89 35.40 61.11
CA THR B 1076 6.82 36.45 60.75
C THR B 1076 8.23 35.90 60.90
N THR B 1077 8.93 35.78 59.79
CA THR B 1077 10.23 35.15 59.78
C THR B 1077 11.34 36.19 59.66
N ALA B 1078 12.55 35.70 59.51
CA ALA B 1078 13.71 36.54 59.30
C ALA B 1078 14.86 35.64 58.89
N PRO B 1079 15.66 36.02 57.90
CA PRO B 1079 16.67 35.09 57.40
C PRO B 1079 17.80 34.86 58.34
N ALA B 1080 17.99 35.74 59.31
CA ALA B 1080 19.18 35.67 60.13
C ALA B 1080 19.01 36.60 61.31
N ILE B 1081 19.63 36.24 62.43
CA ILE B 1081 19.58 37.08 63.61
C ILE B 1081 21.00 37.28 64.10
N CYS B 1082 21.24 38.41 64.76
CA CYS B 1082 22.53 38.69 65.34
C CYS B 1082 22.37 39.17 66.76
N HIS B 1083 23.32 38.79 67.60
CA HIS B 1083 23.23 38.96 69.04
C HIS B 1083 24.40 39.69 69.65
N ASP B 1084 25.61 39.46 69.16
CA ASP B 1084 26.82 40.12 69.64
C ASP B 1084 27.56 40.74 68.48
N GLY B 1085 26.82 41.40 67.61
CA GLY B 1085 27.41 41.82 66.36
C GLY B 1085 27.49 40.65 65.41
N LYS B 1086 27.92 39.49 65.90
CA LYS B 1086 28.00 38.31 65.06
C LYS B 1086 26.60 37.88 64.65
N ALA B 1087 26.44 37.61 63.36
CA ALA B 1087 25.16 37.11 62.85
C ALA B 1087 25.05 35.62 63.09
N HIS B 1088 23.85 35.17 63.44
CA HIS B 1088 23.61 33.76 63.68
C HIS B 1088 22.59 33.25 62.67
N PHE B 1089 22.91 32.14 62.04
CA PHE B 1089 22.07 31.49 61.06
C PHE B 1089 21.63 30.15 61.61
N PRO B 1090 20.58 29.57 61.09
CA PRO B 1090 20.13 28.27 61.60
C PRO B 1090 20.97 27.14 61.04
N ARG B 1091 21.03 26.05 61.78
CA ARG B 1091 21.65 24.84 61.22
C ARG B 1091 20.66 24.04 60.40
N GLU B 1092 19.51 23.71 60.99
CA GLU B 1092 18.49 22.97 60.28
C GLU B 1092 17.16 23.59 60.67
N GLY B 1093 16.47 24.15 59.71
CA GLY B 1093 15.24 24.86 59.97
C GLY B 1093 15.42 26.35 59.75
N VAL B 1094 14.39 27.10 60.14
CA VAL B 1094 14.34 28.53 59.90
C VAL B 1094 13.99 29.23 61.19
N PHE B 1095 13.98 30.54 61.13
CA PHE B 1095 13.65 31.38 62.26
C PHE B 1095 12.23 31.88 62.10
N VAL B 1096 11.42 31.71 63.12
CA VAL B 1096 10.06 32.20 63.12
C VAL B 1096 9.78 32.87 64.44
N SER B 1097 8.76 33.72 64.45
CA SER B 1097 8.37 34.39 65.67
C SER B 1097 6.86 34.37 65.80
N ASN B 1098 6.39 34.03 66.97
CA ASN B 1098 4.95 34.05 67.16
C ASN B 1098 4.45 35.41 67.33
N GLY B 1099 5.31 36.41 67.12
CA GLY B 1099 4.98 37.80 67.31
C GLY B 1099 5.70 38.43 68.50
N THR B 1100 5.93 37.65 69.55
CA THR B 1100 6.60 38.16 70.73
C THR B 1100 7.98 37.54 70.89
N HIS B 1101 8.04 36.23 70.93
CA HIS B 1101 9.28 35.51 71.11
C HIS B 1101 9.86 35.16 69.75
N TRP B 1102 11.09 34.69 69.75
CA TRP B 1102 11.70 34.18 68.52
C TRP B 1102 12.11 32.74 68.71
N PHE B 1103 11.82 31.91 67.72
CA PHE B 1103 12.15 30.51 67.79
C PHE B 1103 12.74 30.04 66.49
N VAL B 1104 13.62 29.08 66.60
CA VAL B 1104 14.06 28.30 65.45
C VAL B 1104 13.24 27.03 65.43
N THR B 1105 12.85 26.61 64.25
CA THR B 1105 12.09 25.37 64.15
C THR B 1105 12.41 24.71 62.83
N GLN B 1106 12.24 23.40 62.80
CA GLN B 1106 12.50 22.66 61.58
C GLN B 1106 11.47 23.02 60.52
N ARG B 1107 11.82 22.71 59.28
CA ARG B 1107 11.21 23.40 58.16
C ARG B 1107 10.08 22.63 57.52
N ASN B 1108 9.57 21.60 58.18
CA ASN B 1108 8.41 20.93 57.62
C ASN B 1108 7.40 20.53 58.70
N PHE B 1109 7.63 20.91 59.94
CA PHE B 1109 6.67 20.62 60.99
C PHE B 1109 6.99 21.55 62.15
N TYR B 1110 6.10 22.50 62.40
CA TYR B 1110 6.33 23.50 63.45
C TYR B 1110 6.63 22.83 64.77
N GLU B 1111 7.69 23.27 65.40
CA GLU B 1111 8.17 22.68 66.64
C GLU B 1111 9.16 23.64 67.26
N PRO B 1112 8.68 24.73 67.85
CA PRO B 1112 9.59 25.82 68.23
C PRO B 1112 10.57 25.37 69.30
N GLN B 1113 11.84 25.62 69.04
CA GLN B 1113 12.92 25.35 69.97
C GLN B 1113 13.57 26.67 70.33
N ILE B 1114 14.10 26.74 71.56
CA ILE B 1114 14.77 27.97 71.96
C ILE B 1114 16.00 28.16 71.10
N ILE B 1115 16.17 29.37 70.58
CA ILE B 1115 17.28 29.65 69.68
C ILE B 1115 18.57 29.61 70.47
N THR B 1116 19.42 28.64 70.17
CA THR B 1116 20.62 28.45 70.96
C THR B 1116 21.78 28.07 70.07
N THR B 1117 22.98 28.16 70.65
CA THR B 1117 24.21 27.94 69.89
C THR B 1117 24.33 26.53 69.35
N ASP B 1118 23.54 25.59 69.86
CA ASP B 1118 23.50 24.29 69.18
C ASP B 1118 22.74 24.35 67.87
N ASN B 1119 21.83 25.30 67.71
CA ASN B 1119 21.05 25.36 66.50
C ASN B 1119 21.64 26.27 65.45
N THR B 1120 22.67 27.02 65.80
CA THR B 1120 23.16 28.10 64.97
C THR B 1120 24.64 27.93 64.69
N PHE B 1121 25.18 28.87 63.92
CA PHE B 1121 26.63 28.95 63.74
C PHE B 1121 26.97 30.35 63.25
N VAL B 1122 28.01 30.92 63.85
CA VAL B 1122 28.34 32.31 63.59
C VAL B 1122 28.90 32.48 62.19
N SER B 1123 28.62 33.64 61.60
CA SER B 1123 29.29 34.04 60.36
C SER B 1123 29.14 35.54 60.19
N GLY B 1124 30.25 36.21 59.90
CA GLY B 1124 30.20 37.63 59.60
C GLY B 1124 29.71 38.45 60.78
N ASN B 1125 28.95 39.50 60.48
CA ASN B 1125 28.40 40.38 61.49
C ASN B 1125 27.13 41.01 60.94
N CYS B 1126 26.38 41.68 61.81
CA CYS B 1126 25.00 42.04 61.49
C CYS B 1126 24.89 42.79 60.17
N ASP B 1127 25.71 43.81 59.97
CA ASP B 1127 25.38 44.86 59.02
C ASP B 1127 25.54 44.46 57.56
N VAL B 1128 25.83 43.20 57.25
CA VAL B 1128 26.01 42.78 55.87
C VAL B 1128 24.79 42.06 55.34
N VAL B 1129 24.21 41.15 56.13
CA VAL B 1129 23.08 40.39 55.65
C VAL B 1129 21.83 41.27 55.63
N ILE B 1130 20.98 41.04 54.65
CA ILE B 1130 19.76 41.82 54.51
C ILE B 1130 18.70 41.27 55.44
N GLY B 1131 18.03 42.16 56.16
CA GLY B 1131 16.85 41.77 56.89
C GLY B 1131 17.08 41.10 58.22
N ILE B 1132 18.30 41.14 58.73
CA ILE B 1132 18.55 40.55 60.03
C ILE B 1132 17.79 41.30 61.10
N VAL B 1133 17.52 40.62 62.21
CA VAL B 1133 16.76 41.20 63.31
C VAL B 1133 17.56 41.12 64.59
N ASN B 1134 17.47 42.16 65.41
CA ASN B 1134 18.11 42.13 66.71
C ASN B 1134 17.41 41.10 67.59
N ASN B 1135 18.18 40.34 68.34
CA ASN B 1135 17.64 39.37 69.28
C ASN B 1135 18.77 38.87 70.17
N THR B 1136 18.47 37.89 71.00
CA THR B 1136 19.44 37.31 71.92
C THR B 1136 19.46 35.80 71.73
N VAL B 1137 20.64 35.23 71.59
CA VAL B 1137 20.81 33.79 71.44
C VAL B 1137 21.16 33.21 72.80
N TYR B 1138 20.51 32.12 73.15
CA TYR B 1138 20.76 31.51 74.45
C TYR B 1138 22.05 30.70 74.40
N ASP B 1139 22.70 30.60 75.55
CA ASP B 1139 23.92 29.86 75.72
C ASP B 1139 23.70 28.76 76.74
N PRO B 1140 23.97 27.50 76.41
CA PRO B 1140 23.83 26.45 77.41
C PRO B 1140 24.89 26.52 78.49
N LEU B 1141 26.08 26.98 78.16
CA LEU B 1141 27.20 26.83 79.07
C LEU B 1141 27.12 27.82 80.24
N GLN B 1142 26.72 29.05 79.96
CA GLN B 1142 26.75 30.10 80.99
C GLN B 1142 26.00 29.72 82.25
N PRO B 1143 24.77 29.20 82.20
CA PRO B 1143 24.15 28.75 83.46
C PRO B 1143 24.95 27.67 84.14
N GLU B 1144 25.54 26.76 83.37
CA GLU B 1144 26.39 25.73 83.96
C GLU B 1144 27.61 26.36 84.61
N LEU B 1145 28.24 27.32 83.92
CA LEU B 1145 29.36 28.04 84.50
C LEU B 1145 28.90 28.87 85.69
N ASP B 1146 27.67 29.40 85.63
CA ASP B 1146 27.16 30.21 86.71
C ASP B 1146 27.08 29.43 88.02
N SER B 1147 27.00 28.11 87.95
CA SER B 1147 26.96 27.28 89.14
C SER B 1147 28.36 26.95 89.63
N ALA C 27 32.12 33.03 -34.76
CA ALA C 27 32.13 33.74 -33.49
C ALA C 27 31.18 33.08 -32.50
N TYR C 28 31.46 33.26 -31.21
CA TYR C 28 30.71 32.60 -30.17
C TYR C 28 30.64 33.52 -28.97
N THR C 29 29.70 33.23 -28.07
CA THR C 29 29.57 34.06 -26.88
C THR C 29 28.89 33.22 -25.79
N ASN C 30 28.95 33.73 -24.57
CA ASN C 30 28.34 33.09 -23.42
C ASN C 30 26.85 33.37 -23.39
N SER C 31 26.05 32.33 -23.24
CA SER C 31 24.61 32.47 -23.08
C SER C 31 24.34 32.56 -21.59
N PHE C 32 24.35 33.78 -21.07
CA PHE C 32 24.42 33.96 -19.63
C PHE C 32 23.22 33.42 -18.88
N THR C 33 22.06 34.06 -19.03
CA THR C 33 20.92 33.69 -18.21
C THR C 33 19.61 33.76 -18.97
N ARG C 34 19.63 33.59 -20.28
CA ARG C 34 18.44 33.76 -21.07
C ARG C 34 17.98 32.42 -21.63
N GLY C 35 16.71 32.37 -22.01
CA GLY C 35 16.17 31.16 -22.58
C GLY C 35 15.09 30.55 -21.72
N VAL C 36 14.46 31.37 -20.90
CA VAL C 36 13.43 30.92 -19.97
C VAL C 36 12.09 31.44 -20.45
N TYR C 37 11.08 30.58 -20.36
CA TYR C 37 9.77 30.93 -20.89
C TYR C 37 8.72 30.13 -20.15
N TYR C 38 7.64 30.78 -19.76
CA TYR C 38 6.56 30.15 -19.04
C TYR C 38 6.07 28.91 -19.79
N PRO C 39 6.33 27.72 -19.27
CA PRO C 39 5.91 26.50 -19.97
C PRO C 39 4.41 26.35 -20.02
N ASP C 40 3.67 27.09 -19.21
CA ASP C 40 2.23 27.14 -19.31
C ASP C 40 1.76 28.44 -18.67
N LYS C 41 0.50 28.78 -18.91
CA LYS C 41 -0.07 30.04 -18.45
C LYS C 41 -0.61 29.95 -17.03
N VAL C 42 -0.36 28.85 -16.32
CA VAL C 42 -0.91 28.69 -15.00
C VAL C 42 -0.28 29.68 -14.03
N PHE C 43 -1.09 30.61 -13.54
CA PHE C 43 -0.61 31.57 -12.57
C PHE C 43 -0.23 30.89 -11.26
N ARG C 44 0.97 31.19 -10.77
CA ARG C 44 1.34 30.87 -9.41
C ARG C 44 1.89 32.14 -8.78
N SER C 45 2.33 32.08 -7.54
CA SER C 45 2.83 33.28 -6.91
C SER C 45 3.81 32.94 -5.79
N SER C 46 4.91 33.70 -5.74
CA SER C 46 5.84 33.66 -4.61
C SER C 46 6.26 32.23 -4.28
N VAL C 47 6.31 31.37 -5.28
CA VAL C 47 6.55 29.96 -5.06
C VAL C 47 7.64 29.49 -6.02
N LEU C 48 8.46 28.56 -5.54
CA LEU C 48 9.56 28.03 -6.33
C LEU C 48 9.05 26.76 -6.99
N HIS C 49 8.53 26.90 -8.20
CA HIS C 49 8.11 25.72 -8.94
C HIS C 49 9.22 25.25 -9.86
N SER C 50 9.29 23.94 -10.04
CA SER C 50 10.24 23.34 -10.96
C SER C 50 9.51 22.45 -11.94
N THR C 51 10.14 22.23 -13.10
CA THR C 51 9.54 21.45 -14.16
C THR C 51 10.62 20.98 -15.11
N GLN C 52 10.26 20.01 -15.94
CA GLN C 52 11.16 19.48 -16.96
C GLN C 52 10.66 19.88 -18.34
N ASP C 53 11.56 20.44 -19.13
CA ASP C 53 11.22 20.84 -20.49
C ASP C 53 12.52 21.09 -21.25
N LEU C 54 12.40 21.67 -22.43
CA LEU C 54 13.56 22.01 -23.25
C LEU C 54 13.92 23.45 -22.98
N PHE C 55 15.21 23.73 -22.77
CA PHE C 55 15.64 25.09 -22.50
C PHE C 55 17.03 25.30 -23.04
N LEU C 56 17.46 26.56 -23.00
CA LEU C 56 18.84 26.91 -23.24
C LEU C 56 19.65 26.81 -21.96
N PRO C 57 20.52 25.82 -21.83
CA PRO C 57 21.35 25.72 -20.63
C PRO C 57 22.20 26.96 -20.47
N PHE C 58 22.39 27.36 -19.23
CA PHE C 58 23.07 28.62 -18.96
C PHE C 58 24.53 28.54 -19.36
N PHE C 59 25.08 29.70 -19.70
CA PHE C 59 26.51 29.89 -19.93
C PHE C 59 27.04 29.14 -21.15
N SER C 60 26.15 28.60 -21.99
CA SER C 60 26.64 27.86 -23.14
C SER C 60 27.18 28.81 -24.21
N ASN C 61 27.92 28.23 -25.15
CA ASN C 61 28.37 28.98 -26.31
C ASN C 61 27.19 29.30 -27.21
N VAL C 62 27.11 30.54 -27.65
CA VAL C 62 26.11 30.97 -28.62
C VAL C 62 26.82 31.69 -29.77
N THR C 63 26.48 31.31 -30.99
CA THR C 63 27.12 31.86 -32.18
C THR C 63 26.68 33.30 -32.43
N TRP C 64 27.47 34.00 -33.25
CA TRP C 64 27.29 35.43 -33.48
C TRP C 64 27.25 35.70 -34.99
N PHE C 65 26.32 36.56 -35.40
CA PHE C 65 26.14 36.89 -36.80
C PHE C 65 25.96 38.39 -36.99
N HIS C 66 26.20 38.84 -38.22
CA HIS C 66 25.95 40.22 -38.62
C HIS C 66 25.42 40.29 -40.04
N ASN C 81 24.41 35.34 -43.41
CA ASN C 81 23.17 34.81 -42.86
C ASN C 81 22.74 33.51 -43.57
N PRO C 82 23.52 32.45 -43.41
CA PRO C 82 23.24 31.22 -44.16
C PRO C 82 22.27 30.29 -43.44
N VAL C 83 22.05 29.10 -44.00
CA VAL C 83 21.15 28.13 -43.39
C VAL C 83 21.71 27.66 -42.06
N LEU C 84 20.82 27.39 -41.11
CA LEU C 84 21.16 26.80 -39.82
C LEU C 84 20.13 25.74 -39.47
N PRO C 85 20.56 24.65 -38.84
CA PRO C 85 19.63 23.57 -38.52
C PRO C 85 18.81 23.90 -37.28
N PHE C 86 17.84 23.04 -36.99
CA PHE C 86 16.82 23.28 -35.97
C PHE C 86 16.66 22.05 -35.09
N ASN C 87 17.77 21.60 -34.50
CA ASN C 87 17.88 20.31 -33.84
C ASN C 87 16.61 19.90 -33.10
N ASP C 88 16.29 20.62 -32.03
CA ASP C 88 15.05 20.41 -31.32
C ASP C 88 14.36 21.71 -30.94
N GLY C 89 15.01 22.85 -31.12
CA GLY C 89 14.48 24.12 -30.69
C GLY C 89 15.61 25.12 -30.56
N VAL C 90 15.35 26.37 -30.89
CA VAL C 90 16.40 27.37 -30.94
C VAL C 90 16.08 28.50 -30.01
N TYR C 91 17.11 29.02 -29.35
CA TYR C 91 17.02 30.31 -28.71
C TYR C 91 17.54 31.34 -29.70
N PHE C 92 16.67 32.25 -30.13
CA PHE C 92 17.07 33.34 -31.00
C PHE C 92 16.83 34.67 -30.31
N ALA C 93 17.83 35.54 -30.37
CA ALA C 93 17.66 36.93 -30.02
C ALA C 93 18.36 37.79 -31.05
N SER C 94 17.94 39.04 -31.14
CA SER C 94 18.60 39.98 -32.02
C SER C 94 18.40 41.38 -31.48
N THR C 95 19.47 42.15 -31.44
CA THR C 95 19.42 43.55 -31.07
C THR C 95 19.18 44.37 -32.32
N GLU C 96 18.18 45.23 -32.27
CA GLU C 96 17.81 46.04 -33.41
C GLU C 96 17.87 47.52 -33.07
N LYS C 97 18.51 48.28 -33.96
CA LYS C 97 18.33 49.72 -34.04
C LYS C 97 17.90 50.12 -35.45
N SER C 98 17.60 49.14 -36.30
CA SER C 98 17.28 49.39 -37.70
C SER C 98 16.07 48.62 -38.23
N ASN C 99 15.52 47.67 -37.46
CA ASN C 99 14.46 46.79 -37.94
C ASN C 99 14.90 46.03 -39.18
N ILE C 100 16.20 45.76 -39.30
CA ILE C 100 16.72 45.13 -40.50
C ILE C 100 16.15 43.74 -40.70
N ILE C 101 16.10 42.94 -39.63
CA ILE C 101 15.60 41.58 -39.75
C ILE C 101 14.10 41.61 -39.98
N ARG C 102 13.64 40.84 -40.96
CA ARG C 102 12.23 40.82 -41.32
C ARG C 102 11.55 39.49 -41.07
N GLY C 103 12.27 38.42 -40.81
CA GLY C 103 11.60 37.17 -40.51
C GLY C 103 12.52 35.98 -40.62
N TRP C 104 11.92 34.82 -40.81
CA TRP C 104 12.64 33.56 -40.83
C TRP C 104 11.95 32.60 -41.79
N ILE C 105 12.67 31.54 -42.15
CA ILE C 105 12.18 30.46 -42.99
C ILE C 105 12.28 29.19 -42.18
N PHE C 106 11.38 28.25 -42.41
CA PHE C 106 11.47 26.97 -41.71
C PHE C 106 10.99 25.86 -42.63
N GLY C 107 11.41 24.64 -42.31
CA GLY C 107 10.99 23.46 -43.05
C GLY C 107 12.04 22.37 -42.96
N THR C 108 11.92 21.40 -43.87
CA THR C 108 12.91 20.35 -44.01
C THR C 108 13.90 20.66 -45.13
N THR C 109 13.40 20.89 -46.34
CA THR C 109 14.24 21.30 -47.46
C THR C 109 14.00 22.73 -47.89
N LEU C 110 12.73 23.14 -47.98
CA LEU C 110 12.35 24.52 -48.28
C LEU C 110 12.89 24.97 -49.64
N ASP C 111 12.53 24.21 -50.67
CA ASP C 111 12.88 24.52 -52.06
C ASP C 111 11.71 24.21 -52.98
N SER C 112 10.53 24.69 -52.61
CA SER C 112 9.28 24.40 -53.30
C SER C 112 8.96 22.92 -53.32
N LYS C 113 9.68 22.12 -52.54
CA LYS C 113 9.43 20.70 -52.42
C LYS C 113 8.30 20.36 -51.48
N THR C 114 8.00 21.22 -50.50
CA THR C 114 7.04 20.91 -49.47
C THR C 114 6.58 22.21 -48.81
N GLN C 115 5.83 22.06 -47.73
CA GLN C 115 5.36 23.22 -46.97
C GLN C 115 6.48 23.80 -46.13
N SER C 116 6.55 25.12 -46.07
CA SER C 116 7.66 25.80 -45.42
C SER C 116 7.17 27.11 -44.81
N LEU C 117 7.59 27.37 -43.58
CA LEU C 117 7.10 28.51 -42.82
C LEU C 117 7.82 29.77 -43.27
N LEU C 118 7.08 30.66 -43.92
CA LEU C 118 7.57 31.99 -44.26
C LEU C 118 6.88 32.99 -43.36
N ILE C 119 7.65 33.66 -42.51
CA ILE C 119 7.13 34.58 -41.51
C ILE C 119 7.81 35.92 -41.70
N VAL C 120 7.02 36.98 -41.85
CA VAL C 120 7.56 38.29 -42.17
C VAL C 120 6.50 39.37 -42.04
N ASN C 121 6.93 40.59 -41.67
CA ASN C 121 6.04 41.74 -41.55
C ASN C 121 5.90 42.45 -42.89
N ASN C 122 4.67 42.76 -43.26
CA ASN C 122 4.38 43.51 -44.48
C ASN C 122 4.32 45.01 -44.22
N ALA C 123 5.35 45.51 -43.55
CA ALA C 123 5.53 46.93 -43.24
C ALA C 123 4.48 47.44 -42.26
N THR C 124 3.47 46.61 -41.96
CA THR C 124 2.51 46.92 -40.91
C THR C 124 2.17 45.74 -40.02
N ASN C 125 2.32 44.50 -40.48
CA ASN C 125 1.90 43.34 -39.72
C ASN C 125 2.57 42.11 -40.31
N VAL C 126 2.78 41.10 -39.49
CA VAL C 126 3.50 39.90 -39.91
C VAL C 126 2.60 39.06 -40.82
N VAL C 127 3.21 38.45 -41.83
CA VAL C 127 2.52 37.63 -42.80
C VAL C 127 3.13 36.25 -42.80
N ILE C 128 2.28 35.22 -42.81
CA ILE C 128 2.73 33.83 -42.73
C ILE C 128 1.97 32.98 -43.72
N LYS C 129 2.70 32.19 -44.50
CA LYS C 129 2.13 31.15 -45.33
C LYS C 129 3.09 29.97 -45.32
N VAL C 130 2.58 28.79 -45.66
CA VAL C 130 3.39 27.58 -45.59
C VAL C 130 3.30 26.80 -46.90
N CYS C 131 3.21 27.51 -48.01
CA CYS C 131 3.13 26.87 -49.32
C CYS C 131 4.53 26.46 -49.79
N GLU C 132 4.57 25.68 -50.88
CA GLU C 132 5.83 25.30 -51.53
C GLU C 132 6.23 26.42 -52.48
N PHE C 133 7.27 27.16 -52.12
CA PHE C 133 7.52 28.48 -52.68
C PHE C 133 8.82 28.56 -53.46
N GLN C 134 9.00 29.70 -54.14
CA GLN C 134 10.27 30.02 -54.77
C GLN C 134 11.20 30.61 -53.73
N PHE C 135 12.20 29.82 -53.31
CA PHE C 135 13.17 30.25 -52.33
C PHE C 135 14.49 30.54 -53.04
N CYS C 136 15.04 31.72 -52.81
CA CYS C 136 16.22 32.13 -53.55
C CYS C 136 17.47 31.47 -52.96
N ASN C 137 18.61 31.74 -53.60
CA ASN C 137 19.90 31.39 -53.00
C ASN C 137 20.18 32.28 -51.80
N ASP C 138 19.84 33.56 -51.90
CA ASP C 138 19.87 34.50 -50.78
C ASP C 138 18.47 35.07 -50.64
N PRO C 139 17.54 34.29 -50.09
CA PRO C 139 16.12 34.65 -50.20
C PRO C 139 15.78 35.91 -49.43
N PHE C 140 15.17 36.85 -50.14
CA PHE C 140 14.41 37.95 -49.57
C PHE C 140 13.76 38.71 -50.72
N LEU C 141 13.03 39.78 -50.44
CA LEU C 141 12.21 40.43 -51.45
C LEU C 141 12.51 41.92 -51.44
N GLY C 142 12.13 42.57 -52.54
CA GLY C 142 12.54 43.95 -52.75
C GLY C 142 12.01 44.88 -51.68
N VAL C 143 12.82 45.90 -51.37
CA VAL C 143 12.48 46.87 -50.34
C VAL C 143 11.27 47.70 -50.74
N ASN C 165 1.67 23.90 -53.38
CA ASN C 165 0.55 23.42 -52.58
C ASN C 165 0.47 24.18 -51.26
N CYS C 166 -0.55 25.01 -51.13
CA CYS C 166 -0.66 25.99 -50.05
C CYS C 166 -1.64 25.47 -49.02
N THR C 167 -1.20 25.32 -47.77
CA THR C 167 -2.07 24.76 -46.74
C THR C 167 -2.49 25.75 -45.65
N PHE C 168 -1.60 26.61 -45.20
CA PHE C 168 -1.93 27.55 -44.14
C PHE C 168 -1.49 28.96 -44.52
N GLU C 169 -2.24 29.94 -44.03
CA GLU C 169 -1.93 31.33 -44.26
C GLU C 169 -2.44 32.16 -43.10
N TYR C 170 -1.64 33.14 -42.68
CA TYR C 170 -2.05 34.07 -41.64
C TYR C 170 -1.33 35.39 -41.83
N VAL C 171 -2.03 36.46 -41.46
CA VAL C 171 -1.45 37.80 -41.35
C VAL C 171 -1.95 38.41 -40.05
N SER C 172 -1.05 39.09 -39.33
CA SER C 172 -1.47 39.82 -38.14
C SER C 172 -2.15 41.13 -38.54
N PHE C 186 21.60 50.40 -30.84
CA PHE C 186 20.88 49.28 -30.25
C PHE C 186 20.30 49.66 -28.90
N LYS C 187 19.02 50.03 -28.91
CA LYS C 187 18.29 50.37 -27.71
C LYS C 187 17.37 49.25 -27.23
N ASN C 188 17.11 48.25 -28.08
CA ASN C 188 16.15 47.21 -27.75
C ASN C 188 16.72 45.84 -28.09
N LEU C 189 16.18 44.83 -27.44
CA LEU C 189 16.44 43.45 -27.79
C LEU C 189 15.10 42.74 -27.99
N ARG C 190 14.98 42.02 -29.09
CA ARG C 190 13.80 41.25 -29.41
C ARG C 190 14.16 39.79 -29.19
N GLU C 191 13.71 39.23 -28.06
CA GLU C 191 14.04 37.86 -27.69
C GLU C 191 13.00 36.89 -28.25
N PHE C 192 13.47 35.75 -28.75
CA PHE C 192 12.60 34.83 -29.46
C PHE C 192 12.97 33.39 -29.12
N VAL C 193 11.96 32.52 -29.13
CA VAL C 193 12.15 31.10 -28.87
C VAL C 193 11.22 30.30 -29.77
N PHE C 194 11.75 29.26 -30.40
CA PHE C 194 10.97 28.49 -31.36
C PHE C 194 11.15 27.00 -31.11
N LYS C 195 10.03 26.31 -30.92
CA LYS C 195 10.02 24.87 -30.75
C LYS C 195 8.71 24.35 -31.30
N ASN C 196 8.77 23.17 -31.92
CA ASN C 196 7.58 22.56 -32.52
C ASN C 196 7.45 21.15 -31.97
N ILE C 197 6.39 20.92 -31.21
CA ILE C 197 6.16 19.65 -30.55
C ILE C 197 4.68 19.29 -30.65
N ASP C 198 4.40 18.01 -30.93
CA ASP C 198 3.05 17.49 -31.01
C ASP C 198 2.19 18.31 -31.97
N GLY C 199 2.80 18.72 -33.08
CA GLY C 199 2.11 19.44 -34.12
C GLY C 199 1.90 20.90 -33.84
N TYR C 200 2.32 21.40 -32.69
CA TYR C 200 2.07 22.78 -32.31
C TYR C 200 3.39 23.57 -32.37
N PHE C 201 3.38 24.68 -33.10
CA PHE C 201 4.59 25.48 -33.27
C PHE C 201 4.64 26.55 -32.20
N LYS C 202 5.19 26.19 -31.05
CA LYS C 202 5.26 27.12 -29.94
C LYS C 202 6.25 28.24 -30.26
N ILE C 203 5.83 29.48 -30.02
CA ILE C 203 6.72 30.63 -30.14
C ILE C 203 6.56 31.48 -28.89
N TYR C 204 7.68 31.84 -28.29
CA TYR C 204 7.71 32.72 -27.13
C TYR C 204 8.63 33.88 -27.45
N SER C 205 8.24 35.06 -27.01
CA SER C 205 8.85 36.27 -27.53
C SER C 205 9.05 37.27 -26.40
N LYS C 206 9.98 38.19 -26.61
CA LYS C 206 10.15 39.29 -25.67
C LYS C 206 10.88 40.43 -26.34
N HIS C 207 10.22 41.58 -26.42
CA HIS C 207 10.91 42.84 -26.66
C HIS C 207 11.52 43.32 -25.36
N THR C 208 12.61 44.07 -25.47
CA THR C 208 13.11 44.70 -24.26
C THR C 208 14.07 45.83 -24.58
N PRO C 209 13.96 46.95 -23.88
CA PRO C 209 14.94 48.02 -24.06
C PRO C 209 16.30 47.59 -23.55
N ILE C 210 17.33 48.01 -24.26
CA ILE C 210 18.71 47.70 -23.89
C ILE C 210 19.52 48.98 -23.90
N ASN C 211 20.61 48.98 -23.14
CA ASN C 211 21.59 50.07 -23.13
C ASN C 211 22.95 49.44 -23.35
N LEU C 212 23.30 49.21 -24.61
CA LEU C 212 24.49 48.47 -24.98
C LEU C 212 24.61 48.49 -26.50
N VAL C 213 25.82 48.20 -26.99
CA VAL C 213 26.08 48.11 -28.42
C VAL C 213 26.85 46.85 -28.79
N ARG C 214 27.12 45.94 -27.85
CA ARG C 214 28.06 44.86 -28.12
C ARG C 214 27.46 43.46 -28.07
N ASP C 215 26.90 43.03 -26.94
CA ASP C 215 26.60 41.62 -26.79
C ASP C 215 25.40 41.43 -25.88
N LEU C 216 25.18 40.19 -25.48
CA LEU C 216 24.04 39.86 -24.63
C LEU C 216 24.28 40.41 -23.23
N PRO C 217 23.34 41.16 -22.68
CA PRO C 217 23.55 41.81 -21.40
C PRO C 217 23.40 40.84 -20.24
N GLN C 218 23.77 41.31 -19.06
CA GLN C 218 23.55 40.58 -17.82
C GLN C 218 22.19 40.97 -17.27
N GLY C 219 21.23 40.07 -17.38
CA GLY C 219 19.90 40.36 -16.91
C GLY C 219 19.00 39.16 -17.16
N PHE C 220 17.84 39.20 -16.54
CA PHE C 220 16.91 38.09 -16.65
C PHE C 220 15.52 38.57 -17.01
N SER C 221 14.87 37.82 -17.89
CA SER C 221 13.45 37.96 -18.19
C SER C 221 13.03 36.71 -18.95
N ALA C 222 11.74 36.57 -19.14
CA ALA C 222 11.19 35.40 -19.78
C ALA C 222 10.54 35.78 -21.10
N LEU C 223 10.00 34.78 -21.78
CA LEU C 223 9.33 34.95 -23.06
C LEU C 223 7.97 34.26 -22.97
N GLU C 224 6.92 35.03 -22.72
CA GLU C 224 5.60 34.43 -22.67
C GLU C 224 5.22 33.94 -24.06
N PRO C 225 4.32 32.96 -24.13
CA PRO C 225 3.86 32.52 -25.44
C PRO C 225 3.14 33.65 -26.17
N LEU C 226 3.40 33.73 -27.48
CA LEU C 226 2.71 34.65 -28.35
C LEU C 226 1.79 33.95 -29.33
N VAL C 227 2.28 32.94 -30.02
CA VAL C 227 1.53 32.30 -31.08
C VAL C 227 1.73 30.79 -30.97
N ASP C 228 0.65 30.05 -31.19
CA ASP C 228 0.73 28.61 -31.39
C ASP C 228 0.14 28.29 -32.75
N LEU C 229 0.86 27.48 -33.52
CA LEU C 229 0.42 27.12 -34.87
C LEU C 229 0.33 25.61 -34.99
N PRO C 230 -0.80 25.08 -35.41
CA PRO C 230 -0.94 23.63 -35.61
C PRO C 230 -0.36 23.18 -36.94
N ILE C 231 0.93 23.45 -37.13
CA ILE C 231 1.58 23.15 -38.40
C ILE C 231 1.53 21.66 -38.67
N GLY C 232 1.86 20.85 -37.68
CA GLY C 232 1.90 19.42 -37.88
C GLY C 232 2.93 18.97 -38.90
N ILE C 233 3.88 19.83 -39.23
CA ILE C 233 4.87 19.55 -40.26
C ILE C 233 6.25 19.57 -39.62
N ASN C 234 7.00 18.50 -39.82
CA ASN C 234 8.37 18.44 -39.34
C ASN C 234 9.21 19.53 -39.99
N ILE C 235 10.12 20.11 -39.20
CA ILE C 235 11.03 21.14 -39.67
C ILE C 235 12.42 20.76 -39.19
N THR C 236 13.40 20.76 -40.10
CA THR C 236 14.76 20.40 -39.75
C THR C 236 15.78 21.47 -40.06
N ARG C 237 15.37 22.59 -40.64
CA ARG C 237 16.29 23.65 -41.01
C ARG C 237 15.58 24.98 -40.86
N PHE C 238 16.36 26.06 -40.91
CA PHE C 238 15.76 27.38 -41.00
C PHE C 238 16.84 28.36 -41.43
N GLN C 239 16.41 29.58 -41.67
CA GLN C 239 17.31 30.67 -42.03
C GLN C 239 16.59 31.99 -41.79
N THR C 240 17.33 32.97 -41.29
CA THR C 240 16.75 34.26 -40.98
C THR C 240 16.63 35.13 -42.22
N LEU C 241 15.82 36.18 -42.09
CA LEU C 241 15.57 37.11 -43.18
C LEU C 241 15.87 38.52 -42.69
N LEU C 242 16.77 39.20 -43.39
CA LEU C 242 17.12 40.57 -43.04
C LEU C 242 16.49 41.56 -44.02
N ALA C 264 23.68 40.90 -36.46
CA ALA C 264 23.41 41.59 -35.21
C ALA C 264 22.50 40.75 -34.33
N TYR C 265 22.60 39.43 -34.47
CA TYR C 265 21.82 38.51 -33.67
C TYR C 265 22.72 37.41 -33.14
N TYR C 266 22.12 36.46 -32.42
CA TYR C 266 22.80 35.28 -31.94
C TYR C 266 21.84 34.11 -32.03
N VAL C 267 22.39 32.90 -32.06
CA VAL C 267 21.57 31.71 -32.22
C VAL C 267 22.04 30.63 -31.25
N GLY C 268 21.10 30.11 -30.45
CA GLY C 268 21.36 29.02 -29.54
C GLY C 268 20.65 27.75 -29.95
N TYR C 269 20.50 26.85 -28.98
CA TYR C 269 19.82 25.58 -29.20
C TYR C 269 19.29 25.07 -27.87
N LEU C 270 18.04 24.62 -27.85
CA LEU C 270 17.45 24.16 -26.60
C LEU C 270 17.92 22.76 -26.25
N GLN C 271 17.78 22.42 -24.97
CA GLN C 271 18.22 21.14 -24.45
C GLN C 271 17.22 20.64 -23.43
N PRO C 272 17.12 19.33 -23.26
CA PRO C 272 16.19 18.79 -22.27
C PRO C 272 16.73 18.82 -20.86
N ARG C 273 16.54 19.95 -20.17
CA ARG C 273 16.98 20.11 -18.79
C ARG C 273 15.80 20.43 -17.90
N THR C 274 15.82 19.93 -16.67
CA THR C 274 14.83 20.34 -15.69
C THR C 274 15.29 21.63 -15.02
N PHE C 275 14.38 22.59 -14.91
CA PHE C 275 14.67 23.83 -14.21
C PHE C 275 13.72 24.03 -13.05
N LEU C 276 14.17 24.87 -12.13
CA LEU C 276 13.36 25.36 -11.03
C LEU C 276 13.09 26.84 -11.27
N LEU C 277 11.83 27.23 -11.22
CA LEU C 277 11.41 28.56 -11.63
C LEU C 277 10.86 29.30 -10.43
N LYS C 278 11.27 30.55 -10.26
CA LYS C 278 10.91 31.36 -9.10
C LYS C 278 9.96 32.46 -9.54
N TYR C 279 8.77 32.48 -8.94
CA TYR C 279 7.75 33.47 -9.26
C TYR C 279 7.69 34.53 -8.18
N ASN C 280 7.44 35.76 -8.59
CA ASN C 280 7.33 36.86 -7.65
C ASN C 280 5.95 36.86 -7.02
N GLU C 281 5.65 37.91 -6.25
CA GLU C 281 4.28 38.08 -5.76
C GLU C 281 3.33 38.38 -6.90
N ASN C 282 3.78 39.18 -7.87
CA ASN C 282 2.93 39.54 -8.99
C ASN C 282 2.58 38.34 -9.85
N GLY C 283 3.41 37.31 -9.85
CA GLY C 283 3.19 36.15 -10.66
C GLY C 283 4.00 36.09 -11.94
N THR C 284 5.18 36.70 -11.97
CA THR C 284 6.05 36.68 -13.14
C THR C 284 7.36 35.99 -12.80
N ILE C 285 7.91 35.28 -13.77
CA ILE C 285 9.19 34.61 -13.56
C ILE C 285 10.24 35.68 -13.33
N THR C 286 10.78 35.74 -12.14
CA THR C 286 11.86 36.69 -11.87
C THR C 286 13.22 36.03 -11.83
N ASP C 287 13.28 34.72 -11.62
CA ASP C 287 14.54 34.02 -11.63
C ASP C 287 14.30 32.53 -11.69
N ALA C 288 15.34 31.81 -12.09
CA ALA C 288 15.28 30.37 -12.17
C ALA C 288 16.71 29.85 -12.08
N VAL C 289 16.85 28.57 -11.77
CA VAL C 289 18.15 27.97 -11.58
C VAL C 289 18.18 26.62 -12.28
N ASP C 290 19.30 26.33 -12.91
CA ASP C 290 19.49 25.02 -13.53
C ASP C 290 19.51 23.95 -12.46
N CYS C 291 19.10 22.75 -12.86
CA CYS C 291 19.22 21.58 -12.01
C CYS C 291 20.52 20.84 -12.23
N ALA C 292 21.13 20.99 -13.40
CA ALA C 292 22.30 20.20 -13.73
C ALA C 292 23.52 21.03 -14.09
N LEU C 293 23.51 22.34 -13.84
CA LEU C 293 24.65 23.14 -14.24
C LEU C 293 25.90 22.75 -13.47
N ASP C 294 25.92 22.99 -12.18
CA ASP C 294 27.11 22.69 -11.39
C ASP C 294 26.70 21.95 -10.14
N PRO C 295 27.61 21.18 -9.56
CA PRO C 295 27.29 20.45 -8.34
C PRO C 295 26.79 21.35 -7.22
N LEU C 296 26.85 22.66 -7.40
CA LEU C 296 26.07 23.52 -6.52
C LEU C 296 24.60 23.49 -6.90
N SER C 297 24.28 23.88 -8.13
CA SER C 297 22.89 23.92 -8.53
C SER C 297 22.25 22.55 -8.44
N GLU C 298 23.05 21.50 -8.58
CA GLU C 298 22.52 20.16 -8.36
C GLU C 298 21.86 20.08 -6.99
N THR C 299 22.40 20.81 -6.02
CA THR C 299 21.79 20.83 -4.70
C THR C 299 20.48 21.59 -4.70
N LYS C 300 20.48 22.80 -5.28
CA LYS C 300 19.33 23.69 -5.14
C LYS C 300 18.05 22.99 -5.56
N CYS C 301 18.10 22.25 -6.67
CA CYS C 301 16.92 21.55 -7.12
C CYS C 301 16.48 20.51 -6.10
N THR C 302 17.44 19.79 -5.52
CA THR C 302 17.08 18.83 -4.49
C THR C 302 16.45 19.54 -3.30
N LEU C 303 17.06 20.64 -2.86
CA LEU C 303 16.53 21.34 -1.69
C LEU C 303 15.34 22.22 -2.04
N LYS C 304 15.11 22.50 -3.32
CA LYS C 304 14.02 23.35 -3.74
C LYS C 304 14.10 24.73 -3.06
N SER C 305 15.31 25.24 -2.95
CA SER C 305 15.53 26.55 -2.37
C SER C 305 16.66 27.26 -3.08
N PHE C 306 16.63 28.58 -3.00
CA PHE C 306 17.67 29.39 -3.60
C PHE C 306 18.79 29.73 -2.63
N THR C 307 18.66 29.33 -1.39
CA THR C 307 19.67 29.57 -0.38
C THR C 307 19.92 28.28 0.35
N VAL C 308 21.18 27.95 0.57
CA VAL C 308 21.50 26.75 1.30
C VAL C 308 22.52 27.10 2.37
N GLU C 309 22.34 26.52 3.54
CA GLU C 309 23.20 26.79 4.68
C GLU C 309 24.48 25.99 4.53
N LYS C 310 25.30 26.01 5.56
CA LYS C 310 26.27 24.94 5.72
C LYS C 310 25.55 23.61 5.71
N GLY C 311 26.23 22.57 5.28
CA GLY C 311 25.73 21.24 5.42
C GLY C 311 26.21 20.33 4.31
N ILE C 312 25.61 19.15 4.27
CA ILE C 312 25.91 18.13 3.28
C ILE C 312 24.61 17.57 2.75
N TYR C 313 24.54 17.34 1.46
CA TYR C 313 23.28 16.90 0.87
C TYR C 313 23.55 15.85 -0.19
N GLN C 314 22.90 14.71 -0.05
CA GLN C 314 22.94 13.70 -1.10
C GLN C 314 22.02 14.14 -2.22
N THR C 315 22.55 14.22 -3.44
CA THR C 315 21.76 14.68 -4.57
C THR C 315 21.50 13.59 -5.58
N SER C 316 22.55 12.95 -6.11
CA SER C 316 22.41 11.96 -7.15
C SER C 316 23.26 10.75 -6.82
N ASN C 317 23.26 9.79 -7.73
CA ASN C 317 24.09 8.62 -7.63
C ASN C 317 25.13 8.67 -8.73
N PHE C 318 26.35 8.29 -8.42
CA PHE C 318 27.41 8.26 -9.41
C PHE C 318 27.56 6.84 -9.92
N ARG C 319 27.45 6.66 -11.22
CA ARG C 319 27.61 5.35 -11.84
C ARG C 319 28.73 5.37 -12.87
N VAL C 320 29.06 4.18 -13.34
CA VAL C 320 29.98 3.99 -14.45
C VAL C 320 29.21 3.26 -15.54
N GLN C 321 29.47 3.62 -16.77
CA GLN C 321 28.68 2.91 -17.75
C GLN C 321 29.51 1.84 -18.44
N PRO C 322 28.87 0.77 -18.90
CA PRO C 322 29.62 -0.30 -19.57
C PRO C 322 30.28 0.22 -20.84
N THR C 323 31.61 0.24 -20.83
CA THR C 323 32.35 0.74 -21.98
C THR C 323 32.19 -0.16 -23.19
N GLU C 324 32.20 -1.47 -22.99
CA GLU C 324 32.00 -2.44 -24.05
C GLU C 324 30.96 -3.44 -23.58
N SER C 325 30.57 -4.35 -24.48
CA SER C 325 29.64 -5.40 -24.12
C SER C 325 30.18 -6.71 -24.64
N ILE C 326 30.24 -7.72 -23.79
CA ILE C 326 30.89 -8.98 -24.13
C ILE C 326 29.82 -10.02 -24.41
N VAL C 327 29.87 -10.59 -25.61
CA VAL C 327 29.09 -11.75 -25.97
C VAL C 327 30.04 -12.93 -25.96
N ARG C 328 29.84 -13.86 -25.02
CA ARG C 328 30.78 -14.94 -24.84
C ARG C 328 30.06 -16.27 -24.89
N PHE C 329 30.62 -17.25 -25.60
CA PHE C 329 29.92 -18.57 -25.72
C PHE C 329 30.92 -19.71 -25.86
N PRO C 330 30.46 -20.98 -25.97
CA PRO C 330 31.33 -22.13 -26.18
C PRO C 330 31.81 -22.03 -27.63
N ASN C 331 33.05 -22.45 -27.90
CA ASN C 331 33.61 -22.31 -29.27
C ASN C 331 32.78 -23.09 -30.32
N ILE C 332 32.78 -24.42 -30.28
CA ILE C 332 31.93 -25.17 -31.25
C ILE C 332 31.62 -26.56 -30.67
N THR C 333 30.32 -26.87 -30.52
CA THR C 333 29.93 -28.21 -29.99
C THR C 333 30.19 -29.29 -31.05
N ASN C 334 29.27 -29.47 -32.01
CA ASN C 334 29.48 -30.54 -33.02
C ASN C 334 28.73 -30.24 -34.33
N LEU C 335 29.48 -29.80 -35.35
CA LEU C 335 28.98 -29.60 -36.69
C LEU C 335 28.78 -30.96 -37.34
N CYS C 336 27.69 -31.09 -38.09
CA CYS C 336 27.29 -32.37 -38.64
C CYS C 336 27.43 -32.41 -40.16
N PRO C 337 27.19 -33.57 -40.81
CA PRO C 337 27.60 -33.71 -42.22
C PRO C 337 26.74 -32.96 -43.21
N PHE C 338 26.08 -31.87 -42.79
CA PHE C 338 25.44 -30.96 -43.73
C PHE C 338 26.23 -30.81 -45.02
N GLY C 339 27.55 -30.78 -44.92
CA GLY C 339 28.38 -30.80 -46.11
C GLY C 339 28.14 -32.03 -46.97
N GLU C 340 28.06 -33.22 -46.34
CA GLU C 340 27.91 -34.45 -47.11
C GLU C 340 26.62 -34.43 -47.94
N VAL C 341 25.48 -34.16 -47.29
CA VAL C 341 24.21 -34.21 -48.00
C VAL C 341 24.17 -33.15 -49.09
N PHE C 342 24.93 -32.06 -48.92
CA PHE C 342 25.04 -31.04 -49.95
C PHE C 342 26.18 -31.32 -50.91
N ASN C 343 27.20 -32.05 -50.48
CA ASN C 343 28.35 -32.39 -51.30
C ASN C 343 28.52 -33.90 -51.43
N ALA C 344 27.42 -34.63 -51.58
CA ALA C 344 27.48 -36.07 -51.73
C ALA C 344 28.00 -36.46 -53.11
N THR C 345 28.55 -37.67 -53.20
CA THR C 345 28.97 -38.19 -54.50
C THR C 345 27.77 -38.44 -55.41
N ARG C 346 26.68 -38.96 -54.86
CA ARG C 346 25.52 -39.36 -55.63
C ARG C 346 24.25 -38.91 -54.92
N PHE C 347 23.14 -38.96 -55.65
CA PHE C 347 21.83 -38.57 -55.14
C PHE C 347 20.80 -39.65 -55.47
N ALA C 348 19.73 -39.64 -54.69
CA ALA C 348 18.63 -40.56 -54.91
C ALA C 348 17.70 -40.05 -56.00
N SER C 349 16.69 -40.84 -56.34
CA SER C 349 15.70 -40.45 -57.33
C SER C 349 14.61 -39.59 -56.71
N VAL C 350 13.79 -38.99 -57.57
CA VAL C 350 12.76 -38.09 -57.09
C VAL C 350 11.64 -38.86 -56.40
N TYR C 351 11.19 -39.97 -56.99
CA TYR C 351 10.18 -40.79 -56.33
C TYR C 351 10.79 -41.57 -55.17
N ALA C 352 12.05 -41.97 -55.30
CA ALA C 352 12.79 -42.59 -54.21
C ALA C 352 13.63 -41.56 -53.47
N TRP C 353 12.96 -40.52 -52.97
CA TRP C 353 13.66 -39.38 -52.38
C TRP C 353 14.17 -39.72 -50.99
N ASN C 354 15.46 -39.47 -50.77
CA ASN C 354 16.05 -39.68 -49.46
C ASN C 354 15.58 -38.63 -48.47
N ARG C 355 15.73 -38.95 -47.19
CA ARG C 355 15.38 -38.01 -46.11
C ARG C 355 16.35 -38.27 -44.97
N LYS C 356 17.42 -37.47 -44.92
CA LYS C 356 18.49 -37.71 -43.97
C LYS C 356 18.19 -37.00 -42.65
N ARG C 357 18.20 -37.76 -41.56
CA ARG C 357 17.90 -37.24 -40.24
C ARG C 357 19.08 -36.47 -39.71
N ILE C 358 18.82 -35.27 -39.21
CA ILE C 358 19.85 -34.41 -38.65
C ILE C 358 19.46 -34.07 -37.21
N SER C 359 20.39 -34.29 -36.29
CA SER C 359 20.16 -34.04 -34.87
C SER C 359 21.50 -33.82 -34.21
N ASN C 360 21.48 -33.10 -33.09
CA ASN C 360 22.66 -32.84 -32.28
C ASN C 360 23.73 -32.08 -33.09
N CYS C 361 23.39 -30.85 -33.47
CA CYS C 361 24.28 -30.09 -34.33
C CYS C 361 24.42 -28.66 -33.83
N VAL C 362 25.46 -28.02 -34.34
CA VAL C 362 25.62 -26.58 -34.28
C VAL C 362 25.71 -26.10 -35.73
N ALA C 363 24.56 -25.73 -36.29
CA ALA C 363 24.43 -25.44 -37.72
C ALA C 363 24.45 -23.93 -37.94
N ASP C 364 25.27 -23.49 -38.88
CA ASP C 364 25.42 -22.07 -39.19
C ASP C 364 24.54 -21.63 -40.36
N TYR C 365 24.35 -22.51 -41.34
CA TYR C 365 23.57 -22.24 -42.55
C TYR C 365 24.26 -21.20 -43.43
N SER C 366 25.35 -20.61 -42.94
CA SER C 366 26.06 -19.61 -43.72
C SER C 366 26.65 -20.19 -44.99
N VAL C 367 26.93 -21.50 -45.00
CA VAL C 367 27.54 -22.13 -46.16
C VAL C 367 26.60 -22.08 -47.35
N LEU C 368 25.30 -21.94 -47.12
CA LEU C 368 24.33 -21.93 -48.21
C LEU C 368 24.05 -20.55 -48.78
N TYR C 369 24.02 -19.51 -47.93
CA TYR C 369 23.72 -18.18 -48.43
C TYR C 369 24.89 -17.60 -49.21
N ASN C 370 26.12 -17.81 -48.72
CA ASN C 370 27.26 -17.31 -49.48
C ASN C 370 27.48 -18.11 -50.76
N SER C 371 27.13 -19.39 -50.75
CA SER C 371 27.21 -20.21 -51.95
C SER C 371 26.04 -19.86 -52.86
N ALA C 372 26.30 -19.07 -53.89
CA ALA C 372 25.31 -18.75 -54.91
C ALA C 372 25.23 -19.83 -55.98
N SER C 373 26.03 -20.88 -55.87
CA SER C 373 26.01 -21.96 -56.84
C SER C 373 24.67 -22.69 -56.85
N PHE C 374 23.85 -22.48 -55.83
CA PHE C 374 22.54 -23.11 -55.76
C PHE C 374 21.59 -22.38 -56.70
N SER C 375 21.16 -23.08 -57.76
CA SER C 375 20.34 -22.45 -58.79
C SER C 375 18.96 -22.07 -58.32
N THR C 376 18.49 -22.64 -57.20
CA THR C 376 17.22 -22.23 -56.62
C THR C 376 17.37 -22.22 -55.10
N PHE C 377 16.92 -21.13 -54.49
CA PHE C 377 16.93 -21.00 -53.04
C PHE C 377 15.83 -20.03 -52.67
N LYS C 378 14.70 -20.55 -52.17
CA LYS C 378 13.58 -19.73 -51.73
C LYS C 378 13.02 -20.36 -50.47
N CYS C 379 12.96 -19.60 -49.39
CA CYS C 379 12.51 -20.13 -48.11
C CYS C 379 11.24 -19.41 -47.68
N TYR C 380 10.26 -20.18 -47.22
CA TYR C 380 8.91 -19.69 -47.00
C TYR C 380 8.52 -19.73 -45.53
N GLY C 381 8.39 -20.93 -44.97
CA GLY C 381 7.88 -21.07 -43.62
C GLY C 381 8.77 -20.43 -42.57
N VAL C 382 10.07 -20.43 -42.81
CA VAL C 382 11.03 -19.91 -41.86
C VAL C 382 11.81 -18.77 -42.51
N SER C 383 12.39 -17.93 -41.67
CA SER C 383 13.28 -16.87 -42.12
C SER C 383 14.68 -17.42 -42.32
N PRO C 384 15.09 -17.67 -43.57
CA PRO C 384 16.39 -18.35 -43.78
C PRO C 384 17.57 -17.57 -43.24
N THR C 385 17.54 -16.24 -43.38
CA THR C 385 18.65 -15.42 -42.89
C THR C 385 18.80 -15.57 -41.38
N LYS C 386 17.68 -15.62 -40.67
CA LYS C 386 17.68 -15.83 -39.22
C LYS C 386 17.43 -17.30 -38.91
N LEU C 387 18.39 -18.12 -39.28
CA LEU C 387 18.30 -19.56 -39.05
C LEU C 387 19.30 -20.09 -38.05
N ASN C 388 20.55 -19.63 -38.06
CA ASN C 388 21.49 -20.11 -37.05
C ASN C 388 21.21 -19.48 -35.70
N ASP C 389 20.59 -18.31 -35.67
CA ASP C 389 20.31 -17.64 -34.40
C ASP C 389 19.28 -18.40 -33.58
N LEU C 390 18.24 -18.91 -34.22
CA LEU C 390 17.23 -19.76 -33.59
C LEU C 390 17.55 -21.22 -33.92
N CYS C 391 16.92 -22.13 -33.20
CA CYS C 391 17.22 -23.52 -33.48
C CYS C 391 16.11 -24.43 -32.97
N PHE C 392 16.05 -25.62 -33.57
CA PHE C 392 14.96 -26.57 -33.39
C PHE C 392 15.53 -27.92 -32.98
N THR C 393 14.63 -28.91 -32.88
CA THR C 393 15.03 -30.24 -32.43
C THR C 393 15.53 -31.09 -33.60
N ASN C 394 14.73 -31.21 -34.64
CA ASN C 394 15.02 -32.11 -35.74
C ASN C 394 14.83 -31.39 -37.07
N VAL C 395 15.59 -31.84 -38.07
CA VAL C 395 15.48 -31.32 -39.43
C VAL C 395 15.83 -32.44 -40.39
N TYR C 396 15.10 -32.50 -41.51
CA TYR C 396 15.28 -33.54 -42.50
C TYR C 396 15.70 -32.92 -43.83
N ALA C 397 16.76 -33.44 -44.42
CA ALA C 397 17.34 -32.91 -45.65
C ALA C 397 16.99 -33.86 -46.79
N ASP C 398 15.90 -33.55 -47.49
CA ASP C 398 15.49 -34.34 -48.63
C ASP C 398 16.49 -34.18 -49.76
N SER C 399 16.64 -35.22 -50.59
CA SER C 399 17.67 -35.18 -51.61
C SER C 399 17.25 -36.02 -52.82
N PHE C 400 17.42 -35.44 -54.00
CA PHE C 400 17.21 -36.13 -55.27
C PHE C 400 17.72 -35.23 -56.39
N VAL C 401 17.63 -35.72 -57.62
CA VAL C 401 17.95 -34.97 -58.82
C VAL C 401 16.74 -35.01 -59.74
N ILE C 402 16.35 -33.84 -60.26
CA ILE C 402 15.18 -33.76 -61.12
C ILE C 402 15.51 -32.97 -62.39
N ARG C 403 14.48 -32.76 -63.20
CA ARG C 403 14.56 -31.91 -64.37
C ARG C 403 14.43 -30.45 -63.96
N GLY C 404 14.96 -29.57 -64.81
CA GLY C 404 14.88 -28.15 -64.52
C GLY C 404 13.45 -27.63 -64.49
N ASP C 405 12.57 -28.20 -65.32
CA ASP C 405 11.16 -27.81 -65.31
C ASP C 405 10.46 -28.25 -64.03
N GLU C 406 10.83 -29.41 -63.49
CA GLU C 406 10.18 -29.94 -62.30
C GLU C 406 10.64 -29.26 -61.02
N VAL C 407 11.65 -28.39 -61.10
CA VAL C 407 12.12 -27.67 -59.92
C VAL C 407 11.01 -26.82 -59.32
N ARG C 408 10.05 -26.40 -60.15
CA ARG C 408 8.92 -25.63 -59.64
C ARG C 408 7.98 -26.47 -58.79
N GLN C 409 7.89 -27.78 -59.05
CA GLN C 409 6.84 -28.57 -58.44
C GLN C 409 7.09 -28.89 -56.97
N ILE C 410 8.32 -28.78 -56.48
CA ILE C 410 8.60 -29.00 -55.06
C ILE C 410 8.37 -27.66 -54.37
N ALA C 411 7.14 -27.45 -53.93
CA ALA C 411 6.72 -26.21 -53.28
C ALA C 411 5.33 -26.42 -52.69
N PRO C 412 4.99 -25.70 -51.62
CA PRO C 412 3.62 -25.79 -51.08
C PRO C 412 2.60 -25.33 -52.12
N GLY C 413 1.47 -26.05 -52.16
CA GLY C 413 0.41 -25.71 -53.09
C GLY C 413 0.67 -26.10 -54.52
N GLN C 414 1.67 -26.93 -54.79
CA GLN C 414 2.00 -27.31 -56.16
C GLN C 414 1.44 -28.68 -56.51
N THR C 415 1.05 -28.83 -57.77
CA THR C 415 0.46 -30.05 -58.30
C THR C 415 1.06 -30.33 -59.67
N GLY C 416 1.29 -31.61 -59.97
CA GLY C 416 1.84 -31.98 -61.26
C GLY C 416 2.26 -33.43 -61.27
N LYS C 417 3.05 -33.77 -62.30
CA LYS C 417 3.60 -35.12 -62.39
C LYS C 417 4.47 -35.44 -61.18
N ILE C 418 5.40 -34.54 -60.85
CA ILE C 418 6.24 -34.75 -59.68
C ILE C 418 5.45 -34.55 -58.39
N ALA C 419 4.63 -33.49 -58.33
CA ALA C 419 3.97 -33.11 -57.09
C ALA C 419 2.90 -34.10 -56.66
N ASP C 420 2.33 -34.87 -57.58
CA ASP C 420 1.35 -35.89 -57.23
C ASP C 420 1.92 -37.29 -57.23
N TYR C 421 3.02 -37.53 -57.95
CA TYR C 421 3.51 -38.89 -58.15
C TYR C 421 4.92 -39.12 -57.64
N ASN C 422 5.73 -38.08 -57.46
CA ASN C 422 7.14 -38.26 -57.14
C ASN C 422 7.55 -37.66 -55.81
N TYR C 423 7.09 -36.45 -55.49
CA TYR C 423 7.37 -35.83 -54.19
C TYR C 423 6.33 -34.77 -53.92
N LYS C 424 5.76 -34.80 -52.71
CA LYS C 424 4.79 -33.79 -52.29
C LYS C 424 5.38 -32.96 -51.15
N LEU C 425 5.04 -31.68 -51.17
CA LEU C 425 5.41 -30.74 -50.12
C LEU C 425 4.15 -30.10 -49.57
N PRO C 426 3.81 -30.32 -48.31
CA PRO C 426 2.54 -29.79 -47.78
C PRO C 426 2.54 -28.27 -47.77
N ASP C 427 1.32 -27.71 -47.77
CA ASP C 427 1.17 -26.27 -47.78
C ASP C 427 1.82 -25.64 -46.56
N ASP C 428 1.69 -26.29 -45.40
CA ASP C 428 2.32 -25.84 -44.16
C ASP C 428 3.68 -26.49 -43.96
N PHE C 429 4.57 -26.33 -44.94
CA PHE C 429 5.89 -26.92 -44.88
C PHE C 429 6.85 -26.00 -44.16
N THR C 430 7.37 -26.44 -43.01
CA THR C 430 8.29 -25.64 -42.21
C THR C 430 9.70 -25.95 -42.68
N GLY C 431 10.22 -25.09 -43.54
CA GLY C 431 11.56 -25.26 -44.08
C GLY C 431 11.64 -24.64 -45.46
N CYS C 432 12.61 -25.11 -46.24
CA CYS C 432 12.74 -24.67 -47.62
C CYS C 432 13.64 -25.62 -48.38
N VAL C 433 13.81 -25.31 -49.66
CA VAL C 433 14.34 -26.22 -50.66
C VAL C 433 15.61 -25.63 -51.27
N ILE C 434 16.56 -26.51 -51.58
CA ILE C 434 17.80 -26.16 -52.25
C ILE C 434 17.81 -26.80 -53.62
N ALA C 435 18.25 -26.05 -54.63
CA ALA C 435 18.40 -26.62 -55.96
C ALA C 435 19.57 -25.94 -56.67
N TRP C 436 20.26 -26.72 -57.49
CA TRP C 436 21.37 -26.22 -58.30
C TRP C 436 21.54 -27.12 -59.51
N ASN C 437 22.21 -26.59 -60.52
CA ASN C 437 22.43 -27.34 -61.75
C ASN C 437 23.37 -28.51 -61.52
N SER C 438 23.06 -29.65 -62.13
CA SER C 438 23.95 -30.79 -62.10
C SER C 438 24.06 -31.44 -63.47
N ASN C 439 23.79 -30.68 -64.53
CA ASN C 439 23.98 -31.21 -65.88
C ASN C 439 25.44 -31.46 -66.18
N ASN C 440 26.35 -30.84 -65.43
CA ASN C 440 27.77 -31.12 -65.58
C ASN C 440 28.15 -32.46 -64.98
N LEU C 441 27.29 -33.04 -64.14
CA LEU C 441 27.56 -34.34 -63.53
C LEU C 441 26.63 -35.44 -64.02
N ASP C 442 25.32 -35.23 -63.90
CA ASP C 442 24.36 -36.27 -64.27
C ASP C 442 24.03 -36.23 -65.75
N SER C 443 25.07 -36.28 -66.59
CA SER C 443 24.86 -36.28 -68.04
C SER C 443 26.07 -36.94 -68.69
N LYS C 444 25.92 -38.21 -69.05
CA LYS C 444 27.00 -38.94 -69.72
C LYS C 444 27.02 -38.55 -71.19
N VAL C 445 27.73 -39.32 -72.00
CA VAL C 445 27.90 -38.95 -73.41
C VAL C 445 26.59 -39.10 -74.17
N GLY C 446 25.82 -40.15 -73.89
CA GLY C 446 24.61 -40.43 -74.65
C GLY C 446 23.31 -40.15 -73.93
N GLY C 447 23.40 -39.75 -72.66
CA GLY C 447 22.22 -39.55 -71.85
C GLY C 447 22.20 -40.43 -70.62
N ASN C 448 21.98 -39.83 -69.46
CA ASN C 448 22.00 -40.56 -68.20
C ASN C 448 20.58 -41.05 -67.91
N TYR C 449 20.33 -42.33 -68.15
CA TYR C 449 19.00 -42.90 -68.02
C TYR C 449 18.83 -43.74 -66.76
N ASN C 450 19.82 -43.77 -65.88
CA ASN C 450 19.64 -44.45 -64.59
C ASN C 450 18.56 -43.78 -63.74
N TYR C 451 18.31 -42.50 -63.95
CA TYR C 451 17.37 -41.75 -63.14
C TYR C 451 15.97 -41.86 -63.72
N LEU C 452 15.01 -42.23 -62.87
CA LEU C 452 13.65 -42.53 -63.29
C LEU C 452 12.69 -41.62 -62.51
N TYR C 453 11.44 -41.55 -62.99
CA TYR C 453 10.44 -40.77 -62.24
C TYR C 453 9.09 -41.46 -62.36
N ARG C 454 8.30 -41.38 -61.29
CA ARG C 454 6.98 -41.99 -61.27
C ARG C 454 5.97 -41.08 -61.95
N LEU C 455 5.18 -41.65 -62.87
CA LEU C 455 4.17 -40.87 -63.57
C LEU C 455 2.79 -41.48 -63.62
N PHE C 456 2.63 -42.77 -63.31
CA PHE C 456 1.31 -43.38 -63.12
C PHE C 456 1.15 -43.86 -61.67
N ARG C 457 0.28 -43.16 -60.95
CA ARG C 457 -0.17 -43.51 -59.62
C ARG C 457 -1.64 -43.12 -59.56
N LYS C 458 -2.47 -44.03 -59.04
CA LYS C 458 -3.91 -43.83 -59.10
C LYS C 458 -4.44 -42.87 -58.05
N SER C 459 -3.61 -42.41 -57.12
CA SER C 459 -4.04 -41.48 -56.09
C SER C 459 -2.93 -40.50 -55.79
N ASN C 460 -3.30 -39.28 -55.40
CA ASN C 460 -2.31 -38.27 -55.04
C ASN C 460 -1.48 -38.73 -53.85
N LEU C 461 -0.16 -38.60 -53.96
CA LEU C 461 0.72 -38.95 -52.85
C LEU C 461 0.37 -38.12 -51.63
N LYS C 462 0.38 -38.77 -50.47
CA LYS C 462 0.13 -38.06 -49.23
C LYS C 462 1.33 -37.17 -48.89
N PRO C 463 1.13 -36.16 -48.05
CA PRO C 463 2.23 -35.25 -47.74
C PRO C 463 3.45 -36.00 -47.21
N PHE C 464 4.62 -35.63 -47.73
CA PHE C 464 5.90 -36.18 -47.30
C PHE C 464 5.99 -37.69 -47.51
N GLU C 465 5.14 -38.24 -48.37
CA GLU C 465 5.14 -39.67 -48.59
C GLU C 465 6.08 -40.05 -49.73
N ARG C 466 6.45 -41.33 -49.77
CA ARG C 466 7.39 -41.86 -50.73
C ARG C 466 6.89 -43.24 -51.16
N ASP C 467 6.53 -43.38 -52.43
CA ASP C 467 5.91 -44.59 -52.95
C ASP C 467 6.84 -45.22 -53.97
N ILE C 468 7.17 -46.49 -53.78
CA ILE C 468 8.11 -47.20 -54.65
C ILE C 468 7.37 -48.38 -55.26
N SER C 469 6.09 -48.21 -55.57
CA SER C 469 5.30 -49.28 -56.17
C SER C 469 5.87 -49.63 -57.54
N THR C 470 6.41 -50.84 -57.66
CA THR C 470 6.89 -51.37 -58.93
C THR C 470 5.75 -51.89 -59.79
N GLU C 471 4.55 -52.00 -59.21
CA GLU C 471 3.40 -52.57 -59.90
C GLU C 471 3.11 -51.82 -61.19
N ILE C 472 2.85 -52.58 -62.26
CA ILE C 472 2.43 -52.00 -63.53
C ILE C 472 1.02 -51.44 -63.35
N TYR C 473 0.88 -50.14 -63.51
CA TYR C 473 -0.42 -49.50 -63.32
C TYR C 473 -1.42 -50.01 -64.35
N GLN C 474 -2.65 -50.24 -63.89
CA GLN C 474 -3.73 -50.72 -64.75
C GLN C 474 -4.29 -49.53 -65.52
N ALA C 475 -3.78 -49.30 -66.73
CA ALA C 475 -4.16 -48.12 -67.49
C ALA C 475 -5.54 -48.26 -68.10
N GLY C 476 -5.76 -49.34 -68.85
CA GLY C 476 -7.08 -49.57 -69.40
C GLY C 476 -8.05 -50.09 -68.36
N SER C 477 -9.33 -50.10 -68.73
CA SER C 477 -10.35 -50.63 -67.83
C SER C 477 -10.14 -52.11 -67.55
N THR C 478 -9.50 -52.83 -68.46
CA THR C 478 -9.19 -54.23 -68.21
C THR C 478 -8.11 -54.33 -67.14
N PRO C 479 -8.17 -55.36 -66.28
CA PRO C 479 -7.08 -55.57 -65.33
C PRO C 479 -5.77 -55.90 -66.03
N CYS C 480 -4.68 -55.48 -65.42
CA CYS C 480 -3.33 -55.76 -65.90
C CYS C 480 -2.69 -56.79 -64.98
N ASN C 481 -2.41 -57.97 -65.52
CA ASN C 481 -1.95 -59.09 -64.71
C ASN C 481 -0.42 -59.21 -64.74
N GLY C 482 0.23 -58.12 -64.36
CA GLY C 482 1.66 -58.12 -64.15
C GLY C 482 2.52 -58.09 -65.40
N VAL C 483 1.93 -57.89 -66.57
CA VAL C 483 2.67 -57.86 -67.83
C VAL C 483 2.36 -56.55 -68.55
N GLU C 484 3.40 -55.92 -69.09
CA GLU C 484 3.26 -54.63 -69.74
C GLU C 484 2.85 -54.80 -71.20
N GLY C 485 2.42 -53.69 -71.81
CA GLY C 485 2.02 -53.68 -73.20
C GLY C 485 0.91 -52.67 -73.48
N PHE C 486 -0.14 -53.11 -74.17
CA PHE C 486 -1.27 -52.24 -74.44
C PHE C 486 -2.06 -52.02 -73.16
N ASN C 487 -2.29 -50.75 -72.81
CA ASN C 487 -2.98 -50.35 -71.58
C ASN C 487 -2.29 -50.87 -70.33
N CYS C 488 -1.04 -51.32 -70.44
CA CYS C 488 -0.23 -51.77 -69.31
C CYS C 488 1.10 -51.05 -69.39
N TYR C 489 1.22 -49.96 -68.64
CA TYR C 489 2.36 -49.06 -68.74
C TYR C 489 3.21 -49.14 -67.49
N PHE C 490 4.52 -49.13 -67.68
CA PHE C 490 5.46 -49.30 -66.58
C PHE C 490 5.36 -48.12 -65.61
N PRO C 491 5.43 -48.37 -64.31
CA PRO C 491 5.23 -47.28 -63.34
C PRO C 491 6.35 -46.24 -63.33
N LEU C 492 7.50 -46.54 -63.91
CA LEU C 492 8.66 -45.66 -63.84
C LEU C 492 9.15 -45.32 -65.24
N GLN C 493 9.48 -44.05 -65.44
CA GLN C 493 10.02 -43.57 -66.71
C GLN C 493 11.34 -42.85 -66.45
N SER C 494 12.27 -43.02 -67.38
CA SER C 494 13.62 -42.50 -67.22
C SER C 494 13.70 -41.02 -67.59
N TYR C 495 14.52 -40.29 -66.85
CA TYR C 495 15.00 -38.98 -67.27
C TYR C 495 16.00 -39.14 -68.42
N GLY C 496 15.82 -38.33 -69.46
CA GLY C 496 16.83 -38.22 -70.48
C GLY C 496 17.77 -37.07 -70.17
N PHE C 497 18.95 -37.37 -69.64
CA PHE C 497 19.92 -36.38 -69.22
C PHE C 497 21.14 -36.45 -70.14
N GLN C 498 21.11 -35.64 -71.20
CA GLN C 498 22.11 -35.42 -72.21
C GLN C 498 22.73 -34.04 -72.02
N PRO C 499 23.99 -33.85 -72.41
CA PRO C 499 24.60 -32.52 -72.22
C PRO C 499 23.87 -31.42 -72.96
N THR C 500 23.23 -31.73 -74.08
CA THR C 500 22.55 -30.75 -74.91
C THR C 500 21.09 -30.60 -74.52
N ASN C 501 20.61 -31.32 -73.52
CA ASN C 501 19.27 -31.09 -73.02
C ASN C 501 19.14 -29.66 -72.53
N GLY C 502 17.97 -29.07 -72.77
CA GLY C 502 17.75 -27.69 -72.38
C GLY C 502 17.94 -27.49 -70.89
N VAL C 503 18.23 -26.24 -70.52
CA VAL C 503 18.47 -25.93 -69.12
C VAL C 503 17.27 -26.30 -68.26
N GLY C 504 16.06 -26.26 -68.86
CA GLY C 504 14.89 -26.78 -68.19
C GLY C 504 14.80 -28.29 -68.21
N TYR C 505 15.54 -28.95 -69.10
CA TYR C 505 15.62 -30.40 -69.17
C TYR C 505 16.95 -30.94 -68.67
N GLN C 506 17.58 -30.25 -67.74
CA GLN C 506 18.86 -30.65 -67.19
C GLN C 506 18.69 -31.29 -65.82
N PRO C 507 19.60 -32.16 -65.41
CA PRO C 507 19.56 -32.68 -64.04
C PRO C 507 19.92 -31.58 -63.05
N TYR C 508 19.18 -31.53 -61.96
CA TYR C 508 19.37 -30.52 -60.92
C TYR C 508 19.31 -31.22 -59.57
N ARG C 509 20.46 -31.31 -58.89
CA ARG C 509 20.48 -31.89 -57.55
C ARG C 509 19.69 -31.01 -56.59
N VAL C 510 18.56 -31.52 -56.11
CA VAL C 510 17.60 -30.73 -55.36
C VAL C 510 17.56 -31.25 -53.93
N VAL C 511 17.68 -30.34 -52.97
CA VAL C 511 17.66 -30.65 -51.55
C VAL C 511 16.50 -29.89 -50.91
N VAL C 512 15.67 -30.60 -50.16
CA VAL C 512 14.57 -30.00 -49.41
C VAL C 512 14.91 -30.13 -47.93
N LEU C 513 14.94 -28.99 -47.24
CA LEU C 513 15.24 -28.94 -45.81
C LEU C 513 13.94 -28.73 -45.05
N SER C 514 13.50 -29.76 -44.33
CA SER C 514 12.28 -29.70 -43.54
C SER C 514 12.66 -29.52 -42.08
N PHE C 515 12.29 -28.39 -41.50
CA PHE C 515 12.63 -28.07 -40.12
C PHE C 515 11.43 -28.38 -39.23
N GLU C 516 11.70 -29.08 -38.13
CA GLU C 516 10.66 -29.42 -37.17
C GLU C 516 11.17 -29.22 -35.76
N LEU C 517 10.24 -28.94 -34.85
CA LEU C 517 10.54 -28.92 -33.43
C LEU C 517 9.31 -29.38 -32.68
N LEU C 518 9.43 -30.48 -31.97
CA LEU C 518 8.36 -30.97 -31.12
C LEU C 518 8.59 -30.49 -29.69
N HIS C 519 7.78 -31.00 -28.76
CA HIS C 519 7.87 -30.56 -27.38
C HIS C 519 9.16 -31.01 -26.71
N ALA C 520 9.99 -31.79 -27.40
CA ALA C 520 11.29 -32.19 -26.90
C ALA C 520 12.29 -31.04 -27.03
N PRO C 521 13.39 -31.08 -26.28
CA PRO C 521 14.39 -30.01 -26.37
C PRO C 521 15.04 -29.96 -27.74
N ALA C 522 15.45 -28.76 -28.12
CA ALA C 522 16.22 -28.58 -29.35
C ALA C 522 17.64 -29.10 -29.18
N THR C 523 18.20 -29.63 -30.27
CA THR C 523 19.54 -30.19 -30.24
C THR C 523 20.39 -29.83 -31.45
N VAL C 524 19.80 -29.27 -32.50
CA VAL C 524 20.52 -28.69 -33.62
C VAL C 524 20.43 -27.18 -33.48
N CYS C 525 21.57 -26.50 -33.34
CA CYS C 525 21.56 -25.06 -33.13
C CYS C 525 22.62 -24.30 -33.92
N GLY C 526 22.82 -23.03 -33.60
CA GLY C 526 23.79 -22.21 -34.27
C GLY C 526 25.02 -21.94 -33.42
N PRO C 527 26.17 -21.76 -34.06
CA PRO C 527 27.44 -21.67 -33.31
C PRO C 527 27.49 -20.53 -32.31
N LYS C 528 26.78 -19.42 -32.55
CA LYS C 528 26.67 -18.31 -31.59
C LYS C 528 28.03 -17.69 -31.27
N LYS C 529 28.54 -16.98 -32.28
CA LYS C 529 29.79 -16.23 -32.24
C LYS C 529 29.98 -15.48 -30.92
N SER C 530 31.14 -15.68 -30.30
CA SER C 530 31.57 -14.93 -29.14
C SER C 530 32.56 -13.84 -29.55
N THR C 531 32.61 -12.79 -28.74
CA THR C 531 33.44 -11.64 -29.06
C THR C 531 34.78 -11.77 -28.35
N ASN C 532 35.59 -10.71 -28.43
CA ASN C 532 36.81 -10.67 -27.66
C ASN C 532 36.51 -10.57 -26.18
N LEU C 533 37.51 -10.86 -25.36
CA LEU C 533 37.36 -10.84 -23.91
C LEU C 533 38.16 -9.67 -23.37
N VAL C 534 37.47 -8.74 -22.73
CA VAL C 534 38.11 -7.61 -22.10
C VAL C 534 38.18 -7.86 -20.61
N LYS C 535 38.96 -7.03 -19.91
CA LYS C 535 39.05 -7.15 -18.46
C LYS C 535 39.13 -5.77 -17.85
N ASN C 536 38.73 -5.70 -16.58
CA ASN C 536 38.90 -4.51 -15.75
C ASN C 536 38.10 -3.32 -16.26
N LYS C 537 37.02 -3.55 -17.00
CA LYS C 537 36.14 -2.46 -17.39
C LYS C 537 34.70 -2.92 -17.30
N CYS C 538 33.84 -2.01 -16.87
CA CYS C 538 32.43 -2.32 -16.84
C CYS C 538 31.95 -2.72 -18.23
N VAL C 539 31.35 -3.90 -18.31
CA VAL C 539 30.84 -4.44 -19.56
C VAL C 539 29.58 -5.23 -19.27
N ASN C 540 28.88 -5.59 -20.34
CA ASN C 540 27.68 -6.41 -20.24
C ASN C 540 28.05 -7.81 -20.68
N PHE C 541 28.59 -8.58 -19.74
CA PHE C 541 29.06 -9.91 -20.08
C PHE C 541 27.90 -10.85 -20.33
N ASN C 542 28.17 -11.88 -21.11
CA ASN C 542 27.17 -12.88 -21.44
C ASN C 542 27.88 -14.22 -21.57
N PHE C 543 27.62 -15.11 -20.62
CA PHE C 543 28.33 -16.38 -20.53
C PHE C 543 27.33 -17.50 -20.77
N ASN C 544 27.43 -18.17 -21.92
CA ASN C 544 26.58 -19.31 -22.22
C ASN C 544 25.11 -18.97 -22.04
N GLY C 545 24.77 -17.71 -22.26
CA GLY C 545 23.45 -17.20 -21.99
C GLY C 545 23.32 -16.51 -20.65
N LEU C 546 24.22 -16.77 -19.72
CA LEU C 546 24.24 -16.04 -18.47
C LEU C 546 24.77 -14.64 -18.72
N THR C 547 24.00 -13.63 -18.32
CA THR C 547 24.32 -12.24 -18.59
C THR C 547 24.72 -11.54 -17.31
N GLY C 548 24.94 -10.24 -17.42
CA GLY C 548 25.15 -9.40 -16.25
C GLY C 548 26.04 -8.23 -16.58
N THR C 549 26.35 -7.46 -15.54
CA THR C 549 27.09 -6.20 -15.66
C THR C 549 28.07 -6.08 -14.51
N GLY C 550 29.32 -5.77 -14.83
CA GLY C 550 30.32 -5.58 -13.79
C GLY C 550 31.71 -5.54 -14.38
N VAL C 551 32.68 -5.87 -13.55
CA VAL C 551 34.09 -5.91 -13.96
C VAL C 551 34.60 -7.32 -13.76
N LEU C 552 35.30 -7.83 -14.76
CA LEU C 552 35.76 -9.21 -14.77
C LEU C 552 37.26 -9.24 -14.53
N THR C 553 37.68 -9.96 -13.52
CA THR C 553 39.09 -10.18 -13.27
C THR C 553 39.34 -11.66 -13.01
N GLU C 554 40.56 -12.09 -13.28
CA GLU C 554 40.95 -13.46 -12.99
C GLU C 554 40.83 -13.71 -11.50
N SER C 555 40.19 -14.80 -11.14
CA SER C 555 39.90 -15.08 -9.74
C SER C 555 41.06 -15.85 -9.11
N ASN C 556 40.84 -16.32 -7.89
CA ASN C 556 41.75 -17.22 -7.22
C ASN C 556 41.09 -18.53 -6.85
N LYS C 557 39.77 -18.63 -6.97
CA LYS C 557 39.05 -19.79 -6.51
C LYS C 557 39.27 -20.96 -7.47
N LYS C 558 39.34 -22.15 -6.91
CA LYS C 558 39.65 -23.36 -7.67
C LYS C 558 38.41 -24.22 -7.71
N PHE C 559 37.65 -24.09 -8.79
CA PHE C 559 36.48 -24.94 -8.97
C PHE C 559 36.91 -26.39 -9.13
N LEU C 560 35.97 -27.29 -8.88
CA LEU C 560 36.11 -28.62 -9.42
C LEU C 560 35.82 -28.57 -10.92
N PRO C 561 36.46 -29.44 -11.70
CA PRO C 561 36.36 -29.29 -13.16
C PRO C 561 34.94 -29.29 -13.68
N PHE C 562 34.07 -30.12 -13.12
CA PHE C 562 32.70 -30.15 -13.60
C PHE C 562 31.91 -28.92 -13.18
N GLN C 563 32.32 -28.25 -12.12
CA GLN C 563 31.60 -27.08 -11.64
C GLN C 563 31.68 -25.99 -12.68
N GLN C 564 30.53 -25.48 -13.11
CA GLN C 564 30.54 -24.50 -14.19
C GLN C 564 30.83 -23.10 -13.67
N PHE C 565 29.96 -22.57 -12.82
CA PHE C 565 30.18 -21.24 -12.29
C PHE C 565 29.58 -21.13 -10.90
N GLY C 566 30.20 -20.30 -10.06
CA GLY C 566 29.84 -20.18 -8.67
C GLY C 566 28.91 -19.02 -8.40
N ARG C 567 28.65 -18.80 -7.11
CA ARG C 567 27.71 -17.79 -6.65
C ARG C 567 28.13 -17.27 -5.29
N ASP C 568 27.20 -16.61 -4.62
CA ASP C 568 27.40 -15.97 -3.33
C ASP C 568 26.36 -16.49 -2.35
N ILE C 569 26.46 -16.03 -1.10
CA ILE C 569 25.43 -16.32 -0.12
C ILE C 569 24.08 -15.81 -0.60
N ALA C 570 24.09 -14.65 -1.26
CA ALA C 570 22.87 -14.02 -1.75
C ALA C 570 22.39 -14.61 -3.06
N ASP C 571 22.83 -15.82 -3.40
CA ASP C 571 22.48 -16.50 -4.65
C ASP C 571 22.98 -15.72 -5.86
N THR C 572 23.76 -14.67 -5.64
CA THR C 572 24.16 -13.78 -6.71
C THR C 572 25.38 -14.32 -7.42
N THR C 573 25.42 -14.13 -8.73
CA THR C 573 26.59 -14.52 -9.51
C THR C 573 27.83 -13.83 -8.97
N ASP C 574 28.88 -14.60 -8.78
CA ASP C 574 30.12 -14.03 -8.29
C ASP C 574 31.31 -14.51 -9.12
N ALA C 575 31.24 -15.73 -9.62
CA ALA C 575 32.36 -16.32 -10.32
C ALA C 575 31.89 -16.88 -11.65
N VAL C 576 32.76 -16.79 -12.65
CA VAL C 576 32.50 -17.40 -13.95
C VAL C 576 33.73 -18.16 -14.41
N ARG C 577 33.49 -19.12 -15.28
CA ARG C 577 34.53 -19.90 -15.93
C ARG C 577 34.42 -19.63 -17.42
N ASP C 578 35.50 -19.11 -18.00
CA ASP C 578 35.41 -18.81 -19.43
C ASP C 578 35.24 -20.14 -20.16
N PRO C 579 34.12 -20.34 -20.84
CA PRO C 579 33.91 -21.62 -21.53
C PRO C 579 35.00 -21.93 -22.53
N GLN C 580 35.53 -20.92 -23.19
CA GLN C 580 36.60 -21.12 -24.15
C GLN C 580 37.96 -21.12 -23.49
N THR C 581 38.07 -20.52 -22.31
CA THR C 581 39.33 -20.47 -21.56
C THR C 581 39.01 -20.97 -20.16
N LEU C 582 39.28 -22.25 -19.90
CA LEU C 582 38.81 -22.83 -18.65
C LEU C 582 39.57 -22.26 -17.47
N GLU C 583 39.33 -20.97 -17.19
CA GLU C 583 39.81 -20.33 -15.98
C GLU C 583 38.63 -19.66 -15.32
N ILE C 584 38.80 -19.30 -14.06
CA ILE C 584 37.72 -18.77 -13.24
C ILE C 584 37.93 -17.27 -13.08
N LEU C 585 36.92 -16.49 -13.47
CA LEU C 585 36.98 -15.04 -13.41
C LEU C 585 36.03 -14.56 -12.34
N ASP C 586 36.52 -13.68 -11.46
CA ASP C 586 35.67 -13.06 -10.48
C ASP C 586 34.90 -11.92 -11.14
N ILE C 587 33.64 -11.76 -10.72
CA ILE C 587 32.81 -10.67 -11.18
C ILE C 587 32.53 -9.74 -10.02
N THR C 588 32.72 -8.45 -10.24
CA THR C 588 32.35 -7.46 -9.27
C THR C 588 31.41 -6.45 -9.92
N PRO C 589 30.29 -6.12 -9.30
CA PRO C 589 29.41 -5.10 -9.88
C PRO C 589 30.12 -3.76 -9.95
N CYS C 590 29.70 -2.94 -10.92
CA CYS C 590 30.38 -1.69 -11.18
C CYS C 590 30.44 -0.82 -9.95
N SER C 591 31.63 -0.29 -9.68
CA SER C 591 31.81 0.59 -8.53
C SER C 591 30.97 1.85 -8.72
N PHE C 592 30.30 2.26 -7.65
CA PHE C 592 29.39 3.39 -7.72
C PHE C 592 29.14 3.84 -6.30
N GLY C 593 28.43 4.95 -6.16
CA GLY C 593 28.12 5.43 -4.82
C GLY C 593 27.34 6.71 -4.88
N GLY C 594 26.98 7.20 -3.70
CA GLY C 594 26.23 8.43 -3.60
C GLY C 594 27.12 9.64 -3.80
N VAL C 595 26.47 10.76 -4.11
CA VAL C 595 27.14 12.01 -4.40
C VAL C 595 26.69 13.02 -3.36
N SER C 596 27.63 13.60 -2.64
CA SER C 596 27.33 14.57 -1.61
C SER C 596 28.02 15.88 -1.92
N VAL C 597 27.43 16.98 -1.45
CA VAL C 597 27.93 18.30 -1.73
C VAL C 597 28.31 18.97 -0.42
N ILE C 598 29.56 19.43 -0.33
CA ILE C 598 30.00 20.32 0.72
C ILE C 598 29.34 21.66 0.47
N THR C 599 28.97 22.38 1.51
CA THR C 599 28.49 23.71 1.21
C THR C 599 28.65 24.66 2.38
N PRO C 600 29.52 25.65 2.28
CA PRO C 600 29.59 26.65 3.35
C PRO C 600 28.29 27.38 3.53
N GLY C 601 27.56 27.60 2.46
CA GLY C 601 26.32 28.32 2.54
C GLY C 601 26.25 29.49 1.59
N THR C 602 25.10 29.66 0.92
CA THR C 602 24.94 30.79 0.01
C THR C 602 25.20 32.10 0.73
N ASN C 603 24.84 32.16 2.02
CA ASN C 603 25.05 33.39 2.77
C ASN C 603 26.51 33.77 2.88
N THR C 604 27.42 32.83 2.61
CA THR C 604 28.84 33.13 2.66
C THR C 604 29.49 33.11 1.29
N SER C 605 29.33 32.02 0.55
CA SER C 605 29.92 31.92 -0.77
C SER C 605 29.12 30.92 -1.58
N ASN C 606 29.66 30.54 -2.71
CA ASN C 606 29.07 29.47 -3.49
C ASN C 606 30.10 28.45 -3.93
N GLU C 607 31.38 28.71 -3.73
CA GLU C 607 32.37 27.70 -4.02
C GLU C 607 32.12 26.50 -3.11
N VAL C 608 31.97 25.31 -3.71
CA VAL C 608 31.61 24.12 -2.96
C VAL C 608 32.56 23.00 -3.33
N ALA C 609 32.39 21.88 -2.63
CA ALA C 609 33.23 20.72 -2.81
C ALA C 609 32.36 19.48 -2.83
N VAL C 610 32.76 18.50 -3.61
CA VAL C 610 31.94 17.32 -3.81
C VAL C 610 32.53 16.17 -3.02
N LEU C 611 31.66 15.30 -2.53
CA LEU C 611 32.05 14.08 -1.89
C LEU C 611 31.47 12.90 -2.67
N TYR C 612 32.33 12.03 -3.17
CA TYR C 612 31.92 10.78 -3.79
C TYR C 612 32.09 9.66 -2.78
N GLN C 613 31.08 8.82 -2.66
CA GLN C 613 31.01 7.88 -1.56
C GLN C 613 31.72 6.58 -1.91
N ASP C 614 32.65 6.18 -1.06
CA ASP C 614 33.19 4.82 -1.06
C ASP C 614 33.71 4.41 -2.42
N VAL C 615 34.52 5.29 -3.02
CA VAL C 615 35.23 4.95 -4.24
C VAL C 615 36.65 5.46 -4.13
N ASN C 616 37.58 4.69 -4.68
CA ASN C 616 38.94 5.18 -4.82
C ASN C 616 38.90 6.34 -5.79
N CYS C 617 39.66 7.39 -5.50
CA CYS C 617 39.58 8.59 -6.33
C CYS C 617 40.02 8.34 -7.76
N THR C 618 40.81 7.30 -7.99
CA THR C 618 41.40 7.08 -9.31
C THR C 618 40.37 6.59 -10.30
N GLU C 619 39.10 6.77 -9.99
CA GLU C 619 38.02 6.16 -10.76
C GLU C 619 36.98 7.20 -11.17
N VAL C 620 37.40 8.40 -11.52
CA VAL C 620 36.46 9.44 -11.88
C VAL C 620 36.84 10.09 -13.21
N ASN C 641 42.22 20.44 -7.05
CA ASN C 641 42.82 19.65 -5.98
C ASN C 641 41.90 18.53 -5.53
N VAL C 642 42.49 17.38 -5.24
CA VAL C 642 41.75 16.17 -4.89
C VAL C 642 42.36 15.59 -3.62
N PHE C 643 41.51 15.18 -2.70
CA PHE C 643 41.94 14.48 -1.50
C PHE C 643 41.09 13.23 -1.34
N GLN C 644 41.74 12.13 -0.98
CA GLN C 644 41.06 10.87 -0.74
C GLN C 644 40.89 10.65 0.75
N THR C 645 39.68 10.30 1.17
CA THR C 645 39.41 10.04 2.57
C THR C 645 38.65 8.73 2.72
N ARG C 646 38.58 8.25 3.96
CA ARG C 646 37.93 6.98 4.20
C ARG C 646 36.47 7.02 3.75
N ALA C 647 35.83 8.18 3.87
CA ALA C 647 34.47 8.29 3.41
C ALA C 647 34.36 8.05 1.92
N GLY C 648 35.40 8.37 1.18
CA GLY C 648 35.37 8.21 -0.25
C GLY C 648 36.28 9.22 -0.90
N CYS C 649 35.91 9.63 -2.10
CA CYS C 649 36.68 10.62 -2.84
C CYS C 649 36.11 11.99 -2.53
N LEU C 650 37.00 12.90 -2.12
CA LEU C 650 36.63 14.26 -1.81
C LEU C 650 37.24 15.18 -2.85
N ILE C 651 36.39 15.99 -3.48
CA ILE C 651 36.83 16.85 -4.58
C ILE C 651 36.56 18.28 -4.20
N GLY C 652 37.59 19.10 -4.27
CA GLY C 652 37.40 20.52 -4.09
C GLY C 652 38.07 21.07 -2.86
N ALA C 653 37.98 20.37 -1.74
CA ALA C 653 38.59 20.90 -0.53
C ALA C 653 40.05 20.49 -0.45
N GLU C 654 40.76 21.07 0.51
CA GLU C 654 42.17 20.80 0.70
C GLU C 654 42.37 20.15 2.06
N HIS C 655 43.11 19.05 2.09
CA HIS C 655 43.45 18.41 3.34
C HIS C 655 44.40 19.29 4.14
N VAL C 656 44.27 19.23 5.46
CA VAL C 656 45.08 20.04 6.36
C VAL C 656 45.62 19.14 7.46
N ASN C 657 46.85 19.41 7.87
CA ASN C 657 47.46 18.68 8.96
C ASN C 657 47.08 19.21 10.31
N ASN C 658 46.40 20.35 10.36
CA ASN C 658 45.91 20.88 11.63
C ASN C 658 44.69 20.09 12.07
N SER C 659 44.01 20.60 13.09
CA SER C 659 42.83 19.95 13.62
C SER C 659 42.00 20.99 14.35
N TYR C 660 40.68 20.90 14.19
CA TYR C 660 39.79 21.88 14.79
C TYR C 660 38.50 21.18 15.20
N GLU C 661 37.60 21.95 15.79
CA GLU C 661 36.29 21.41 16.08
C GLU C 661 35.55 21.12 14.78
N CYS C 662 34.65 20.16 14.83
CA CYS C 662 33.98 19.70 13.62
C CYS C 662 32.89 20.69 13.23
N ASP C 663 32.98 21.19 12.00
CA ASP C 663 32.02 22.14 11.45
C ASP C 663 31.06 21.52 10.47
N ILE C 664 31.57 20.83 9.45
CA ILE C 664 30.72 20.13 8.50
C ILE C 664 31.09 18.65 8.56
N PRO C 665 30.24 17.80 9.12
CA PRO C 665 30.62 16.39 9.26
C PRO C 665 30.73 15.72 7.90
N ILE C 666 31.66 14.78 7.79
CA ILE C 666 31.79 13.97 6.59
C ILE C 666 31.65 12.50 6.94
N GLY C 667 32.57 12.03 7.78
CA GLY C 667 32.59 10.63 8.12
C GLY C 667 33.99 10.22 8.48
N ALA C 668 34.08 9.07 9.15
CA ALA C 668 35.36 8.53 9.58
C ALA C 668 36.21 9.61 10.20
N GLY C 669 35.59 10.52 10.93
CA GLY C 669 36.33 11.53 11.62
C GLY C 669 36.87 12.64 10.76
N ILE C 670 36.23 12.91 9.62
CA ILE C 670 36.66 13.98 8.73
C ILE C 670 35.58 15.04 8.71
N CYS C 671 35.98 16.29 8.86
CA CYS C 671 35.05 17.40 8.81
C CYS C 671 35.60 18.47 7.88
N ALA C 672 34.76 19.42 7.51
CA ALA C 672 35.14 20.42 6.53
C ALA C 672 34.76 21.81 7.01
N SER C 673 35.44 22.82 6.46
CA SER C 673 35.18 24.20 6.84
C SER C 673 35.74 25.13 5.78
N TYR C 674 35.39 26.41 5.91
CA TYR C 674 35.75 27.45 4.97
C TYR C 674 36.64 28.47 5.65
N GLN C 675 37.83 28.69 5.11
CA GLN C 675 38.80 29.62 5.69
C GLN C 675 39.62 30.22 4.57
N THR C 676 40.71 30.91 4.94
CA THR C 676 41.64 31.45 3.96
C THR C 676 42.88 30.57 3.86
N GLN C 690 40.02 32.61 -0.59
CA GLN C 690 39.64 31.66 0.45
C GLN C 690 39.23 30.32 -0.16
N SER C 691 39.23 29.28 0.65
CA SER C 691 38.97 27.94 0.12
C SER C 691 38.40 27.07 1.24
N ILE C 692 37.83 25.95 0.82
CA ILE C 692 37.23 24.99 1.73
C ILE C 692 38.28 23.98 2.15
N ILE C 693 38.32 23.65 3.43
CA ILE C 693 39.31 22.71 3.93
C ILE C 693 38.61 21.53 4.56
N ALA C 694 39.28 20.38 4.50
CA ALA C 694 38.89 19.18 5.21
C ALA C 694 40.01 18.80 6.16
N TYR C 695 39.64 18.20 7.28
CA TYR C 695 40.59 18.10 8.38
C TYR C 695 40.07 17.11 9.40
N THR C 696 40.98 16.31 9.95
CA THR C 696 40.61 15.34 10.98
C THR C 696 40.08 16.05 12.21
N MET C 697 38.79 15.94 12.45
CA MET C 697 38.18 16.73 13.50
C MET C 697 38.82 16.42 14.84
N SER C 698 38.98 17.46 15.65
CA SER C 698 39.73 17.37 16.89
C SER C 698 38.77 17.47 18.07
N LEU C 699 38.94 16.56 19.03
CA LEU C 699 37.96 16.41 20.09
C LEU C 699 37.99 17.56 21.08
N GLY C 700 39.02 18.39 21.04
CA GLY C 700 39.11 19.50 21.96
C GLY C 700 40.54 19.68 22.42
N ALA C 701 40.74 20.74 23.20
CA ALA C 701 42.05 21.01 23.75
C ALA C 701 42.26 20.12 24.97
N GLU C 702 43.26 19.23 24.88
CA GLU C 702 43.54 18.37 26.01
C GLU C 702 43.95 19.22 27.21
N ASN C 703 43.60 18.75 28.40
CA ASN C 703 43.86 19.53 29.60
C ASN C 703 44.21 18.55 30.73
N SER C 704 45.49 18.27 30.86
CA SER C 704 45.94 17.45 31.98
C SER C 704 45.64 18.16 33.28
N VAL C 705 45.48 17.39 34.34
CA VAL C 705 45.06 17.90 35.64
C VAL C 705 46.16 17.65 36.65
N ALA C 706 46.51 18.67 37.41
CA ALA C 706 47.58 18.54 38.38
C ALA C 706 47.11 17.75 39.60
N TYR C 707 47.04 16.43 39.46
CA TYR C 707 46.63 15.58 40.56
C TYR C 707 47.85 15.14 41.34
N SER C 708 47.67 14.98 42.65
CA SER C 708 48.76 14.50 43.49
C SER C 708 48.19 14.04 44.82
N ASN C 709 48.87 13.09 45.45
CA ASN C 709 48.30 12.38 46.58
C ASN C 709 48.00 13.30 47.75
N ASN C 710 48.31 14.58 47.63
CA ASN C 710 48.09 15.47 48.76
C ASN C 710 47.63 16.85 48.34
N SER C 711 47.04 16.98 47.17
CA SER C 711 46.70 18.30 46.65
C SER C 711 45.25 18.35 46.26
N ILE C 712 44.59 19.45 46.59
CA ILE C 712 43.17 19.63 46.29
C ILE C 712 42.96 21.00 45.67
N ALA C 713 41.89 21.12 44.90
CA ALA C 713 41.43 22.38 44.37
C ALA C 713 40.11 22.74 45.01
N ILE C 714 39.88 24.03 45.19
CA ILE C 714 38.64 24.49 45.81
C ILE C 714 38.25 25.83 45.20
N PRO C 715 37.00 26.01 44.79
CA PRO C 715 36.59 27.29 44.24
C PRO C 715 36.49 28.36 45.31
N THR C 716 36.53 29.60 44.85
CA THR C 716 36.41 30.75 45.74
C THR C 716 35.33 31.74 45.32
N ASN C 717 34.87 31.68 44.08
CA ASN C 717 33.85 32.56 43.57
C ASN C 717 33.05 31.74 42.58
N PHE C 718 31.84 32.18 42.28
CA PHE C 718 30.94 31.33 41.53
C PHE C 718 30.12 32.16 40.57
N THR C 719 29.50 31.47 39.63
CA THR C 719 28.66 32.08 38.62
C THR C 719 27.34 31.35 38.56
N ILE C 720 26.26 32.09 38.35
CA ILE C 720 24.94 31.51 38.18
C ILE C 720 24.60 31.61 36.70
N SER C 721 24.71 30.51 35.99
CA SER C 721 24.33 30.51 34.59
C SER C 721 22.87 30.09 34.46
N VAL C 722 22.27 30.48 33.35
CA VAL C 722 20.89 30.16 33.06
C VAL C 722 20.86 29.61 31.64
N THR C 723 20.92 28.29 31.53
CA THR C 723 20.90 27.68 30.22
C THR C 723 19.46 27.49 29.77
N THR C 724 19.29 26.97 28.57
CA THR C 724 17.98 26.85 27.95
C THR C 724 17.82 25.44 27.41
N GLU C 725 16.61 24.93 27.48
CA GLU C 725 16.36 23.56 27.06
C GLU C 725 14.98 23.51 26.45
N ILE C 726 14.87 22.90 25.27
CA ILE C 726 13.65 22.91 24.49
C ILE C 726 13.21 21.48 24.23
N LEU C 727 11.91 21.22 24.35
CA LEU C 727 11.39 19.90 24.14
C LEU C 727 10.12 19.95 23.32
N PRO C 728 10.01 19.16 22.27
CA PRO C 728 8.73 19.07 21.56
C PRO C 728 7.71 18.37 22.45
N VAL C 729 6.45 18.75 22.29
CA VAL C 729 5.42 18.23 23.17
C VAL C 729 4.29 17.58 22.40
N SER C 730 3.83 18.21 21.33
CA SER C 730 2.70 17.63 20.62
C SER C 730 2.76 17.98 19.14
N MET C 731 2.32 17.04 18.32
CA MET C 731 2.20 17.28 16.89
C MET C 731 0.90 18.01 16.63
N THR C 732 0.51 18.11 15.36
CA THR C 732 -0.75 18.71 15.00
C THR C 732 -1.79 17.63 14.82
N LYS C 733 -2.91 17.75 15.51
CA LYS C 733 -3.90 16.70 15.54
C LYS C 733 -4.53 16.58 14.16
N THR C 734 -3.80 15.97 13.24
CA THR C 734 -4.31 15.81 11.89
C THR C 734 -5.32 14.67 11.81
N SER C 735 -6.12 14.69 10.75
CA SER C 735 -7.01 13.59 10.45
C SER C 735 -7.37 13.66 8.98
N VAL C 736 -7.82 12.53 8.45
CA VAL C 736 -8.06 12.39 7.02
C VAL C 736 -9.31 11.58 6.78
N ASP C 737 -10.23 12.13 5.98
CA ASP C 737 -11.31 11.33 5.42
C ASP C 737 -10.73 10.36 4.41
N CYS C 738 -10.69 9.09 4.76
CA CYS C 738 -10.25 8.09 3.79
C CYS C 738 -11.08 8.15 2.52
N THR C 739 -12.40 8.10 2.68
CA THR C 739 -13.27 7.83 1.55
C THR C 739 -13.12 8.88 0.47
N MET C 740 -13.24 10.15 0.84
CA MET C 740 -13.18 11.18 -0.19
C MET C 740 -11.76 11.38 -0.69
N TYR C 741 -10.76 10.97 0.08
CA TYR C 741 -9.39 11.09 -0.40
C TYR C 741 -9.09 10.06 -1.47
N ILE C 742 -9.60 8.85 -1.30
CA ILE C 742 -9.36 7.81 -2.29
C ILE C 742 -10.31 7.96 -3.47
N CYS C 743 -11.61 8.02 -3.19
CA CYS C 743 -12.60 7.99 -4.26
C CYS C 743 -13.46 9.24 -4.25
N GLY C 744 -12.83 10.40 -4.25
CA GLY C 744 -13.54 11.66 -4.17
C GLY C 744 -14.75 11.78 -5.07
N ASP C 745 -15.93 11.80 -4.46
CA ASP C 745 -17.19 12.09 -5.14
C ASP C 745 -17.40 11.21 -6.35
N SER C 746 -17.40 9.90 -6.11
CA SER C 746 -17.76 8.95 -7.17
C SER C 746 -18.19 7.65 -6.50
N THR C 747 -19.46 7.31 -6.62
CA THR C 747 -19.93 6.04 -6.08
C THR C 747 -19.26 4.87 -6.76
N GLU C 748 -19.07 4.96 -8.08
CA GLU C 748 -18.42 3.88 -8.80
C GLU C 748 -17.09 3.54 -8.17
N CYS C 749 -16.27 4.56 -7.90
CA CYS C 749 -15.04 4.32 -7.16
C CYS C 749 -15.36 3.82 -5.76
N SER C 750 -16.20 4.55 -5.03
CA SER C 750 -16.52 4.17 -3.67
C SER C 750 -17.10 2.77 -3.59
N ASN C 751 -17.72 2.31 -4.67
CA ASN C 751 -18.20 0.93 -4.69
C ASN C 751 -17.04 -0.04 -4.53
N LEU C 752 -15.97 0.17 -5.30
CA LEU C 752 -14.87 -0.78 -5.27
C LEU C 752 -14.20 -0.82 -3.90
N LEU C 753 -13.99 0.35 -3.29
CA LEU C 753 -13.35 0.38 -1.99
C LEU C 753 -14.10 -0.48 -0.98
N LEU C 754 -15.41 -0.60 -1.14
CA LEU C 754 -16.18 -1.43 -0.25
C LEU C 754 -15.70 -2.87 -0.26
N GLN C 755 -15.04 -3.29 -1.33
CA GLN C 755 -14.46 -4.62 -1.33
C GLN C 755 -13.37 -4.76 -0.28
N TYR C 756 -12.59 -3.71 -0.08
CA TYR C 756 -11.39 -3.86 0.75
C TYR C 756 -11.70 -3.81 2.22
N GLY C 757 -12.94 -4.03 2.61
CA GLY C 757 -13.23 -4.20 4.01
C GLY C 757 -13.17 -2.94 4.84
N SER C 758 -12.24 -2.90 5.79
CA SER C 758 -12.27 -1.90 6.85
C SER C 758 -11.04 -1.02 6.88
N PHE C 759 -10.27 -0.95 5.80
CA PHE C 759 -9.08 -0.11 5.84
C PHE C 759 -9.42 1.34 6.15
N CYS C 760 -10.57 1.81 5.71
CA CYS C 760 -11.04 3.08 6.22
C CYS C 760 -11.25 3.02 7.72
N THR C 761 -11.84 1.93 8.22
CA THR C 761 -12.19 1.88 9.62
C THR C 761 -10.95 1.95 10.50
N GLN C 762 -9.91 1.19 10.17
CA GLN C 762 -8.69 1.27 10.96
C GLN C 762 -8.10 2.67 10.91
N LEU C 763 -7.80 3.15 9.72
CA LEU C 763 -7.04 4.38 9.60
C LEU C 763 -7.73 5.49 10.37
N ASN C 764 -9.02 5.70 10.09
CA ASN C 764 -9.76 6.69 10.86
C ASN C 764 -9.68 6.40 12.34
N ARG C 765 -9.68 5.13 12.73
CA ARG C 765 -9.42 4.85 14.12
C ARG C 765 -7.96 5.08 14.46
N ALA C 766 -7.07 4.71 13.54
CA ALA C 766 -5.65 4.85 13.83
C ALA C 766 -5.29 6.30 14.08
N LEU C 767 -5.65 7.19 13.16
CA LEU C 767 -5.31 8.59 13.35
C LEU C 767 -5.99 9.17 14.56
N THR C 768 -7.27 8.85 14.75
CA THR C 768 -7.95 9.36 15.93
C THR C 768 -7.24 8.91 17.19
N GLY C 769 -6.70 7.70 17.20
CA GLY C 769 -5.88 7.28 18.31
C GLY C 769 -4.72 8.23 18.55
N ILE C 770 -4.11 8.71 17.48
CA ILE C 770 -3.06 9.70 17.64
C ILE C 770 -3.63 10.99 18.20
N ALA C 771 -4.78 11.42 17.69
CA ALA C 771 -5.27 12.75 18.04
C ALA C 771 -5.48 12.88 19.52
N VAL C 772 -6.15 11.91 20.14
CA VAL C 772 -6.43 12.02 21.56
C VAL C 772 -5.14 12.03 22.36
N GLU C 773 -4.17 11.23 21.94
CA GLU C 773 -2.90 11.21 22.65
C GLU C 773 -2.23 12.58 22.61
N GLN C 774 -2.41 13.31 21.51
CA GLN C 774 -1.84 14.63 21.39
C GLN C 774 -2.45 15.61 22.38
N ASP C 775 -3.36 15.14 23.22
CA ASP C 775 -3.82 15.98 24.31
C ASP C 775 -3.56 15.38 25.68
N LYS C 776 -3.53 14.06 25.80
CA LYS C 776 -2.98 13.51 27.02
C LYS C 776 -1.54 13.95 27.19
N ASN C 777 -0.84 14.17 26.08
CA ASN C 777 0.50 14.74 26.13
C ASN C 777 0.47 16.07 26.85
N THR C 778 -0.14 17.07 26.21
CA THR C 778 -0.14 18.40 26.77
C THR C 778 -0.74 18.43 28.15
N GLN C 779 -1.77 17.63 28.39
CA GLN C 779 -2.40 17.61 29.70
C GLN C 779 -1.42 17.18 30.78
N GLU C 780 -0.41 16.40 30.43
CA GLU C 780 0.49 15.88 31.43
C GLU C 780 1.69 16.76 31.69
N VAL C 781 2.20 17.43 30.65
CA VAL C 781 3.34 18.31 30.87
C VAL C 781 2.92 19.52 31.68
N PHE C 782 1.78 20.11 31.35
CA PHE C 782 1.38 21.37 31.96
C PHE C 782 0.41 21.20 33.12
N ALA C 783 -0.67 20.46 32.94
CA ALA C 783 -1.69 20.45 33.98
C ALA C 783 -1.24 19.66 35.18
N GLN C 784 -0.23 20.15 35.88
CA GLN C 784 0.29 19.44 37.03
C GLN C 784 0.14 20.20 38.33
N VAL C 785 -0.50 21.36 38.32
CA VAL C 785 -0.76 22.09 39.54
C VAL C 785 -2.26 22.29 39.66
N LYS C 786 -2.81 21.99 40.83
CA LYS C 786 -4.26 21.96 40.99
C LYS C 786 -4.86 23.34 40.84
N GLN C 787 -4.32 24.32 41.55
CA GLN C 787 -4.87 25.66 41.58
C GLN C 787 -3.98 26.61 40.80
N ILE C 788 -4.57 27.36 39.89
CA ILE C 788 -3.83 28.39 39.17
C ILE C 788 -3.44 29.50 40.13
N TYR C 789 -2.17 29.53 40.50
CA TYR C 789 -1.69 30.56 41.41
C TYR C 789 -1.54 31.87 40.66
N LYS C 790 -1.04 32.88 41.36
CA LYS C 790 -0.72 34.15 40.72
C LYS C 790 0.06 35.00 41.70
N THR C 791 1.05 35.73 41.18
CA THR C 791 1.95 36.47 42.02
C THR C 791 1.23 37.65 42.67
N PRO C 792 1.73 38.12 43.80
CA PRO C 792 1.24 39.36 44.36
C PRO C 792 1.69 40.53 43.52
N PRO C 793 1.04 41.69 43.65
CA PRO C 793 1.40 42.82 42.78
C PRO C 793 2.84 43.27 42.90
N ILE C 794 3.40 43.27 44.11
CA ILE C 794 4.77 43.76 44.30
C ILE C 794 5.75 42.77 43.71
N LYS C 795 7.00 43.19 43.53
CA LYS C 795 8.01 42.35 42.90
C LYS C 795 9.34 42.45 43.63
N ASP C 796 9.30 42.58 44.96
CA ASP C 796 10.51 42.74 45.76
C ASP C 796 11.05 41.36 46.15
N PHE C 797 11.63 40.70 45.17
CA PHE C 797 12.17 39.36 45.37
C PHE C 797 13.67 39.45 45.59
N GLY C 798 14.02 40.03 46.74
CA GLY C 798 15.40 40.10 47.16
C GLY C 798 16.33 40.81 46.20
N GLY C 799 15.80 41.30 45.09
CA GLY C 799 16.62 42.00 44.13
C GLY C 799 16.52 41.40 42.75
N PHE C 800 15.70 40.37 42.58
CA PHE C 800 15.66 39.66 41.31
C PHE C 800 14.53 40.22 40.46
N ASN C 801 14.82 40.53 39.21
CA ASN C 801 13.85 41.18 38.33
C ASN C 801 13.31 40.13 37.39
N PHE C 802 12.13 39.61 37.70
CA PHE C 802 11.49 38.59 36.89
C PHE C 802 10.60 39.16 35.82
N SER C 803 10.72 40.45 35.55
CA SER C 803 9.80 41.09 34.60
C SER C 803 9.87 40.43 33.25
N GLN C 804 10.95 39.72 32.95
CA GLN C 804 11.05 39.12 31.64
C GLN C 804 10.12 37.93 31.49
N ILE C 805 9.94 37.14 32.56
CA ILE C 805 9.23 35.87 32.44
C ILE C 805 7.84 35.91 33.03
N LEU C 806 7.48 36.93 33.76
CA LEU C 806 6.12 36.99 34.26
C LEU C 806 5.17 37.44 33.16
N PRO C 807 3.88 37.13 33.28
CA PRO C 807 2.95 37.47 32.21
C PRO C 807 2.83 38.97 32.01
N ASP C 808 2.30 39.44 30.89
CA ASP C 808 2.18 40.91 30.64
C ASP C 808 0.70 41.31 30.62
N PRO C 809 0.21 42.10 31.60
CA PRO C 809 -1.19 42.53 31.63
C PRO C 809 -1.45 43.59 30.55
N SER C 810 -0.47 44.48 30.32
CA SER C 810 -0.60 45.55 29.29
C SER C 810 -0.77 44.91 27.91
N LYS C 811 0.15 44.01 27.55
CA LYS C 811 0.10 43.30 26.25
C LYS C 811 -1.27 42.63 26.09
N PRO C 812 -1.94 42.75 24.92
CA PRO C 812 -3.26 42.14 24.71
C PRO C 812 -3.29 40.65 25.08
N SER C 813 -2.27 39.90 24.65
CA SER C 813 -2.20 38.44 24.94
C SER C 813 -1.67 38.23 26.37
N LYS C 814 -2.26 37.27 27.10
CA LYS C 814 -1.89 36.99 28.47
C LYS C 814 -0.67 36.06 28.48
N ARG C 815 0.44 36.59 28.01
CA ARG C 815 1.70 35.89 27.92
C ARG C 815 2.82 36.71 28.55
N SER C 816 4.00 36.13 28.56
CA SER C 816 5.18 36.79 29.08
C SER C 816 6.08 37.24 27.95
N PHE C 817 7.05 38.09 28.29
CA PHE C 817 7.86 38.72 27.27
C PHE C 817 8.66 37.69 26.47
N ILE C 818 9.37 36.81 27.16
CA ILE C 818 10.20 35.85 26.46
C ILE C 818 9.35 34.93 25.61
N GLU C 819 8.17 34.58 26.10
CA GLU C 819 7.29 33.74 25.31
C GLU C 819 7.02 34.37 23.95
N ASP C 820 6.79 35.69 23.94
CA ASP C 820 6.47 36.36 22.69
C ASP C 820 7.56 36.16 21.66
N LEU C 821 8.81 36.13 22.10
CA LEU C 821 9.87 35.84 21.15
C LEU C 821 9.68 34.47 20.55
N LEU C 822 9.30 33.49 21.36
CA LEU C 822 9.16 32.14 20.86
C LEU C 822 8.08 32.04 19.79
N PHE C 823 6.95 32.71 20.01
CA PHE C 823 5.90 32.70 18.99
C PHE C 823 6.42 33.25 17.67
N ASN C 824 7.19 34.34 17.73
CA ASN C 824 7.71 34.90 16.50
C ASN C 824 8.80 34.03 15.89
N LYS C 825 9.45 33.20 16.69
CA LYS C 825 10.58 32.43 16.22
C LYS C 825 10.19 31.13 15.54
N VAL C 826 8.91 30.80 15.50
CA VAL C 826 8.45 29.55 14.92
C VAL C 826 7.39 29.89 13.87
N THR C 827 7.60 29.41 12.65
CA THR C 827 6.69 29.69 11.56
C THR C 827 6.09 28.42 10.97
N ASN C 856 -9.49 19.10 -0.51
CA ASN C 856 -8.51 18.57 0.42
C ASN C 856 -8.88 17.16 0.87
N GLY C 857 -9.80 17.09 1.83
CA GLY C 857 -10.06 15.87 2.54
C GLY C 857 -9.27 15.70 3.81
N LEU C 858 -8.52 16.71 4.22
CA LEU C 858 -7.62 16.63 5.36
C LEU C 858 -8.01 17.69 6.37
N THR C 859 -8.73 17.28 7.40
CA THR C 859 -9.03 18.22 8.46
C THR C 859 -7.86 18.32 9.43
N VAL C 860 -7.87 19.38 10.22
CA VAL C 860 -6.86 19.61 11.24
C VAL C 860 -7.59 19.99 12.52
N LEU C 861 -7.72 19.07 13.41
CA LEU C 861 -8.47 19.40 14.61
C LEU C 861 -7.63 20.32 15.50
N PRO C 862 -8.21 21.42 15.96
CA PRO C 862 -7.44 22.33 16.80
C PRO C 862 -7.13 21.69 18.14
N PRO C 863 -6.02 22.06 18.75
CA PRO C 863 -5.64 21.41 20.00
C PRO C 863 -6.65 21.69 21.09
N LEU C 864 -6.75 20.77 22.03
CA LEU C 864 -7.74 20.93 23.09
C LEU C 864 -7.49 22.19 23.89
N LEU C 865 -6.25 22.41 24.30
CA LEU C 865 -5.91 23.63 25.02
C LEU C 865 -5.42 24.66 24.02
N THR C 866 -5.56 25.92 24.37
CA THR C 866 -5.10 27.01 23.52
C THR C 866 -3.87 27.66 24.11
N ASP C 867 -3.15 28.38 23.27
CA ASP C 867 -2.03 29.16 23.76
C ASP C 867 -2.49 30.14 24.82
N GLU C 868 -3.75 30.58 24.75
CA GLU C 868 -4.27 31.46 25.80
C GLU C 868 -4.29 30.74 27.14
N MET C 869 -4.76 29.50 27.17
CA MET C 869 -4.80 28.77 28.43
C MET C 869 -3.43 28.25 28.81
N ILE C 870 -2.67 27.73 27.85
CA ILE C 870 -1.37 27.16 28.18
C ILE C 870 -0.55 28.19 28.94
N ALA C 871 -0.61 29.44 28.50
CA ALA C 871 0.11 30.47 29.22
C ALA C 871 -0.33 30.56 30.67
N GLN C 872 -1.55 30.19 30.99
CA GLN C 872 -1.98 30.33 32.38
C GLN C 872 -1.25 29.35 33.27
N TYR C 873 -1.17 28.08 32.86
CA TYR C 873 -0.41 27.13 33.66
C TYR C 873 1.02 27.60 33.85
N THR C 874 1.70 27.90 32.76
CA THR C 874 3.06 28.38 32.91
C THR C 874 3.10 29.68 33.68
N SER C 875 1.99 30.39 33.77
CA SER C 875 1.93 31.46 34.77
C SER C 875 1.82 30.88 36.17
N ALA C 876 1.01 29.84 36.33
CA ALA C 876 0.82 29.26 37.66
C ALA C 876 2.13 28.69 38.18
N LEU C 877 2.69 27.71 37.48
CA LEU C 877 3.93 27.11 37.95
C LEU C 877 4.96 28.18 38.22
N LEU C 878 5.06 29.16 37.34
CA LEU C 878 6.01 30.22 37.59
C LEU C 878 5.60 31.07 38.77
N ALA C 879 4.38 30.93 39.25
CA ALA C 879 3.99 31.62 40.47
C ALA C 879 4.21 30.77 41.71
N GLY C 880 3.96 29.48 41.61
CA GLY C 880 4.21 28.63 42.75
C GLY C 880 5.68 28.58 43.12
N THR C 881 6.53 28.39 42.12
CA THR C 881 7.95 28.32 42.38
C THR C 881 8.46 29.64 42.92
N ILE C 882 8.02 30.75 42.34
CA ILE C 882 8.58 32.03 42.73
C ILE C 882 8.22 32.35 44.17
N THR C 883 7.03 31.96 44.61
CA THR C 883 6.57 32.33 45.94
C THR C 883 6.61 31.16 46.92
N SER C 884 5.95 30.06 46.59
CA SER C 884 5.79 29.00 47.57
C SER C 884 6.91 27.99 47.53
N GLY C 885 8.10 28.40 47.16
CA GLY C 885 9.21 27.47 47.19
C GLY C 885 8.90 26.27 46.33
N TRP C 886 9.31 25.10 46.80
CA TRP C 886 8.96 23.87 46.14
C TRP C 886 7.85 23.13 46.85
N THR C 887 7.27 23.74 47.87
CA THR C 887 6.25 23.03 48.63
C THR C 887 5.00 22.80 47.82
N PHE C 888 4.63 23.78 46.99
CA PHE C 888 3.31 23.71 46.36
C PHE C 888 3.15 22.47 45.51
N GLY C 889 4.25 21.89 45.04
CA GLY C 889 4.14 20.60 44.39
C GLY C 889 3.70 19.52 45.34
N ALA C 890 4.22 19.56 46.57
CA ALA C 890 3.89 18.50 47.52
C ALA C 890 2.48 18.65 48.07
N GLY C 891 2.08 19.85 48.40
CA GLY C 891 0.79 20.03 49.03
C GLY C 891 0.29 21.45 48.93
N ALA C 892 -0.30 21.97 50.01
CA ALA C 892 -0.77 23.34 49.99
C ALA C 892 0.40 24.30 49.87
N ALA C 893 0.25 25.30 49.01
CA ALA C 893 1.33 26.24 48.80
C ALA C 893 1.61 27.01 50.08
N LEU C 894 2.88 27.22 50.37
CA LEU C 894 3.29 27.97 51.55
C LEU C 894 4.18 29.13 51.12
N GLN C 895 3.78 30.34 51.46
CA GLN C 895 4.61 31.48 51.14
C GLN C 895 5.91 31.40 51.91
N ILE C 896 6.96 31.95 51.33
CA ILE C 896 8.27 31.92 51.96
C ILE C 896 9.13 32.96 51.26
N PRO C 897 9.78 33.85 52.00
CA PRO C 897 10.48 34.97 51.35
C PRO C 897 11.51 34.44 50.38
N PHE C 898 11.51 35.00 49.18
CA PHE C 898 12.25 34.39 48.09
C PHE C 898 13.73 34.32 48.38
N ALA C 899 14.26 35.26 49.14
CA ALA C 899 15.67 35.15 49.50
C ALA C 899 15.92 33.84 50.22
N MET C 900 15.05 33.47 51.15
CA MET C 900 15.23 32.23 51.88
C MET C 900 15.27 31.06 50.92
N GLN C 901 14.37 31.05 49.96
CA GLN C 901 14.25 29.88 49.10
C GLN C 901 15.58 29.55 48.44
N MET C 902 16.31 30.57 48.01
CA MET C 902 17.67 30.33 47.58
C MET C 902 18.47 29.68 48.69
N ALA C 903 18.41 30.26 49.89
CA ALA C 903 19.19 29.74 50.99
C ALA C 903 18.86 28.29 51.23
N TYR C 904 17.59 27.92 51.12
CA TYR C 904 17.27 26.52 51.11
C TYR C 904 18.04 25.88 49.99
N ARG C 905 17.76 26.30 48.76
CA ARG C 905 18.27 25.57 47.61
C ARG C 905 19.78 25.47 47.62
N PHE C 906 20.48 26.38 48.31
CA PHE C 906 21.91 26.17 48.44
C PHE C 906 22.22 24.93 49.27
N ASN C 907 21.51 24.75 50.40
CA ASN C 907 21.75 23.53 51.16
C ASN C 907 21.49 22.30 50.31
N GLY C 908 20.65 22.41 49.30
CA GLY C 908 20.45 21.30 48.41
C GLY C 908 21.68 20.93 47.62
N ILE C 909 22.64 21.82 47.49
CA ILE C 909 23.82 21.50 46.71
C ILE C 909 25.04 21.64 47.59
N GLY C 910 24.88 21.38 48.87
CA GLY C 910 26.01 21.34 49.77
C GLY C 910 26.77 22.64 49.88
N VAL C 911 26.06 23.74 50.05
CA VAL C 911 26.69 25.03 50.25
C VAL C 911 25.94 25.76 51.35
N THR C 912 26.64 26.16 52.40
CA THR C 912 25.99 26.67 53.59
C THR C 912 25.24 27.96 53.31
N GLN C 913 24.20 28.21 54.11
CA GLN C 913 23.35 29.37 53.88
C GLN C 913 24.13 30.66 53.85
N ASN C 914 25.19 30.75 54.63
CA ASN C 914 25.84 32.03 54.85
C ASN C 914 26.40 32.62 53.58
N VAL C 915 26.76 31.80 52.61
CA VAL C 915 27.37 32.37 51.42
C VAL C 915 26.34 33.15 50.63
N LEU C 916 25.09 32.69 50.62
CA LEU C 916 24.03 33.40 49.91
C LEU C 916 23.84 34.80 50.43
N TYR C 917 23.42 34.90 51.68
CA TYR C 917 23.11 36.21 52.26
C TYR C 917 24.32 37.12 52.17
N GLU C 918 25.49 36.59 52.47
CA GLU C 918 26.67 37.42 52.36
C GLU C 918 27.00 37.75 50.92
N ASN C 919 26.33 37.14 49.95
CA ASN C 919 26.57 37.49 48.55
C ASN C 919 25.28 37.86 47.83
N GLN C 920 24.26 38.31 48.55
CA GLN C 920 22.95 38.44 47.94
C GLN C 920 22.97 39.35 46.73
N LYS C 921 23.25 40.63 46.95
CA LYS C 921 23.16 41.59 45.85
C LYS C 921 24.05 41.17 44.70
N LEU C 922 25.22 40.62 45.01
CA LEU C 922 26.10 40.16 43.94
C LEU C 922 25.42 39.09 43.10
N ILE C 923 24.73 38.16 43.76
CA ILE C 923 24.04 37.13 43.00
C ILE C 923 22.93 37.74 42.15
N ALA C 924 22.18 38.67 42.73
CA ALA C 924 21.03 39.23 42.03
C ALA C 924 21.44 39.74 40.65
N ASN C 925 22.47 40.58 40.62
CA ASN C 925 22.90 41.11 39.35
C ASN C 925 23.35 39.99 38.43
N GLN C 926 24.07 39.00 38.96
CA GLN C 926 24.42 37.87 38.13
C GLN C 926 23.17 37.20 37.59
N PHE C 927 22.19 36.98 38.46
CA PHE C 927 20.97 36.35 38.00
C PHE C 927 20.22 37.26 37.04
N ASN C 928 19.98 38.51 37.43
CA ASN C 928 19.24 39.41 36.58
C ASN C 928 19.92 39.57 35.24
N SER C 929 21.25 39.71 35.24
CA SER C 929 21.96 39.76 33.98
C SER C 929 21.78 38.48 33.20
N ALA C 930 21.80 37.34 33.89
CA ALA C 930 21.75 36.07 33.18
C ALA C 930 20.50 35.98 32.34
N ILE C 931 19.35 36.40 32.88
CA ILE C 931 18.14 36.42 32.08
C ILE C 931 18.33 37.28 30.85
N GLY C 932 18.97 38.43 31.02
CA GLY C 932 19.05 39.39 29.93
C GLY C 932 19.69 38.79 28.69
N LYS C 933 20.72 37.98 28.88
CA LYS C 933 21.33 37.35 27.73
C LYS C 933 20.37 36.44 27.00
N ILE C 934 19.36 35.90 27.67
CA ILE C 934 18.44 34.99 26.99
C ILE C 934 17.71 35.72 25.88
N GLN C 935 17.22 36.93 26.16
CA GLN C 935 16.52 37.68 25.13
C GLN C 935 17.40 37.86 23.91
N ASP C 936 18.61 38.36 24.11
CA ASP C 936 19.51 38.58 23.00
C ASP C 936 19.93 37.27 22.37
N SER C 937 20.20 36.26 23.18
CA SER C 937 20.59 34.97 22.63
C SER C 937 19.50 34.41 21.72
N LEU C 938 18.25 34.53 22.14
CA LEU C 938 17.17 34.07 21.28
C LEU C 938 16.89 35.06 20.16
N SER C 939 17.07 36.36 20.42
CA SER C 939 16.71 37.37 19.43
C SER C 939 17.53 37.21 18.16
N SER C 940 18.85 37.16 18.29
CA SER C 940 19.71 37.04 17.12
C SER C 940 19.67 35.62 16.58
N THR C 941 19.99 34.64 17.40
CA THR C 941 19.97 33.25 16.95
C THR C 941 18.52 32.82 16.71
N ALA C 942 18.04 33.03 15.50
CA ALA C 942 16.70 32.56 15.16
C ALA C 942 16.62 31.04 15.18
N SER C 943 17.67 30.38 14.70
CA SER C 943 17.73 28.93 14.58
C SER C 943 17.89 28.23 15.90
N ALA C 944 17.81 28.91 17.05
CA ALA C 944 18.00 28.23 18.32
C ALA C 944 16.88 27.25 18.64
N LEU C 945 15.77 27.30 17.91
CA LEU C 945 14.63 26.42 18.16
C LEU C 945 14.50 25.37 17.07
N GLY C 946 15.64 24.82 16.64
CA GLY C 946 15.60 23.85 15.56
C GLY C 946 14.67 22.69 15.86
N LYS C 947 14.56 22.31 17.14
CA LYS C 947 13.80 21.13 17.47
C LYS C 947 12.32 21.31 17.13
N LEU C 948 11.66 22.28 17.76
CA LEU C 948 10.24 22.48 17.50
C LEU C 948 9.98 22.75 16.02
N GLN C 949 10.73 23.68 15.44
CA GLN C 949 10.56 24.01 14.05
C GLN C 949 10.64 22.78 13.18
N ASP C 950 11.48 21.83 13.55
CA ASP C 950 11.59 20.61 12.78
C ASP C 950 10.29 19.81 12.83
N VAL C 951 9.66 19.74 14.00
CA VAL C 951 8.46 18.93 14.14
C VAL C 951 7.38 19.38 13.17
N VAL C 952 7.09 20.68 13.17
CA VAL C 952 6.08 21.19 12.24
C VAL C 952 6.52 20.92 10.82
N ASN C 953 7.80 21.17 10.52
CA ASN C 953 8.29 20.96 9.18
C ASN C 953 8.13 19.52 8.75
N GLN C 954 8.41 18.58 9.65
CA GLN C 954 8.27 17.17 9.31
C GLN C 954 6.84 16.84 8.95
N ASN C 955 5.88 17.34 9.73
CA ASN C 955 4.50 16.94 9.47
C ASN C 955 4.00 17.52 8.17
N ALA C 956 4.21 18.82 7.95
CA ALA C 956 3.84 19.39 6.66
C ALA C 956 4.56 18.67 5.54
N GLN C 957 5.80 18.26 5.79
CA GLN C 957 6.53 17.47 4.80
C GLN C 957 5.72 16.27 4.37
N ALA C 958 5.21 15.51 5.33
CA ALA C 958 4.44 14.32 4.99
C ALA C 958 3.17 14.69 4.24
N LEU C 959 2.45 15.69 4.75
CA LEU C 959 1.17 16.01 4.14
C LEU C 959 1.33 16.39 2.68
N ASN C 960 2.30 17.25 2.39
CA ASN C 960 2.55 17.58 1.00
C ASN C 960 2.82 16.32 0.21
N THR C 961 3.72 15.48 0.71
CA THR C 961 3.94 14.20 0.06
C THR C 961 2.64 13.44 -0.09
N LEU C 962 1.80 13.48 0.93
CA LEU C 962 0.52 12.77 0.85
C LEU C 962 -0.34 13.33 -0.26
N VAL C 963 -0.43 14.65 -0.36
CA VAL C 963 -1.25 15.24 -1.40
C VAL C 963 -0.63 14.98 -2.76
N LYS C 964 0.68 15.19 -2.88
CA LYS C 964 1.32 15.09 -4.19
C LYS C 964 1.13 13.71 -4.79
N GLN C 965 0.86 12.71 -3.96
CA GLN C 965 0.69 11.38 -4.52
C GLN C 965 -0.50 11.29 -5.45
N LEU C 966 -1.51 12.13 -5.26
CA LEU C 966 -2.69 12.01 -6.10
C LEU C 966 -2.35 12.20 -7.56
N SER C 967 -1.36 13.02 -7.86
CA SER C 967 -1.06 13.33 -9.25
C SER C 967 -0.21 12.28 -9.92
N SER C 968 -0.22 11.05 -9.44
CA SER C 968 0.49 9.96 -10.10
C SER C 968 -0.51 8.89 -10.48
N ASN C 969 -0.27 8.26 -11.63
CA ASN C 969 -1.30 7.40 -12.19
C ASN C 969 -1.12 5.94 -11.82
N PHE C 970 -0.02 5.58 -11.18
CA PHE C 970 0.17 4.21 -10.70
C PHE C 970 -0.13 3.20 -11.79
N GLY C 971 0.29 3.49 -13.00
CA GLY C 971 0.06 2.61 -14.12
C GLY C 971 -1.32 2.69 -14.72
N ALA C 972 -2.23 3.44 -14.11
CA ALA C 972 -3.52 3.68 -14.73
C ALA C 972 -3.37 4.74 -15.81
N ILE C 973 -4.43 4.91 -16.58
CA ILE C 973 -4.35 5.80 -17.72
C ILE C 973 -4.23 7.25 -17.29
N SER C 974 -4.76 7.60 -16.12
CA SER C 974 -4.81 9.00 -15.74
C SER C 974 -4.91 9.14 -14.23
N SER C 975 -4.45 10.28 -13.72
CA SER C 975 -4.65 10.59 -12.31
C SER C 975 -6.06 11.04 -12.01
N VAL C 976 -6.76 11.62 -12.98
CA VAL C 976 -8.09 12.15 -12.74
C VAL C 976 -9.09 11.01 -12.77
N LEU C 977 -9.85 10.87 -11.70
CA LEU C 977 -10.81 9.78 -11.64
C LEU C 977 -11.94 9.98 -12.64
N ASN C 978 -12.45 11.21 -12.73
CA ASN C 978 -13.54 11.49 -13.67
C ASN C 978 -13.14 11.10 -15.08
N ASP C 979 -11.91 11.39 -15.45
CA ASP C 979 -11.43 11.05 -16.79
C ASP C 979 -11.62 9.58 -17.07
N ILE C 980 -11.19 8.73 -16.14
CA ILE C 980 -11.38 7.30 -16.31
C ILE C 980 -12.86 6.98 -16.37
N LEU C 981 -13.66 7.63 -15.53
CA LEU C 981 -15.09 7.41 -15.57
C LEU C 981 -15.67 7.85 -16.91
N SER C 982 -15.24 9.00 -17.42
CA SER C 982 -15.81 9.52 -18.65
C SER C 982 -15.30 8.76 -19.86
N ARG C 983 -13.99 8.54 -19.94
CA ARG C 983 -13.41 8.09 -21.19
C ARG C 983 -13.62 6.59 -21.43
N LEU C 984 -13.54 5.78 -20.38
CA LEU C 984 -13.48 4.33 -20.56
C LEU C 984 -14.81 3.68 -20.21
N ASP C 985 -15.04 2.52 -20.81
CA ASP C 985 -16.25 1.76 -20.57
C ASP C 985 -16.26 1.22 -19.14
N PRO C 986 -17.44 1.08 -18.54
CA PRO C 986 -17.53 0.60 -17.17
C PRO C 986 -16.79 -0.70 -16.95
N PRO C 987 -17.01 -1.75 -17.75
CA PRO C 987 -16.30 -3.01 -17.49
C PRO C 987 -14.80 -2.89 -17.67
N GLU C 988 -14.32 -1.93 -18.44
CA GLU C 988 -12.89 -1.74 -18.62
C GLU C 988 -12.33 -0.70 -17.65
N ALA C 989 -13.08 0.38 -17.42
CA ALA C 989 -12.56 1.46 -16.59
C ALA C 989 -12.25 0.97 -15.18
N GLU C 990 -13.13 0.16 -14.62
CA GLU C 990 -12.93 -0.27 -13.24
C GLU C 990 -11.62 -1.01 -13.04
N VAL C 991 -11.05 -1.58 -14.09
CA VAL C 991 -9.70 -2.11 -13.97
C VAL C 991 -8.72 -1.00 -13.66
N GLN C 992 -8.85 0.12 -14.37
CA GLN C 992 -7.99 1.26 -14.07
C GLN C 992 -8.21 1.76 -12.66
N ILE C 993 -9.48 1.85 -12.24
CA ILE C 993 -9.74 2.35 -10.90
C ILE C 993 -9.07 1.47 -9.87
N ASP C 994 -9.10 0.16 -10.08
CA ASP C 994 -8.42 -0.73 -9.15
C ASP C 994 -6.97 -0.36 -8.95
N ARG C 995 -6.32 0.12 -10.01
CA ARG C 995 -4.94 0.55 -9.84
C ARG C 995 -4.88 1.77 -8.93
N LEU C 996 -5.74 2.75 -9.16
CA LEU C 996 -5.68 3.96 -8.35
C LEU C 996 -5.97 3.65 -6.89
N ILE C 997 -6.95 2.80 -6.63
CA ILE C 997 -7.26 2.49 -5.24
C ILE C 997 -6.06 1.84 -4.57
N THR C 998 -5.58 0.73 -5.12
CA THR C 998 -4.40 0.09 -4.55
C THR C 998 -3.26 1.07 -4.46
N GLY C 999 -3.15 1.98 -5.40
CA GLY C 999 -2.12 2.98 -5.33
C GLY C 999 -2.31 3.86 -4.11
N ARG C 1000 -3.39 4.64 -4.11
CA ARG C 1000 -3.58 5.58 -3.03
C ARG C 1000 -3.69 4.87 -1.70
N LEU C 1001 -4.46 3.78 -1.64
CA LEU C 1001 -4.68 3.13 -0.36
C LEU C 1001 -3.36 2.68 0.25
N GLN C 1002 -2.43 2.22 -0.56
CA GLN C 1002 -1.11 1.94 -0.03
C GLN C 1002 -0.47 3.22 0.50
N SER C 1003 -0.63 4.31 -0.24
CA SER C 1003 0.07 5.52 0.14
C SER C 1003 -0.33 5.97 1.53
N LEU C 1004 -1.63 5.89 1.85
CA LEU C 1004 -2.06 6.26 3.21
C LEU C 1004 -1.35 5.41 4.24
N GLN C 1005 -1.31 4.09 4.02
CA GLN C 1005 -0.67 3.22 4.99
C GLN C 1005 0.73 3.70 5.30
N THR C 1006 1.49 4.01 4.26
CA THR C 1006 2.81 4.57 4.52
C THR C 1006 2.70 5.87 5.30
N TYR C 1007 1.77 6.74 4.91
CA TYR C 1007 1.61 7.97 5.66
C TYR C 1007 1.22 7.69 7.10
N VAL C 1008 0.16 6.90 7.28
CA VAL C 1008 -0.32 6.65 8.63
C VAL C 1008 0.75 5.98 9.46
N THR C 1009 1.41 4.97 8.90
CA THR C 1009 2.42 4.27 9.67
C THR C 1009 3.51 5.22 10.12
N GLN C 1010 3.96 6.10 9.23
CA GLN C 1010 4.97 7.05 9.67
C GLN C 1010 4.45 7.93 10.78
N GLN C 1011 3.18 8.33 10.71
CA GLN C 1011 2.64 9.16 11.77
C GLN C 1011 2.72 8.46 13.11
N LEU C 1012 2.32 7.20 13.16
CA LEU C 1012 2.39 6.47 14.43
C LEU C 1012 3.79 6.51 14.99
N ILE C 1013 4.77 6.14 14.19
CA ILE C 1013 6.15 6.15 14.68
C ILE C 1013 6.55 7.56 15.07
N ARG C 1014 6.29 8.51 14.18
CA ARG C 1014 6.65 9.88 14.51
C ARG C 1014 5.83 10.42 15.66
N ALA C 1015 4.75 9.74 16.04
CA ALA C 1015 4.02 10.18 17.22
C ALA C 1015 4.60 9.57 18.48
N ALA C 1016 4.80 8.25 18.47
CA ALA C 1016 5.43 7.61 19.62
C ALA C 1016 6.77 8.22 19.92
N GLU C 1017 7.40 8.81 18.91
CA GLU C 1017 8.61 9.58 19.17
C GLU C 1017 8.31 10.75 20.08
N ILE C 1018 7.22 11.47 19.83
CA ILE C 1018 6.93 12.65 20.60
C ILE C 1018 6.62 12.29 22.04
N ARG C 1019 5.74 11.31 22.24
CA ARG C 1019 5.33 10.95 23.59
C ARG C 1019 6.53 10.63 24.45
N ALA C 1020 7.55 10.01 23.88
CA ALA C 1020 8.80 9.85 24.62
C ALA C 1020 9.33 11.19 25.06
N SER C 1021 9.36 12.16 24.17
CA SER C 1021 9.74 13.50 24.59
C SER C 1021 8.75 14.07 25.57
N ALA C 1022 7.46 13.81 25.36
CA ALA C 1022 6.47 14.33 26.30
C ALA C 1022 6.77 13.83 27.71
N ASN C 1023 6.90 12.52 27.88
CA ASN C 1023 7.19 12.00 29.20
C ASN C 1023 8.49 12.58 29.71
N LEU C 1024 9.50 12.63 28.87
CA LEU C 1024 10.75 13.23 29.29
C LEU C 1024 10.52 14.66 29.74
N ALA C 1025 9.71 15.41 29.00
CA ALA C 1025 9.34 16.74 29.47
C ALA C 1025 8.57 16.64 30.77
N ALA C 1026 7.56 15.79 30.80
CA ALA C 1026 6.74 15.70 32.01
C ALA C 1026 7.59 15.44 33.22
N THR C 1027 8.55 14.52 33.10
CA THR C 1027 9.42 14.27 34.22
C THR C 1027 10.21 15.51 34.59
N LYS C 1028 10.74 16.20 33.59
CA LYS C 1028 11.54 17.38 33.90
C LYS C 1028 10.69 18.44 34.59
N MET C 1029 9.50 18.70 34.07
CA MET C 1029 8.66 19.69 34.73
C MET C 1029 8.34 19.27 36.16
N SER C 1030 8.15 17.98 36.40
CA SER C 1030 7.92 17.56 37.76
C SER C 1030 9.20 17.65 38.56
N GLU C 1031 10.22 16.88 38.19
CA GLU C 1031 11.42 16.83 39.01
C GLU C 1031 12.16 18.16 39.00
N CYS C 1032 12.35 18.75 37.83
CA CYS C 1032 13.26 19.87 37.74
C CYS C 1032 12.62 21.20 38.10
N VAL C 1033 11.29 21.29 38.12
CA VAL C 1033 10.65 22.56 38.45
C VAL C 1033 9.97 22.48 39.79
N LEU C 1034 9.00 21.58 39.93
CA LEU C 1034 8.27 21.47 41.17
C LEU C 1034 9.17 21.22 42.36
N GLY C 1035 10.34 20.65 42.13
CA GLY C 1035 11.28 20.45 43.20
C GLY C 1035 12.67 20.86 42.78
N GLN C 1036 13.67 20.12 43.23
CA GLN C 1036 15.04 20.39 42.86
C GLN C 1036 15.77 19.07 42.82
N SER C 1037 16.34 18.72 41.69
CA SER C 1037 16.93 17.41 41.54
C SER C 1037 18.42 17.42 41.78
N LYS C 1038 18.94 16.24 42.04
CA LYS C 1038 20.38 16.04 42.18
C LYS C 1038 20.91 15.11 41.11
N ARG C 1039 20.10 14.80 40.11
CA ARG C 1039 20.59 14.03 38.99
C ARG C 1039 21.49 14.93 38.17
N VAL C 1040 22.80 14.74 38.27
CA VAL C 1040 23.73 15.66 37.64
C VAL C 1040 23.53 15.65 36.15
N ASP C 1041 23.66 16.83 35.55
CA ASP C 1041 23.53 17.02 34.11
C ASP C 1041 22.15 16.60 33.60
N PHE C 1042 21.19 16.53 34.51
CA PHE C 1042 19.80 16.31 34.12
C PHE C 1042 19.00 17.59 34.16
N CYS C 1043 19.56 18.67 34.67
CA CYS C 1043 18.88 19.95 34.72
C CYS C 1043 19.83 21.05 34.31
N GLY C 1044 20.50 20.87 33.18
CA GLY C 1044 21.43 21.87 32.72
C GLY C 1044 22.78 21.70 33.37
N LYS C 1045 23.85 21.95 32.62
CA LYS C 1045 25.19 21.71 33.12
C LYS C 1045 25.41 22.43 34.44
N GLY C 1046 25.71 21.67 35.47
CA GLY C 1046 26.05 22.21 36.77
C GLY C 1046 25.09 21.74 37.84
N TYR C 1047 25.44 22.10 39.07
CA TYR C 1047 24.53 21.87 40.17
C TYR C 1047 23.27 22.66 39.93
N HIS C 1048 22.12 22.02 40.09
CA HIS C 1048 20.86 22.65 39.73
C HIS C 1048 20.32 23.45 40.90
N LEU C 1049 19.75 24.61 40.61
CA LEU C 1049 19.15 25.44 41.63
C LEU C 1049 17.64 25.46 41.54
N MET C 1050 17.09 25.84 40.39
CA MET C 1050 15.66 25.77 40.13
C MET C 1050 15.48 26.04 38.66
N SER C 1051 14.24 25.97 38.20
CA SER C 1051 14.03 26.00 36.76
C SER C 1051 12.65 26.54 36.45
N PHE C 1052 12.59 27.54 35.61
CA PHE C 1052 11.25 27.99 35.28
C PHE C 1052 10.87 27.55 33.89
N PRO C 1053 9.62 27.25 33.68
CA PRO C 1053 9.17 26.85 32.35
C PRO C 1053 8.63 28.02 31.57
N GLN C 1054 8.55 27.89 30.26
CA GLN C 1054 7.90 28.87 29.41
C GLN C 1054 7.23 28.14 28.27
N SER C 1055 6.05 28.61 27.89
CA SER C 1055 5.33 27.93 26.83
C SER C 1055 6.00 28.16 25.49
N ALA C 1056 5.53 27.44 24.50
CA ALA C 1056 6.08 27.53 23.16
C ALA C 1056 5.18 26.76 22.21
N PRO C 1057 5.16 27.08 20.92
CA PRO C 1057 4.30 26.35 20.00
C PRO C 1057 4.62 24.86 20.02
N HIS C 1058 3.61 24.06 20.36
CA HIS C 1058 3.73 22.61 20.39
C HIS C 1058 4.80 22.12 21.33
N GLY C 1059 5.31 22.98 22.20
CA GLY C 1059 6.49 22.55 22.94
C GLY C 1059 6.70 23.41 24.15
N VAL C 1060 7.69 23.02 24.94
CA VAL C 1060 7.98 23.69 26.19
C VAL C 1060 9.45 24.07 26.18
N VAL C 1061 9.75 25.17 26.86
CA VAL C 1061 11.12 25.63 27.04
C VAL C 1061 11.34 25.88 28.51
N PHE C 1062 12.41 25.29 29.03
CA PHE C 1062 12.78 25.49 30.42
C PHE C 1062 13.91 26.50 30.52
N LEU C 1063 14.04 27.10 31.69
CA LEU C 1063 15.18 27.93 32.01
C LEU C 1063 15.85 27.31 33.23
N HIS C 1064 16.78 26.41 33.01
CA HIS C 1064 17.50 25.82 34.12
C HIS C 1064 18.41 26.85 34.74
N VAL C 1065 18.23 27.15 36.01
CA VAL C 1065 19.11 28.05 36.72
C VAL C 1065 20.12 27.22 37.47
N THR C 1066 21.37 27.27 37.04
CA THR C 1066 22.40 26.41 37.60
C THR C 1066 23.49 27.22 38.27
N TYR C 1067 24.15 26.58 39.22
CA TYR C 1067 25.21 27.16 40.02
C TYR C 1067 26.54 26.56 39.61
N VAL C 1068 27.53 27.40 39.37
CA VAL C 1068 28.79 26.92 38.81
C VAL C 1068 29.96 27.57 39.54
N PRO C 1069 30.84 26.79 40.17
CA PRO C 1069 31.99 27.37 40.83
C PRO C 1069 32.96 27.92 39.82
N ALA C 1070 33.64 29.01 40.18
CA ALA C 1070 34.39 29.75 39.18
C ALA C 1070 35.89 29.77 39.42
N GLN C 1071 36.36 30.36 40.50
CA GLN C 1071 37.80 30.60 40.65
C GLN C 1071 38.32 29.75 41.78
N GLU C 1072 39.29 28.91 41.47
CA GLU C 1072 39.84 27.96 42.42
C GLU C 1072 41.31 28.29 42.66
N LYS C 1073 41.86 27.66 43.68
CA LYS C 1073 43.26 27.83 44.02
C LYS C 1073 43.82 26.50 44.47
N ASN C 1074 45.12 26.33 44.28
CA ASN C 1074 45.77 25.13 44.78
C ASN C 1074 45.72 25.14 46.30
N PHE C 1075 45.53 23.97 46.89
CA PHE C 1075 45.63 23.88 48.34
C PHE C 1075 46.19 22.53 48.69
N THR C 1076 47.03 22.51 49.71
CA THR C 1076 47.63 21.28 50.19
C THR C 1076 46.77 20.71 51.30
N THR C 1077 46.41 19.44 51.18
CA THR C 1077 45.41 18.85 52.05
C THR C 1077 45.97 17.64 52.76
N ALA C 1078 45.11 17.02 53.57
CA ALA C 1078 45.45 15.82 54.31
C ALA C 1078 44.17 15.21 54.84
N PRO C 1079 44.00 13.89 54.72
CA PRO C 1079 42.71 13.30 55.04
C PRO C 1079 42.31 13.44 56.49
N ALA C 1080 43.25 13.72 57.37
CA ALA C 1080 42.93 13.63 58.79
C ALA C 1080 43.95 14.40 59.59
N ILE C 1081 43.68 14.56 60.88
CA ILE C 1081 44.58 15.30 61.75
C ILE C 1081 44.72 14.56 63.08
N CYS C 1082 45.95 14.36 63.52
CA CYS C 1082 46.25 13.97 64.88
C CYS C 1082 46.49 15.21 65.72
N HIS C 1083 45.87 15.26 66.88
CA HIS C 1083 46.23 16.25 67.87
C HIS C 1083 46.75 15.61 69.15
N ASP C 1084 46.08 14.58 69.64
CA ASP C 1084 46.51 13.86 70.82
C ASP C 1084 46.52 12.37 70.55
N GLY C 1085 47.16 11.99 69.46
CA GLY C 1085 47.18 10.58 69.09
C GLY C 1085 45.85 10.18 68.48
N LYS C 1086 44.78 10.72 69.04
CA LYS C 1086 43.47 10.51 68.49
C LYS C 1086 43.37 11.21 67.14
N ALA C 1087 42.90 10.51 66.14
CA ALA C 1087 42.70 11.14 64.85
C ALA C 1087 41.51 12.09 64.91
N HIS C 1088 41.51 13.07 64.02
CA HIS C 1088 40.41 14.00 63.89
C HIS C 1088 39.99 14.05 62.44
N PHE C 1089 38.70 13.91 62.19
CA PHE C 1089 38.22 13.96 60.83
C PHE C 1089 37.26 15.13 60.66
N PRO C 1090 37.15 15.70 59.47
CA PRO C 1090 36.30 16.88 59.31
C PRO C 1090 34.85 16.46 59.35
N ARG C 1091 34.08 17.04 60.27
CA ARG C 1091 32.70 16.61 60.43
C ARG C 1091 31.92 16.76 59.14
N GLU C 1092 32.04 17.92 58.50
CA GLU C 1092 31.45 18.12 57.17
C GLU C 1092 32.29 19.20 56.50
N GLY C 1093 33.21 18.79 55.66
CA GLY C 1093 34.15 19.73 55.10
C GLY C 1093 35.39 19.00 54.63
N VAL C 1094 36.52 19.71 54.64
CA VAL C 1094 37.79 19.12 54.24
C VAL C 1094 38.90 19.99 54.79
N PHE C 1095 40.04 19.37 55.08
CA PHE C 1095 41.15 20.09 55.67
C PHE C 1095 42.05 20.65 54.58
N VAL C 1096 42.37 21.92 54.68
CA VAL C 1096 43.29 22.55 53.75
C VAL C 1096 44.31 23.33 54.53
N SER C 1097 45.40 23.67 53.86
CA SER C 1097 46.46 24.45 54.47
C SER C 1097 46.96 25.48 53.49
N ASN C 1098 47.01 26.73 53.92
CA ASN C 1098 47.55 27.77 53.06
C ASN C 1098 49.06 27.66 53.10
N GLY C 1099 49.57 26.49 53.47
CA GLY C 1099 50.99 26.26 53.57
C GLY C 1099 51.58 26.58 54.92
N THR C 1100 50.82 27.22 55.78
CA THR C 1100 51.33 27.63 57.08
C THR C 1100 50.43 27.18 58.22
N HIS C 1101 49.12 27.31 58.06
CA HIS C 1101 48.17 26.92 59.07
C HIS C 1101 47.34 25.78 58.51
N TRP C 1102 46.32 25.37 59.24
CA TRP C 1102 45.35 24.44 58.71
C TRP C 1102 43.95 24.92 59.02
N PHE C 1103 43.00 24.57 58.15
CA PHE C 1103 41.62 24.92 58.36
C PHE C 1103 40.73 23.87 57.74
N VAL C 1104 39.46 23.93 58.08
CA VAL C 1104 38.43 23.11 57.48
C VAL C 1104 37.45 24.02 56.76
N THR C 1105 37.06 23.63 55.56
CA THR C 1105 36.18 24.45 54.74
C THR C 1105 35.17 23.57 54.03
N GLN C 1106 34.03 24.16 53.71
CA GLN C 1106 33.02 23.44 52.97
C GLN C 1106 33.50 23.16 51.55
N ARG C 1107 33.00 22.09 50.96
CA ARG C 1107 33.60 21.54 49.76
C ARG C 1107 33.29 22.30 48.50
N ASN C 1108 32.65 23.44 48.57
CA ASN C 1108 32.29 24.10 47.32
C ASN C 1108 32.47 25.60 47.36
N PHE C 1109 33.00 26.14 48.45
CA PHE C 1109 33.27 27.57 48.50
C PHE C 1109 34.32 27.78 49.57
N TYR C 1110 35.51 28.21 49.17
CA TYR C 1110 36.59 28.34 50.13
C TYR C 1110 36.19 29.24 51.27
N GLU C 1111 36.36 28.74 52.48
CA GLU C 1111 35.93 29.47 53.65
C GLU C 1111 36.58 28.87 54.88
N PRO C 1112 37.82 29.23 55.17
CA PRO C 1112 38.53 28.60 56.27
C PRO C 1112 37.90 28.94 57.61
N GLN C 1113 37.93 27.98 58.53
CA GLN C 1113 37.64 28.23 59.92
C GLN C 1113 38.66 27.48 60.76
N ILE C 1114 38.87 27.96 61.97
CA ILE C 1114 39.81 27.31 62.87
C ILE C 1114 39.30 25.92 63.20
N ILE C 1115 40.21 24.96 63.23
CA ILE C 1115 39.82 23.58 63.40
C ILE C 1115 39.46 23.34 64.86
N THR C 1116 38.19 23.10 65.11
CA THR C 1116 37.71 22.92 66.46
C THR C 1116 37.12 21.53 66.62
N THR C 1117 36.98 21.12 67.88
CA THR C 1117 36.30 19.87 68.14
C THR C 1117 34.91 19.88 67.54
N ASP C 1118 34.25 21.04 67.54
CA ASP C 1118 32.91 21.13 66.99
C ASP C 1118 32.89 20.89 65.50
N ASN C 1119 34.02 21.04 64.83
CA ASN C 1119 34.08 20.78 63.40
C ASN C 1119 34.48 19.36 63.09
N THR C 1120 34.65 18.53 64.11
CA THR C 1120 35.33 17.26 63.92
C THR C 1120 34.72 16.21 64.83
N PHE C 1121 35.21 14.99 64.67
CA PHE C 1121 34.85 13.89 65.55
C PHE C 1121 35.99 12.90 65.53
N VAL C 1122 36.42 12.48 66.70
CA VAL C 1122 37.58 11.61 66.78
C VAL C 1122 37.19 10.18 66.43
N SER C 1123 38.18 9.42 65.97
CA SER C 1123 37.95 8.02 65.63
C SER C 1123 39.30 7.32 65.54
N GLY C 1124 39.49 6.28 66.35
CA GLY C 1124 40.71 5.51 66.26
C GLY C 1124 41.89 6.27 66.85
N ASN C 1125 43.01 6.21 66.14
CA ASN C 1125 44.24 6.87 66.56
C ASN C 1125 45.09 7.13 65.32
N CYS C 1126 46.32 7.58 65.56
CA CYS C 1126 47.13 8.14 64.48
C CYS C 1126 47.51 7.09 63.45
N ASP C 1127 48.06 5.98 63.91
CA ASP C 1127 48.91 5.15 63.08
C ASP C 1127 48.19 4.50 61.90
N VAL C 1128 46.87 4.49 61.85
CA VAL C 1128 46.16 3.67 60.89
C VAL C 1128 45.84 4.42 59.61
N VAL C 1129 45.45 5.70 59.70
CA VAL C 1129 45.16 6.45 58.49
C VAL C 1129 46.45 6.76 57.76
N ILE C 1130 46.34 7.03 56.48
CA ILE C 1130 47.50 7.29 55.64
C ILE C 1130 47.57 8.77 55.34
N GLY C 1131 48.72 9.38 55.58
CA GLY C 1131 48.91 10.76 55.26
C GLY C 1131 48.44 11.73 56.29
N ILE C 1132 48.13 11.27 57.51
CA ILE C 1132 47.74 12.20 58.55
C ILE C 1132 48.91 13.10 58.86
N VAL C 1133 48.60 14.27 59.41
CA VAL C 1133 49.61 15.29 59.68
C VAL C 1133 49.45 15.79 61.11
N ASN C 1134 50.57 15.95 61.79
CA ASN C 1134 50.55 16.46 63.15
C ASN C 1134 50.05 17.89 63.16
N ASN C 1135 49.10 18.20 64.03
CA ASN C 1135 48.62 19.57 64.20
C ASN C 1135 47.86 19.65 65.51
N THR C 1136 47.40 20.86 65.83
CA THR C 1136 46.68 21.13 67.06
C THR C 1136 45.24 21.46 66.75
N VAL C 1137 44.34 20.95 67.57
CA VAL C 1137 42.92 21.24 67.43
C VAL C 1137 42.54 22.14 68.58
N TYR C 1138 42.20 23.38 68.27
CA TYR C 1138 41.73 24.27 69.31
C TYR C 1138 40.36 23.81 69.81
N ASP C 1139 40.13 24.03 71.10
CA ASP C 1139 38.87 23.72 71.76
C ASP C 1139 38.28 24.97 72.37
N PRO C 1140 37.08 25.38 71.99
CA PRO C 1140 36.48 26.58 72.58
C PRO C 1140 36.20 26.46 74.07
N LEU C 1141 36.11 25.23 74.59
CA LEU C 1141 35.74 25.09 75.99
C LEU C 1141 36.85 25.55 76.92
N GLN C 1142 38.10 25.25 76.58
CA GLN C 1142 39.20 25.54 77.48
C GLN C 1142 39.34 27.01 77.86
N PRO C 1143 39.21 27.98 76.94
CA PRO C 1143 39.31 29.38 77.37
C PRO C 1143 38.32 29.73 78.45
N GLU C 1144 37.15 29.11 78.45
CA GLU C 1144 36.21 29.33 79.54
C GLU C 1144 36.63 28.57 80.78
N LEU C 1145 37.34 27.47 80.62
CA LEU C 1145 37.95 26.82 81.78
C LEU C 1145 38.95 27.74 82.44
N ASP C 1146 39.75 28.45 81.63
CA ASP C 1146 40.69 29.41 82.18
C ASP C 1146 39.97 30.52 82.93
N SER C 1147 38.71 30.79 82.57
CA SER C 1147 37.91 31.76 83.31
C SER C 1147 37.36 31.14 84.59
N GLN D 1 -43.92 -22.07 -56.46
CA GLN D 1 -43.36 -21.64 -55.19
C GLN D 1 -44.12 -20.45 -54.61
N VAL D 2 -43.74 -19.25 -55.05
CA VAL D 2 -44.34 -18.02 -54.54
C VAL D 2 -45.55 -17.68 -55.41
N GLN D 3 -46.74 -17.74 -54.82
CA GLN D 3 -47.96 -17.39 -55.52
C GLN D 3 -48.97 -16.85 -54.52
N LEU D 4 -49.70 -15.82 -54.94
CA LEU D 4 -50.74 -15.19 -54.13
C LEU D 4 -52.04 -15.26 -54.90
N GLN D 5 -52.96 -16.11 -54.45
CA GLN D 5 -54.23 -16.36 -55.15
C GLN D 5 -55.33 -15.60 -54.43
N GLN D 6 -56.01 -14.72 -55.17
CA GLN D 6 -57.08 -13.90 -54.63
C GLN D 6 -58.42 -14.61 -54.79
N TRP D 7 -59.32 -14.34 -53.86
CA TRP D 7 -60.65 -14.93 -53.89
C TRP D 7 -61.56 -14.11 -53.00
N GLY D 8 -62.87 -14.31 -53.17
CA GLY D 8 -63.87 -13.57 -52.44
C GLY D 8 -64.51 -12.42 -53.20
N ALA D 9 -64.10 -12.18 -54.44
CA ALA D 9 -64.65 -11.09 -55.23
C ALA D 9 -65.98 -11.49 -55.88
N GLY D 10 -66.67 -10.50 -56.43
CA GLY D 10 -67.93 -10.71 -57.10
C GLY D 10 -68.77 -9.46 -57.05
N LEU D 11 -69.99 -9.58 -57.60
CA LEU D 11 -70.92 -8.45 -57.64
C LEU D 11 -71.68 -8.35 -56.33
N LEU D 12 -71.79 -7.13 -55.81
CA LEU D 12 -72.41 -6.89 -54.51
C LEU D 12 -73.33 -5.68 -54.60
N LYS D 13 -74.48 -5.78 -53.94
CA LYS D 13 -75.41 -4.67 -53.88
C LYS D 13 -74.83 -3.54 -53.02
N PRO D 14 -75.33 -2.32 -53.20
CA PRO D 14 -74.79 -1.19 -52.42
C PRO D 14 -75.02 -1.38 -50.92
N SER D 15 -74.10 -0.83 -50.13
CA SER D 15 -74.08 -0.81 -48.68
C SER D 15 -73.75 -2.16 -48.07
N GLU D 16 -73.52 -3.20 -48.88
CA GLU D 16 -73.23 -4.52 -48.34
C GLU D 16 -71.76 -4.59 -47.92
N THR D 17 -71.32 -5.77 -47.50
CA THR D 17 -69.95 -5.99 -47.05
C THR D 17 -69.32 -7.13 -47.85
N LEU D 18 -68.01 -7.28 -47.70
CA LEU D 18 -67.30 -8.31 -48.44
C LEU D 18 -66.09 -8.74 -47.63
N SER D 19 -65.62 -9.96 -47.88
CA SER D 19 -64.44 -10.51 -47.24
C SER D 19 -63.52 -11.07 -48.32
N LEU D 20 -62.31 -10.54 -48.39
CA LEU D 20 -61.35 -10.96 -49.39
C LEU D 20 -60.58 -12.19 -48.93
N SER D 21 -60.14 -12.99 -49.89
CA SER D 21 -59.24 -14.10 -49.65
C SER D 21 -57.99 -13.91 -50.48
N CYS D 22 -56.84 -14.18 -49.87
CA CYS D 22 -55.54 -14.06 -50.55
C CYS D 22 -54.67 -15.21 -50.05
N ALA D 23 -54.74 -16.33 -50.76
CA ALA D 23 -53.97 -17.50 -50.39
C ALA D 23 -52.52 -17.32 -50.85
N VAL D 24 -51.59 -17.41 -49.92
CA VAL D 24 -50.17 -17.27 -50.21
C VAL D 24 -49.51 -18.64 -50.12
N TYR D 25 -48.63 -18.90 -51.07
CA TYR D 25 -47.86 -20.15 -51.10
C TYR D 25 -46.38 -19.80 -51.10
N GLY D 26 -45.62 -20.48 -50.25
CA GLY D 26 -44.20 -20.22 -50.12
C GLY D 26 -43.84 -19.04 -49.28
N GLY D 27 -44.79 -18.22 -48.86
CA GLY D 27 -44.54 -17.06 -48.04
C GLY D 27 -45.08 -17.23 -46.63
N SER D 28 -44.50 -16.49 -45.71
CA SER D 28 -44.93 -16.46 -44.32
C SER D 28 -45.64 -15.11 -44.11
N LEU D 29 -46.96 -15.13 -44.26
CA LEU D 29 -47.73 -13.89 -44.18
C LEU D 29 -47.52 -13.20 -42.83
N SER D 30 -47.50 -13.98 -41.75
CA SER D 30 -47.26 -13.42 -40.44
C SER D 30 -45.84 -12.89 -40.27
N GLY D 31 -44.94 -13.19 -41.20
CA GLY D 31 -43.55 -12.77 -41.07
C GLY D 31 -43.11 -11.73 -42.06
N TYR D 32 -43.96 -11.38 -43.01
CA TYR D 32 -43.66 -10.34 -43.98
C TYR D 32 -44.87 -9.43 -44.14
N TYR D 33 -44.60 -8.18 -44.47
CA TYR D 33 -45.67 -7.20 -44.59
C TYR D 33 -46.59 -7.54 -45.76
N TRP D 34 -47.89 -7.28 -45.58
CA TRP D 34 -48.88 -7.55 -46.60
C TRP D 34 -49.78 -6.34 -46.77
N SER D 35 -50.16 -6.05 -48.02
CA SER D 35 -51.06 -4.95 -48.35
C SER D 35 -51.98 -5.38 -49.49
N TRP D 36 -53.14 -4.72 -49.56
CA TRP D 36 -54.12 -4.97 -50.61
C TRP D 36 -54.18 -3.77 -51.54
N ILE D 37 -54.23 -4.03 -52.84
CA ILE D 37 -54.16 -2.98 -53.85
C ILE D 37 -55.37 -3.07 -54.75
N ARG D 38 -56.12 -1.99 -54.85
CA ARG D 38 -57.28 -1.90 -55.74
C ARG D 38 -56.97 -0.96 -56.90
N GLN D 39 -57.73 -1.15 -57.98
CA GLN D 39 -57.57 -0.32 -59.18
C GLN D 39 -58.92 -0.26 -59.91
N PRO D 40 -59.63 0.85 -59.81
CA PRO D 40 -60.91 0.98 -60.53
C PRO D 40 -60.67 0.93 -62.03
N PRO D 41 -61.67 0.50 -62.80
CA PRO D 41 -61.49 0.37 -64.25
C PRO D 41 -61.03 1.69 -64.86
N GLY D 42 -59.87 1.65 -65.53
CA GLY D 42 -59.31 2.81 -66.17
C GLY D 42 -58.58 3.77 -65.26
N LYS D 43 -58.43 3.44 -63.99
CA LYS D 43 -57.72 4.32 -63.07
C LYS D 43 -56.33 3.77 -62.80
N GLY D 44 -55.63 4.43 -61.87
CA GLY D 44 -54.37 3.94 -61.35
C GLY D 44 -54.57 3.06 -60.13
N LEU D 45 -53.46 2.75 -59.49
CA LEU D 45 -53.49 1.94 -58.28
C LEU D 45 -53.85 2.81 -57.08
N GLU D 46 -54.54 2.21 -56.10
CA GLU D 46 -54.89 2.89 -54.87
C GLU D 46 -54.60 1.97 -53.70
N TRP D 47 -53.63 2.36 -52.86
CA TRP D 47 -53.35 1.60 -51.65
C TRP D 47 -54.45 1.84 -50.64
N ILE D 48 -55.12 0.76 -50.22
CA ILE D 48 -56.24 0.83 -49.29
C ILE D 48 -55.79 0.48 -47.87
N GLY D 49 -55.18 -0.69 -47.70
CA GLY D 49 -54.73 -1.10 -46.39
C GLY D 49 -53.46 -1.91 -46.49
N GLU D 50 -52.74 -1.95 -45.36
CA GLU D 50 -51.54 -2.76 -45.23
C GLU D 50 -51.48 -3.30 -43.81
N ILE D 51 -50.90 -4.49 -43.66
CA ILE D 51 -50.81 -5.16 -42.38
C ILE D 51 -49.35 -5.51 -42.14
N ASN D 52 -48.78 -4.98 -41.07
CA ASN D 52 -47.44 -5.37 -40.68
C ASN D 52 -47.45 -6.81 -40.14
N HIS D 53 -46.33 -7.49 -40.35
CA HIS D 53 -46.24 -8.90 -40.00
C HIS D 53 -46.43 -9.14 -38.51
N PHE D 54 -45.85 -8.27 -37.67
CA PHE D 54 -45.99 -8.40 -36.23
C PHE D 54 -47.45 -8.27 -35.81
N GLY D 55 -48.29 -7.68 -36.66
CA GLY D 55 -49.71 -7.58 -36.36
C GLY D 55 -50.25 -6.20 -36.65
N SER D 56 -49.37 -5.21 -36.73
CA SER D 56 -49.81 -3.85 -36.98
C SER D 56 -50.49 -3.76 -38.34
N THR D 57 -51.52 -2.92 -38.41
CA THR D 57 -52.32 -2.79 -39.62
C THR D 57 -52.76 -1.35 -39.78
N GLY D 58 -52.92 -0.93 -41.04
CA GLY D 58 -53.38 0.40 -41.33
C GLY D 58 -54.30 0.38 -42.53
N TYR D 59 -55.16 1.40 -42.62
CA TYR D 59 -56.12 1.52 -43.69
C TYR D 59 -56.11 2.92 -44.26
N ASN D 60 -56.35 3.03 -45.57
CA ASN D 60 -56.41 4.33 -46.20
C ASN D 60 -57.64 5.09 -45.72
N PRO D 61 -57.62 6.42 -45.82
CA PRO D 61 -58.75 7.20 -45.32
C PRO D 61 -60.07 6.89 -46.02
N SER D 62 -60.03 6.54 -47.31
CA SER D 62 -61.26 6.22 -48.02
C SER D 62 -61.90 4.95 -47.49
N LEU D 63 -61.13 4.06 -46.88
CA LEU D 63 -61.66 2.84 -46.29
C LEU D 63 -61.62 2.85 -44.77
N LYS D 64 -61.20 3.95 -44.15
CA LYS D 64 -61.12 4.03 -42.70
C LYS D 64 -62.50 3.81 -42.08
N SER D 65 -62.54 2.96 -41.05
CA SER D 65 -63.72 2.57 -40.28
C SER D 65 -64.65 1.66 -41.08
N ARG D 66 -64.33 1.35 -42.34
CA ARG D 66 -65.13 0.45 -43.16
C ARG D 66 -64.41 -0.84 -43.53
N VAL D 67 -63.08 -0.83 -43.54
CA VAL D 67 -62.30 -1.99 -43.95
C VAL D 67 -61.62 -2.61 -42.73
N THR D 68 -61.34 -3.90 -42.84
CA THR D 68 -60.62 -4.62 -41.79
C THR D 68 -59.83 -5.75 -42.44
N ILE D 69 -58.52 -5.70 -42.32
CA ILE D 69 -57.64 -6.71 -42.88
C ILE D 69 -57.05 -7.55 -41.75
N SER D 70 -57.07 -8.87 -41.93
CA SER D 70 -56.48 -9.78 -40.96
C SER D 70 -55.97 -11.01 -41.69
N VAL D 71 -55.26 -11.86 -40.97
CA VAL D 71 -54.60 -13.01 -41.57
C VAL D 71 -54.84 -14.23 -40.68
N ASP D 72 -55.02 -15.38 -41.32
CA ASP D 72 -55.20 -16.66 -40.63
C ASP D 72 -53.88 -17.41 -40.77
N THR D 73 -53.01 -17.25 -39.77
CA THR D 73 -51.76 -18.01 -39.74
C THR D 73 -52.04 -19.51 -39.75
N SER D 74 -53.20 -19.91 -39.21
CA SER D 74 -53.61 -21.31 -39.27
C SER D 74 -53.79 -21.78 -40.71
N LYS D 75 -54.02 -20.87 -41.65
CA LYS D 75 -54.09 -21.21 -43.05
C LYS D 75 -53.13 -20.39 -43.91
N SER D 76 -52.38 -19.46 -43.33
CA SER D 76 -51.49 -18.56 -44.06
C SER D 76 -52.24 -17.87 -45.19
N GLN D 77 -53.33 -17.21 -44.84
CA GLN D 77 -54.19 -16.54 -45.80
C GLN D 77 -54.37 -15.09 -45.39
N PHE D 78 -54.37 -14.20 -46.39
CA PHE D 78 -54.60 -12.78 -46.17
C PHE D 78 -56.05 -12.45 -46.46
N SER D 79 -56.68 -11.75 -45.52
CA SER D 79 -58.09 -11.39 -45.63
C SER D 79 -58.24 -9.89 -45.59
N VAL D 80 -59.18 -9.38 -46.37
CA VAL D 80 -59.46 -7.95 -46.41
C VAL D 80 -60.97 -7.75 -46.38
N LYS D 81 -61.50 -7.46 -45.18
CA LYS D 81 -62.94 -7.35 -44.98
C LYS D 81 -63.34 -5.88 -45.11
N LEU D 82 -64.21 -5.59 -46.06
CA LEU D 82 -64.75 -4.26 -46.26
C LEU D 82 -66.23 -4.25 -45.92
N SER D 83 -66.69 -3.16 -45.31
CA SER D 83 -68.09 -3.03 -44.94
C SER D 83 -68.60 -1.66 -45.43
N SER D 84 -69.92 -1.57 -45.55
CA SER D 84 -70.58 -0.37 -46.06
C SER D 84 -70.09 -0.02 -47.46
N VAL D 85 -70.10 -1.03 -48.35
CA VAL D 85 -69.62 -0.83 -49.72
C VAL D 85 -70.53 0.13 -50.48
N THR D 86 -70.05 0.60 -51.63
CA THR D 86 -70.78 1.52 -52.47
C THR D 86 -70.28 1.39 -53.91
N ALA D 87 -70.80 2.27 -54.77
CA ALA D 87 -70.40 2.27 -56.17
C ALA D 87 -68.92 2.59 -56.35
N ALA D 88 -68.41 3.58 -55.60
CA ALA D 88 -67.03 4.02 -55.76
C ALA D 88 -66.02 2.95 -55.38
N ASP D 89 -66.43 1.94 -54.60
CA ASP D 89 -65.51 0.90 -54.17
C ASP D 89 -65.21 -0.10 -55.27
N THR D 90 -65.88 -0.01 -56.41
CA THR D 90 -65.60 -0.92 -57.51
C THR D 90 -64.19 -0.72 -58.02
N ALA D 91 -63.36 -1.76 -57.88
CA ALA D 91 -61.95 -1.71 -58.26
C ALA D 91 -61.40 -3.13 -58.22
N VAL D 92 -60.27 -3.32 -58.89
CA VAL D 92 -59.64 -4.63 -59.00
C VAL D 92 -58.66 -4.80 -57.85
N TYR D 93 -58.97 -5.72 -56.94
CA TYR D 93 -58.21 -5.87 -55.70
C TYR D 93 -57.25 -7.04 -55.82
N TYR D 94 -55.96 -6.74 -55.94
CA TYR D 94 -54.89 -7.72 -55.91
C TYR D 94 -54.06 -7.54 -54.65
N CYS D 95 -53.77 -8.63 -53.96
CA CYS D 95 -53.05 -8.61 -52.70
C CYS D 95 -51.57 -8.82 -52.93
N ALA D 96 -50.75 -7.99 -52.29
CA ALA D 96 -49.32 -7.98 -52.52
C ALA D 96 -48.57 -7.79 -51.21
N ARG D 97 -47.31 -8.20 -51.21
CA ARG D 97 -46.45 -8.07 -50.05
C ARG D 97 -45.27 -7.16 -50.33
N TRP D 113 -46.87 -9.69 -56.32
CA TRP D 113 -48.29 -9.38 -56.09
C TRP D 113 -49.18 -10.55 -56.46
N GLY D 114 -50.48 -10.39 -56.25
CA GLY D 114 -51.46 -11.41 -56.58
C GLY D 114 -51.94 -11.31 -58.01
N GLN D 115 -53.11 -11.91 -58.26
CA GLN D 115 -53.65 -11.99 -59.61
C GLN D 115 -54.75 -10.96 -59.89
N GLY D 116 -55.27 -10.31 -58.86
CA GLY D 116 -56.31 -9.32 -59.08
C GLY D 116 -57.71 -9.90 -58.94
N THR D 117 -58.58 -9.18 -58.24
CA THR D 117 -59.94 -9.62 -58.00
C THR D 117 -60.87 -8.44 -58.20
N MET D 118 -61.66 -8.47 -59.26
CA MET D 118 -62.55 -7.38 -59.59
C MET D 118 -63.73 -7.34 -58.61
N VAL D 119 -64.02 -6.16 -58.10
CA VAL D 119 -65.11 -5.95 -57.16
C VAL D 119 -66.12 -5.04 -57.84
N THR D 120 -67.35 -5.52 -58.01
CA THR D 120 -68.41 -4.76 -58.62
C THR D 120 -69.45 -4.44 -57.55
N VAL D 121 -69.74 -3.15 -57.36
CA VAL D 121 -70.73 -2.74 -56.38
C VAL D 121 -71.38 -1.44 -56.81
N GLU E 1 -52.73 12.87 -49.42
CA GLU E 1 -53.05 14.08 -50.17
C GLU E 1 -52.07 14.29 -51.30
N ILE E 2 -50.98 13.52 -51.30
CA ILE E 2 -49.93 13.66 -52.31
C ILE E 2 -50.47 13.13 -53.63
N VAL E 3 -50.75 14.03 -54.57
CA VAL E 3 -51.24 13.67 -55.88
C VAL E 3 -50.08 13.70 -56.86
N LEU E 4 -49.86 12.59 -57.55
CA LEU E 4 -48.75 12.44 -58.47
C LEU E 4 -49.22 12.89 -59.86
N THR E 5 -48.51 13.84 -60.44
CA THR E 5 -48.86 14.41 -61.74
C THR E 5 -47.99 13.75 -62.80
N GLN E 6 -48.57 12.83 -63.56
CA GLN E 6 -47.87 12.15 -64.64
C GLN E 6 -48.15 12.85 -65.96
N SER E 7 -47.10 13.05 -66.75
CA SER E 7 -47.21 13.70 -68.05
C SER E 7 -46.20 13.09 -69.00
N PRO E 8 -46.57 12.86 -70.26
CA PRO E 8 -47.94 13.10 -70.76
C PRO E 8 -48.89 11.94 -70.47
N GLY E 9 -50.18 12.17 -70.68
CA GLY E 9 -51.18 11.13 -70.50
C GLY E 9 -51.02 10.02 -71.52
N THR E 10 -50.62 10.40 -72.74
CA THR E 10 -50.35 9.46 -73.81
C THR E 10 -49.01 9.78 -74.45
N VAL E 11 -48.34 8.76 -74.95
CA VAL E 11 -47.06 8.90 -75.63
C VAL E 11 -46.96 7.83 -76.70
N SER E 12 -46.82 8.24 -77.96
CA SER E 12 -46.63 7.33 -79.07
C SER E 12 -45.18 7.39 -79.51
N LEU E 13 -44.53 6.24 -79.61
CA LEU E 13 -43.13 6.19 -79.95
C LEU E 13 -42.84 4.91 -80.73
N SER E 14 -41.75 4.92 -81.47
CA SER E 14 -41.28 3.78 -82.22
C SER E 14 -40.26 2.98 -81.41
N PRO E 15 -40.05 1.71 -81.75
CA PRO E 15 -39.04 0.92 -81.04
C PRO E 15 -37.66 1.52 -81.21
N GLY E 16 -36.84 1.41 -80.16
CA GLY E 16 -35.51 1.96 -80.16
C GLY E 16 -35.43 3.40 -79.68
N GLU E 17 -36.55 4.10 -79.60
CA GLU E 17 -36.54 5.47 -79.12
C GLU E 17 -36.53 5.48 -77.59
N ARG E 18 -36.03 6.59 -77.04
CA ARG E 18 -35.96 6.76 -75.60
C ARG E 18 -37.27 7.33 -75.07
N ALA E 19 -37.87 6.63 -74.12
CA ALA E 19 -39.15 7.02 -73.55
C ALA E 19 -38.96 7.48 -72.11
N THR E 20 -39.41 8.70 -71.83
CA THR E 20 -39.28 9.29 -70.50
C THR E 20 -40.66 9.56 -69.94
N LEU E 21 -40.93 9.02 -68.75
CA LEU E 21 -42.17 9.28 -68.05
C LEU E 21 -41.91 10.26 -66.92
N SER E 22 -42.68 11.35 -66.90
CA SER E 22 -42.53 12.38 -65.90
C SER E 22 -43.55 12.18 -64.79
N CYS E 23 -43.11 12.36 -63.56
CA CYS E 23 -43.95 12.15 -62.39
C CYS E 23 -43.63 13.26 -61.39
N TRP E 24 -44.56 14.20 -61.24
CA TRP E 24 -44.42 15.29 -60.30
C TRP E 24 -45.40 15.11 -59.16
N ALA E 25 -44.96 15.43 -57.95
CA ALA E 25 -45.80 15.33 -56.77
C ALA E 25 -46.22 16.72 -56.31
N SER E 26 -47.41 16.78 -55.72
CA SER E 26 -47.93 18.06 -55.24
C SER E 26 -47.14 18.59 -54.06
N GLN E 27 -46.51 17.70 -53.30
CA GLN E 27 -45.60 18.07 -52.23
C GLN E 27 -44.28 17.34 -52.44
N SER E 28 -43.19 17.94 -51.98
CA SER E 28 -41.89 17.31 -52.08
C SER E 28 -41.88 15.98 -51.36
N VAL E 29 -41.41 14.94 -52.05
CA VAL E 29 -41.44 13.58 -51.54
C VAL E 29 -40.06 13.26 -50.97
N SER E 30 -40.00 13.00 -49.67
CA SER E 30 -38.73 12.84 -48.99
C SER E 30 -38.08 11.50 -49.34
N ALA E 31 -36.76 11.53 -49.46
CA ALA E 31 -35.93 10.35 -49.67
C ALA E 31 -36.34 9.54 -50.89
N SER E 32 -36.90 10.20 -51.89
CA SER E 32 -37.27 9.56 -53.16
C SER E 32 -38.23 8.40 -52.93
N TYR E 33 -39.38 8.72 -52.31
CA TYR E 33 -40.41 7.71 -52.07
C TYR E 33 -41.28 7.63 -53.32
N LEU E 34 -40.72 7.00 -54.35
CA LEU E 34 -41.40 6.86 -55.63
C LEU E 34 -41.22 5.45 -56.15
N ALA E 35 -42.33 4.80 -56.46
CA ALA E 35 -42.34 3.45 -56.99
C ALA E 35 -43.03 3.44 -58.35
N TRP E 36 -42.46 2.69 -59.28
CA TRP E 36 -42.94 2.65 -60.65
C TRP E 36 -43.57 1.29 -60.94
N TYR E 37 -44.76 1.32 -61.54
CA TYR E 37 -45.46 0.11 -61.92
C TYR E 37 -45.83 0.18 -63.39
N GLN E 38 -45.61 -0.93 -64.10
CA GLN E 38 -46.00 -1.08 -65.50
C GLN E 38 -47.06 -2.16 -65.58
N GLN E 39 -48.22 -1.80 -66.16
CA GLN E 39 -49.39 -2.67 -66.16
C GLN E 39 -49.73 -3.01 -67.61
N LYS E 40 -49.40 -4.24 -68.02
CA LYS E 40 -49.77 -4.68 -69.35
C LYS E 40 -51.28 -4.77 -69.46
N PRO E 41 -51.84 -4.53 -70.64
CA PRO E 41 -53.30 -4.60 -70.78
C PRO E 41 -53.80 -6.01 -70.48
N GLY E 42 -54.75 -6.09 -69.56
CA GLY E 42 -55.20 -7.39 -69.08
C GLY E 42 -54.24 -8.11 -68.17
N GLN E 43 -53.27 -7.40 -67.61
CA GLN E 43 -52.28 -7.99 -66.71
C GLN E 43 -52.21 -7.18 -65.42
N ALA E 44 -51.74 -7.85 -64.37
CA ALA E 44 -51.68 -7.27 -63.04
C ALA E 44 -50.54 -6.25 -62.95
N PRO E 45 -50.56 -5.40 -61.93
CA PRO E 45 -49.46 -4.44 -61.77
C PRO E 45 -48.12 -5.14 -61.62
N ARG E 46 -47.10 -4.57 -62.25
CA ARG E 46 -45.76 -5.13 -62.24
C ARG E 46 -44.78 -4.04 -61.86
N LEU E 47 -44.04 -4.27 -60.78
CA LEU E 47 -43.12 -3.26 -60.27
C LEU E 47 -41.94 -3.10 -61.21
N LEU E 48 -41.54 -1.86 -61.46
CA LEU E 48 -40.38 -1.54 -62.27
C LEU E 48 -39.25 -0.93 -61.47
N ILE E 49 -39.53 0.15 -60.74
CA ILE E 49 -38.51 0.87 -59.98
C ILE E 49 -39.01 1.08 -58.56
N TYR E 50 -38.13 0.87 -57.59
CA TYR E 50 -38.42 1.10 -56.19
C TYR E 50 -37.50 2.19 -55.66
N GLY E 51 -38.04 3.06 -54.82
CA GLY E 51 -37.27 4.17 -54.34
C GLY E 51 -36.84 5.15 -55.40
N ALA E 52 -37.43 5.07 -56.60
CA ALA E 52 -37.18 5.93 -57.75
C ALA E 52 -35.78 5.74 -58.32
N SER E 53 -34.93 4.93 -57.69
CA SER E 53 -33.58 4.71 -58.20
C SER E 53 -33.26 3.22 -58.24
N SER E 54 -33.86 2.45 -57.34
CA SER E 54 -33.64 1.01 -57.29
C SER E 54 -34.64 0.32 -58.22
N ARG E 55 -34.13 -0.36 -59.24
CA ARG E 55 -35.00 -1.09 -60.15
C ARG E 55 -35.50 -2.36 -59.47
N ALA E 56 -36.66 -2.84 -59.90
CA ALA E 56 -37.19 -4.08 -59.35
C ALA E 56 -36.31 -5.25 -59.77
N THR E 57 -36.52 -6.39 -59.09
CA THR E 57 -35.72 -7.58 -59.37
C THR E 57 -36.17 -8.23 -60.67
N GLY E 58 -35.22 -8.47 -61.57
CA GLY E 58 -35.51 -9.06 -62.85
C GLY E 58 -36.05 -8.10 -63.89
N ILE E 59 -36.28 -6.84 -63.53
CA ILE E 59 -36.72 -5.85 -64.51
C ILE E 59 -35.56 -5.50 -65.43
N PRO E 60 -35.81 -5.21 -66.71
CA PRO E 60 -34.70 -4.95 -67.64
C PRO E 60 -33.93 -3.70 -67.27
N ASP E 61 -32.66 -3.69 -67.66
CA ASP E 61 -31.80 -2.53 -67.43
C ASP E 61 -32.21 -1.33 -68.28
N ARG E 62 -33.05 -1.54 -69.29
CA ARG E 62 -33.55 -0.41 -70.09
C ARG E 62 -34.40 0.52 -69.23
N PHE E 63 -35.07 -0.01 -68.23
CA PHE E 63 -35.82 0.82 -67.29
C PHE E 63 -34.86 1.62 -66.42
N SER E 64 -35.20 2.89 -66.20
CA SER E 64 -34.39 3.73 -65.33
C SER E 64 -35.27 4.84 -64.77
N GLY E 65 -35.09 5.13 -63.48
CA GLY E 65 -35.84 6.17 -62.82
C GLY E 65 -34.93 7.33 -62.44
N SER E 66 -35.52 8.52 -62.34
CA SER E 66 -34.74 9.71 -62.05
C SER E 66 -35.63 10.76 -61.38
N GLY E 67 -34.99 11.75 -60.77
CA GLY E 67 -35.70 12.83 -60.12
C GLY E 67 -35.62 12.83 -58.60
N SER E 68 -35.93 13.97 -57.99
CA SER E 68 -35.90 14.09 -56.53
C SER E 68 -36.83 15.22 -56.13
N GLY E 69 -37.45 15.07 -54.95
CA GLY E 69 -38.35 16.07 -54.42
C GLY E 69 -39.73 15.99 -55.00
N THR E 70 -40.04 16.92 -55.90
CA THR E 70 -41.31 16.94 -56.61
C THR E 70 -41.18 16.47 -58.06
N ASP E 71 -40.07 15.82 -58.41
CA ASP E 71 -39.87 15.30 -59.75
C ASP E 71 -39.49 13.83 -59.65
N PHE E 72 -40.24 12.98 -60.35
CA PHE E 72 -39.85 11.60 -60.59
C PHE E 72 -39.92 11.35 -62.09
N THR E 73 -38.93 10.62 -62.59
CA THR E 73 -38.78 10.49 -64.03
C THR E 73 -38.35 9.07 -64.36
N LEU E 74 -39.17 8.38 -65.14
CA LEU E 74 -38.88 7.01 -65.56
C LEU E 74 -38.38 7.03 -66.99
N THR E 75 -37.24 6.39 -67.23
CA THR E 75 -36.60 6.38 -68.54
C THR E 75 -36.50 4.95 -69.06
N ILE E 76 -36.93 4.77 -70.30
CA ILE E 76 -36.71 3.54 -71.05
C ILE E 76 -35.80 3.90 -72.21
N SER E 77 -34.50 3.61 -72.05
CA SER E 77 -33.51 4.10 -73.01
C SER E 77 -33.75 3.55 -74.41
N ARG E 78 -34.09 2.26 -74.50
CA ARG E 78 -34.34 1.62 -75.79
C ARG E 78 -35.70 0.94 -75.71
N LEU E 79 -36.66 1.46 -76.46
CA LEU E 79 -38.01 0.93 -76.41
C LEU E 79 -38.05 -0.53 -76.85
N GLU E 80 -38.96 -1.28 -76.25
CA GLU E 80 -39.14 -2.70 -76.54
C GLU E 80 -40.54 -2.95 -77.08
N PRO E 81 -40.73 -3.99 -77.87
CA PRO E 81 -42.04 -4.23 -78.51
C PRO E 81 -43.12 -4.56 -77.49
N GLU E 82 -42.71 -4.95 -76.28
CA GLU E 82 -43.64 -5.25 -75.20
C GLU E 82 -43.63 -4.17 -74.13
N ASP E 83 -43.02 -3.02 -74.43
CA ASP E 83 -42.95 -1.91 -73.50
C ASP E 83 -44.09 -0.91 -73.69
N PHE E 84 -45.04 -1.21 -74.58
CA PHE E 84 -46.16 -0.31 -74.84
C PHE E 84 -47.30 -0.70 -73.88
N ALA E 85 -47.18 -0.24 -72.65
CA ALA E 85 -48.16 -0.49 -71.61
C ALA E 85 -48.34 0.77 -70.78
N VAL E 86 -49.23 0.69 -69.81
CA VAL E 86 -49.52 1.82 -68.93
C VAL E 86 -48.58 1.76 -67.73
N TYR E 87 -47.94 2.90 -67.44
CA TYR E 87 -47.03 3.00 -66.32
C TYR E 87 -47.62 3.94 -65.28
N TYR E 88 -47.78 3.44 -64.06
CA TYR E 88 -48.32 4.22 -62.95
C TYR E 88 -47.26 4.31 -61.85
N CYS E 89 -47.01 5.53 -61.39
CA CYS E 89 -46.07 5.78 -60.30
C CYS E 89 -46.84 5.89 -58.99
N GLN E 90 -46.20 5.45 -57.91
CA GLN E 90 -46.84 5.43 -56.59
C GLN E 90 -45.91 6.06 -55.57
N GLN E 91 -46.42 7.04 -54.83
CA GLN E 91 -45.64 7.77 -53.83
C GLN E 91 -46.09 7.33 -52.43
N TYR E 92 -45.12 6.86 -51.63
CA TYR E 92 -45.42 6.36 -50.30
C TYR E 92 -44.64 7.11 -49.24
N GLY E 93 -44.63 8.43 -49.32
CA GLY E 93 -43.93 9.24 -48.34
C GLY E 93 -44.87 9.76 -47.27
N THR E 94 -46.17 9.53 -47.48
CA THR E 94 -47.20 9.89 -46.52
C THR E 94 -48.04 8.66 -46.24
N THR E 95 -48.72 8.68 -45.09
CA THR E 95 -49.61 7.58 -44.75
C THR E 95 -50.64 7.33 -45.84
N PRO E 96 -51.28 8.34 -46.40
CA PRO E 96 -52.16 8.09 -47.55
C PRO E 96 -51.35 7.77 -48.79
N ARG E 97 -50.94 6.51 -48.92
CA ARG E 97 -50.15 6.10 -50.07
C ARG E 97 -50.95 6.30 -51.35
N THR E 98 -50.41 7.09 -52.27
CA THR E 98 -51.12 7.45 -53.49
C THR E 98 -50.28 7.14 -54.71
N PHE E 99 -50.96 6.90 -55.81
CA PHE E 99 -50.34 6.58 -57.09
C PHE E 99 -50.75 7.59 -58.15
N GLY E 100 -49.98 7.62 -59.24
CA GLY E 100 -50.29 8.48 -60.36
C GLY E 100 -51.33 7.88 -61.28
N GLY E 101 -51.85 8.73 -62.18
CA GLY E 101 -52.92 8.31 -63.05
C GLY E 101 -52.51 7.31 -64.11
N GLY E 102 -51.24 7.27 -64.46
CA GLY E 102 -50.76 6.33 -65.45
C GLY E 102 -50.52 6.98 -66.80
N THR E 103 -49.40 6.63 -67.42
CA THR E 103 -49.03 7.14 -68.73
C THR E 103 -49.03 5.98 -69.73
N LYS E 104 -49.75 6.17 -70.84
CA LYS E 104 -49.91 5.11 -71.83
C LYS E 104 -48.83 5.24 -72.89
N VAL E 105 -48.09 4.17 -73.13
CA VAL E 105 -47.05 4.11 -74.15
C VAL E 105 -47.67 3.55 -75.42
N GLU E 106 -47.78 4.38 -76.45
CA GLU E 106 -48.43 4.01 -77.70
C GLU E 106 -47.40 3.60 -78.75
N ILE E 107 -47.90 3.24 -79.92
CA ILE E 107 -47.05 2.83 -81.03
C ILE E 107 -46.98 3.91 -82.09
#